data_2A0T
#
_entry.id   2A0T
#
_cell.length_a   1.000
_cell.length_b   1.000
_cell.length_c   1.000
_cell.angle_alpha   90.00
_cell.angle_beta   90.00
_cell.angle_gamma   90.00
#
_symmetry.space_group_name_H-M   'P 1'
#
loop_
_entity.id
_entity.type
_entity.pdbx_description
1 polymer 'Serine/threonine-protein kinase RAD53'
2 polymer 'Hypothetical 73.8 kDa protein in SAS3-SEC17 intergenic region, residues 301-310'
#
loop_
_entity_poly.entity_id
_entity_poly.type
_entity_poly.pdbx_seq_one_letter_code
_entity_poly.pdbx_strand_id
1 'polypeptide(L)'
;ATQRFLIEKFSQEQIGENIVCRVICTTGQIPIRDLSADISQVLKEKRSIKKVWTFGRNPACDYHLGNISRLSNKHFQILL
GEDGNLLLNDISTNGTWLNGQKVEKNSNQLLSQGDEITVGVGVESDILSLVIFINDKFKQCLEQNKVDRIR
;
A
2 'polypeptide(L)' NDPD(TPO)LEIYS B
#
# COMPACT_ATOMS: atom_id res chain seq x y z
N ALA A 1 -15.18 -28.25 24.35
CA ALA A 1 -13.94 -27.49 24.35
C ALA A 1 -14.21 -25.99 24.38
N THR A 2 -13.25 -25.24 24.92
CA THR A 2 -13.39 -23.78 25.01
C THR A 2 -12.04 -23.11 24.84
N GLN A 3 -11.18 -23.24 25.84
CA GLN A 3 -9.85 -22.64 25.79
C GLN A 3 -9.00 -23.26 24.69
N ARG A 4 -9.16 -24.56 24.49
CA ARG A 4 -8.42 -25.27 23.45
C ARG A 4 -8.73 -24.71 22.07
N PHE A 5 -9.98 -24.32 21.86
CA PHE A 5 -10.41 -23.77 20.58
C PHE A 5 -9.60 -22.52 20.24
N LEU A 6 -9.39 -21.68 21.24
CA LEU A 6 -8.62 -20.45 21.05
C LEU A 6 -7.20 -20.75 20.57
N ILE A 7 -6.68 -21.89 21.02
CA ILE A 7 -5.33 -22.30 20.64
C ILE A 7 -5.30 -22.78 19.19
N GLU A 8 -6.37 -23.43 18.76
CA GLU A 8 -6.47 -23.95 17.40
C GLU A 8 -6.29 -22.81 16.39
N LYS A 9 -6.88 -21.66 16.70
CA LYS A 9 -6.78 -20.49 15.83
C LYS A 9 -5.35 -19.97 15.80
N PHE A 10 -4.58 -20.27 16.85
CA PHE A 10 -3.19 -19.83 16.95
C PHE A 10 -2.38 -20.31 15.75
N SER A 11 -2.52 -21.59 15.43
CA SER A 11 -1.80 -22.19 14.31
C SER A 11 -2.51 -21.88 13.00
N GLN A 12 -3.82 -22.05 12.98
CA GLN A 12 -4.61 -21.79 11.78
C GLN A 12 -5.28 -20.42 11.86
N GLU A 13 -4.63 -19.42 11.28
CA GLU A 13 -5.16 -18.07 11.28
C GLU A 13 -5.99 -17.80 10.02
N GLN A 14 -7.15 -17.19 10.21
CA GLN A 14 -8.03 -16.88 9.08
C GLN A 14 -7.61 -15.61 8.38
N ILE A 15 -6.94 -15.75 7.24
CA ILE A 15 -6.47 -14.61 6.47
C ILE A 15 -7.51 -14.13 5.47
N GLY A 16 -7.63 -12.83 5.39
CA GLY A 16 -8.58 -12.22 4.48
C GLY A 16 -9.83 -11.70 5.19
N GLU A 17 -9.62 -10.93 6.25
CA GLU A 17 -10.73 -10.38 7.02
C GLU A 17 -11.45 -9.30 6.22
N ASN A 18 -10.68 -8.44 5.57
CA ASN A 18 -11.22 -7.36 4.77
C ASN A 18 -10.06 -6.59 4.17
N ILE A 19 -9.05 -7.35 3.81
CA ILE A 19 -7.84 -6.83 3.28
C ILE A 19 -7.96 -6.39 1.83
N VAL A 20 -7.38 -5.25 1.54
CA VAL A 20 -7.39 -4.67 0.24
C VAL A 20 -6.14 -5.10 -0.53
N CYS A 21 -4.99 -4.76 0.03
CA CYS A 21 -3.71 -5.10 -0.56
C CYS A 21 -2.66 -5.32 0.53
N ARG A 22 -1.56 -5.97 0.20
CA ARG A 22 -0.50 -6.24 1.16
C ARG A 22 0.82 -5.61 0.73
N VAL A 23 1.54 -5.02 1.68
CA VAL A 23 2.82 -4.39 1.39
C VAL A 23 3.97 -5.24 1.94
N ILE A 24 4.88 -5.62 1.04
CA ILE A 24 6.01 -6.45 1.42
C ILE A 24 7.33 -5.82 0.98
N CYS A 25 8.28 -5.73 1.90
CA CYS A 25 9.60 -5.16 1.59
C CYS A 25 10.53 -6.24 1.05
N THR A 26 11.00 -6.05 -0.19
CA THR A 26 11.89 -7.02 -0.82
C THR A 26 13.35 -6.76 -0.46
N THR A 27 13.67 -5.51 -0.13
CA THR A 27 15.04 -5.16 0.23
C THR A 27 15.36 -5.53 1.68
N GLY A 28 14.36 -6.06 2.38
CA GLY A 28 14.56 -6.47 3.76
C GLY A 28 14.90 -5.30 4.66
N GLN A 29 13.89 -4.52 5.03
CA GLN A 29 14.07 -3.37 5.91
C GLN A 29 12.85 -3.14 6.78
N ILE A 30 11.67 -3.25 6.18
CA ILE A 30 10.42 -3.05 6.90
C ILE A 30 9.60 -4.33 6.93
N PRO A 31 8.92 -4.63 8.06
CA PRO A 31 8.10 -5.84 8.19
C PRO A 31 6.83 -5.76 7.35
N ILE A 32 6.41 -6.91 6.82
CA ILE A 32 5.22 -6.98 5.99
C ILE A 32 3.99 -6.43 6.71
N ARG A 33 3.17 -5.70 5.96
CA ARG A 33 1.94 -5.12 6.51
C ARG A 33 0.77 -5.39 5.57
N ASP A 34 -0.45 -5.36 6.09
CA ASP A 34 -1.63 -5.63 5.29
C ASP A 34 -2.59 -4.45 5.28
N LEU A 35 -2.88 -3.94 4.08
CA LEU A 35 -3.82 -2.82 3.92
C LEU A 35 -5.23 -3.37 3.78
N SER A 36 -6.18 -2.79 4.50
CA SER A 36 -7.55 -3.26 4.41
C SER A 36 -8.57 -2.14 4.39
N ALA A 37 -9.71 -2.48 3.83
CA ALA A 37 -10.83 -1.55 3.72
C ALA A 37 -12.16 -2.28 3.87
N ASP A 38 -13.16 -1.57 4.40
CA ASP A 38 -14.48 -2.16 4.61
C ASP A 38 -15.24 -2.24 3.29
N ILE A 39 -15.76 -3.43 3.01
CA ILE A 39 -16.51 -3.67 1.79
C ILE A 39 -17.80 -2.86 1.75
N SER A 40 -18.46 -2.75 2.89
CA SER A 40 -19.70 -2.02 3.00
C SER A 40 -19.50 -0.57 2.59
N GLN A 41 -18.37 -0.01 3.00
CA GLN A 41 -18.03 1.37 2.69
C GLN A 41 -17.75 1.52 1.20
N VAL A 42 -16.98 0.59 0.66
CA VAL A 42 -16.63 0.61 -0.76
C VAL A 42 -17.87 0.49 -1.65
N LEU A 43 -18.81 -0.35 -1.21
CA LEU A 43 -20.05 -0.56 -1.97
C LEU A 43 -20.95 0.66 -1.89
N LYS A 44 -20.99 1.29 -0.72
CA LYS A 44 -21.82 2.47 -0.51
C LYS A 44 -21.22 3.70 -1.19
N GLU A 45 -19.91 3.89 -1.01
CA GLU A 45 -19.21 5.02 -1.62
C GLU A 45 -19.15 4.88 -3.14
N LYS A 46 -19.72 5.86 -3.83
CA LYS A 46 -19.72 5.85 -5.29
C LYS A 46 -18.75 6.88 -5.85
N ARG A 47 -18.48 7.91 -5.05
CA ARG A 47 -17.56 8.97 -5.46
C ARG A 47 -16.33 9.00 -4.56
N SER A 48 -15.28 9.66 -5.03
CA SER A 48 -14.03 9.76 -4.27
C SER A 48 -13.45 8.38 -4.00
N ILE A 49 -12.36 8.34 -3.22
CA ILE A 49 -11.71 7.09 -2.89
C ILE A 49 -12.25 6.52 -1.58
N LYS A 50 -12.39 5.20 -1.53
CA LYS A 50 -12.89 4.53 -0.34
C LYS A 50 -11.94 4.71 0.83
N LYS A 51 -10.70 4.25 0.66
CA LYS A 51 -9.69 4.37 1.72
C LYS A 51 -8.29 4.49 1.14
N VAL A 52 -7.45 5.30 1.78
CA VAL A 52 -6.09 5.50 1.33
C VAL A 52 -5.08 5.35 2.46
N TRP A 53 -3.98 4.69 2.16
CA TRP A 53 -2.92 4.47 3.15
C TRP A 53 -1.75 5.43 2.94
N THR A 54 -1.21 5.93 4.04
CA THR A 54 -0.05 6.81 3.98
C THR A 54 1.16 6.09 4.56
N PHE A 55 2.24 6.05 3.79
CA PHE A 55 3.46 5.38 4.21
C PHE A 55 4.58 6.38 4.47
N GLY A 56 5.41 6.08 5.46
CA GLY A 56 6.51 6.96 5.79
C GLY A 56 7.13 6.63 7.13
N ARG A 57 8.15 7.40 7.51
CA ARG A 57 8.85 7.18 8.78
C ARG A 57 8.03 7.72 9.96
N ASN A 58 6.88 8.32 9.68
CA ASN A 58 6.03 8.88 10.72
C ASN A 58 5.12 7.80 11.32
N PRO A 59 4.99 7.77 12.65
CA PRO A 59 4.13 6.80 13.34
C PRO A 59 2.66 7.06 13.08
N ALA A 60 2.36 8.16 12.40
CA ALA A 60 1.00 8.52 12.07
C ALA A 60 0.60 7.77 10.82
N CYS A 61 1.52 7.80 9.87
CA CYS A 61 1.35 7.15 8.60
C CYS A 61 0.78 5.76 8.82
N ASP A 62 -0.16 5.41 7.97
CA ASP A 62 -0.77 4.09 8.04
C ASP A 62 0.31 3.00 7.94
N TYR A 63 1.49 3.38 7.42
CA TYR A 63 2.59 2.44 7.30
C TYR A 63 3.88 3.04 7.87
N HIS A 64 4.56 2.28 8.73
CA HIS A 64 5.79 2.75 9.35
C HIS A 64 7.00 1.98 8.84
N LEU A 65 7.96 2.71 8.27
CA LEU A 65 9.18 2.08 7.75
C LEU A 65 10.41 2.64 8.46
N GLY A 66 11.58 2.14 8.07
CA GLY A 66 12.82 2.59 8.66
C GLY A 66 13.03 4.08 8.52
N ASN A 67 13.41 4.74 9.61
CA ASN A 67 13.64 6.18 9.60
C ASN A 67 14.83 6.52 8.70
N ILE A 68 14.54 6.82 7.44
CA ILE A 68 15.57 7.17 6.48
C ILE A 68 15.47 8.63 6.05
N SER A 69 16.63 9.26 5.89
CA SER A 69 16.68 10.67 5.49
C SER A 69 16.13 10.87 4.09
N ARG A 70 16.46 9.94 3.20
CA ARG A 70 16.00 10.02 1.81
C ARG A 70 14.48 9.96 1.72
N LEU A 71 13.84 9.43 2.76
CA LEU A 71 12.38 9.31 2.77
C LEU A 71 11.74 10.42 3.59
N SER A 72 10.51 10.75 3.25
CA SER A 72 9.77 11.82 3.95
C SER A 72 8.79 11.25 4.98
N ASN A 73 8.24 12.14 5.82
CA ASN A 73 7.28 11.74 6.85
C ASN A 73 6.26 10.78 6.25
N LYS A 74 5.65 11.23 5.16
CA LYS A 74 4.69 10.43 4.41
C LYS A 74 5.27 10.26 3.02
N HIS A 75 6.10 9.24 2.88
CA HIS A 75 6.79 8.99 1.64
C HIS A 75 5.84 8.73 0.49
N PHE A 76 4.84 7.90 0.74
CA PHE A 76 3.88 7.59 -0.32
C PHE A 76 2.50 7.26 0.24
N GLN A 77 1.49 7.28 -0.64
CA GLN A 77 0.12 7.02 -0.23
C GLN A 77 -0.58 6.08 -1.21
N ILE A 78 -1.28 5.07 -0.70
CA ILE A 78 -2.01 4.14 -1.57
C ILE A 78 -3.51 4.32 -1.42
N LEU A 79 -4.23 4.43 -2.54
CA LEU A 79 -5.67 4.62 -2.51
C LEU A 79 -6.41 3.53 -3.28
N LEU A 80 -7.53 3.09 -2.72
CA LEU A 80 -8.36 2.07 -3.36
C LEU A 80 -9.78 2.56 -3.53
N GLY A 81 -10.26 2.55 -4.78
CA GLY A 81 -11.61 3.00 -5.06
C GLY A 81 -11.96 2.88 -6.53
N GLU A 82 -12.73 3.83 -7.04
CA GLU A 82 -13.14 3.82 -8.44
C GLU A 82 -13.89 2.54 -8.78
N ASP A 83 -14.07 2.29 -10.08
CA ASP A 83 -14.77 1.10 -10.53
C ASP A 83 -13.84 -0.11 -10.54
N GLY A 84 -13.30 -0.44 -9.36
CA GLY A 84 -12.40 -1.57 -9.25
C GLY A 84 -10.94 -1.16 -9.34
N ASN A 85 -10.05 -2.14 -9.26
CA ASN A 85 -8.61 -1.88 -9.33
C ASN A 85 -8.16 -1.00 -8.17
N LEU A 86 -6.85 -0.78 -8.08
CA LEU A 86 -6.29 0.05 -7.01
C LEU A 86 -5.45 1.18 -7.59
N LEU A 87 -5.21 2.22 -6.79
CA LEU A 87 -4.42 3.35 -7.24
C LEU A 87 -3.26 3.58 -6.27
N LEU A 88 -2.10 3.94 -6.84
CA LEU A 88 -0.91 4.20 -6.03
C LEU A 88 -0.54 5.67 -6.12
N ASN A 89 -0.41 6.31 -4.96
CA ASN A 89 -0.06 7.73 -4.93
C ASN A 89 1.26 7.97 -4.22
N ASP A 90 2.08 8.83 -4.81
CA ASP A 90 3.37 9.18 -4.24
C ASP A 90 3.26 10.50 -3.48
N ILE A 91 3.96 10.61 -2.35
CA ILE A 91 3.90 11.83 -1.55
C ILE A 91 5.26 12.11 -0.88
N SER A 92 6.34 11.59 -1.46
CA SER A 92 7.66 11.78 -0.91
C SER A 92 8.37 12.99 -1.49
N THR A 93 9.28 13.52 -0.71
CA THR A 93 10.08 14.67 -1.10
C THR A 93 11.07 14.28 -2.20
N ASN A 94 11.83 13.21 -1.93
CA ASN A 94 12.83 12.72 -2.87
C ASN A 94 12.21 11.97 -4.05
N GLY A 95 10.89 11.83 -4.04
CA GLY A 95 10.21 11.14 -5.13
C GLY A 95 9.94 9.68 -4.85
N THR A 96 8.92 9.16 -5.51
CA THR A 96 8.52 7.76 -5.38
C THR A 96 8.67 7.07 -6.72
N TRP A 97 9.19 5.85 -6.72
CA TRP A 97 9.41 5.13 -7.96
C TRP A 97 8.56 3.89 -8.10
N LEU A 98 8.22 3.57 -9.35
CA LEU A 98 7.45 2.40 -9.67
C LEU A 98 8.23 1.58 -10.70
N ASN A 99 8.68 0.40 -10.28
CA ASN A 99 9.45 -0.49 -11.15
C ASN A 99 10.53 0.26 -11.93
N GLY A 100 11.25 1.16 -11.26
CA GLY A 100 12.30 1.89 -11.90
C GLY A 100 11.82 3.14 -12.62
N GLN A 101 10.52 3.31 -12.71
CA GLN A 101 9.96 4.48 -13.37
C GLN A 101 9.43 5.47 -12.35
N LYS A 102 10.01 6.66 -12.34
CA LYS A 102 9.62 7.72 -11.43
C LYS A 102 8.27 8.32 -11.82
N VAL A 103 7.27 8.12 -10.96
CA VAL A 103 5.93 8.64 -11.20
C VAL A 103 5.78 10.06 -10.66
N GLU A 104 4.77 10.77 -11.13
CA GLU A 104 4.53 12.13 -10.68
C GLU A 104 4.04 12.13 -9.23
N LYS A 105 4.64 12.95 -8.39
CA LYS A 105 4.24 13.03 -7.00
C LYS A 105 2.75 13.31 -6.88
N ASN A 106 2.20 13.02 -5.70
CA ASN A 106 0.78 13.21 -5.41
C ASN A 106 -0.10 12.91 -6.62
N SER A 107 0.35 11.95 -7.42
CA SER A 107 -0.39 11.55 -8.62
C SER A 107 -0.95 10.13 -8.48
N ASN A 108 -2.12 9.90 -9.04
CA ASN A 108 -2.74 8.57 -8.98
C ASN A 108 -2.32 7.72 -10.16
N GLN A 109 -1.96 6.47 -9.89
CA GLN A 109 -1.54 5.54 -10.93
C GLN A 109 -2.30 4.23 -10.81
N LEU A 110 -2.48 3.54 -11.93
CA LEU A 110 -3.18 2.26 -11.93
C LEU A 110 -2.31 1.18 -11.30
N LEU A 111 -2.83 0.58 -10.22
CA LEU A 111 -2.09 -0.47 -9.52
C LEU A 111 -1.72 -1.61 -10.45
N SER A 112 -0.68 -2.33 -10.08
CA SER A 112 -0.20 -3.47 -10.85
C SER A 112 -0.14 -4.71 -9.97
N GLN A 113 -0.27 -5.88 -10.58
CA GLN A 113 -0.22 -7.14 -9.84
C GLN A 113 1.19 -7.41 -9.35
N GLY A 114 1.36 -7.41 -8.03
CA GLY A 114 2.67 -7.63 -7.46
C GLY A 114 3.63 -6.50 -7.76
N ASP A 115 3.09 -5.32 -8.05
CA ASP A 115 3.88 -4.15 -8.35
C ASP A 115 4.91 -3.88 -7.26
N GLU A 116 5.80 -2.95 -7.53
CA GLU A 116 6.84 -2.58 -6.57
C GLU A 116 7.16 -1.09 -6.63
N ILE A 117 7.27 -0.47 -5.47
CA ILE A 117 7.59 0.95 -5.40
C ILE A 117 8.99 1.16 -4.83
N THR A 118 9.80 1.92 -5.54
CA THR A 118 11.16 2.20 -5.10
C THR A 118 11.25 3.63 -4.56
N VAL A 119 12.00 3.81 -3.48
CA VAL A 119 12.12 5.13 -2.88
C VAL A 119 13.54 5.44 -2.41
N GLY A 120 13.83 6.73 -2.27
CA GLY A 120 15.14 7.14 -1.83
C GLY A 120 16.12 7.26 -2.97
N VAL A 121 15.60 7.53 -4.16
CA VAL A 121 16.41 7.65 -5.34
C VAL A 121 17.24 8.93 -5.34
N GLY A 122 18.47 8.79 -5.81
CA GLY A 122 19.40 9.87 -5.86
C GLY A 122 20.79 9.38 -5.52
N VAL A 123 20.82 8.48 -4.54
CA VAL A 123 22.04 7.85 -4.10
C VAL A 123 21.89 6.34 -4.27
N GLU A 124 22.82 5.73 -5.01
CA GLU A 124 22.77 4.30 -5.27
C GLU A 124 22.56 3.49 -3.99
N SER A 125 23.15 3.95 -2.90
CA SER A 125 23.05 3.26 -1.63
C SER A 125 21.90 3.76 -0.75
N ASP A 126 21.06 4.64 -1.27
CA ASP A 126 19.97 5.18 -0.46
C ASP A 126 18.58 4.91 -1.05
N ILE A 127 18.48 3.84 -1.78
CA ILE A 127 17.20 3.45 -2.37
C ILE A 127 16.61 2.25 -1.66
N LEU A 128 15.31 2.31 -1.44
CA LEU A 128 14.57 1.24 -0.78
C LEU A 128 13.40 0.79 -1.66
N SER A 129 13.21 -0.53 -1.80
CA SER A 129 12.12 -1.03 -2.62
C SER A 129 11.04 -1.70 -1.79
N LEU A 130 9.82 -1.60 -2.29
CA LEU A 130 8.66 -2.18 -1.65
C LEU A 130 7.76 -2.87 -2.67
N VAL A 131 7.26 -4.06 -2.35
CA VAL A 131 6.39 -4.80 -3.26
C VAL A 131 4.96 -4.86 -2.71
N ILE A 132 3.99 -4.65 -3.60
CA ILE A 132 2.60 -4.66 -3.21
C ILE A 132 1.91 -5.93 -3.71
N PHE A 133 1.34 -6.69 -2.76
CA PHE A 133 0.63 -7.92 -3.09
C PHE A 133 -0.87 -7.72 -2.98
N ILE A 134 -1.57 -7.83 -4.10
CA ILE A 134 -3.01 -7.66 -4.12
C ILE A 134 -3.74 -8.99 -4.05
N ASN A 135 -4.59 -9.14 -3.05
CA ASN A 135 -5.35 -10.38 -2.87
C ASN A 135 -6.54 -10.43 -3.81
N ASP A 136 -6.76 -11.60 -4.40
CA ASP A 136 -7.88 -11.79 -5.34
C ASP A 136 -9.22 -11.84 -4.61
N LYS A 137 -9.17 -12.11 -3.30
CA LYS A 137 -10.39 -12.19 -2.51
C LYS A 137 -11.16 -10.87 -2.56
N PHE A 138 -10.44 -9.77 -2.39
CA PHE A 138 -11.04 -8.45 -2.41
C PHE A 138 -11.72 -8.19 -3.74
N LYS A 139 -11.03 -8.54 -4.83
CA LYS A 139 -11.57 -8.34 -6.17
C LYS A 139 -12.80 -9.20 -6.41
N GLN A 140 -12.81 -10.39 -5.82
CA GLN A 140 -13.92 -11.31 -5.97
C GLN A 140 -15.22 -10.69 -5.46
N CYS A 141 -15.16 -10.09 -4.28
CA CYS A 141 -16.33 -9.45 -3.69
C CYS A 141 -16.75 -8.23 -4.49
N LEU A 142 -15.77 -7.43 -4.89
CA LEU A 142 -16.04 -6.22 -5.67
C LEU A 142 -16.77 -6.55 -6.96
N GLU A 143 -16.44 -7.69 -7.55
CA GLU A 143 -17.07 -8.14 -8.79
C GLU A 143 -18.56 -8.40 -8.57
N GLN A 144 -18.88 -9.03 -7.44
CA GLN A 144 -20.27 -9.34 -7.10
C GLN A 144 -20.97 -8.13 -6.52
N ASN A 145 -20.24 -7.34 -5.75
CA ASN A 145 -20.78 -6.13 -5.12
C ASN A 145 -22.18 -6.36 -4.55
N LYS A 146 -22.39 -7.57 -4.01
CA LYS A 146 -23.68 -7.93 -3.44
C LYS A 146 -23.52 -8.40 -2.00
N VAL A 147 -24.39 -7.92 -1.12
CA VAL A 147 -24.35 -8.29 0.28
C VAL A 147 -25.34 -9.41 0.59
N ASP A 148 -24.88 -10.44 1.30
CA ASP A 148 -25.72 -11.57 1.65
C ASP A 148 -25.11 -12.38 2.79
N ARG A 149 -24.36 -11.69 3.66
CA ARG A 149 -23.72 -12.36 4.79
C ARG A 149 -23.34 -11.34 5.86
N ILE A 150 -23.23 -11.82 7.10
CA ILE A 150 -22.87 -10.95 8.22
C ILE A 150 -21.40 -11.10 8.58
N ARG A 151 -20.65 -10.01 8.45
CA ARG A 151 -19.22 -10.02 8.76
C ARG A 151 -18.48 -11.03 7.89
N ASN B 1 13.30 13.87 18.32
CA ASN B 1 11.87 14.31 18.28
C ASN B 1 11.63 15.25 17.11
N ASP B 2 12.34 15.03 16.00
CA ASP B 2 12.19 15.87 14.83
C ASP B 2 12.48 15.06 13.55
N PRO B 3 11.74 15.33 12.46
CA PRO B 3 11.91 14.62 11.19
C PRO B 3 13.16 15.09 10.45
N ASP B 4 13.29 14.68 9.19
CA ASP B 4 14.43 15.05 8.37
C ASP B 4 14.21 14.67 6.91
N TPO B 5 13.95 15.68 6.09
CA TPO B 5 13.72 15.46 4.66
CB TPO B 5 12.32 15.98 4.24
CG2 TPO B 5 12.10 15.77 2.75
OG1 TPO B 5 11.33 15.32 4.95
P TPO B 5 10.29 16.19 5.74
O1P TPO B 5 9.37 16.78 4.63
O2P TPO B 5 9.47 15.16 6.58
O3P TPO B 5 10.93 17.24 6.58
C TPO B 5 14.79 16.13 3.82
O TPO B 5 15.17 17.28 4.08
H2 TPO B 5 13.92 16.59 6.44
HA TPO B 5 13.75 14.40 4.48
HB TPO B 5 12.28 17.04 4.45
HG21 TPO B 5 11.83 16.72 2.29
HG22 TPO B 5 11.29 15.06 2.60
HG23 TPO B 5 13.00 15.40 2.29
N LEU B 6 15.30 15.42 2.82
CA LEU B 6 16.34 15.96 1.95
C LEU B 6 16.31 15.30 0.57
N GLU B 7 17.24 15.70 -0.28
CA GLU B 7 17.34 15.16 -1.63
C GLU B 7 18.79 14.95 -2.04
N ILE B 8 19.42 13.93 -1.45
CA ILE B 8 20.82 13.59 -1.72
C ILE B 8 21.74 14.81 -1.61
N TYR B 9 23.02 14.55 -1.36
CA TYR B 9 24.00 15.62 -1.22
C TYR B 9 24.89 15.71 -2.46
N SER B 10 25.22 16.93 -2.87
CA SER B 10 26.06 17.15 -4.04
C SER B 10 26.41 18.63 -4.18
N ALA A 1 -14.45 -17.84 29.68
CA ALA A 1 -13.73 -18.03 28.41
C ALA A 1 -13.90 -16.82 27.50
N THR A 2 -12.91 -15.93 27.52
CA THR A 2 -12.95 -14.72 26.70
C THR A 2 -11.57 -14.07 26.62
N GLN A 3 -10.91 -13.98 27.77
CA GLN A 3 -9.59 -13.38 27.84
C GLN A 3 -8.59 -14.15 26.97
N ARG A 4 -8.68 -15.47 27.01
CA ARG A 4 -7.78 -16.31 26.23
C ARG A 4 -7.93 -16.02 24.74
N PHE A 5 -9.16 -15.83 24.29
CA PHE A 5 -9.44 -15.54 22.89
C PHE A 5 -8.66 -14.31 22.43
N LEU A 6 -8.63 -13.28 23.29
CA LEU A 6 -7.92 -12.06 22.98
C LEU A 6 -6.44 -12.35 22.75
N ILE A 7 -5.94 -13.37 23.44
CA ILE A 7 -4.54 -13.77 23.31
C ILE A 7 -4.30 -14.41 21.94
N GLU A 8 -5.17 -15.34 21.57
CA GLU A 8 -5.07 -16.03 20.30
C GLU A 8 -5.23 -15.06 19.13
N LYS A 9 -6.06 -14.05 19.31
CA LYS A 9 -6.31 -13.08 18.26
C LYS A 9 -5.04 -12.38 17.79
N PHE A 10 -4.21 -11.94 18.74
CA PHE A 10 -2.97 -11.26 18.37
C PHE A 10 -1.95 -12.25 17.82
N SER A 11 -1.79 -13.36 18.52
CA SER A 11 -0.85 -14.41 18.11
C SER A 11 -1.22 -14.96 16.73
N GLN A 12 -2.52 -15.09 16.48
CA GLN A 12 -3.00 -15.60 15.20
C GLN A 12 -4.15 -14.76 14.67
N GLU A 13 -3.80 -13.64 14.03
CA GLU A 13 -4.81 -12.75 13.47
C GLU A 13 -5.40 -13.33 12.18
N GLN A 14 -6.71 -13.23 12.06
CA GLN A 14 -7.41 -13.75 10.88
C GLN A 14 -7.07 -12.93 9.64
N ILE A 15 -6.19 -13.46 8.81
CA ILE A 15 -5.79 -12.78 7.58
C ILE A 15 -6.77 -13.02 6.46
N GLY A 16 -7.04 -11.96 5.73
CA GLY A 16 -7.96 -12.03 4.61
C GLY A 16 -9.39 -11.73 5.02
N GLU A 17 -9.55 -10.73 5.88
CA GLU A 17 -10.88 -10.33 6.37
C GLU A 17 -11.52 -9.31 5.44
N ASN A 18 -10.70 -8.48 4.80
CA ASN A 18 -11.19 -7.45 3.89
C ASN A 18 -10.00 -6.66 3.40
N ILE A 19 -8.93 -7.40 3.16
CA ILE A 19 -7.69 -6.85 2.73
C ILE A 19 -7.72 -6.39 1.28
N VAL A 20 -7.19 -5.19 1.08
CA VAL A 20 -7.13 -4.57 -0.21
C VAL A 20 -5.80 -4.88 -0.89
N CYS A 21 -4.73 -4.44 -0.24
CA CYS A 21 -3.38 -4.65 -0.75
C CYS A 21 -2.40 -4.85 0.40
N ARG A 22 -1.44 -5.76 0.22
CA ARG A 22 -0.45 -6.05 1.26
C ARG A 22 0.96 -5.65 0.80
N VAL A 23 1.65 -4.89 1.64
CA VAL A 23 3.00 -4.44 1.32
C VAL A 23 4.04 -5.42 1.84
N ILE A 24 4.88 -5.92 0.93
CA ILE A 24 5.92 -6.88 1.28
C ILE A 24 7.28 -6.41 0.79
N CYS A 25 8.16 -6.06 1.73
CA CYS A 25 9.50 -5.60 1.37
C CYS A 25 10.40 -6.78 1.05
N THR A 26 11.20 -6.64 0.00
CA THR A 26 12.11 -7.70 -0.42
C THR A 26 13.57 -7.28 -0.31
N THR A 27 13.81 -5.99 -0.07
CA THR A 27 15.17 -5.49 0.06
C THR A 27 15.60 -5.40 1.52
N GLY A 28 14.68 -5.71 2.42
CA GLY A 28 14.98 -5.68 3.84
C GLY A 28 14.98 -4.27 4.41
N GLN A 29 13.85 -3.84 4.94
CA GLN A 29 13.73 -2.52 5.53
C GLN A 29 12.41 -2.33 6.25
N ILE A 30 11.35 -2.86 5.64
CA ILE A 30 10.02 -2.75 6.21
C ILE A 30 9.37 -4.13 6.39
N PRO A 31 8.64 -4.33 7.51
CA PRO A 31 7.96 -5.59 7.79
C PRO A 31 6.64 -5.70 7.03
N ILE A 32 6.31 -6.90 6.59
CA ILE A 32 5.07 -7.12 5.84
C ILE A 32 3.84 -6.70 6.64
N ARG A 33 3.05 -5.81 6.06
CA ARG A 33 1.83 -5.33 6.69
C ARG A 33 0.62 -5.60 5.79
N ASP A 34 -0.58 -5.53 6.35
CA ASP A 34 -1.78 -5.78 5.58
C ASP A 34 -2.70 -4.56 5.54
N LEU A 35 -2.96 -4.08 4.32
CA LEU A 35 -3.85 -2.94 4.11
C LEU A 35 -5.23 -3.46 3.76
N SER A 36 -6.27 -2.86 4.32
CA SER A 36 -7.63 -3.32 4.05
C SER A 36 -8.66 -2.23 4.03
N ALA A 37 -9.75 -2.55 3.36
CA ALA A 37 -10.89 -1.65 3.24
C ALA A 37 -12.20 -2.42 3.36
N ASP A 38 -13.18 -1.80 4.02
CA ASP A 38 -14.48 -2.44 4.23
C ASP A 38 -15.36 -2.32 2.99
N ILE A 39 -15.85 -3.47 2.52
CA ILE A 39 -16.70 -3.53 1.34
C ILE A 39 -18.03 -2.82 1.56
N SER A 40 -18.64 -3.06 2.71
CA SER A 40 -19.94 -2.47 3.03
C SER A 40 -19.85 -0.95 2.99
N GLN A 41 -18.74 -0.45 3.48
CA GLN A 41 -18.49 0.99 3.51
C GLN A 41 -18.29 1.53 2.10
N VAL A 42 -17.64 0.73 1.26
CA VAL A 42 -17.38 1.12 -0.12
C VAL A 42 -18.67 1.13 -0.94
N LEU A 43 -19.50 0.12 -0.72
CA LEU A 43 -20.77 0.00 -1.43
C LEU A 43 -21.76 1.05 -0.96
N LYS A 44 -21.71 1.37 0.32
CA LYS A 44 -22.61 2.37 0.91
C LYS A 44 -22.20 3.78 0.50
N GLU A 45 -20.91 4.07 0.61
CA GLU A 45 -20.39 5.39 0.24
C GLU A 45 -20.30 5.54 -1.27
N LYS A 46 -21.12 6.43 -1.82
CA LYS A 46 -21.13 6.67 -3.26
C LYS A 46 -20.43 7.97 -3.60
N ARG A 47 -19.45 8.35 -2.77
CA ARG A 47 -18.70 9.58 -2.97
C ARG A 47 -17.34 9.28 -3.60
N SER A 48 -16.55 10.32 -3.80
CA SER A 48 -15.22 10.17 -4.38
C SER A 48 -14.27 9.50 -3.40
N ILE A 49 -13.44 8.59 -3.92
CA ILE A 49 -12.47 7.87 -3.11
C ILE A 49 -13.14 7.11 -1.96
N LYS A 50 -12.48 6.06 -1.49
CA LYS A 50 -13.02 5.25 -0.40
C LYS A 50 -12.06 5.23 0.79
N LYS A 51 -10.88 4.66 0.59
CA LYS A 51 -9.89 4.58 1.65
C LYS A 51 -8.47 4.66 1.09
N VAL A 52 -7.64 5.48 1.73
CA VAL A 52 -6.26 5.64 1.28
C VAL A 52 -5.26 5.47 2.42
N TRP A 53 -4.18 4.79 2.12
CA TRP A 53 -3.10 4.54 3.09
C TRP A 53 -1.92 5.49 2.90
N THR A 54 -1.37 5.95 4.01
CA THR A 54 -0.19 6.82 3.96
C THR A 54 0.98 6.07 4.59
N PHE A 55 2.08 6.00 3.84
CA PHE A 55 3.27 5.29 4.30
C PHE A 55 4.43 6.24 4.51
N GLY A 56 5.26 5.94 5.51
CA GLY A 56 6.40 6.78 5.79
C GLY A 56 7.01 6.49 7.15
N ARG A 57 8.05 7.26 7.51
CA ARG A 57 8.74 7.07 8.78
C ARG A 57 7.93 7.63 9.95
N ASN A 58 6.77 8.23 9.66
CA ASN A 58 5.93 8.81 10.69
C ASN A 58 5.02 7.74 11.31
N PRO A 59 4.93 7.70 12.65
CA PRO A 59 4.08 6.74 13.36
C PRO A 59 2.60 7.02 13.14
N ALA A 60 2.30 8.15 12.50
CA ALA A 60 0.94 8.53 12.21
C ALA A 60 0.51 7.83 10.96
N CYS A 61 1.42 7.83 10.00
CA CYS A 61 1.19 7.21 8.73
C CYS A 61 0.51 5.86 8.91
N ASP A 62 -0.44 5.59 8.06
CA ASP A 62 -1.14 4.32 8.11
C ASP A 62 -0.14 3.17 8.02
N TYR A 63 1.05 3.46 7.52
CA TYR A 63 2.10 2.45 7.40
C TYR A 63 3.41 2.95 8.00
N HIS A 64 4.03 2.15 8.87
CA HIS A 64 5.29 2.53 9.50
C HIS A 64 6.46 1.77 8.86
N LEU A 65 7.38 2.52 8.26
CA LEU A 65 8.55 1.94 7.61
C LEU A 65 9.83 2.36 8.33
N GLY A 66 10.97 1.91 7.80
CA GLY A 66 12.24 2.25 8.41
C GLY A 66 12.53 3.74 8.36
N ASN A 67 13.17 4.25 9.41
CA ASN A 67 13.50 5.67 9.49
C ASN A 67 14.69 6.00 8.61
N ILE A 68 14.42 6.39 7.37
CA ILE A 68 15.48 6.74 6.43
C ILE A 68 15.45 8.23 6.11
N SER A 69 16.63 8.84 6.01
CA SER A 69 16.73 10.26 5.70
C SER A 69 16.20 10.57 4.30
N ARG A 70 16.45 9.65 3.37
CA ARG A 70 16.01 9.83 1.99
C ARG A 70 14.49 9.74 1.87
N LEU A 71 13.83 9.21 2.90
CA LEU A 71 12.37 9.09 2.88
C LEU A 71 11.71 10.16 3.74
N SER A 72 10.48 10.52 3.38
CA SER A 72 9.74 11.56 4.12
C SER A 72 8.75 10.96 5.12
N ASN A 73 8.24 11.81 6.02
CA ASN A 73 7.26 11.38 7.03
C ASN A 73 6.22 10.47 6.38
N LYS A 74 5.62 10.98 5.31
CA LYS A 74 4.65 10.24 4.53
C LYS A 74 5.23 10.10 3.14
N HIS A 75 6.07 9.10 2.96
CA HIS A 75 6.75 8.87 1.72
C HIS A 75 5.79 8.63 0.57
N PHE A 76 4.80 7.80 0.79
CA PHE A 76 3.83 7.50 -0.27
C PHE A 76 2.44 7.22 0.27
N GLN A 77 1.44 7.27 -0.60
CA GLN A 77 0.05 7.04 -0.22
C GLN A 77 -0.65 6.13 -1.23
N ILE A 78 -1.44 5.19 -0.73
CA ILE A 78 -2.17 4.29 -1.62
C ILE A 78 -3.68 4.49 -1.45
N LEU A 79 -4.38 4.72 -2.55
CA LEU A 79 -5.82 4.93 -2.48
C LEU A 79 -6.58 3.78 -3.13
N LEU A 80 -7.69 3.40 -2.51
CA LEU A 80 -8.54 2.32 -3.01
C LEU A 80 -9.89 2.84 -3.46
N GLY A 81 -10.22 2.58 -4.72
CA GLY A 81 -11.50 3.05 -5.26
C GLY A 81 -11.70 2.61 -6.69
N GLU A 82 -12.03 3.57 -7.56
CA GLU A 82 -12.25 3.28 -8.97
C GLU A 82 -13.23 2.13 -9.15
N ASP A 83 -14.16 2.01 -8.20
CA ASP A 83 -15.17 0.95 -8.24
C ASP A 83 -14.54 -0.42 -8.01
N GLY A 84 -13.44 -0.45 -7.26
CA GLY A 84 -12.77 -1.71 -6.98
C GLY A 84 -11.28 -1.65 -7.26
N ASN A 85 -10.91 -1.06 -8.39
CA ASN A 85 -9.52 -0.95 -8.78
C ASN A 85 -8.71 -0.21 -7.72
N LEU A 86 -7.40 -0.42 -7.72
CA LEU A 86 -6.51 0.22 -6.77
C LEU A 86 -5.64 1.28 -7.44
N LEU A 87 -5.24 2.28 -6.68
CA LEU A 87 -4.41 3.35 -7.20
C LEU A 87 -3.24 3.63 -6.26
N LEU A 88 -2.11 4.03 -6.83
CA LEU A 88 -0.91 4.32 -6.06
C LEU A 88 -0.59 5.80 -6.12
N ASN A 89 -0.50 6.45 -4.97
CA ASN A 89 -0.21 7.87 -4.92
C ASN A 89 1.10 8.16 -4.18
N ASP A 90 2.07 8.70 -4.91
CA ASP A 90 3.36 9.04 -4.32
C ASP A 90 3.25 10.38 -3.57
N ILE A 91 3.92 10.48 -2.43
CA ILE A 91 3.86 11.72 -1.64
C ILE A 91 5.20 12.01 -0.96
N SER A 92 6.29 11.48 -1.51
CA SER A 92 7.60 11.67 -0.95
C SER A 92 8.31 12.88 -1.53
N THR A 93 9.22 13.42 -0.74
CA THR A 93 10.03 14.57 -1.14
C THR A 93 11.02 14.17 -2.22
N ASN A 94 11.78 13.11 -1.94
CA ASN A 94 12.79 12.61 -2.86
C ASN A 94 12.18 11.85 -4.03
N GLY A 95 10.86 11.72 -4.05
CA GLY A 95 10.20 11.04 -5.13
C GLY A 95 9.94 9.57 -4.85
N THR A 96 8.94 9.04 -5.52
CA THR A 96 8.56 7.63 -5.39
C THR A 96 8.73 6.95 -6.74
N TRP A 97 9.28 5.74 -6.73
CA TRP A 97 9.53 5.02 -7.98
C TRP A 97 8.72 3.75 -8.14
N LEU A 98 8.40 3.45 -9.39
CA LEU A 98 7.67 2.25 -9.73
C LEU A 98 8.50 1.46 -10.74
N ASN A 99 8.98 0.29 -10.34
CA ASN A 99 9.79 -0.56 -11.20
C ASN A 99 10.86 0.22 -11.95
N GLY A 100 11.54 1.14 -11.25
CA GLY A 100 12.59 1.91 -11.87
C GLY A 100 12.09 3.13 -12.60
N GLN A 101 10.77 3.28 -12.71
CA GLN A 101 10.21 4.43 -13.39
C GLN A 101 9.66 5.43 -12.38
N LYS A 102 10.22 6.63 -12.40
CA LYS A 102 9.80 7.69 -11.50
C LYS A 102 8.44 8.25 -11.89
N VAL A 103 7.45 7.99 -11.05
CA VAL A 103 6.09 8.47 -11.31
C VAL A 103 5.91 9.89 -10.77
N GLU A 104 4.88 10.56 -11.25
CA GLU A 104 4.60 11.93 -10.81
C GLU A 104 4.10 11.92 -9.36
N LYS A 105 4.71 12.77 -8.53
CA LYS A 105 4.32 12.85 -7.13
C LYS A 105 2.82 13.13 -7.00
N ASN A 106 2.27 12.86 -5.83
CA ASN A 106 0.86 13.06 -5.54
C ASN A 106 -0.02 12.79 -6.75
N SER A 107 0.38 11.82 -7.55
CA SER A 107 -0.35 11.43 -8.75
C SER A 107 -0.96 10.03 -8.61
N ASN A 108 -2.14 9.84 -9.18
CA ASN A 108 -2.81 8.54 -9.11
C ASN A 108 -2.37 7.64 -10.27
N GLN A 109 -2.02 6.40 -9.94
CA GLN A 109 -1.58 5.44 -10.95
C GLN A 109 -2.35 4.13 -10.80
N LEU A 110 -2.56 3.45 -11.93
CA LEU A 110 -3.27 2.17 -11.91
C LEU A 110 -2.39 1.09 -11.30
N LEU A 111 -2.92 0.40 -10.29
CA LEU A 111 -2.17 -0.64 -9.61
C LEU A 111 -1.70 -1.72 -10.56
N SER A 112 -0.66 -2.42 -10.13
CA SER A 112 -0.06 -3.50 -10.90
C SER A 112 -0.02 -4.77 -10.05
N GLN A 113 -0.04 -5.93 -10.71
CA GLN A 113 0.00 -7.20 -10.00
C GLN A 113 1.39 -7.42 -9.42
N GLY A 114 1.47 -7.49 -8.09
CA GLY A 114 2.73 -7.67 -7.43
C GLY A 114 3.69 -6.53 -7.71
N ASP A 115 3.12 -5.35 -7.99
CA ASP A 115 3.91 -4.16 -8.28
C ASP A 115 4.97 -3.92 -7.22
N GLU A 116 5.86 -2.98 -7.50
CA GLU A 116 6.93 -2.64 -6.56
C GLU A 116 7.24 -1.15 -6.60
N ILE A 117 7.39 -0.54 -5.43
CA ILE A 117 7.70 0.88 -5.34
C ILE A 117 9.10 1.08 -4.77
N THR A 118 9.91 1.84 -5.49
CA THR A 118 11.28 2.12 -5.08
C THR A 118 11.34 3.55 -4.53
N VAL A 119 12.10 3.74 -3.46
CA VAL A 119 12.20 5.06 -2.86
C VAL A 119 13.61 5.38 -2.39
N GLY A 120 13.90 6.67 -2.26
CA GLY A 120 15.20 7.11 -1.82
C GLY A 120 16.16 7.30 -2.96
N VAL A 121 15.62 7.54 -4.14
CA VAL A 121 16.41 7.72 -5.33
C VAL A 121 17.17 9.04 -5.31
N GLY A 122 18.41 8.98 -5.79
CA GLY A 122 19.28 10.12 -5.80
C GLY A 122 20.67 9.69 -5.43
N VAL A 123 20.72 8.81 -4.43
CA VAL A 123 21.96 8.26 -3.96
C VAL A 123 21.94 6.76 -4.21
N GLU A 124 22.94 6.26 -4.93
CA GLU A 124 23.00 4.84 -5.27
C GLU A 124 22.81 3.94 -4.04
N SER A 125 23.34 4.37 -2.91
CA SER A 125 23.25 3.59 -1.68
C SER A 125 22.05 3.96 -0.81
N ASP A 126 21.16 4.83 -1.30
CA ASP A 126 20.02 5.24 -0.50
C ASP A 126 18.67 4.95 -1.15
N ILE A 127 18.62 3.90 -1.92
CA ILE A 127 17.38 3.48 -2.56
C ILE A 127 16.84 2.22 -1.91
N LEU A 128 15.53 2.21 -1.72
CA LEU A 128 14.84 1.08 -1.11
C LEU A 128 13.72 0.57 -2.01
N SER A 129 13.63 -0.74 -2.16
CA SER A 129 12.60 -1.36 -3.00
C SER A 129 11.50 -2.01 -2.16
N LEU A 130 10.25 -1.74 -2.53
CA LEU A 130 9.10 -2.30 -1.83
C LEU A 130 8.14 -2.97 -2.81
N VAL A 131 7.58 -4.11 -2.42
CA VAL A 131 6.65 -4.83 -3.29
C VAL A 131 5.25 -4.89 -2.69
N ILE A 132 4.25 -4.58 -3.51
CA ILE A 132 2.88 -4.58 -3.09
C ILE A 132 2.13 -5.79 -3.65
N PHE A 133 1.28 -6.40 -2.83
CA PHE A 133 0.51 -7.56 -3.25
C PHE A 133 -0.99 -7.27 -3.18
N ILE A 134 -1.71 -7.62 -4.23
CA ILE A 134 -3.14 -7.39 -4.30
C ILE A 134 -3.92 -8.61 -3.82
N ASN A 135 -4.92 -8.38 -2.97
CA ASN A 135 -5.74 -9.47 -2.45
C ASN A 135 -6.82 -9.85 -3.45
N ASP A 136 -6.69 -11.04 -4.03
CA ASP A 136 -7.65 -11.54 -5.01
C ASP A 136 -9.05 -11.61 -4.41
N LYS A 137 -9.13 -11.84 -3.11
CA LYS A 137 -10.41 -11.94 -2.43
C LYS A 137 -11.21 -10.64 -2.59
N PHE A 138 -10.53 -9.53 -2.39
CA PHE A 138 -11.16 -8.22 -2.51
C PHE A 138 -11.74 -8.02 -3.90
N LYS A 139 -10.97 -8.39 -4.91
CA LYS A 139 -11.40 -8.25 -6.30
C LYS A 139 -12.60 -9.14 -6.59
N GLN A 140 -12.62 -10.32 -5.99
CA GLN A 140 -13.70 -11.27 -6.20
C GLN A 140 -15.01 -10.73 -5.64
N CYS A 141 -14.96 -10.21 -4.41
CA CYS A 141 -16.15 -9.65 -3.77
C CYS A 141 -16.64 -8.41 -4.50
N LEU A 142 -15.72 -7.52 -4.82
CA LEU A 142 -16.06 -6.29 -5.53
C LEU A 142 -16.74 -6.59 -6.87
N GLU A 143 -16.19 -7.56 -7.59
CA GLU A 143 -16.74 -7.95 -8.88
C GLU A 143 -18.15 -8.53 -8.72
N GLN A 144 -18.32 -9.34 -7.69
CA GLN A 144 -19.62 -9.96 -7.41
C GLN A 144 -20.63 -8.93 -6.92
N ASN A 145 -20.12 -7.87 -6.30
CA ASN A 145 -20.99 -6.81 -5.78
C ASN A 145 -20.61 -5.46 -6.36
N LYS A 146 -21.39 -5.00 -7.34
CA LYS A 146 -21.14 -3.72 -7.98
C LYS A 146 -21.85 -2.59 -7.24
N VAL A 147 -21.41 -1.36 -7.49
CA VAL A 147 -22.00 -0.19 -6.86
C VAL A 147 -23.33 0.19 -7.52
N ASP A 148 -24.34 0.45 -6.69
CA ASP A 148 -25.65 0.82 -7.19
C ASP A 148 -26.23 -0.27 -8.09
N ARG A 149 -27.04 -1.15 -7.49
CA ARG A 149 -27.66 -2.24 -8.22
C ARG A 149 -29.18 -2.09 -8.26
N ILE A 150 -29.74 -1.65 -7.13
CA ILE A 150 -31.18 -1.46 -7.03
C ILE A 150 -31.63 -0.19 -7.74
N ARG A 151 -32.46 -0.36 -8.77
CA ARG A 151 -32.96 0.77 -9.53
C ARG A 151 -34.09 1.48 -8.79
N ASN B 1 15.57 14.78 19.45
CA ASN B 1 15.50 15.53 18.16
C ASN B 1 14.42 14.94 17.25
N ASP B 2 13.74 15.81 16.51
CA ASP B 2 12.69 15.39 15.61
C ASP B 2 13.27 14.96 14.26
N PRO B 3 12.46 14.28 13.42
CA PRO B 3 12.90 13.82 12.11
C PRO B 3 13.18 14.97 11.15
N ASP B 4 13.50 14.64 9.90
CA ASP B 4 13.78 15.65 8.89
C ASP B 4 13.93 15.02 7.51
N TPO B 5 13.37 15.68 6.50
CA TPO B 5 13.45 15.20 5.12
CB TPO B 5 12.14 15.51 4.35
CG2 TPO B 5 12.23 15.03 2.92
OG1 TPO B 5 11.05 14.89 4.99
P TPO B 5 10.06 15.80 5.78
O1P TPO B 5 8.94 16.13 4.76
O2P TPO B 5 9.47 14.87 6.88
O3P TPO B 5 10.71 17.02 6.34
C TPO B 5 14.63 15.82 4.40
O TPO B 5 15.15 16.85 4.82
H2 TPO B 5 12.90 16.52 6.69
HA TPO B 5 13.58 14.12 5.16
HB TPO B 5 11.99 16.58 4.35
HG21 TPO B 5 11.23 15.00 2.49
HG22 TPO B 5 12.65 14.04 2.89
HG23 TPO B 5 12.84 15.71 2.35
N LEU B 6 15.06 15.19 3.31
CA LEU B 6 16.20 15.69 2.55
C LEU B 6 16.24 15.10 1.14
N GLU B 7 17.26 15.48 0.39
CA GLU B 7 17.44 14.99 -0.99
C GLU B 7 18.92 14.77 -1.28
N ILE B 8 19.21 13.97 -2.31
CA ILE B 8 20.59 13.68 -2.68
C ILE B 8 21.40 14.97 -2.83
N TYR B 9 22.66 14.91 -2.40
CA TYR B 9 23.55 16.06 -2.49
C TYR B 9 24.45 15.96 -3.71
N SER B 10 24.56 17.06 -4.45
CA SER B 10 25.39 17.10 -5.64
C SER B 10 25.70 18.53 -6.06
N ALA A 1 15.57 -24.35 6.51
CA ALA A 1 15.13 -25.67 6.97
C ALA A 1 14.25 -26.35 5.93
N THR A 2 13.94 -27.62 6.18
CA THR A 2 13.10 -28.39 5.26
C THR A 2 11.82 -28.83 5.94
N GLN A 3 11.95 -29.44 7.12
CA GLN A 3 10.79 -29.91 7.87
C GLN A 3 10.01 -28.75 8.46
N ARG A 4 10.74 -27.78 9.03
CA ARG A 4 10.12 -26.60 9.63
C ARG A 4 9.29 -25.84 8.61
N PHE A 5 9.78 -25.81 7.37
CA PHE A 5 9.07 -25.11 6.30
C PHE A 5 7.67 -25.66 6.11
N LEU A 6 7.55 -26.98 6.04
CA LEU A 6 6.26 -27.63 5.86
C LEU A 6 5.31 -27.27 7.00
N ILE A 7 5.84 -27.24 8.21
CA ILE A 7 5.03 -26.90 9.40
C ILE A 7 4.59 -25.45 9.34
N GLU A 8 5.53 -24.56 9.06
CA GLU A 8 5.24 -23.14 8.99
C GLU A 8 4.22 -22.83 7.91
N LYS A 9 4.25 -23.60 6.82
CA LYS A 9 3.34 -23.40 5.70
C LYS A 9 1.87 -23.45 6.15
N PHE A 10 1.51 -24.46 6.93
CA PHE A 10 0.13 -24.59 7.40
C PHE A 10 -0.19 -23.54 8.45
N SER A 11 0.71 -23.38 9.41
CA SER A 11 0.53 -22.40 10.48
C SER A 11 0.41 -21.00 9.91
N GLN A 12 1.32 -20.65 9.00
CA GLN A 12 1.32 -19.33 8.38
C GLN A 12 0.18 -19.20 7.37
N GLU A 13 -1.01 -18.92 7.88
CA GLU A 13 -2.19 -18.77 7.02
C GLU A 13 -2.35 -17.31 6.58
N GLN A 14 -2.80 -17.13 5.34
CA GLN A 14 -3.00 -15.80 4.79
C GLN A 14 -4.35 -15.24 5.21
N ILE A 15 -4.34 -14.07 5.86
CA ILE A 15 -5.56 -13.43 6.30
C ILE A 15 -6.24 -12.66 5.19
N GLY A 16 -7.55 -12.78 5.16
CA GLY A 16 -8.34 -12.10 4.16
C GLY A 16 -9.68 -11.63 4.69
N GLU A 17 -9.63 -10.82 5.75
CA GLU A 17 -10.84 -10.29 6.37
C GLU A 17 -11.53 -9.30 5.46
N ASN A 18 -10.75 -8.47 4.78
CA ASN A 18 -11.28 -7.46 3.87
C ASN A 18 -10.13 -6.65 3.36
N ILE A 19 -9.05 -7.36 3.10
CA ILE A 19 -7.82 -6.78 2.65
C ILE A 19 -7.87 -6.31 1.22
N VAL A 20 -7.37 -5.10 1.01
CA VAL A 20 -7.35 -4.47 -0.28
C VAL A 20 -6.03 -4.78 -0.97
N CYS A 21 -4.94 -4.34 -0.34
CA CYS A 21 -3.59 -4.56 -0.85
C CYS A 21 -2.62 -4.77 0.30
N ARG A 22 -1.58 -5.55 0.06
CA ARG A 22 -0.58 -5.84 1.09
C ARG A 22 0.78 -5.25 0.74
N VAL A 23 1.45 -4.67 1.73
CA VAL A 23 2.76 -4.07 1.52
C VAL A 23 3.87 -5.00 2.01
N ILE A 24 4.79 -5.35 1.12
CA ILE A 24 5.89 -6.24 1.47
C ILE A 24 7.23 -5.66 1.05
N CYS A 25 8.13 -5.47 2.01
CA CYS A 25 9.45 -4.93 1.72
C CYS A 25 10.40 -6.04 1.30
N THR A 26 10.91 -5.95 0.07
CA THR A 26 11.82 -6.95 -0.46
C THR A 26 13.26 -6.70 -0.03
N THR A 27 13.60 -5.44 0.18
CA THR A 27 14.96 -5.08 0.59
C THR A 27 15.17 -5.31 2.08
N GLY A 28 14.12 -5.75 2.78
CA GLY A 28 14.23 -6.01 4.21
C GLY A 28 14.48 -4.76 5.02
N GLN A 29 13.44 -3.97 5.23
CA GLN A 29 13.55 -2.73 6.02
C GLN A 29 12.29 -2.50 6.84
N ILE A 30 11.13 -2.68 6.21
CA ILE A 30 9.86 -2.49 6.89
C ILE A 30 9.09 -3.81 7.00
N PRO A 31 8.42 -4.05 8.14
CA PRO A 31 7.65 -5.27 8.36
C PRO A 31 6.36 -5.30 7.55
N ILE A 32 6.08 -6.44 6.94
CA ILE A 32 4.88 -6.61 6.12
C ILE A 32 3.62 -6.23 6.88
N ARG A 33 2.79 -5.39 6.28
CA ARG A 33 1.54 -4.95 6.89
C ARG A 33 0.36 -5.29 5.97
N ASP A 34 -0.84 -5.24 6.52
CA ASP A 34 -2.04 -5.55 5.74
C ASP A 34 -2.96 -4.34 5.60
N LEU A 35 -3.18 -3.93 4.35
CA LEU A 35 -4.06 -2.80 4.05
C LEU A 35 -5.44 -3.36 3.70
N SER A 36 -6.50 -2.76 4.25
CA SER A 36 -7.83 -3.25 3.98
C SER A 36 -8.90 -2.19 3.98
N ALA A 37 -9.99 -2.54 3.32
CA ALA A 37 -11.15 -1.67 3.21
C ALA A 37 -12.43 -2.49 3.35
N ASP A 38 -13.42 -1.93 4.04
CA ASP A 38 -14.68 -2.63 4.25
C ASP A 38 -15.60 -2.50 3.03
N ILE A 39 -16.17 -3.62 2.64
CA ILE A 39 -17.07 -3.69 1.49
C ILE A 39 -18.34 -2.88 1.71
N SER A 40 -18.91 -2.97 2.90
CA SER A 40 -20.13 -2.27 3.24
C SER A 40 -19.99 -0.78 3.03
N GLN A 41 -18.84 -0.26 3.45
CA GLN A 41 -18.56 1.16 3.31
C GLN A 41 -18.39 1.54 1.84
N VAL A 42 -17.76 0.66 1.08
CA VAL A 42 -17.53 0.89 -0.34
C VAL A 42 -18.85 0.87 -1.11
N LEU A 43 -19.71 -0.08 -0.78
CA LEU A 43 -21.00 -0.20 -1.44
C LEU A 43 -21.94 0.93 -1.02
N LYS A 44 -21.77 1.39 0.21
CA LYS A 44 -22.61 2.47 0.74
C LYS A 44 -22.10 3.83 0.27
N GLU A 45 -20.79 4.05 0.41
CA GLU A 45 -20.20 5.31 0.00
C GLU A 45 -20.14 5.42 -1.52
N LYS A 46 -20.99 6.27 -2.08
CA LYS A 46 -21.05 6.47 -3.53
C LYS A 46 -20.17 7.64 -3.94
N ARG A 47 -18.89 7.36 -4.19
CA ARG A 47 -17.95 8.38 -4.59
C ARG A 47 -16.74 7.76 -5.31
N SER A 48 -15.82 8.61 -5.76
CA SER A 48 -14.64 8.15 -6.45
C SER A 48 -13.66 7.50 -5.49
N ILE A 49 -13.26 8.25 -4.46
CA ILE A 49 -12.32 7.75 -3.46
C ILE A 49 -13.05 7.00 -2.35
N LYS A 50 -12.39 6.01 -1.78
CA LYS A 50 -12.97 5.21 -0.70
C LYS A 50 -12.08 5.22 0.53
N LYS A 51 -10.87 4.67 0.38
CA LYS A 51 -9.92 4.62 1.48
C LYS A 51 -8.49 4.66 0.97
N VAL A 52 -7.68 5.56 1.54
CA VAL A 52 -6.30 5.70 1.11
C VAL A 52 -5.33 5.49 2.27
N TRP A 53 -4.25 4.79 1.98
CA TRP A 53 -3.20 4.50 2.98
C TRP A 53 -1.99 5.41 2.83
N THR A 54 -1.44 5.85 3.96
CA THR A 54 -0.24 6.68 3.96
C THR A 54 0.94 5.89 4.50
N PHE A 55 2.03 5.89 3.75
CA PHE A 55 3.23 5.17 4.14
C PHE A 55 4.43 6.10 4.28
N GLY A 56 5.31 5.80 5.23
CA GLY A 56 6.48 6.62 5.44
C GLY A 56 7.13 6.40 6.79
N ARG A 57 8.03 7.30 7.16
CA ARG A 57 8.74 7.21 8.43
C ARG A 57 7.92 7.82 9.57
N ASN A 58 6.70 8.23 9.28
CA ASN A 58 5.83 8.84 10.29
C ASN A 58 5.10 7.76 11.08
N PRO A 59 5.07 7.87 12.42
CA PRO A 59 4.38 6.91 13.28
C PRO A 59 2.88 6.93 13.05
N ALA A 60 2.40 7.99 12.39
CA ALA A 60 0.99 8.13 12.08
C ALA A 60 0.69 7.34 10.84
N CYS A 61 1.57 7.52 9.87
CA CYS A 61 1.46 6.84 8.61
C CYS A 61 1.07 5.40 8.80
N ASP A 62 0.20 4.93 7.94
CA ASP A 62 -0.24 3.55 7.99
C ASP A 62 0.96 2.61 7.92
N TYR A 63 2.10 3.11 7.43
CA TYR A 63 3.31 2.31 7.32
C TYR A 63 4.49 3.05 7.94
N HIS A 64 5.21 2.39 8.84
CA HIS A 64 6.36 2.99 9.49
C HIS A 64 7.66 2.49 8.87
N LEU A 65 8.32 3.37 8.11
CA LEU A 65 9.58 3.03 7.45
C LEU A 65 10.71 2.89 8.46
N GLY A 66 11.91 2.65 7.96
CA GLY A 66 13.06 2.50 8.84
C GLY A 66 13.80 3.80 9.06
N ASN A 67 13.04 4.88 9.25
CA ASN A 67 13.62 6.21 9.47
C ASN A 67 14.79 6.49 8.53
N ILE A 68 14.51 6.47 7.23
CA ILE A 68 15.54 6.72 6.23
C ILE A 68 15.52 8.18 5.78
N SER A 69 16.68 8.83 5.86
CA SER A 69 16.78 10.24 5.47
C SER A 69 16.28 10.46 4.05
N ARG A 70 16.58 9.51 3.17
CA ARG A 70 16.16 9.61 1.77
C ARG A 70 14.64 9.54 1.65
N LEU A 71 13.98 8.97 2.65
CA LEU A 71 12.53 8.84 2.64
C LEU A 71 11.87 9.90 3.54
N SER A 72 10.64 10.28 3.21
CA SER A 72 9.93 11.30 3.99
C SER A 72 8.96 10.67 4.98
N ASN A 73 8.48 11.50 5.92
CA ASN A 73 7.53 11.04 6.95
C ASN A 73 6.46 10.17 6.30
N LYS A 74 5.84 10.72 5.27
CA LYS A 74 4.83 10.03 4.49
C LYS A 74 5.37 9.93 3.07
N HIS A 75 6.20 8.92 2.85
CA HIS A 75 6.86 8.74 1.58
C HIS A 75 5.89 8.47 0.44
N PHE A 76 4.91 7.62 0.68
CA PHE A 76 3.94 7.31 -0.37
C PHE A 76 2.57 6.93 0.19
N GLN A 77 1.55 7.00 -0.66
CA GLN A 77 0.17 6.70 -0.26
C GLN A 77 -0.52 5.82 -1.28
N ILE A 78 -1.49 5.02 -0.83
CA ILE A 78 -2.25 4.18 -1.74
C ILE A 78 -3.74 4.46 -1.60
N LEU A 79 -4.41 4.73 -2.72
CA LEU A 79 -5.84 5.03 -2.69
C LEU A 79 -6.66 3.91 -3.35
N LEU A 80 -7.88 3.74 -2.86
CA LEU A 80 -8.78 2.73 -3.39
C LEU A 80 -10.10 3.37 -3.81
N GLY A 81 -10.46 3.20 -5.07
CA GLY A 81 -11.70 3.78 -5.57
C GLY A 81 -12.88 2.82 -5.48
N GLU A 82 -14.00 3.21 -6.06
CA GLU A 82 -15.21 2.39 -6.05
C GLU A 82 -14.97 1.07 -6.77
N ASP A 83 -14.19 1.11 -7.84
CA ASP A 83 -13.89 -0.08 -8.61
C ASP A 83 -12.96 -1.01 -7.84
N GLY A 84 -13.05 -2.31 -8.13
CA GLY A 84 -12.21 -3.28 -7.45
C GLY A 84 -10.73 -2.98 -7.59
N ASN A 85 -10.38 -2.20 -8.62
CA ASN A 85 -8.99 -1.85 -8.87
C ASN A 85 -8.45 -0.99 -7.74
N LEU A 86 -7.16 -0.66 -7.82
CA LEU A 86 -6.50 0.16 -6.81
C LEU A 86 -5.64 1.24 -7.45
N LEU A 87 -5.33 2.28 -6.69
CA LEU A 87 -4.51 3.38 -7.18
C LEU A 87 -3.29 3.58 -6.28
N LEU A 88 -2.18 4.00 -6.88
CA LEU A 88 -0.96 4.23 -6.14
C LEU A 88 -0.62 5.71 -6.16
N ASN A 89 -0.49 6.32 -4.97
CA ASN A 89 -0.19 7.74 -4.89
C ASN A 89 1.15 8.00 -4.19
N ASP A 90 2.03 8.72 -4.89
CA ASP A 90 3.33 9.06 -4.32
C ASP A 90 3.22 10.37 -3.53
N ILE A 91 3.90 10.43 -2.39
CA ILE A 91 3.85 11.62 -1.55
C ILE A 91 5.21 11.90 -0.89
N SER A 92 6.29 11.41 -1.49
CA SER A 92 7.60 11.59 -0.95
C SER A 92 8.30 12.84 -1.47
N THR A 93 9.22 13.32 -0.66
CA THR A 93 10.02 14.49 -1.00
C THR A 93 11.02 14.16 -2.12
N ASN A 94 11.77 13.08 -1.91
CA ASN A 94 12.78 12.64 -2.86
C ASN A 94 12.16 11.90 -4.05
N GLY A 95 10.84 11.77 -4.06
CA GLY A 95 10.18 11.10 -5.15
C GLY A 95 9.91 9.63 -4.88
N THR A 96 8.90 9.11 -5.58
CA THR A 96 8.51 7.70 -5.47
C THR A 96 8.70 7.03 -6.83
N TRP A 97 9.23 5.81 -6.82
CA TRP A 97 9.49 5.10 -8.07
C TRP A 97 8.68 3.83 -8.23
N LEU A 98 8.36 3.53 -9.48
CA LEU A 98 7.64 2.32 -9.84
C LEU A 98 8.45 1.54 -10.86
N ASN A 99 8.94 0.38 -10.45
CA ASN A 99 9.74 -0.46 -11.32
C ASN A 99 10.85 0.32 -12.02
N GLY A 100 11.42 1.30 -11.32
CA GLY A 100 12.49 2.08 -11.88
C GLY A 100 12.01 3.32 -12.60
N GLN A 101 10.70 3.50 -12.70
CA GLN A 101 10.15 4.66 -13.37
C GLN A 101 9.57 5.65 -12.36
N LYS A 102 10.14 6.85 -12.33
CA LYS A 102 9.69 7.88 -11.43
C LYS A 102 8.35 8.46 -11.85
N VAL A 103 7.36 8.37 -10.97
CA VAL A 103 6.03 8.87 -11.26
C VAL A 103 5.81 10.24 -10.65
N GLU A 104 4.77 10.93 -11.12
CA GLU A 104 4.44 12.26 -10.62
C GLU A 104 3.93 12.19 -9.19
N LYS A 105 4.50 12.98 -8.30
CA LYS A 105 4.08 12.99 -6.91
C LYS A 105 2.57 13.24 -6.82
N ASN A 106 2.00 12.93 -5.66
CA ASN A 106 0.57 13.09 -5.41
C ASN A 106 -0.26 12.78 -6.65
N SER A 107 0.22 11.82 -7.43
CA SER A 107 -0.47 11.40 -8.65
C SER A 107 -1.01 9.98 -8.52
N ASN A 108 -2.17 9.72 -9.12
CA ASN A 108 -2.79 8.40 -9.05
C ASN A 108 -2.28 7.50 -10.18
N GLN A 109 -1.90 6.28 -9.83
CA GLN A 109 -1.40 5.32 -10.79
C GLN A 109 -2.14 4.00 -10.66
N LEU A 110 -2.36 3.32 -11.78
CA LEU A 110 -3.06 2.03 -11.77
C LEU A 110 -2.15 0.95 -11.20
N LEU A 111 -2.66 0.25 -10.19
CA LEU A 111 -1.90 -0.80 -9.53
C LEU A 111 -1.46 -1.89 -10.50
N SER A 112 -0.43 -2.61 -10.09
CA SER A 112 0.11 -3.71 -10.87
C SER A 112 0.14 -4.98 -10.02
N GLN A 113 0.08 -6.14 -10.66
CA GLN A 113 0.10 -7.40 -9.94
C GLN A 113 1.47 -7.64 -9.34
N GLY A 114 1.54 -7.66 -8.01
CA GLY A 114 2.80 -7.86 -7.34
C GLY A 114 3.79 -6.76 -7.67
N ASP A 115 3.25 -5.58 -7.97
CA ASP A 115 4.06 -4.42 -8.32
C ASP A 115 5.08 -4.12 -7.24
N GLU A 116 5.97 -3.18 -7.55
CA GLU A 116 7.01 -2.79 -6.61
C GLU A 116 7.31 -1.30 -6.73
N ILE A 117 7.43 -0.61 -5.60
CA ILE A 117 7.73 0.81 -5.59
C ILE A 117 9.10 1.06 -5.00
N THR A 118 9.91 1.83 -5.71
CA THR A 118 11.26 2.14 -5.26
C THR A 118 11.30 3.55 -4.70
N VAL A 119 12.03 3.73 -3.60
CA VAL A 119 12.11 5.03 -2.96
C VAL A 119 13.50 5.36 -2.45
N GLY A 120 13.75 6.66 -2.27
CA GLY A 120 15.03 7.11 -1.78
C GLY A 120 16.04 7.26 -2.90
N VAL A 121 15.55 7.57 -4.09
CA VAL A 121 16.39 7.72 -5.25
C VAL A 121 17.18 9.02 -5.21
N GLY A 122 18.43 8.92 -5.65
CA GLY A 122 19.32 10.03 -5.66
C GLY A 122 20.72 9.56 -5.34
N VAL A 123 20.80 8.60 -4.43
CA VAL A 123 22.03 7.99 -4.03
C VAL A 123 21.93 6.48 -4.30
N GLU A 124 22.92 5.94 -4.99
CA GLU A 124 22.93 4.52 -5.34
C GLU A 124 22.66 3.63 -4.13
N SER A 125 23.26 3.97 -3.00
CA SER A 125 23.13 3.18 -1.79
C SER A 125 21.99 3.65 -0.87
N ASP A 126 21.19 4.62 -1.31
CA ASP A 126 20.11 5.12 -0.46
C ASP A 126 18.72 4.90 -1.02
N ILE A 127 18.58 3.85 -1.78
CA ILE A 127 17.30 3.49 -2.36
C ILE A 127 16.71 2.28 -1.65
N LEU A 128 15.41 2.35 -1.43
CA LEU A 128 14.67 1.27 -0.77
C LEU A 128 13.50 0.81 -1.64
N SER A 129 13.32 -0.50 -1.77
CA SER A 129 12.24 -1.04 -2.59
C SER A 129 11.14 -1.66 -1.76
N LEU A 130 9.93 -1.60 -2.31
CA LEU A 130 8.74 -2.15 -1.68
C LEU A 130 7.90 -2.92 -2.70
N VAL A 131 7.17 -3.93 -2.24
CA VAL A 131 6.32 -4.71 -3.13
C VAL A 131 4.88 -4.73 -2.62
N ILE A 132 3.94 -4.50 -3.52
CA ILE A 132 2.54 -4.46 -3.19
C ILE A 132 1.82 -5.73 -3.67
N PHE A 133 1.16 -6.41 -2.75
CA PHE A 133 0.42 -7.62 -3.07
C PHE A 133 -1.08 -7.37 -3.06
N ILE A 134 -1.69 -7.49 -4.23
CA ILE A 134 -3.13 -7.28 -4.36
C ILE A 134 -3.93 -8.53 -4.02
N ASN A 135 -4.97 -8.36 -3.21
CA ASN A 135 -5.81 -9.48 -2.81
C ASN A 135 -6.85 -9.79 -3.88
N ASP A 136 -6.80 -11.00 -4.43
CA ASP A 136 -7.74 -11.41 -5.47
C ASP A 136 -9.14 -11.59 -4.90
N LYS A 137 -9.21 -12.02 -3.64
CA LYS A 137 -10.48 -12.24 -2.98
C LYS A 137 -11.29 -10.95 -2.94
N PHE A 138 -10.62 -9.86 -2.56
CA PHE A 138 -11.27 -8.56 -2.48
C PHE A 138 -11.87 -8.15 -3.83
N LYS A 139 -11.10 -8.37 -4.88
CA LYS A 139 -11.55 -8.03 -6.23
C LYS A 139 -12.77 -8.85 -6.62
N GLN A 140 -12.82 -10.09 -6.15
CA GLN A 140 -13.93 -10.99 -6.45
C GLN A 140 -15.24 -10.44 -5.91
N CYS A 141 -15.20 -9.94 -4.68
CA CYS A 141 -16.40 -9.38 -4.05
C CYS A 141 -16.86 -8.12 -4.77
N LEU A 142 -15.92 -7.23 -5.06
CA LEU A 142 -16.23 -5.98 -5.74
C LEU A 142 -16.77 -6.24 -7.15
N GLU A 143 -16.21 -7.26 -7.81
CA GLU A 143 -16.64 -7.61 -9.16
C GLU A 143 -18.11 -8.00 -9.17
N GLN A 144 -18.56 -8.66 -8.11
CA GLN A 144 -19.94 -9.09 -8.00
C GLN A 144 -20.79 -8.04 -7.29
N ASN A 145 -20.16 -7.31 -6.37
CA ASN A 145 -20.84 -6.26 -5.61
C ASN A 145 -22.22 -6.71 -5.14
N LYS A 146 -22.34 -7.99 -4.83
CA LYS A 146 -23.61 -8.56 -4.38
C LYS A 146 -24.02 -7.95 -3.04
N VAL A 147 -25.31 -8.04 -2.73
CA VAL A 147 -25.84 -7.50 -1.48
C VAL A 147 -25.64 -8.49 -0.33
N ASP A 148 -25.21 -7.97 0.82
CA ASP A 148 -24.99 -8.80 1.99
C ASP A 148 -26.27 -8.97 2.80
N ARG A 149 -26.56 -10.19 3.21
CA ARG A 149 -27.75 -10.48 3.99
C ARG A 149 -27.48 -10.35 5.48
N ILE A 150 -28.53 -10.11 6.25
CA ILE A 150 -28.40 -9.96 7.70
C ILE A 150 -28.58 -11.30 8.40
N ARG A 151 -27.63 -11.64 9.28
CA ARG A 151 -27.68 -12.89 10.02
C ARG A 151 -27.53 -12.64 11.51
N ASN B 1 12.15 19.17 16.63
CA ASN B 1 11.33 20.38 16.40
C ASN B 1 10.73 20.37 14.99
N ASP B 2 11.60 20.50 13.99
CA ASP B 2 11.16 20.51 12.59
C ASP B 2 11.40 19.14 11.94
N PRO B 3 10.80 18.91 10.76
CA PRO B 3 10.95 17.64 10.04
C PRO B 3 12.36 17.46 9.49
N ASP B 4 12.88 16.24 9.58
CA ASP B 4 14.21 15.93 9.09
C ASP B 4 14.16 15.43 7.66
N TPO B 5 13.62 16.26 6.77
CA TPO B 5 13.51 15.90 5.35
CB TPO B 5 12.26 16.52 4.71
CG2 TPO B 5 12.17 16.17 3.24
OG1 TPO B 5 11.10 16.09 5.37
P TPO B 5 10.81 14.55 5.41
O1P TPO B 5 11.03 14.15 6.89
O2P TPO B 5 9.30 14.45 5.07
O3P TPO B 5 11.67 13.78 4.46
C TPO B 5 14.76 16.35 4.60
O TPO B 5 15.39 17.34 4.96
H2 TPO B 5 13.28 17.13 7.07
HA TPO B 5 13.43 14.82 5.29
HB TPO B 5 12.33 17.60 4.80
HG21 TPO B 5 12.63 16.94 2.65
HG22 TPO B 5 11.13 16.08 2.96
HG23 TPO B 5 12.66 15.23 3.06
N LEU B 6 15.12 15.61 3.55
CA LEU B 6 16.29 15.96 2.76
C LEU B 6 16.22 15.37 1.35
N GLU B 7 17.28 15.55 0.57
CA GLU B 7 17.34 15.05 -0.79
C GLU B 7 18.79 14.89 -1.24
N ILE B 8 19.42 13.79 -0.80
CA ILE B 8 20.82 13.49 -1.12
C ILE B 8 21.74 14.69 -0.85
N TYR B 9 23.02 14.40 -0.65
CA TYR B 9 24.00 15.44 -0.38
C TYR B 9 25.00 15.57 -1.53
N SER B 10 24.65 16.39 -2.52
CA SER B 10 25.51 16.60 -3.68
C SER B 10 24.97 17.73 -4.57
N ALA A 1 -7.21 -28.69 -13.46
CA ALA A 1 -8.52 -28.70 -12.85
C ALA A 1 -8.82 -27.38 -12.15
N THR A 2 -10.08 -27.16 -11.81
CA THR A 2 -10.48 -25.93 -11.13
C THR A 2 -11.08 -26.23 -9.75
N GLN A 3 -11.85 -27.31 -9.67
CA GLN A 3 -12.48 -27.70 -8.42
C GLN A 3 -11.45 -28.26 -7.44
N ARG A 4 -10.54 -29.08 -7.96
CA ARG A 4 -9.49 -29.67 -7.12
C ARG A 4 -8.60 -28.59 -6.52
N PHE A 5 -8.19 -27.63 -7.35
CA PHE A 5 -7.33 -26.54 -6.89
C PHE A 5 -7.99 -25.76 -5.77
N LEU A 6 -9.31 -25.63 -5.84
CA LEU A 6 -10.06 -24.91 -4.81
C LEU A 6 -9.92 -25.58 -3.45
N ILE A 7 -9.94 -26.91 -3.45
CA ILE A 7 -9.81 -27.66 -2.20
C ILE A 7 -8.39 -27.57 -1.64
N GLU A 8 -7.41 -27.52 -2.53
CA GLU A 8 -6.02 -27.42 -2.11
C GLU A 8 -5.81 -26.18 -1.24
N LYS A 9 -6.49 -25.10 -1.60
CA LYS A 9 -6.41 -23.85 -0.84
C LYS A 9 -7.02 -24.01 0.54
N PHE A 10 -7.92 -24.97 0.68
CA PHE A 10 -8.59 -25.23 1.96
C PHE A 10 -7.57 -25.49 3.07
N SER A 11 -6.61 -26.36 2.77
CA SER A 11 -5.58 -26.71 3.75
C SER A 11 -4.69 -25.51 4.04
N GLN A 12 -4.46 -24.68 3.01
CA GLN A 12 -3.63 -23.50 3.16
C GLN A 12 -4.31 -22.28 2.54
N GLU A 13 -5.39 -21.84 3.19
CA GLU A 13 -6.15 -20.68 2.72
C GLU A 13 -5.41 -19.38 3.02
N GLN A 14 -5.55 -18.40 2.13
CA GLN A 14 -4.91 -17.11 2.29
C GLN A 14 -5.67 -16.24 3.29
N ILE A 15 -4.94 -15.50 4.11
CA ILE A 15 -5.56 -14.63 5.11
C ILE A 15 -6.01 -13.31 4.51
N GLY A 16 -7.18 -12.90 4.92
CA GLY A 16 -7.76 -11.65 4.45
C GLY A 16 -9.17 -11.45 4.94
N GLU A 17 -9.34 -10.52 5.89
CA GLU A 17 -10.65 -10.23 6.45
C GLU A 17 -11.39 -9.19 5.62
N ASN A 18 -10.62 -8.31 4.98
CA ASN A 18 -11.19 -7.25 4.15
C ASN A 18 -10.05 -6.43 3.61
N ILE A 19 -8.98 -7.14 3.29
CA ILE A 19 -7.77 -6.56 2.82
C ILE A 19 -7.87 -6.08 1.38
N VAL A 20 -7.35 -4.89 1.14
CA VAL A 20 -7.35 -4.26 -0.14
C VAL A 20 -6.08 -4.61 -0.89
N CYS A 21 -4.95 -4.22 -0.29
CA CYS A 21 -3.64 -4.49 -0.87
C CYS A 21 -2.62 -4.75 0.23
N ARG A 22 -1.52 -5.44 -0.11
CA ARG A 22 -0.49 -5.76 0.87
C ARG A 22 0.86 -5.18 0.46
N VAL A 23 1.58 -4.63 1.43
CA VAL A 23 2.89 -4.04 1.17
C VAL A 23 3.99 -4.92 1.74
N ILE A 24 4.92 -5.34 0.88
CA ILE A 24 6.02 -6.20 1.30
C ILE A 24 7.36 -5.64 0.85
N CYS A 25 8.25 -5.40 1.82
CA CYS A 25 9.58 -4.88 1.51
C CYS A 25 10.50 -6.01 1.04
N THR A 26 10.87 -5.97 -0.24
CA THR A 26 11.72 -7.00 -0.82
C THR A 26 13.19 -6.79 -0.47
N THR A 27 13.57 -5.55 -0.15
CA THR A 27 14.95 -5.25 0.19
C THR A 27 15.26 -5.63 1.64
N GLY A 28 14.25 -6.11 2.36
CA GLY A 28 14.44 -6.52 3.73
C GLY A 28 14.85 -5.37 4.63
N GLN A 29 13.88 -4.52 4.98
CA GLN A 29 14.14 -3.37 5.85
C GLN A 29 12.94 -3.08 6.73
N ILE A 30 11.75 -3.14 6.13
CA ILE A 30 10.51 -2.88 6.86
C ILE A 30 9.61 -4.11 6.86
N PRO A 31 8.91 -4.37 7.99
CA PRO A 31 8.03 -5.53 8.09
C PRO A 31 6.76 -5.37 7.25
N ILE A 32 6.28 -6.48 6.72
CA ILE A 32 5.08 -6.47 5.89
C ILE A 32 3.87 -5.89 6.63
N ARG A 33 2.97 -5.26 5.88
CA ARG A 33 1.76 -4.68 6.45
C ARG A 33 0.56 -5.02 5.59
N ASP A 34 -0.64 -4.83 6.13
CA ASP A 34 -1.85 -5.14 5.37
C ASP A 34 -2.79 -3.93 5.28
N LEU A 35 -3.05 -3.51 4.05
CA LEU A 35 -3.96 -2.39 3.80
C LEU A 35 -5.35 -2.94 3.53
N SER A 36 -6.34 -2.50 4.30
CA SER A 36 -7.69 -3.02 4.11
C SER A 36 -8.76 -1.94 4.10
N ALA A 37 -9.87 -2.30 3.49
CA ALA A 37 -11.02 -1.42 3.39
C ALA A 37 -12.32 -2.23 3.39
N ASP A 38 -13.35 -1.70 4.04
CA ASP A 38 -14.63 -2.38 4.11
C ASP A 38 -15.38 -2.28 2.78
N ILE A 39 -15.78 -3.44 2.27
CA ILE A 39 -16.50 -3.53 1.01
C ILE A 39 -17.86 -2.84 1.07
N SER A 40 -18.53 -2.98 2.20
CA SER A 40 -19.84 -2.39 2.38
C SER A 40 -19.80 -0.89 2.15
N GLN A 41 -18.74 -0.26 2.63
CA GLN A 41 -18.58 1.18 2.47
C GLN A 41 -18.33 1.53 1.01
N VAL A 42 -17.48 0.75 0.36
CA VAL A 42 -17.14 0.96 -1.04
C VAL A 42 -18.36 0.79 -1.94
N LEU A 43 -19.21 -0.19 -1.60
CA LEU A 43 -20.41 -0.46 -2.38
C LEU A 43 -21.43 0.65 -2.22
N LYS A 44 -21.60 1.13 -1.00
CA LYS A 44 -22.56 2.20 -0.73
C LYS A 44 -22.05 3.55 -1.23
N GLU A 45 -20.76 3.78 -1.09
CA GLU A 45 -20.16 5.03 -1.53
C GLU A 45 -19.83 4.99 -3.02
N LYS A 46 -20.35 5.97 -3.75
CA LYS A 46 -20.13 6.05 -5.20
C LYS A 46 -19.22 7.22 -5.54
N ARG A 47 -17.91 6.99 -5.45
CA ARG A 47 -16.93 8.04 -5.75
C ARG A 47 -15.63 7.43 -6.25
N SER A 48 -14.64 8.29 -6.51
CA SER A 48 -13.34 7.83 -6.99
C SER A 48 -12.34 7.73 -5.84
N ILE A 49 -12.84 7.42 -4.65
CA ILE A 49 -12.00 7.30 -3.47
C ILE A 49 -12.78 6.74 -2.29
N LYS A 50 -12.15 5.86 -1.52
CA LYS A 50 -12.79 5.26 -0.36
C LYS A 50 -11.87 5.31 0.86
N LYS A 51 -10.65 4.80 0.68
CA LYS A 51 -9.67 4.78 1.78
C LYS A 51 -8.26 4.83 1.24
N VAL A 52 -7.44 5.72 1.79
CA VAL A 52 -6.06 5.85 1.36
C VAL A 52 -5.08 5.69 2.51
N TRP A 53 -4.00 4.99 2.23
CA TRP A 53 -2.95 4.74 3.22
C TRP A 53 -1.74 5.64 3.01
N THR A 54 -1.18 6.14 4.12
CA THR A 54 0.01 6.97 4.05
C THR A 54 1.21 6.20 4.58
N PHE A 55 2.31 6.22 3.84
CA PHE A 55 3.52 5.49 4.21
C PHE A 55 4.67 6.45 4.49
N GLY A 56 5.51 6.06 5.45
CA GLY A 56 6.66 6.88 5.80
C GLY A 56 7.24 6.52 7.16
N ARG A 57 8.26 7.27 7.57
CA ARG A 57 8.91 7.03 8.85
C ARG A 57 8.11 7.64 10.01
N ASN A 58 6.98 8.26 9.69
CA ASN A 58 6.14 8.87 10.70
C ASN A 58 5.18 7.85 11.33
N PRO A 59 5.05 7.87 12.66
CA PRO A 59 4.17 6.94 13.39
C PRO A 59 2.70 7.23 13.10
N ALA A 60 2.43 8.32 12.39
CA ALA A 60 1.08 8.69 12.02
C ALA A 60 0.68 7.93 10.80
N CYS A 61 1.61 7.91 9.86
CA CYS A 61 1.43 7.23 8.62
C CYS A 61 0.86 5.85 8.85
N ASP A 62 -0.11 5.50 8.02
CA ASP A 62 -0.73 4.18 8.13
C ASP A 62 0.33 3.10 8.00
N TYR A 63 1.49 3.45 7.46
CA TYR A 63 2.58 2.50 7.30
C TYR A 63 3.88 3.07 7.86
N HIS A 64 4.44 2.40 8.86
CA HIS A 64 5.68 2.86 9.48
C HIS A 64 6.89 2.17 8.85
N LEU A 65 7.65 2.92 8.06
CA LEU A 65 8.83 2.39 7.39
C LEU A 65 9.96 2.18 8.40
N GLY A 66 10.52 3.27 8.89
CA GLY A 66 11.60 3.19 9.85
C GLY A 66 12.19 4.55 10.18
N ASN A 67 13.15 4.99 9.37
CA ASN A 67 13.79 6.28 9.58
C ASN A 67 14.86 6.53 8.52
N ILE A 68 14.46 6.44 7.25
CA ILE A 68 15.38 6.67 6.14
C ILE A 68 15.45 8.14 5.78
N SER A 69 16.66 8.70 5.87
CA SER A 69 16.87 10.11 5.53
C SER A 69 16.37 10.43 4.13
N ARG A 70 16.64 9.52 3.19
CA ARG A 70 16.24 9.70 1.81
C ARG A 70 14.71 9.71 1.68
N LEU A 71 14.03 9.12 2.67
CA LEU A 71 12.57 9.07 2.65
C LEU A 71 11.97 10.16 3.52
N SER A 72 10.76 10.60 3.17
CA SER A 72 10.07 11.65 3.93
C SER A 72 9.11 11.07 4.97
N ASN A 73 8.66 11.92 5.91
CA ASN A 73 7.72 11.50 6.96
C ASN A 73 6.64 10.62 6.34
N LYS A 74 6.02 11.14 5.30
CA LYS A 74 5.00 10.44 4.54
C LYS A 74 5.52 10.33 3.13
N HIS A 75 6.31 9.29 2.90
CA HIS A 75 6.94 9.06 1.62
C HIS A 75 5.95 8.81 0.50
N PHE A 76 4.98 7.95 0.75
CA PHE A 76 4.00 7.63 -0.29
C PHE A 76 2.67 7.18 0.29
N GLN A 77 1.62 7.22 -0.53
CA GLN A 77 0.29 6.81 -0.08
C GLN A 77 -0.41 5.93 -1.10
N ILE A 78 -1.34 5.10 -0.64
CA ILE A 78 -2.10 4.24 -1.53
C ILE A 78 -3.59 4.50 -1.37
N LEU A 79 -4.31 4.66 -2.48
CA LEU A 79 -5.75 4.93 -2.41
C LEU A 79 -6.56 3.82 -3.06
N LEU A 80 -7.77 3.62 -2.55
CA LEU A 80 -8.68 2.61 -3.08
C LEU A 80 -10.01 3.23 -3.46
N GLY A 81 -10.41 3.07 -4.72
CA GLY A 81 -11.66 3.62 -5.18
C GLY A 81 -12.74 2.57 -5.37
N GLU A 82 -13.67 2.84 -6.29
CA GLU A 82 -14.75 1.90 -6.56
C GLU A 82 -14.24 0.70 -7.36
N ASP A 83 -15.12 -0.28 -7.55
CA ASP A 83 -14.76 -1.48 -8.29
C ASP A 83 -13.59 -2.21 -7.63
N GLY A 84 -13.01 -3.16 -8.35
CA GLY A 84 -11.89 -3.91 -7.81
C GLY A 84 -10.55 -3.35 -8.24
N ASN A 85 -10.52 -2.05 -8.51
CA ASN A 85 -9.29 -1.39 -8.94
C ASN A 85 -8.61 -0.69 -7.77
N LEU A 86 -7.33 -0.41 -7.93
CA LEU A 86 -6.55 0.26 -6.89
C LEU A 86 -5.70 1.38 -7.47
N LEU A 87 -5.37 2.37 -6.64
CA LEU A 87 -4.55 3.49 -7.08
C LEU A 87 -3.44 3.77 -6.08
N LEU A 88 -2.26 4.11 -6.58
CA LEU A 88 -1.12 4.41 -5.73
C LEU A 88 -0.75 5.88 -5.84
N ASN A 89 -0.62 6.55 -4.70
CA ASN A 89 -0.29 7.97 -4.71
C ASN A 89 1.04 8.23 -4.03
N ASP A 90 2.01 8.72 -4.80
CA ASP A 90 3.32 9.04 -4.28
C ASP A 90 3.27 10.38 -3.54
N ILE A 91 4.00 10.51 -2.44
CA ILE A 91 4.00 11.75 -1.66
C ILE A 91 5.34 11.99 -0.96
N SER A 92 6.44 11.63 -1.61
CA SER A 92 7.74 11.80 -1.02
C SER A 92 8.45 13.04 -1.52
N THR A 93 9.30 13.60 -0.68
CA THR A 93 10.10 14.77 -1.04
C THR A 93 11.12 14.38 -2.10
N ASN A 94 11.59 13.13 -2.03
CA ASN A 94 12.58 12.62 -2.96
C ASN A 94 11.93 11.91 -4.16
N GLY A 95 10.68 11.50 -4.04
CA GLY A 95 10.00 10.85 -5.13
C GLY A 95 9.73 9.38 -4.89
N THR A 96 8.76 8.85 -5.62
CA THR A 96 8.37 7.44 -5.52
C THR A 96 8.61 6.77 -6.86
N TRP A 97 9.15 5.56 -6.84
CA TRP A 97 9.46 4.86 -8.08
C TRP A 97 8.66 3.59 -8.27
N LEU A 98 8.39 3.28 -9.53
CA LEU A 98 7.67 2.08 -9.89
C LEU A 98 8.53 1.29 -10.89
N ASN A 99 8.99 0.13 -10.46
CA ASN A 99 9.83 -0.73 -11.29
C ASN A 99 10.91 0.06 -12.04
N GLY A 100 11.57 0.99 -11.34
CA GLY A 100 12.62 1.76 -11.95
C GLY A 100 12.12 3.01 -12.64
N GLN A 101 10.81 3.14 -12.82
CA GLN A 101 10.24 4.31 -13.46
C GLN A 101 9.62 5.24 -12.43
N LYS A 102 10.15 6.45 -12.35
CA LYS A 102 9.67 7.44 -11.42
C LYS A 102 8.32 8.03 -11.86
N VAL A 103 7.32 7.89 -11.00
CA VAL A 103 5.98 8.39 -11.29
C VAL A 103 5.81 9.81 -10.77
N GLU A 104 4.79 10.50 -11.25
CA GLU A 104 4.53 11.87 -10.82
C GLU A 104 4.04 11.89 -9.38
N LYS A 105 4.68 12.71 -8.54
CA LYS A 105 4.30 12.79 -7.13
C LYS A 105 2.81 13.13 -7.01
N ASN A 106 2.27 12.87 -5.83
CA ASN A 106 0.86 13.11 -5.52
C ASN A 106 -0.04 12.83 -6.72
N SER A 107 0.36 11.85 -7.51
CA SER A 107 -0.40 11.46 -8.69
C SER A 107 -1.00 10.06 -8.53
N ASN A 108 -2.19 9.87 -9.08
CA ASN A 108 -2.87 8.58 -9.00
C ASN A 108 -2.47 7.68 -10.17
N GLN A 109 -2.05 6.46 -9.86
CA GLN A 109 -1.65 5.50 -10.89
C GLN A 109 -2.36 4.17 -10.68
N LEU A 110 -2.62 3.47 -11.77
CA LEU A 110 -3.30 2.18 -11.70
C LEU A 110 -2.35 1.12 -11.14
N LEU A 111 -2.66 0.65 -9.93
CA LEU A 111 -1.83 -0.36 -9.28
C LEU A 111 -1.62 -1.57 -10.16
N SER A 112 -0.57 -2.33 -9.87
CA SER A 112 -0.22 -3.53 -10.62
C SER A 112 -0.14 -4.72 -9.68
N GLN A 113 -0.38 -5.92 -10.22
CA GLN A 113 -0.33 -7.13 -9.42
C GLN A 113 1.09 -7.48 -9.03
N GLY A 114 1.33 -7.58 -7.73
CA GLY A 114 2.66 -7.90 -7.24
C GLY A 114 3.70 -6.89 -7.70
N ASP A 115 3.25 -5.70 -8.06
CA ASP A 115 4.14 -4.64 -8.52
C ASP A 115 5.15 -4.30 -7.44
N GLU A 116 6.00 -3.31 -7.71
CA GLU A 116 7.01 -2.90 -6.75
C GLU A 116 7.26 -1.40 -6.81
N ILE A 117 7.34 -0.77 -5.64
CA ILE A 117 7.60 0.66 -5.57
C ILE A 117 8.94 0.93 -4.91
N THR A 118 9.79 1.69 -5.59
CA THR A 118 11.11 2.01 -5.07
C THR A 118 11.13 3.44 -4.55
N VAL A 119 11.79 3.65 -3.42
CA VAL A 119 11.85 4.97 -2.83
C VAL A 119 13.24 5.29 -2.25
N GLY A 120 13.52 6.59 -2.12
CA GLY A 120 14.78 7.03 -1.59
C GLY A 120 15.82 7.20 -2.67
N VAL A 121 15.34 7.43 -3.89
CA VAL A 121 16.22 7.60 -5.03
C VAL A 121 16.98 8.92 -4.97
N GLY A 122 18.24 8.86 -5.37
CA GLY A 122 19.10 10.00 -5.35
C GLY A 122 20.52 9.56 -5.06
N VAL A 123 20.62 8.59 -4.17
CA VAL A 123 21.89 8.01 -3.79
C VAL A 123 21.86 6.52 -4.10
N GLU A 124 22.86 6.02 -4.80
CA GLU A 124 22.93 4.61 -5.17
C GLU A 124 22.68 3.68 -3.99
N SER A 125 23.25 4.01 -2.84
CA SER A 125 23.13 3.18 -1.66
C SER A 125 21.97 3.59 -0.74
N ASP A 126 21.15 4.53 -1.17
CA ASP A 126 20.04 4.99 -0.33
C ASP A 126 18.67 4.77 -0.95
N ILE A 127 18.54 3.71 -1.72
CA ILE A 127 17.28 3.37 -2.33
C ILE A 127 16.66 2.15 -1.67
N LEU A 128 15.36 2.21 -1.48
CA LEU A 128 14.60 1.13 -0.85
C LEU A 128 13.46 0.68 -1.76
N SER A 129 13.28 -0.63 -1.92
CA SER A 129 12.21 -1.15 -2.76
C SER A 129 11.11 -1.81 -1.95
N LEU A 130 9.91 -1.74 -2.50
CA LEU A 130 8.73 -2.33 -1.86
C LEU A 130 7.88 -3.08 -2.89
N VAL A 131 7.14 -4.08 -2.42
CA VAL A 131 6.28 -4.87 -3.29
C VAL A 131 4.82 -4.80 -2.83
N ILE A 132 3.92 -4.56 -3.77
CA ILE A 132 2.52 -4.46 -3.48
C ILE A 132 1.77 -5.70 -3.95
N PHE A 133 1.09 -6.36 -3.01
CA PHE A 133 0.33 -7.57 -3.32
C PHE A 133 -1.16 -7.30 -3.24
N ILE A 134 -1.85 -7.41 -4.37
CA ILE A 134 -3.28 -7.18 -4.44
C ILE A 134 -4.06 -8.44 -4.08
N ASN A 135 -5.07 -8.28 -3.22
CA ASN A 135 -5.90 -9.40 -2.79
C ASN A 135 -6.92 -9.75 -3.87
N ASP A 136 -6.67 -10.85 -4.58
CA ASP A 136 -7.58 -11.29 -5.64
C ASP A 136 -8.98 -11.56 -5.09
N LYS A 137 -9.04 -12.07 -3.87
CA LYS A 137 -10.31 -12.37 -3.24
C LYS A 137 -11.17 -11.11 -3.14
N PHE A 138 -10.56 -10.01 -2.73
CA PHE A 138 -11.25 -8.74 -2.58
C PHE A 138 -11.86 -8.31 -3.92
N LYS A 139 -11.09 -8.45 -4.99
CA LYS A 139 -11.55 -8.07 -6.32
C LYS A 139 -12.76 -8.90 -6.73
N GLN A 140 -12.71 -10.19 -6.44
CA GLN A 140 -13.82 -11.09 -6.78
C GLN A 140 -15.11 -10.66 -6.11
N CYS A 141 -15.00 -10.17 -4.87
CA CYS A 141 -16.15 -9.73 -4.12
C CYS A 141 -16.77 -8.47 -4.72
N LEU A 142 -15.91 -7.54 -5.13
CA LEU A 142 -16.37 -6.29 -5.73
C LEU A 142 -17.06 -6.53 -7.07
N GLU A 143 -16.40 -7.29 -7.94
CA GLU A 143 -16.94 -7.59 -9.26
C GLU A 143 -18.31 -8.24 -9.16
N GLN A 144 -18.51 -9.06 -8.13
CA GLN A 144 -19.77 -9.75 -7.93
C GLN A 144 -20.73 -8.90 -7.08
N ASN A 145 -20.17 -8.19 -6.10
CA ASN A 145 -20.95 -7.34 -5.21
C ASN A 145 -22.22 -8.03 -4.73
N LYS A 146 -23.06 -7.28 -4.02
CA LYS A 146 -24.31 -7.83 -3.51
C LYS A 146 -25.52 -7.12 -4.11
N VAL A 147 -26.45 -7.90 -4.66
CA VAL A 147 -27.64 -7.34 -5.27
C VAL A 147 -28.75 -7.13 -4.24
N ASP A 148 -29.33 -5.93 -4.23
CA ASP A 148 -30.40 -5.61 -3.30
C ASP A 148 -31.38 -4.61 -3.92
N ARG A 149 -32.02 -5.02 -5.01
CA ARG A 149 -32.99 -4.17 -5.69
C ARG A 149 -32.32 -2.89 -6.20
N ILE A 150 -31.93 -2.90 -7.46
CA ILE A 150 -31.28 -1.74 -8.06
C ILE A 150 -32.30 -0.67 -8.45
N ARG A 151 -32.27 0.45 -7.75
CA ARG A 151 -33.18 1.55 -8.02
C ARG A 151 -32.95 2.12 -9.41
N ASN B 1 20.90 22.77 12.56
CA ASN B 1 19.41 22.74 12.49
C ASN B 1 18.90 21.30 12.54
N ASP B 2 17.66 21.13 12.98
CA ASP B 2 17.05 19.81 13.08
C ASP B 2 16.89 19.18 11.70
N PRO B 3 17.59 18.06 11.45
CA PRO B 3 17.52 17.37 10.16
C PRO B 3 16.16 16.71 9.91
N ASP B 4 15.72 16.73 8.67
CA ASP B 4 14.43 16.15 8.29
C ASP B 4 14.25 16.16 6.79
N TPO B 5 14.17 14.97 6.19
CA TPO B 5 13.99 14.85 4.75
CB TPO B 5 12.70 15.55 4.28
CG2 TPO B 5 12.54 15.44 2.77
OG1 TPO B 5 11.59 14.96 4.90
P TPO B 5 10.67 15.88 5.78
O1P TPO B 5 9.68 16.52 4.77
O2P TPO B 5 9.91 14.90 6.70
O3P TPO B 5 11.45 16.90 6.55
C TPO B 5 15.19 15.44 4.01
O TPO B 5 15.82 16.39 4.49
H2 TPO B 5 14.23 14.16 6.73
HA TPO B 5 13.92 13.80 4.52
HB TPO B 5 12.75 16.58 4.54
HG21 TPO B 5 11.63 15.93 2.47
HG22 TPO B 5 12.50 14.40 2.48
HG23 TPO B 5 13.38 15.91 2.29
N LEU B 6 15.51 14.87 2.85
CA LEU B 6 16.63 15.34 2.05
C LEU B 6 16.55 14.82 0.62
N GLU B 7 17.46 15.28 -0.22
CA GLU B 7 17.50 14.86 -1.62
C GLU B 7 18.94 14.71 -2.11
N ILE B 8 19.57 13.60 -1.74
CA ILE B 8 20.95 13.30 -2.13
C ILE B 8 21.85 14.54 -1.99
N TYR B 9 22.64 14.56 -0.92
CA TYR B 9 23.56 15.67 -0.67
C TYR B 9 24.49 15.89 -1.85
N SER B 10 25.41 16.84 -1.71
CA SER B 10 26.36 17.15 -2.77
C SER B 10 27.76 17.32 -2.21
N ALA A 1 5.55 -3.21 22.97
CA ALA A 1 4.79 -4.45 22.93
C ALA A 1 5.67 -5.66 23.23
N THR A 2 5.09 -6.66 23.88
CA THR A 2 5.83 -7.87 24.23
C THR A 2 4.93 -9.10 24.14
N GLN A 3 3.88 -9.12 24.95
CA GLN A 3 2.94 -10.24 24.96
C GLN A 3 2.16 -10.31 23.65
N ARG A 4 1.87 -9.15 23.09
CA ARG A 4 1.13 -9.08 21.83
C ARG A 4 1.90 -9.75 20.70
N PHE A 5 3.22 -9.61 20.73
CA PHE A 5 4.08 -10.21 19.72
C PHE A 5 3.88 -11.72 19.66
N LEU A 6 3.80 -12.35 20.83
CA LEU A 6 3.61 -13.79 20.91
C LEU A 6 2.30 -14.19 20.23
N ILE A 7 1.30 -13.31 20.29
CA ILE A 7 0.00 -13.57 19.69
C ILE A 7 0.09 -13.49 18.17
N GLU A 8 0.90 -12.57 17.67
CA GLU A 8 1.06 -12.39 16.24
C GLU A 8 1.52 -13.69 15.58
N LYS A 9 2.44 -14.38 16.25
CA LYS A 9 2.95 -15.66 15.74
C LYS A 9 1.86 -16.72 15.76
N PHE A 10 0.87 -16.54 16.63
CA PHE A 10 -0.24 -17.47 16.76
C PHE A 10 -0.95 -17.67 15.42
N SER A 11 -1.25 -16.57 14.75
CA SER A 11 -1.93 -16.62 13.46
C SER A 11 -0.94 -16.95 12.35
N GLN A 12 0.27 -16.44 12.46
CA GLN A 12 1.31 -16.68 11.46
C GLN A 12 0.93 -16.08 10.12
N GLU A 13 0.06 -16.77 9.38
CA GLU A 13 -0.38 -16.29 8.07
C GLU A 13 -1.42 -15.18 8.22
N GLN A 14 -1.38 -14.23 7.30
CA GLN A 14 -2.32 -13.11 7.32
C GLN A 14 -3.68 -13.53 6.78
N ILE A 15 -4.72 -13.35 7.60
CA ILE A 15 -6.07 -13.71 7.20
C ILE A 15 -6.73 -12.62 6.37
N GLY A 16 -7.41 -13.06 5.34
CA GLY A 16 -8.11 -12.15 4.45
C GLY A 16 -9.43 -11.67 5.03
N GLU A 17 -9.36 -10.97 6.16
CA GLU A 17 -10.55 -10.45 6.82
C GLU A 17 -11.31 -9.49 5.90
N ASN A 18 -10.56 -8.63 5.21
CA ASN A 18 -11.16 -7.66 4.30
C ASN A 18 -10.05 -6.82 3.74
N ILE A 19 -8.95 -7.49 3.47
CA ILE A 19 -7.76 -6.88 2.99
C ILE A 19 -7.88 -6.44 1.54
N VAL A 20 -7.36 -5.25 1.29
CA VAL A 20 -7.38 -4.64 -0.01
C VAL A 20 -6.10 -5.00 -0.75
N CYS A 21 -4.98 -4.61 -0.14
CA CYS A 21 -3.66 -4.88 -0.71
C CYS A 21 -2.64 -5.09 0.41
N ARG A 22 -1.47 -5.63 0.08
CA ARG A 22 -0.43 -5.88 1.07
C ARG A 22 0.89 -5.25 0.65
N VAL A 23 1.59 -4.65 1.62
CA VAL A 23 2.88 -4.02 1.33
C VAL A 23 4.02 -4.85 1.93
N ILE A 24 4.96 -5.26 1.08
CA ILE A 24 6.08 -6.07 1.52
C ILE A 24 7.41 -5.47 1.07
N CYS A 25 8.33 -5.30 2.02
CA CYS A 25 9.64 -4.74 1.72
C CYS A 25 10.61 -5.86 1.32
N THR A 26 11.05 -5.84 0.07
CA THR A 26 11.97 -6.85 -0.44
C THR A 26 13.42 -6.52 -0.09
N THR A 27 13.70 -5.25 0.15
CA THR A 27 15.05 -4.82 0.49
C THR A 27 15.38 -5.08 1.97
N GLY A 28 14.39 -5.59 2.70
CA GLY A 28 14.58 -5.89 4.11
C GLY A 28 14.87 -4.66 4.95
N GLN A 29 13.86 -3.81 5.12
CA GLN A 29 14.02 -2.58 5.91
C GLN A 29 12.76 -2.32 6.74
N ILE A 30 11.60 -2.51 6.12
CA ILE A 30 10.33 -2.28 6.80
C ILE A 30 9.51 -3.57 6.86
N PRO A 31 8.82 -3.83 7.98
CA PRO A 31 8.00 -5.04 8.14
C PRO A 31 6.72 -4.99 7.32
N ILE A 32 6.29 -6.14 6.83
CA ILE A 32 5.08 -6.23 6.02
C ILE A 32 3.87 -5.69 6.76
N ARG A 33 2.93 -5.13 6.00
CA ARG A 33 1.71 -4.57 6.56
C ARG A 33 0.50 -5.01 5.74
N ASP A 34 -0.69 -4.88 6.30
CA ASP A 34 -1.91 -5.27 5.60
C ASP A 34 -2.86 -4.10 5.42
N LEU A 35 -3.16 -3.77 4.16
CA LEU A 35 -4.08 -2.70 3.84
C LEU A 35 -5.46 -3.29 3.61
N SER A 36 -6.46 -2.82 4.35
CA SER A 36 -7.80 -3.36 4.18
C SER A 36 -8.86 -2.29 4.13
N ALA A 37 -9.97 -2.67 3.53
CA ALA A 37 -11.12 -1.78 3.39
C ALA A 37 -12.41 -2.58 3.27
N ASP A 38 -13.48 -2.08 3.89
CA ASP A 38 -14.77 -2.76 3.85
C ASP A 38 -15.47 -2.52 2.51
N ILE A 39 -15.88 -3.62 1.88
CA ILE A 39 -16.55 -3.56 0.59
C ILE A 39 -17.89 -2.85 0.67
N SER A 40 -18.67 -3.13 1.71
CA SER A 40 -19.97 -2.53 1.89
C SER A 40 -19.87 -1.00 1.94
N GLN A 41 -18.83 -0.54 2.62
CA GLN A 41 -18.58 0.88 2.77
C GLN A 41 -18.18 1.50 1.43
N VAL A 42 -17.41 0.76 0.65
CA VAL A 42 -16.96 1.22 -0.65
C VAL A 42 -18.10 1.22 -1.66
N LEU A 43 -18.89 0.14 -1.67
CA LEU A 43 -20.00 0.01 -2.58
C LEU A 43 -21.13 0.97 -2.20
N LYS A 44 -21.26 1.24 -0.90
CA LYS A 44 -22.30 2.13 -0.41
C LYS A 44 -21.92 3.59 -0.66
N GLU A 45 -20.67 3.94 -0.34
CA GLU A 45 -20.19 5.31 -0.54
C GLU A 45 -19.84 5.55 -2.00
N LYS A 46 -20.47 6.57 -2.59
CA LYS A 46 -20.23 6.91 -3.98
C LYS A 46 -19.36 8.17 -4.08
N ARG A 47 -18.48 8.35 -3.10
CA ARG A 47 -17.60 9.51 -3.09
C ARG A 47 -16.40 9.30 -4.01
N SER A 48 -15.51 10.29 -4.06
CA SER A 48 -14.34 10.21 -4.90
C SER A 48 -13.38 9.14 -4.40
N ILE A 49 -13.24 9.04 -3.09
CA ILE A 49 -12.36 8.06 -2.48
C ILE A 49 -12.98 7.44 -1.23
N LYS A 50 -12.55 6.23 -0.88
CA LYS A 50 -13.09 5.55 0.29
C LYS A 50 -12.04 5.49 1.40
N LYS A 51 -10.96 4.75 1.16
CA LYS A 51 -9.90 4.62 2.16
C LYS A 51 -8.52 4.69 1.52
N VAL A 52 -7.61 5.43 2.14
CA VAL A 52 -6.27 5.59 1.62
C VAL A 52 -5.22 5.38 2.71
N TRP A 53 -4.15 4.69 2.33
CA TRP A 53 -3.05 4.41 3.25
C TRP A 53 -1.85 5.31 3.01
N THR A 54 -1.23 5.76 4.10
CA THR A 54 -0.04 6.60 3.99
C THR A 54 1.17 5.86 4.55
N PHE A 55 2.25 5.85 3.79
CA PHE A 55 3.47 5.16 4.21
C PHE A 55 4.62 6.15 4.37
N GLY A 56 5.49 5.88 5.34
CA GLY A 56 6.62 6.75 5.58
C GLY A 56 7.26 6.53 6.95
N ARG A 57 8.11 7.45 7.36
CA ARG A 57 8.78 7.36 8.65
C ARG A 57 7.99 8.06 9.74
N ASN A 58 6.66 7.96 9.69
CA ASN A 58 5.80 8.58 10.68
C ASN A 58 4.95 7.54 11.39
N PRO A 59 4.84 7.63 12.74
CA PRO A 59 4.04 6.70 13.52
C PRO A 59 2.56 6.80 13.19
N ALA A 60 2.19 7.90 12.51
CA ALA A 60 0.83 8.12 12.10
C ALA A 60 0.57 7.38 10.83
N CYS A 61 1.52 7.51 9.92
CA CYS A 61 1.46 6.87 8.64
C CYS A 61 1.00 5.44 8.78
N ASP A 62 0.17 5.04 7.86
CA ASP A 62 -0.32 3.67 7.85
C ASP A 62 0.85 2.69 7.81
N TYR A 63 2.03 3.18 7.41
CA TYR A 63 3.22 2.34 7.33
C TYR A 63 4.39 2.99 8.06
N HIS A 64 4.86 2.34 9.11
CA HIS A 64 5.99 2.85 9.89
C HIS A 64 7.31 2.36 9.32
N LEU A 65 8.04 3.28 8.68
CA LEU A 65 9.33 2.95 8.08
C LEU A 65 10.42 2.85 9.14
N GLY A 66 11.66 2.63 8.69
CA GLY A 66 12.77 2.52 9.61
C GLY A 66 13.43 3.86 9.89
N ASN A 67 12.78 4.94 9.49
CA ASN A 67 13.30 6.28 9.70
C ASN A 67 14.61 6.50 8.92
N ILE A 68 14.48 6.69 7.62
CA ILE A 68 15.64 6.92 6.76
C ILE A 68 15.64 8.35 6.24
N SER A 69 16.83 8.95 6.16
CA SER A 69 16.96 10.32 5.68
C SER A 69 16.34 10.48 4.29
N ARG A 70 16.56 9.49 3.44
CA ARG A 70 16.03 9.52 2.07
C ARG A 70 14.50 9.55 2.09
N LEU A 71 13.89 8.67 2.86
CA LEU A 71 12.44 8.61 2.93
C LEU A 71 11.87 9.74 3.78
N SER A 72 10.65 10.14 3.47
CA SER A 72 9.97 11.21 4.20
C SER A 72 8.96 10.66 5.20
N ASN A 73 8.47 11.52 6.10
CA ASN A 73 7.48 11.12 7.10
C ASN A 73 6.40 10.27 6.46
N LYS A 74 5.83 10.81 5.39
CA LYS A 74 4.81 10.14 4.60
C LYS A 74 5.34 10.06 3.18
N HIS A 75 6.17 9.06 2.95
CA HIS A 75 6.81 8.89 1.66
C HIS A 75 5.83 8.65 0.54
N PHE A 76 4.86 7.78 0.76
CA PHE A 76 3.88 7.47 -0.28
C PHE A 76 2.52 7.13 0.32
N GLN A 77 1.47 7.25 -0.50
CA GLN A 77 0.11 6.95 -0.03
C GLN A 77 -0.67 6.13 -1.06
N ILE A 78 -1.47 5.17 -0.59
CA ILE A 78 -2.26 4.35 -1.50
C ILE A 78 -3.76 4.59 -1.28
N LEU A 79 -4.49 4.89 -2.35
CA LEU A 79 -5.92 5.15 -2.25
C LEU A 79 -6.74 4.05 -2.92
N LEU A 80 -7.89 3.75 -2.32
CA LEU A 80 -8.79 2.73 -2.85
C LEU A 80 -10.19 3.31 -3.06
N GLY A 81 -10.74 3.10 -4.25
CA GLY A 81 -12.06 3.61 -4.56
C GLY A 81 -12.28 3.83 -6.05
N GLU A 82 -13.17 4.76 -6.37
CA GLU A 82 -13.49 5.07 -7.77
C GLU A 82 -14.09 3.87 -8.48
N ASP A 83 -13.24 2.94 -8.90
CA ASP A 83 -13.69 1.74 -9.59
C ASP A 83 -13.35 0.49 -8.79
N GLY A 84 -13.43 -0.67 -9.45
CA GLY A 84 -13.13 -1.92 -8.77
C GLY A 84 -11.64 -2.25 -8.80
N ASN A 85 -10.82 -1.29 -8.39
CA ASN A 85 -9.37 -1.49 -8.37
C ASN A 85 -8.72 -0.60 -7.32
N LEU A 86 -7.40 -0.54 -7.34
CA LEU A 86 -6.66 0.27 -6.38
C LEU A 86 -5.82 1.34 -7.09
N LEU A 87 -5.44 2.37 -6.36
CA LEU A 87 -4.64 3.45 -6.91
C LEU A 87 -3.46 3.75 -5.98
N LEU A 88 -2.33 4.11 -6.57
CA LEU A 88 -1.14 4.41 -5.79
C LEU A 88 -0.79 5.89 -5.89
N ASN A 89 -0.70 6.56 -4.75
CA ASN A 89 -0.39 7.98 -4.73
C ASN A 89 0.96 8.25 -4.06
N ASP A 90 1.90 8.76 -4.83
CA ASP A 90 3.22 9.08 -4.30
C ASP A 90 3.18 10.40 -3.55
N ILE A 91 3.86 10.46 -2.41
CA ILE A 91 3.88 11.68 -1.60
C ILE A 91 5.21 11.85 -0.88
N SER A 92 6.31 11.54 -1.55
CA SER A 92 7.62 11.66 -0.96
C SER A 92 8.28 12.98 -1.32
N THR A 93 9.25 13.37 -0.49
CA THR A 93 10.00 14.59 -0.74
C THR A 93 10.89 14.46 -1.96
N ASN A 94 11.47 13.27 -2.14
CA ASN A 94 12.37 13.03 -3.28
C ASN A 94 11.67 12.31 -4.44
N GLY A 95 10.54 11.65 -4.18
CA GLY A 95 9.84 10.98 -5.25
C GLY A 95 9.62 9.49 -4.99
N THR A 96 8.63 8.94 -5.68
CA THR A 96 8.26 7.53 -5.58
C THR A 96 8.46 6.85 -6.92
N TRP A 97 9.01 5.64 -6.91
CA TRP A 97 9.27 4.93 -8.16
C TRP A 97 8.44 3.67 -8.32
N LEU A 98 8.13 3.36 -9.57
CA LEU A 98 7.40 2.17 -9.91
C LEU A 98 8.21 1.38 -10.93
N ASN A 99 8.68 0.21 -10.51
CA ASN A 99 9.49 -0.65 -11.38
C ASN A 99 10.56 0.13 -12.14
N GLY A 100 11.25 1.04 -11.45
CA GLY A 100 12.30 1.80 -12.09
C GLY A 100 11.80 3.05 -12.78
N GLN A 101 10.49 3.18 -12.91
CA GLN A 101 9.92 4.37 -13.55
C GLN A 101 9.34 5.32 -12.50
N LYS A 102 9.90 6.52 -12.45
CA LYS A 102 9.46 7.52 -11.51
C LYS A 102 8.12 8.13 -11.91
N VAL A 103 7.10 7.88 -11.09
CA VAL A 103 5.76 8.39 -11.34
C VAL A 103 5.62 9.81 -10.81
N GLU A 104 4.61 10.52 -11.29
CA GLU A 104 4.36 11.89 -10.84
C GLU A 104 3.89 11.91 -9.40
N LYS A 105 4.48 12.76 -8.58
CA LYS A 105 4.09 12.85 -7.18
C LYS A 105 2.58 13.08 -7.09
N ASN A 106 2.02 12.84 -5.93
CA ASN A 106 0.59 13.02 -5.69
C ASN A 106 -0.23 12.68 -6.93
N SER A 107 0.19 11.62 -7.63
CA SER A 107 -0.51 11.17 -8.84
C SER A 107 -1.18 9.82 -8.60
N ASN A 108 -2.33 9.63 -9.23
CA ASN A 108 -3.06 8.38 -9.10
C ASN A 108 -2.72 7.43 -10.24
N GLN A 109 -2.25 6.23 -9.89
CA GLN A 109 -1.88 5.23 -10.89
C GLN A 109 -2.58 3.91 -10.61
N LEU A 110 -2.89 3.16 -11.66
CA LEU A 110 -3.54 1.87 -11.52
C LEU A 110 -2.57 0.84 -10.95
N LEU A 111 -3.04 0.04 -10.00
CA LEU A 111 -2.21 -0.97 -9.38
C LEU A 111 -1.72 -2.01 -10.37
N SER A 112 -0.67 -2.70 -9.97
CA SER A 112 -0.06 -3.75 -10.77
C SER A 112 0.03 -5.04 -9.95
N GLN A 113 0.03 -6.18 -10.62
CA GLN A 113 0.11 -7.46 -9.91
C GLN A 113 1.52 -7.65 -9.35
N GLY A 114 1.61 -7.72 -8.03
CA GLY A 114 2.89 -7.88 -7.38
C GLY A 114 3.81 -6.72 -7.68
N ASP A 115 3.23 -5.56 -7.94
CA ASP A 115 3.98 -4.36 -8.26
C ASP A 115 5.06 -4.09 -7.21
N GLU A 116 5.94 -3.15 -7.53
CA GLU A 116 7.01 -2.78 -6.62
C GLU A 116 7.28 -1.28 -6.69
N ILE A 117 7.43 -0.64 -5.53
CA ILE A 117 7.69 0.79 -5.48
C ILE A 117 9.08 1.07 -4.93
N THR A 118 9.86 1.86 -5.66
CA THR A 118 11.21 2.21 -5.23
C THR A 118 11.22 3.65 -4.71
N VAL A 119 11.99 3.90 -3.66
CA VAL A 119 12.04 5.23 -3.07
C VAL A 119 13.46 5.61 -2.65
N GLY A 120 13.69 6.91 -2.53
CA GLY A 120 14.98 7.41 -2.13
C GLY A 120 15.99 7.28 -3.26
N VAL A 121 15.57 7.69 -4.44
CA VAL A 121 16.39 7.59 -5.62
C VAL A 121 17.34 8.78 -5.78
N GLY A 122 18.53 8.45 -6.22
CA GLY A 122 19.58 9.40 -6.41
C GLY A 122 20.90 8.73 -6.07
N VAL A 123 20.86 8.05 -4.93
CA VAL A 123 21.98 7.29 -4.44
C VAL A 123 21.71 5.80 -4.67
N GLU A 124 22.56 5.18 -5.47
CA GLU A 124 22.41 3.76 -5.77
C GLU A 124 22.40 2.91 -4.50
N SER A 125 23.01 3.45 -3.44
CA SER A 125 23.11 2.73 -2.19
C SER A 125 21.99 3.03 -1.20
N ASP A 126 21.35 4.21 -1.28
CA ASP A 126 20.31 4.52 -0.31
C ASP A 126 18.90 4.44 -0.86
N ILE A 127 18.72 3.64 -1.88
CA ILE A 127 17.42 3.43 -2.46
C ILE A 127 16.71 2.29 -1.76
N LEU A 128 15.42 2.46 -1.54
CA LEU A 128 14.60 1.46 -0.86
C LEU A 128 13.46 1.00 -1.76
N SER A 129 13.25 -0.32 -1.81
CA SER A 129 12.19 -0.88 -2.65
C SER A 129 11.11 -1.56 -1.83
N LEU A 130 9.91 -1.53 -2.37
CA LEU A 130 8.74 -2.15 -1.74
C LEU A 130 7.93 -2.93 -2.76
N VAL A 131 7.21 -3.95 -2.30
CA VAL A 131 6.38 -4.75 -3.19
C VAL A 131 4.93 -4.76 -2.72
N ILE A 132 4.01 -4.65 -3.66
CA ILE A 132 2.60 -4.61 -3.37
C ILE A 132 1.93 -5.94 -3.73
N PHE A 133 1.24 -6.53 -2.77
CA PHE A 133 0.54 -7.79 -2.97
C PHE A 133 -0.98 -7.58 -2.97
N ILE A 134 -1.59 -7.76 -4.13
CA ILE A 134 -3.03 -7.58 -4.27
C ILE A 134 -3.78 -8.89 -4.01
N ASN A 135 -4.76 -8.84 -3.12
CA ASN A 135 -5.55 -10.01 -2.78
C ASN A 135 -6.56 -10.32 -3.89
N ASP A 136 -6.53 -11.55 -4.39
CA ASP A 136 -7.43 -11.98 -5.44
C ASP A 136 -8.87 -12.09 -4.92
N LYS A 137 -9.00 -12.43 -3.64
CA LYS A 137 -10.31 -12.56 -3.03
C LYS A 137 -11.08 -11.26 -3.10
N PHE A 138 -10.40 -10.16 -2.76
CA PHE A 138 -11.00 -8.84 -2.78
C PHE A 138 -11.53 -8.50 -4.18
N LYS A 139 -10.71 -8.80 -5.19
CA LYS A 139 -11.08 -8.54 -6.58
C LYS A 139 -12.27 -9.38 -6.99
N GLN A 140 -12.35 -10.60 -6.47
CA GLN A 140 -13.45 -11.51 -6.79
C GLN A 140 -14.79 -10.90 -6.42
N CYS A 141 -14.87 -10.34 -5.21
CA CYS A 141 -16.11 -9.72 -4.73
C CYS A 141 -16.45 -8.49 -5.56
N LEU A 142 -15.44 -7.64 -5.79
CA LEU A 142 -15.64 -6.41 -6.56
C LEU A 142 -16.07 -6.74 -7.99
N GLU A 143 -15.53 -7.83 -8.54
CA GLU A 143 -15.86 -8.24 -9.90
C GLU A 143 -17.36 -8.51 -10.03
N GLN A 144 -17.93 -9.15 -9.01
CA GLN A 144 -19.35 -9.47 -9.02
C GLN A 144 -20.18 -8.31 -8.47
N ASN A 145 -19.58 -7.55 -7.54
CA ASN A 145 -20.24 -6.40 -6.93
C ASN A 145 -21.69 -6.71 -6.55
N LYS A 146 -22.62 -6.44 -7.47
CA LYS A 146 -24.04 -6.71 -7.22
C LYS A 146 -24.52 -7.90 -8.03
N VAL A 147 -25.54 -8.58 -7.52
CA VAL A 147 -26.09 -9.75 -8.19
C VAL A 147 -27.37 -9.40 -8.94
N ASP A 148 -27.34 -9.55 -10.26
CA ASP A 148 -28.50 -9.24 -11.09
C ASP A 148 -29.68 -10.14 -10.71
N ARG A 149 -29.41 -11.43 -10.55
CA ARG A 149 -30.45 -12.39 -10.20
C ARG A 149 -29.84 -13.67 -9.66
N ILE A 150 -30.67 -14.53 -9.09
CA ILE A 150 -30.21 -15.79 -8.53
C ILE A 150 -30.60 -16.97 -9.43
N ARG A 151 -29.69 -17.92 -9.59
CA ARG A 151 -29.94 -19.09 -10.43
C ARG A 151 -30.32 -18.68 -11.83
N ASN B 1 12.22 7.88 15.58
CA ASN B 1 11.89 9.19 16.19
C ASN B 1 12.98 10.22 15.92
N ASP B 2 13.51 10.21 14.70
CA ASP B 2 14.56 11.15 14.32
C ASP B 2 14.25 11.80 12.97
N PRO B 3 13.52 12.93 12.98
CA PRO B 3 13.16 13.65 11.75
C PRO B 3 14.38 13.93 10.87
N ASP B 4 14.17 13.87 9.56
CA ASP B 4 15.25 14.12 8.62
C ASP B 4 14.74 14.05 7.18
N TPO B 5 14.12 15.14 6.72
CA TPO B 5 13.58 15.20 5.37
CB TPO B 5 12.28 16.03 5.32
CG2 TPO B 5 11.74 16.11 3.90
OG1 TPO B 5 11.31 15.44 6.15
P TPO B 5 10.42 16.38 7.01
O1P TPO B 5 9.28 16.82 6.07
O2P TPO B 5 9.83 15.46 8.12
O3P TPO B 5 11.18 17.55 7.58
C TPO B 5 14.59 15.81 4.41
O TPO B 5 15.30 16.75 4.75
H2 TPO B 5 14.01 15.91 7.31
HA TPO B 5 13.35 14.19 5.06
HB TPO B 5 12.48 17.02 5.67
HG21 TPO B 5 10.66 16.03 3.92
HG22 TPO B 5 12.14 15.30 3.31
HG23 TPO B 5 12.03 17.06 3.46
N LEU B 6 14.66 15.26 3.21
CA LEU B 6 15.58 15.74 2.18
C LEU B 6 15.22 15.21 0.81
N GLU B 7 15.99 15.58 -0.20
CA GLU B 7 15.74 15.14 -1.57
C GLU B 7 17.02 14.62 -2.22
N ILE B 8 17.78 13.83 -1.46
CA ILE B 8 19.04 13.25 -1.93
C ILE B 8 19.96 14.30 -2.55
N TYR B 9 21.25 13.97 -2.65
CA TYR B 9 22.23 14.89 -3.22
C TYR B 9 21.74 15.47 -4.54
N SER B 10 21.17 16.67 -4.49
CA SER B 10 20.66 17.33 -5.68
C SER B 10 20.78 18.85 -5.56
N ALA A 1 -9.91 -31.28 -12.55
CA ALA A 1 -9.61 -32.02 -11.33
C ALA A 1 -8.96 -31.11 -10.29
N THR A 2 -9.65 -30.90 -9.18
CA THR A 2 -9.15 -30.05 -8.10
C THR A 2 -9.05 -30.84 -6.80
N GLN A 3 -8.72 -32.12 -6.90
CA GLN A 3 -8.59 -32.98 -5.73
C GLN A 3 -7.52 -32.45 -4.78
N ARG A 4 -6.36 -32.11 -5.34
CA ARG A 4 -5.25 -31.58 -4.54
C ARG A 4 -5.58 -30.17 -4.07
N PHE A 5 -6.26 -29.41 -4.91
CA PHE A 5 -6.63 -28.03 -4.59
C PHE A 5 -7.47 -27.99 -3.31
N LEU A 6 -8.43 -28.90 -3.21
CA LEU A 6 -9.30 -28.96 -2.04
C LEU A 6 -8.49 -29.23 -0.78
N ILE A 7 -7.53 -30.15 -0.87
CA ILE A 7 -6.68 -30.50 0.26
C ILE A 7 -5.82 -29.31 0.68
N GLU A 8 -5.18 -28.68 -0.30
CA GLU A 8 -4.33 -27.54 -0.04
C GLU A 8 -5.09 -26.40 0.61
N LYS A 9 -6.37 -26.26 0.25
CA LYS A 9 -7.21 -25.20 0.79
C LYS A 9 -7.34 -25.28 2.30
N PHE A 10 -7.61 -26.48 2.82
CA PHE A 10 -7.76 -26.66 4.26
C PHE A 10 -6.42 -26.55 4.97
N SER A 11 -5.43 -27.27 4.43
CA SER A 11 -4.09 -27.27 4.99
C SER A 11 -3.50 -25.86 5.01
N GLN A 12 -3.67 -25.14 3.91
CA GLN A 12 -3.15 -23.78 3.80
C GLN A 12 -4.28 -22.76 3.93
N GLU A 13 -4.38 -22.15 5.11
CA GLU A 13 -5.41 -21.15 5.37
C GLU A 13 -5.06 -19.82 4.70
N GLN A 14 -6.07 -19.16 4.15
CA GLN A 14 -5.87 -17.87 3.48
C GLN A 14 -6.19 -16.72 4.43
N ILE A 15 -5.17 -15.92 4.74
CA ILE A 15 -5.34 -14.78 5.63
C ILE A 15 -5.89 -13.57 4.89
N GLY A 16 -6.82 -12.90 5.55
CA GLY A 16 -7.44 -11.73 4.98
C GLY A 16 -8.86 -11.53 5.46
N GLU A 17 -9.06 -10.51 6.30
CA GLU A 17 -10.38 -10.22 6.84
C GLU A 17 -11.16 -9.28 5.92
N ASN A 18 -10.42 -8.44 5.19
CA ASN A 18 -11.02 -7.47 4.27
C ASN A 18 -9.91 -6.65 3.68
N ILE A 19 -8.83 -7.34 3.41
CA ILE A 19 -7.63 -6.75 2.90
C ILE A 19 -7.77 -6.31 1.45
N VAL A 20 -7.27 -5.10 1.19
CA VAL A 20 -7.31 -4.50 -0.11
C VAL A 20 -6.03 -4.85 -0.87
N CYS A 21 -4.91 -4.45 -0.27
CA CYS A 21 -3.60 -4.71 -0.85
C CYS A 21 -2.56 -4.86 0.27
N ARG A 22 -1.53 -5.65 0.02
CA ARG A 22 -0.49 -5.88 1.03
C ARG A 22 0.85 -5.32 0.58
N VAL A 23 1.57 -4.68 1.51
CA VAL A 23 2.87 -4.12 1.22
C VAL A 23 3.98 -5.01 1.77
N ILE A 24 4.88 -5.45 0.89
CA ILE A 24 5.97 -6.33 1.30
C ILE A 24 7.32 -5.79 0.83
N CYS A 25 8.24 -5.62 1.78
CA CYS A 25 9.57 -5.12 1.47
C CYS A 25 10.47 -6.25 0.97
N THR A 26 10.99 -6.12 -0.24
CA THR A 26 11.86 -7.14 -0.82
C THR A 26 13.33 -6.90 -0.48
N THR A 27 13.67 -5.64 -0.19
CA THR A 27 15.05 -5.29 0.14
C THR A 27 15.37 -5.63 1.60
N GLY A 28 14.38 -6.13 2.32
CA GLY A 28 14.60 -6.49 3.71
C GLY A 28 14.94 -5.29 4.59
N GLN A 29 13.94 -4.49 4.90
CA GLN A 29 14.14 -3.30 5.74
C GLN A 29 12.91 -3.03 6.59
N ILE A 30 11.73 -3.14 5.99
CA ILE A 30 10.48 -2.89 6.69
C ILE A 30 9.63 -4.17 6.75
N PRO A 31 8.95 -4.42 7.89
CA PRO A 31 8.12 -5.61 8.04
C PRO A 31 6.82 -5.52 7.24
N ILE A 32 6.38 -6.66 6.73
CA ILE A 32 5.15 -6.72 5.94
C ILE A 32 3.95 -6.14 6.69
N ARG A 33 3.10 -5.43 5.96
CA ARG A 33 1.90 -4.83 6.55
C ARG A 33 0.68 -5.23 5.75
N ASP A 34 -0.51 -5.04 6.34
CA ASP A 34 -1.75 -5.40 5.67
C ASP A 34 -2.68 -4.20 5.52
N LEU A 35 -2.99 -3.86 4.28
CA LEU A 35 -3.89 -2.75 3.98
C LEU A 35 -5.28 -3.31 3.71
N SER A 36 -6.31 -2.72 4.30
CA SER A 36 -7.66 -3.23 4.11
C SER A 36 -8.73 -2.17 4.11
N ALA A 37 -9.83 -2.53 3.50
CA ALA A 37 -10.99 -1.65 3.40
C ALA A 37 -12.28 -2.46 3.54
N ASP A 38 -13.30 -1.84 4.12
CA ASP A 38 -14.59 -2.51 4.32
C ASP A 38 -15.37 -2.62 3.02
N ILE A 39 -15.93 -3.80 2.79
CA ILE A 39 -16.71 -4.07 1.58
C ILE A 39 -17.96 -3.21 1.49
N SER A 40 -18.68 -3.08 2.60
CA SER A 40 -19.90 -2.30 2.65
C SER A 40 -19.64 -0.87 2.20
N GLN A 41 -18.48 -0.36 2.60
CA GLN A 41 -18.08 0.99 2.25
C GLN A 41 -17.78 1.09 0.76
N VAL A 42 -17.21 0.03 0.21
CA VAL A 42 -16.87 -0.02 -1.21
C VAL A 42 -18.13 -0.10 -2.06
N LEU A 43 -19.06 -0.97 -1.66
CA LEU A 43 -20.31 -1.14 -2.39
C LEU A 43 -21.16 0.12 -2.33
N LYS A 44 -21.21 0.73 -1.14
CA LYS A 44 -21.99 1.95 -0.95
C LYS A 44 -21.38 3.11 -1.73
N GLU A 45 -20.06 3.10 -1.88
CA GLU A 45 -19.36 4.16 -2.60
C GLU A 45 -19.76 4.16 -4.07
N LYS A 46 -20.37 5.26 -4.50
CA LYS A 46 -20.82 5.39 -5.89
C LYS A 46 -19.78 6.15 -6.71
N ARG A 47 -18.76 5.43 -7.18
CA ARG A 47 -17.70 6.04 -7.98
C ARG A 47 -17.02 7.16 -7.22
N SER A 48 -16.26 6.80 -6.20
CA SER A 48 -15.55 7.78 -5.38
C SER A 48 -14.54 7.10 -4.47
N ILE A 49 -13.78 7.91 -3.73
CA ILE A 49 -12.78 7.39 -2.81
C ILE A 49 -13.42 6.92 -1.50
N LYS A 50 -12.84 5.90 -0.88
CA LYS A 50 -13.37 5.38 0.37
C LYS A 50 -12.28 5.26 1.45
N LYS A 51 -11.07 4.85 1.04
CA LYS A 51 -9.98 4.71 1.99
C LYS A 51 -8.61 4.83 1.31
N VAL A 52 -7.69 5.51 1.99
CA VAL A 52 -6.35 5.70 1.47
C VAL A 52 -5.29 5.47 2.54
N TRP A 53 -4.21 4.81 2.15
CA TRP A 53 -3.10 4.51 3.06
C TRP A 53 -1.91 5.44 2.85
N THR A 54 -1.31 5.88 3.95
CA THR A 54 -0.13 6.72 3.87
C THR A 54 1.07 5.96 4.43
N PHE A 55 2.17 5.95 3.68
CA PHE A 55 3.37 5.23 4.09
C PHE A 55 4.55 6.17 4.28
N GLY A 56 5.40 5.84 5.26
CA GLY A 56 6.57 6.65 5.53
C GLY A 56 7.19 6.34 6.88
N ARG A 57 8.14 7.18 7.31
CA ARG A 57 8.82 6.98 8.58
C ARG A 57 8.01 7.53 9.76
N ASN A 58 6.83 8.06 9.47
CA ASN A 58 5.97 8.61 10.52
C ASN A 58 5.14 7.52 11.18
N PRO A 59 5.06 7.53 12.53
CA PRO A 59 4.27 6.54 13.29
C PRO A 59 2.78 6.71 13.03
N ALA A 60 2.41 7.83 12.42
CA ALA A 60 1.03 8.10 12.08
C ALA A 60 0.68 7.39 10.81
N CYS A 61 1.62 7.50 9.87
CA CYS A 61 1.49 6.90 8.58
C CYS A 61 0.95 5.48 8.71
N ASP A 62 0.09 5.14 7.80
CA ASP A 62 -0.49 3.80 7.79
C ASP A 62 0.61 2.74 7.75
N TYR A 63 1.82 3.15 7.33
CA TYR A 63 2.94 2.23 7.26
C TYR A 63 4.17 2.81 7.97
N HIS A 64 4.78 2.01 8.84
CA HIS A 64 5.96 2.45 9.58
C HIS A 64 7.21 1.77 9.03
N LEU A 65 8.10 2.56 8.45
CA LEU A 65 9.34 2.04 7.88
C LEU A 65 10.48 2.12 8.89
N GLY A 66 10.88 3.34 9.22
CA GLY A 66 11.95 3.55 10.18
C GLY A 66 12.26 5.01 10.39
N ASN A 67 13.19 5.54 9.60
CA ASN A 67 13.57 6.95 9.71
C ASN A 67 14.72 7.27 8.74
N ILE A 68 14.54 6.96 7.47
CA ILE A 68 15.55 7.23 6.47
C ILE A 68 15.47 8.68 5.97
N SER A 69 16.63 9.33 5.88
CA SER A 69 16.69 10.71 5.43
C SER A 69 16.23 10.84 3.98
N ARG A 70 16.49 9.82 3.17
CA ARG A 70 16.10 9.85 1.77
C ARG A 70 14.59 9.79 1.60
N LEU A 71 13.89 9.26 2.60
CA LEU A 71 12.43 9.16 2.55
C LEU A 71 11.77 10.22 3.42
N SER A 72 10.55 10.60 3.05
CA SER A 72 9.81 11.62 3.78
C SER A 72 8.86 11.02 4.82
N ASN A 73 8.33 11.88 5.70
CA ASN A 73 7.38 11.45 6.74
C ASN A 73 6.37 10.48 6.15
N LYS A 74 5.73 10.93 5.08
CA LYS A 74 4.76 10.13 4.34
C LYS A 74 5.29 10.01 2.93
N HIS A 75 6.18 9.05 2.73
CA HIS A 75 6.82 8.86 1.45
C HIS A 75 5.84 8.63 0.32
N PHE A 76 4.87 7.77 0.57
CA PHE A 76 3.87 7.48 -0.45
C PHE A 76 2.51 7.16 0.15
N GLN A 77 1.47 7.30 -0.66
CA GLN A 77 0.10 7.06 -0.21
C GLN A 77 -0.68 6.24 -1.24
N ILE A 78 -1.50 5.30 -0.77
CA ILE A 78 -2.30 4.48 -1.67
C ILE A 78 -3.79 4.74 -1.46
N LEU A 79 -4.52 5.04 -2.54
CA LEU A 79 -5.94 5.33 -2.44
C LEU A 79 -6.77 4.26 -3.14
N LEU A 80 -7.92 3.94 -2.56
CA LEU A 80 -8.82 2.95 -3.13
C LEU A 80 -10.21 3.55 -3.31
N GLY A 81 -10.71 3.51 -4.54
CA GLY A 81 -12.02 4.06 -4.84
C GLY A 81 -12.02 4.93 -6.08
N GLU A 82 -12.51 4.37 -7.18
CA GLU A 82 -12.57 5.12 -8.44
C GLU A 82 -13.59 4.50 -9.39
N ASP A 83 -13.56 3.17 -9.51
CA ASP A 83 -14.48 2.47 -10.39
C ASP A 83 -14.49 0.97 -10.07
N GLY A 84 -13.31 0.40 -9.87
CA GLY A 84 -13.21 -1.01 -9.57
C GLY A 84 -11.77 -1.48 -9.51
N ASN A 85 -10.91 -0.68 -8.88
CA ASN A 85 -9.49 -1.03 -8.75
C ASN A 85 -8.81 -0.16 -7.71
N LEU A 86 -7.50 -0.33 -7.57
CA LEU A 86 -6.73 0.44 -6.60
C LEU A 86 -5.85 1.48 -7.30
N LEU A 87 -5.43 2.49 -6.57
CA LEU A 87 -4.59 3.54 -7.12
C LEU A 87 -3.39 3.80 -6.22
N LEU A 88 -2.26 4.16 -6.82
CA LEU A 88 -1.04 4.44 -6.07
C LEU A 88 -0.69 5.92 -6.16
N ASN A 89 -0.53 6.56 -5.01
CA ASN A 89 -0.22 7.99 -4.99
C ASN A 89 1.10 8.26 -4.27
N ASP A 90 2.08 8.76 -5.00
CA ASP A 90 3.37 9.10 -4.42
C ASP A 90 3.27 10.43 -3.68
N ILE A 91 3.89 10.51 -2.50
CA ILE A 91 3.83 11.74 -1.71
C ILE A 91 5.17 12.07 -1.06
N SER A 92 6.26 11.53 -1.62
CA SER A 92 7.57 11.76 -1.07
C SER A 92 8.27 12.96 -1.70
N THR A 93 9.17 13.53 -0.93
CA THR A 93 9.96 14.67 -1.38
C THR A 93 10.97 14.23 -2.45
N ASN A 94 11.72 13.20 -2.12
CA ASN A 94 12.75 12.67 -3.03
C ASN A 94 12.13 11.91 -4.20
N GLY A 95 10.81 11.75 -4.19
CA GLY A 95 10.16 11.05 -5.26
C GLY A 95 9.89 9.58 -4.96
N THR A 96 8.90 9.04 -5.64
CA THR A 96 8.52 7.63 -5.49
C THR A 96 8.72 6.92 -6.83
N TRP A 97 9.26 5.71 -6.79
CA TRP A 97 9.53 4.98 -8.01
C TRP A 97 8.69 3.73 -8.17
N LEU A 98 8.39 3.42 -9.43
CA LEU A 98 7.65 2.23 -9.78
C LEU A 98 8.48 1.41 -10.77
N ASN A 99 8.92 0.24 -10.34
CA ASN A 99 9.74 -0.64 -11.16
C ASN A 99 10.84 0.11 -11.89
N GLY A 100 11.52 1.02 -11.19
CA GLY A 100 12.61 1.77 -11.78
C GLY A 100 12.15 3.00 -12.53
N GLN A 101 10.84 3.18 -12.67
CA GLN A 101 10.31 4.34 -13.37
C GLN A 101 9.77 5.36 -12.38
N LYS A 102 10.36 6.55 -12.37
CA LYS A 102 9.96 7.61 -11.49
C LYS A 102 8.65 8.24 -11.93
N VAL A 103 7.64 8.15 -11.07
CA VAL A 103 6.33 8.71 -11.36
C VAL A 103 6.18 10.11 -10.75
N GLU A 104 5.24 10.88 -11.28
CA GLU A 104 5.01 12.23 -10.77
C GLU A 104 4.38 12.16 -9.39
N LYS A 105 4.90 12.96 -8.46
CA LYS A 105 4.37 12.97 -7.10
C LYS A 105 2.87 13.25 -7.09
N ASN A 106 2.24 13.00 -5.95
CA ASN A 106 0.81 13.20 -5.76
C ASN A 106 0.00 12.86 -7.00
N SER A 107 0.45 11.85 -7.73
CA SER A 107 -0.26 11.41 -8.94
C SER A 107 -0.84 10.02 -8.73
N ASN A 108 -2.01 9.78 -9.32
CA ASN A 108 -2.67 8.48 -9.20
C ASN A 108 -2.16 7.51 -10.27
N GLN A 109 -1.89 6.28 -9.85
CA GLN A 109 -1.42 5.24 -10.77
C GLN A 109 -2.26 3.99 -10.63
N LEU A 110 -2.50 3.31 -11.74
CA LEU A 110 -3.29 2.09 -11.73
C LEU A 110 -2.50 0.96 -11.09
N LEU A 111 -3.13 0.25 -10.15
CA LEU A 111 -2.47 -0.84 -9.46
C LEU A 111 -2.00 -1.91 -10.43
N SER A 112 -0.95 -2.59 -10.01
CA SER A 112 -0.34 -3.66 -10.80
C SER A 112 -0.26 -4.94 -9.98
N GLN A 113 -0.28 -6.09 -10.65
CA GLN A 113 -0.19 -7.37 -9.96
C GLN A 113 1.22 -7.58 -9.43
N GLY A 114 1.35 -7.68 -8.11
CA GLY A 114 2.65 -7.86 -7.51
C GLY A 114 3.57 -6.68 -7.79
N ASP A 115 2.96 -5.51 -8.03
CA ASP A 115 3.71 -4.30 -8.32
C ASP A 115 4.78 -4.04 -7.27
N GLU A 116 5.67 -3.11 -7.58
CA GLU A 116 6.75 -2.76 -6.67
C GLU A 116 7.08 -1.27 -6.75
N ILE A 117 7.25 -0.63 -5.59
CA ILE A 117 7.57 0.78 -5.54
C ILE A 117 8.92 0.99 -4.89
N THR A 118 9.78 1.75 -5.56
CA THR A 118 11.11 2.03 -5.05
C THR A 118 11.16 3.46 -4.51
N VAL A 119 11.83 3.65 -3.39
CA VAL A 119 11.91 4.97 -2.78
C VAL A 119 13.29 5.27 -2.21
N GLY A 120 13.57 6.56 -2.07
CA GLY A 120 14.84 6.99 -1.53
C GLY A 120 15.89 7.12 -2.63
N VAL A 121 15.43 7.45 -3.83
CA VAL A 121 16.31 7.60 -4.96
C VAL A 121 17.09 8.90 -4.91
N GLY A 122 18.35 8.80 -5.29
CA GLY A 122 19.24 9.93 -5.29
C GLY A 122 20.63 9.46 -4.94
N VAL A 123 20.67 8.52 -4.01
CA VAL A 123 21.90 7.92 -3.57
C VAL A 123 21.82 6.42 -3.84
N GLU A 124 22.73 5.90 -4.66
CA GLU A 124 22.73 4.49 -5.01
C GLU A 124 22.67 3.59 -3.79
N SER A 125 23.24 4.06 -2.68
CA SER A 125 23.26 3.31 -1.45
C SER A 125 22.09 3.65 -0.52
N ASP A 126 21.14 4.46 -0.98
CA ASP A 126 20.02 4.83 -0.14
C ASP A 126 18.66 4.65 -0.78
N ILE A 127 18.54 3.62 -1.59
CA ILE A 127 17.28 3.31 -2.23
C ILE A 127 16.63 2.09 -1.59
N LEU A 128 15.34 2.17 -1.40
CA LEU A 128 14.57 1.08 -0.80
C LEU A 128 13.41 0.67 -1.69
N SER A 129 13.23 -0.64 -1.88
CA SER A 129 12.15 -1.13 -2.73
C SER A 129 11.05 -1.79 -1.91
N LEU A 130 9.84 -1.70 -2.45
CA LEU A 130 8.66 -2.29 -1.82
C LEU A 130 7.80 -3.01 -2.84
N VAL A 131 7.13 -4.08 -2.43
CA VAL A 131 6.28 -4.84 -3.32
C VAL A 131 4.82 -4.81 -2.85
N ILE A 132 3.90 -4.70 -3.79
CA ILE A 132 2.49 -4.65 -3.50
C ILE A 132 1.80 -5.95 -3.87
N PHE A 133 1.11 -6.55 -2.90
CA PHE A 133 0.40 -7.80 -3.13
C PHE A 133 -1.11 -7.57 -3.08
N ILE A 134 -1.79 -7.83 -4.19
CA ILE A 134 -3.24 -7.64 -4.27
C ILE A 134 -3.98 -8.88 -3.74
N ASN A 135 -4.98 -8.64 -2.91
CA ASN A 135 -5.77 -9.73 -2.34
C ASN A 135 -6.83 -10.20 -3.33
N ASP A 136 -6.65 -11.40 -3.87
CA ASP A 136 -7.59 -11.96 -4.84
C ASP A 136 -8.97 -12.13 -4.22
N LYS A 137 -9.00 -12.43 -2.92
CA LYS A 137 -10.26 -12.62 -2.22
C LYS A 137 -11.11 -11.36 -2.28
N PHE A 138 -10.47 -10.22 -2.02
CA PHE A 138 -11.16 -8.94 -2.03
C PHE A 138 -11.77 -8.66 -3.41
N LYS A 139 -10.98 -8.93 -4.46
CA LYS A 139 -11.44 -8.70 -5.82
C LYS A 139 -12.60 -9.63 -6.17
N GLN A 140 -12.52 -10.88 -5.70
CA GLN A 140 -13.57 -11.85 -5.96
C GLN A 140 -14.91 -11.40 -5.37
N CYS A 141 -14.85 -10.83 -4.16
CA CYS A 141 -16.05 -10.35 -3.49
C CYS A 141 -16.74 -9.27 -4.31
N LEU A 142 -15.96 -8.32 -4.80
CA LEU A 142 -16.49 -7.22 -5.61
C LEU A 142 -17.12 -7.75 -6.90
N GLU A 143 -16.41 -8.64 -7.57
CA GLU A 143 -16.89 -9.23 -8.82
C GLU A 143 -18.06 -10.17 -8.55
N GLN A 144 -17.99 -10.89 -7.45
CA GLN A 144 -19.05 -11.83 -7.08
C GLN A 144 -20.32 -11.10 -6.66
N ASN A 145 -20.19 -9.79 -6.41
CA ASN A 145 -21.34 -8.99 -6.01
C ASN A 145 -21.46 -7.73 -6.88
N LYS A 146 -22.49 -6.94 -6.61
CA LYS A 146 -22.72 -5.71 -7.38
C LYS A 146 -22.80 -4.50 -6.45
N VAL A 147 -22.24 -3.38 -6.89
CA VAL A 147 -22.24 -2.16 -6.10
C VAL A 147 -23.61 -1.47 -6.16
N ASP A 148 -24.06 -0.97 -5.01
CA ASP A 148 -25.33 -0.28 -4.94
C ASP A 148 -26.48 -1.22 -5.33
N ARG A 149 -27.68 -0.87 -4.91
CA ARG A 149 -28.87 -1.68 -5.21
C ARG A 149 -30.11 -0.81 -5.33
N ILE A 150 -30.95 -1.13 -6.31
CA ILE A 150 -32.17 -0.37 -6.54
C ILE A 150 -33.37 -1.08 -5.92
N ARG A 151 -33.94 -0.47 -4.88
CA ARG A 151 -35.10 -1.04 -4.20
C ARG A 151 -36.05 0.05 -3.74
N ASN B 1 22.20 19.74 14.43
CA ASN B 1 20.74 19.65 14.18
C ASN B 1 20.40 18.41 13.34
N ASP B 2 19.16 17.94 13.45
CA ASP B 2 18.72 16.78 12.71
C ASP B 2 17.50 17.11 11.84
N PRO B 3 17.72 17.80 10.71
CA PRO B 3 16.63 18.18 9.80
C PRO B 3 15.79 16.99 9.39
N ASP B 4 14.73 17.26 8.62
CA ASP B 4 13.83 16.21 8.15
C ASP B 4 13.72 16.24 6.63
N TPO B 5 13.74 15.05 6.02
CA TPO B 5 13.64 14.93 4.57
CB TPO B 5 12.32 15.56 4.05
CG2 TPO B 5 12.24 15.46 2.54
OG1 TPO B 5 11.23 14.90 4.62
P TPO B 5 10.10 15.77 5.26
O1P TPO B 5 9.11 16.03 4.10
O2P TPO B 5 9.43 14.85 6.31
O3P TPO B 5 10.62 17.05 5.85
C TPO B 5 14.82 15.62 3.89
O TPO B 5 15.48 16.48 4.47
H2 TPO B 5 13.83 14.24 6.56
HA TPO B 5 13.64 13.89 4.32
HB TPO B 5 12.30 16.60 4.33
HG21 TPO B 5 11.26 15.79 2.21
HG22 TPO B 5 12.40 14.44 2.23
HG23 TPO B 5 12.98 16.10 2.10
N LEU B 6 15.09 15.22 2.65
CA LEU B 6 16.20 15.80 1.88
C LEU B 6 16.28 15.18 0.50
N GLU B 7 17.27 15.62 -0.28
CA GLU B 7 17.46 15.12 -1.63
C GLU B 7 18.95 14.94 -1.94
N ILE B 8 19.56 13.93 -1.33
CA ILE B 8 20.98 13.63 -1.51
C ILE B 8 21.86 14.86 -1.30
N TYR B 9 23.13 14.62 -1.00
CA TYR B 9 24.09 15.70 -0.77
C TYR B 9 24.14 16.64 -1.99
N SER B 10 23.30 17.67 -1.98
CA SER B 10 23.25 18.64 -3.07
C SER B 10 23.60 20.03 -2.57
N ALA A 1 14.21 -21.27 3.55
CA ALA A 1 14.07 -20.91 4.96
C ALA A 1 13.36 -22.00 5.74
N THR A 2 13.47 -21.93 7.06
CA THR A 2 12.84 -22.93 7.94
C THR A 2 12.14 -22.25 9.11
N GLN A 3 12.82 -21.30 9.74
CA GLN A 3 12.26 -20.58 10.87
C GLN A 3 10.98 -19.85 10.48
N ARG A 4 11.01 -19.17 9.34
CA ARG A 4 9.85 -18.44 8.85
C ARG A 4 8.66 -19.36 8.66
N PHE A 5 8.92 -20.55 8.10
CA PHE A 5 7.86 -21.52 7.85
C PHE A 5 7.19 -21.94 9.15
N LEU A 6 7.99 -22.08 10.21
CA LEU A 6 7.47 -22.46 11.52
C LEU A 6 6.45 -21.44 12.03
N ILE A 7 6.76 -20.16 11.84
CA ILE A 7 5.88 -19.09 12.28
C ILE A 7 4.63 -19.01 11.41
N GLU A 8 4.78 -19.30 10.13
CA GLU A 8 3.66 -19.26 9.20
C GLU A 8 2.55 -20.19 9.67
N LYS A 9 2.95 -21.32 10.26
CA LYS A 9 1.98 -22.29 10.77
C LYS A 9 1.22 -21.73 11.96
N PHE A 10 1.81 -20.75 12.63
CA PHE A 10 1.20 -20.12 13.80
C PHE A 10 -0.17 -19.54 13.44
N SER A 11 -0.23 -18.82 12.35
CA SER A 11 -1.48 -18.21 11.89
C SER A 11 -2.47 -19.28 11.46
N GLN A 12 -1.97 -20.33 10.83
CA GLN A 12 -2.81 -21.43 10.36
C GLN A 12 -3.78 -20.96 9.27
N GLU A 13 -4.84 -20.29 9.68
CA GLU A 13 -5.84 -19.79 8.74
C GLU A 13 -5.23 -18.72 7.82
N GLN A 14 -5.60 -18.77 6.55
CA GLN A 14 -5.09 -17.81 5.57
C GLN A 14 -5.68 -16.42 5.82
N ILE A 15 -4.86 -15.40 5.62
CA ILE A 15 -5.30 -14.02 5.84
C ILE A 15 -6.05 -13.49 4.64
N GLY A 16 -7.12 -12.78 4.95
CA GLY A 16 -7.96 -12.20 3.92
C GLY A 16 -9.37 -11.93 4.41
N GLU A 17 -9.50 -11.01 5.37
CA GLU A 17 -10.80 -10.68 5.92
C GLU A 17 -11.47 -9.56 5.13
N ASN A 18 -10.68 -8.61 4.64
CA ASN A 18 -11.19 -7.49 3.88
C ASN A 18 -10.01 -6.66 3.42
N ILE A 19 -8.95 -7.39 3.08
CA ILE A 19 -7.73 -6.80 2.67
C ILE A 19 -7.76 -6.30 1.24
N VAL A 20 -7.24 -5.09 1.06
CA VAL A 20 -7.19 -4.45 -0.21
C VAL A 20 -5.90 -4.79 -0.93
N CYS A 21 -4.79 -4.41 -0.32
CA CYS A 21 -3.47 -4.69 -0.86
C CYS A 21 -2.44 -4.87 0.25
N ARG A 22 -1.38 -5.62 -0.02
CA ARG A 22 -0.34 -5.87 0.98
C ARG A 22 1.01 -5.33 0.53
N VAL A 23 1.73 -4.72 1.46
CA VAL A 23 3.04 -4.16 1.16
C VAL A 23 4.16 -5.06 1.72
N ILE A 24 5.05 -5.49 0.83
CA ILE A 24 6.14 -6.36 1.22
C ILE A 24 7.50 -5.81 0.76
N CYS A 25 8.35 -5.47 1.73
CA CYS A 25 9.68 -4.94 1.43
C CYS A 25 10.63 -6.09 1.07
N THR A 26 11.06 -6.14 -0.19
CA THR A 26 11.95 -7.19 -0.66
C THR A 26 13.41 -6.90 -0.32
N THR A 27 13.74 -5.64 -0.05
CA THR A 27 15.11 -5.28 0.28
C THR A 27 15.45 -5.60 1.73
N GLY A 28 14.46 -6.09 2.47
CA GLY A 28 14.68 -6.45 3.86
C GLY A 28 15.00 -5.24 4.72
N GLN A 29 14.00 -4.42 4.97
CA GLN A 29 14.17 -3.23 5.80
C GLN A 29 12.95 -2.98 6.67
N ILE A 30 11.77 -3.18 6.09
CA ILE A 30 10.52 -2.98 6.81
C ILE A 30 9.71 -4.28 6.87
N PRO A 31 9.04 -4.54 7.99
CA PRO A 31 8.22 -5.75 8.16
C PRO A 31 6.93 -5.69 7.36
N ILE A 32 6.55 -6.80 6.75
CA ILE A 32 5.34 -6.87 5.94
C ILE A 32 4.11 -6.45 6.74
N ARG A 33 3.14 -5.86 6.04
CA ARG A 33 1.90 -5.41 6.65
C ARG A 33 0.73 -5.63 5.70
N ASP A 34 -0.49 -5.57 6.22
CA ASP A 34 -1.67 -5.77 5.39
C ASP A 34 -2.61 -4.57 5.43
N LEU A 35 -2.84 -3.99 4.25
CA LEU A 35 -3.75 -2.85 4.12
C LEU A 35 -5.15 -3.36 3.78
N SER A 36 -6.17 -2.80 4.40
CA SER A 36 -7.53 -3.26 4.12
C SER A 36 -8.57 -2.17 4.14
N ALA A 37 -9.67 -2.48 3.47
CA ALA A 37 -10.80 -1.57 3.39
C ALA A 37 -12.12 -2.34 3.38
N ASP A 38 -13.15 -1.75 3.99
CA ASP A 38 -14.46 -2.39 4.06
C ASP A 38 -15.18 -2.31 2.72
N ILE A 39 -15.28 -3.46 2.06
CA ILE A 39 -15.93 -3.53 0.75
C ILE A 39 -17.42 -3.21 0.82
N SER A 40 -18.09 -3.73 1.85
CA SER A 40 -19.52 -3.51 2.03
C SER A 40 -19.84 -2.03 2.10
N GLN A 41 -19.00 -1.31 2.82
CA GLN A 41 -19.16 0.14 3.00
C GLN A 41 -18.91 0.87 1.70
N VAL A 42 -17.95 0.38 0.91
CA VAL A 42 -17.61 0.99 -0.37
C VAL A 42 -18.74 0.79 -1.37
N LEU A 43 -19.35 -0.38 -1.34
CA LEU A 43 -20.46 -0.71 -2.24
C LEU A 43 -21.68 0.17 -1.95
N LYS A 44 -21.97 0.35 -0.68
CA LYS A 44 -23.11 1.16 -0.26
C LYS A 44 -22.88 2.63 -0.57
N GLU A 45 -21.62 3.06 -0.46
CA GLU A 45 -21.26 4.45 -0.72
C GLU A 45 -21.04 4.67 -2.20
N LYS A 46 -21.80 5.61 -2.77
CA LYS A 46 -21.69 5.93 -4.19
C LYS A 46 -20.82 7.16 -4.41
N ARG A 47 -19.82 7.33 -3.54
CA ARG A 47 -18.92 8.47 -3.63
C ARG A 47 -17.51 8.02 -4.02
N SER A 48 -16.59 8.97 -4.09
CA SER A 48 -15.20 8.68 -4.44
C SER A 48 -14.32 8.61 -3.20
N ILE A 49 -13.03 8.32 -3.41
CA ILE A 49 -12.06 8.21 -2.32
C ILE A 49 -12.67 7.60 -1.05
N LYS A 50 -12.49 6.29 -0.90
CA LYS A 50 -13.02 5.58 0.26
C LYS A 50 -12.01 5.56 1.39
N LYS A 51 -10.95 4.76 1.22
CA LYS A 51 -9.91 4.64 2.24
C LYS A 51 -8.53 4.80 1.62
N VAL A 52 -7.65 5.53 2.31
CA VAL A 52 -6.31 5.75 1.82
C VAL A 52 -5.25 5.55 2.90
N TRP A 53 -4.16 4.93 2.49
CA TRP A 53 -3.02 4.66 3.39
C TRP A 53 -1.86 5.60 3.12
N THR A 54 -1.22 6.08 4.19
CA THR A 54 -0.04 6.93 4.05
C THR A 54 1.16 6.23 4.64
N PHE A 55 2.22 6.12 3.84
CA PHE A 55 3.44 5.44 4.26
C PHE A 55 4.57 6.42 4.52
N GLY A 56 5.41 6.09 5.49
CA GLY A 56 6.54 6.94 5.83
C GLY A 56 7.15 6.61 7.17
N ARG A 57 8.19 7.34 7.55
CA ARG A 57 8.86 7.11 8.83
C ARG A 57 8.07 7.71 9.99
N ASN A 58 6.95 8.36 9.69
CA ASN A 58 6.13 8.97 10.71
C ASN A 58 5.16 7.97 11.32
N PRO A 59 5.00 7.98 12.65
CA PRO A 59 4.09 7.07 13.36
C PRO A 59 2.63 7.39 13.08
N ALA A 60 2.40 8.48 12.36
CA ALA A 60 1.06 8.89 11.99
C ALA A 60 0.64 8.12 10.78
N CYS A 61 1.55 8.09 9.83
CA CYS A 61 1.36 7.39 8.59
C CYS A 61 0.76 6.03 8.84
N ASP A 62 -0.19 5.67 8.02
CA ASP A 62 -0.84 4.38 8.14
C ASP A 62 0.20 3.26 8.08
N TYR A 63 1.38 3.58 7.56
CA TYR A 63 2.46 2.61 7.45
C TYR A 63 3.76 3.18 8.03
N HIS A 64 4.35 2.46 8.98
CA HIS A 64 5.58 2.91 9.60
C HIS A 64 6.79 2.20 8.98
N LEU A 65 7.63 2.98 8.29
CA LEU A 65 8.82 2.43 7.65
C LEU A 65 9.96 2.30 8.65
N GLY A 66 10.48 3.44 9.07
CA GLY A 66 11.59 3.44 10.02
C GLY A 66 12.12 4.84 10.29
N ASN A 67 13.12 5.25 9.51
CA ASN A 67 13.71 6.57 9.67
C ASN A 67 14.82 6.80 8.64
N ILE A 68 14.48 6.61 7.36
CA ILE A 68 15.44 6.81 6.28
C ILE A 68 15.44 8.25 5.79
N SER A 69 16.62 8.87 5.81
CA SER A 69 16.76 10.26 5.38
C SER A 69 16.24 10.44 3.94
N ARG A 70 16.55 9.48 3.08
CA ARG A 70 16.12 9.53 1.70
C ARG A 70 14.60 9.53 1.58
N LEU A 71 13.93 9.10 2.65
CA LEU A 71 12.47 9.06 2.65
C LEU A 71 11.87 10.20 3.47
N SER A 72 10.67 10.61 3.09
CA SER A 72 9.99 11.71 3.80
C SER A 72 9.02 11.20 4.86
N ASN A 73 8.51 12.12 5.70
CA ASN A 73 7.56 11.76 6.75
C ASN A 73 6.52 10.79 6.20
N LYS A 74 5.85 11.23 5.15
CA LYS A 74 4.86 10.43 4.44
C LYS A 74 5.38 10.25 3.03
N HIS A 75 6.22 9.24 2.86
CA HIS A 75 6.86 8.98 1.60
C HIS A 75 5.87 8.71 0.48
N PHE A 76 4.89 7.88 0.75
CA PHE A 76 3.90 7.56 -0.27
C PHE A 76 2.53 7.25 0.34
N GLN A 77 1.49 7.37 -0.47
CA GLN A 77 0.13 7.13 0.00
C GLN A 77 -0.68 6.32 -1.01
N ILE A 78 -1.47 5.35 -0.51
CA ILE A 78 -2.30 4.53 -1.39
C ILE A 78 -3.78 4.80 -1.14
N LEU A 79 -4.55 5.07 -2.20
CA LEU A 79 -5.97 5.34 -2.04
C LEU A 79 -6.83 4.39 -2.87
N LEU A 80 -7.98 4.04 -2.34
CA LEU A 80 -8.92 3.15 -3.01
C LEU A 80 -10.29 3.81 -3.13
N GLY A 81 -10.79 3.94 -4.36
CA GLY A 81 -12.09 4.55 -4.57
C GLY A 81 -13.04 3.66 -5.33
N GLU A 82 -14.16 4.23 -5.78
CA GLU A 82 -15.16 3.48 -6.52
C GLU A 82 -14.71 3.24 -7.96
N ASP A 83 -14.41 1.98 -8.28
CA ASP A 83 -13.97 1.63 -9.62
C ASP A 83 -13.73 0.12 -9.73
N GLY A 84 -13.17 -0.46 -8.67
CA GLY A 84 -12.90 -1.88 -8.67
C GLY A 84 -11.43 -2.20 -8.41
N ASN A 85 -10.56 -1.23 -8.73
CA ASN A 85 -9.13 -1.42 -8.53
C ASN A 85 -8.60 -0.46 -7.47
N LEU A 86 -7.29 -0.51 -7.24
CA LEU A 86 -6.66 0.35 -6.25
C LEU A 86 -5.82 1.44 -6.93
N LEU A 87 -5.53 2.50 -6.19
CA LEU A 87 -4.73 3.60 -6.73
C LEU A 87 -3.52 3.85 -5.85
N LEU A 88 -2.40 4.18 -6.48
CA LEU A 88 -1.16 4.45 -5.75
C LEU A 88 -0.78 5.92 -5.88
N ASN A 89 -0.62 6.60 -4.75
CA ASN A 89 -0.27 8.01 -4.77
C ASN A 89 1.06 8.27 -4.09
N ASP A 90 2.02 8.73 -4.87
CA ASP A 90 3.34 9.05 -4.33
C ASP A 90 3.29 10.41 -3.62
N ILE A 91 3.96 10.52 -2.48
CA ILE A 91 3.96 11.78 -1.73
C ILE A 91 5.31 12.05 -1.07
N SER A 92 6.37 11.52 -1.65
CA SER A 92 7.70 11.69 -1.12
C SER A 92 8.42 12.90 -1.71
N THR A 93 9.37 13.40 -0.95
CA THR A 93 10.18 14.54 -1.35
C THR A 93 11.12 14.13 -2.48
N ASN A 94 11.88 13.05 -2.25
CA ASN A 94 12.84 12.54 -3.21
C ASN A 94 12.17 11.77 -4.35
N GLY A 95 10.86 11.63 -4.29
CA GLY A 95 10.14 10.93 -5.33
C GLY A 95 9.90 9.46 -5.00
N THR A 96 8.87 8.91 -5.65
CA THR A 96 8.49 7.52 -5.48
C THR A 96 8.63 6.80 -6.81
N TRP A 97 9.17 5.59 -6.78
CA TRP A 97 9.39 4.84 -8.01
C TRP A 97 8.54 3.58 -8.13
N LEU A 98 8.21 3.26 -9.36
CA LEU A 98 7.45 2.06 -9.67
C LEU A 98 8.23 1.23 -10.66
N ASN A 99 8.68 0.06 -10.22
CA ASN A 99 9.46 -0.85 -11.06
C ASN A 99 10.55 -0.12 -11.85
N GLY A 100 11.25 0.80 -11.21
CA GLY A 100 12.32 1.51 -11.87
C GLY A 100 11.85 2.75 -12.61
N GLN A 101 10.53 2.91 -12.75
CA GLN A 101 9.99 4.07 -13.44
C GLN A 101 9.44 5.07 -12.44
N LYS A 102 10.02 6.26 -12.43
CA LYS A 102 9.62 7.31 -11.53
C LYS A 102 8.26 7.90 -11.93
N VAL A 103 7.25 7.67 -11.09
CA VAL A 103 5.92 8.18 -11.35
C VAL A 103 5.77 9.61 -10.86
N GLU A 104 4.75 10.30 -11.35
CA GLU A 104 4.51 11.68 -10.95
C GLU A 104 4.06 11.76 -9.50
N LYS A 105 4.72 12.60 -8.70
CA LYS A 105 4.37 12.74 -7.30
C LYS A 105 2.89 13.09 -7.17
N ASN A 106 2.36 12.87 -5.96
CA ASN A 106 0.96 13.14 -5.65
C ASN A 106 0.03 12.83 -6.83
N SER A 107 0.41 11.82 -7.59
CA SER A 107 -0.38 11.38 -8.74
C SER A 107 -0.96 10.00 -8.49
N ASN A 108 -2.18 9.77 -9.00
CA ASN A 108 -2.83 8.48 -8.83
C ASN A 108 -2.53 7.54 -10.00
N GLN A 109 -2.16 6.31 -9.67
CA GLN A 109 -1.86 5.31 -10.68
C GLN A 109 -2.61 4.02 -10.41
N LEU A 110 -2.92 3.28 -11.47
CA LEU A 110 -3.64 2.02 -11.33
C LEU A 110 -2.73 0.96 -10.74
N LEU A 111 -3.25 0.19 -9.79
CA LEU A 111 -2.47 -0.85 -9.13
C LEU A 111 -2.06 -1.93 -10.11
N SER A 112 -0.95 -2.59 -9.76
CA SER A 112 -0.41 -3.67 -10.58
C SER A 112 -0.25 -4.93 -9.74
N GLN A 113 -0.30 -6.09 -10.39
CA GLN A 113 -0.16 -7.36 -9.67
C GLN A 113 1.28 -7.55 -9.22
N GLY A 114 1.46 -7.73 -7.92
CA GLY A 114 2.79 -7.91 -7.37
C GLY A 114 3.70 -6.73 -7.68
N ASP A 115 3.09 -5.58 -7.94
CA ASP A 115 3.84 -4.37 -8.26
C ASP A 115 4.91 -4.11 -7.21
N GLU A 116 5.78 -3.15 -7.50
CA GLU A 116 6.85 -2.79 -6.57
C GLU A 116 7.15 -1.31 -6.62
N ILE A 117 7.30 -0.70 -5.45
CA ILE A 117 7.61 0.72 -5.36
C ILE A 117 9.01 0.94 -4.80
N THR A 118 9.81 1.71 -5.53
CA THR A 118 11.18 1.99 -5.10
C THR A 118 11.25 3.42 -4.58
N VAL A 119 12.00 3.63 -3.51
CA VAL A 119 12.11 4.96 -2.93
C VAL A 119 13.52 5.28 -2.46
N GLY A 120 13.81 6.57 -2.33
CA GLY A 120 15.11 7.01 -1.89
C GLY A 120 16.10 7.10 -3.04
N VAL A 121 15.57 7.37 -4.22
CA VAL A 121 16.39 7.48 -5.40
C VAL A 121 17.19 8.77 -5.43
N GLY A 122 18.43 8.64 -5.89
CA GLY A 122 19.34 9.75 -5.95
C GLY A 122 20.72 9.28 -5.56
N VAL A 123 20.76 8.46 -4.52
CA VAL A 123 21.97 7.88 -4.03
C VAL A 123 21.88 6.36 -4.19
N GLU A 124 22.84 5.78 -4.88
CA GLU A 124 22.84 4.34 -5.12
C GLU A 124 22.63 3.53 -3.84
N SER A 125 23.18 4.03 -2.73
CA SER A 125 23.08 3.35 -1.47
C SER A 125 21.90 3.82 -0.62
N ASP A 126 21.03 4.68 -1.17
CA ASP A 126 19.90 5.18 -0.39
C ASP A 126 18.55 4.88 -1.01
N ILE A 127 18.48 3.80 -1.74
CA ILE A 127 17.23 3.38 -2.34
C ILE A 127 16.66 2.15 -1.65
N LEU A 128 15.36 2.19 -1.46
CA LEU A 128 14.62 1.10 -0.81
C LEU A 128 13.49 0.63 -1.71
N SER A 129 13.33 -0.68 -1.86
CA SER A 129 12.26 -1.20 -2.71
C SER A 129 11.14 -1.84 -1.90
N LEU A 130 9.95 -1.77 -2.46
CA LEU A 130 8.76 -2.31 -1.84
C LEU A 130 7.93 -3.09 -2.85
N VAL A 131 7.20 -4.09 -2.38
CA VAL A 131 6.36 -4.90 -3.26
C VAL A 131 4.90 -4.86 -2.81
N ILE A 132 4.00 -4.67 -3.77
CA ILE A 132 2.59 -4.60 -3.48
C ILE A 132 1.87 -5.88 -3.92
N PHE A 133 1.20 -6.53 -2.98
CA PHE A 133 0.47 -7.76 -3.27
C PHE A 133 -1.04 -7.53 -3.18
N ILE A 134 -1.73 -7.75 -4.29
CA ILE A 134 -3.18 -7.55 -4.34
C ILE A 134 -3.91 -8.79 -3.85
N ASN A 135 -4.92 -8.58 -3.01
CA ASN A 135 -5.71 -9.68 -2.47
C ASN A 135 -6.75 -10.13 -3.48
N ASP A 136 -6.63 -11.37 -3.95
CA ASP A 136 -7.56 -11.93 -4.91
C ASP A 136 -8.99 -11.90 -4.39
N LYS A 137 -9.14 -12.04 -3.07
CA LYS A 137 -10.44 -12.03 -2.44
C LYS A 137 -11.15 -10.70 -2.70
N PHE A 138 -10.43 -9.61 -2.51
CA PHE A 138 -10.98 -8.28 -2.72
C PHE A 138 -11.45 -8.10 -4.16
N LYS A 139 -10.63 -8.55 -5.10
CA LYS A 139 -10.95 -8.44 -6.52
C LYS A 139 -12.16 -9.28 -6.87
N GLN A 140 -12.15 -10.55 -6.44
CA GLN A 140 -13.26 -11.46 -6.71
C GLN A 140 -14.56 -10.93 -6.13
N CYS A 141 -14.47 -10.33 -4.95
CA CYS A 141 -15.65 -9.78 -4.29
C CYS A 141 -16.31 -8.70 -5.15
N LEU A 142 -15.49 -7.80 -5.67
CA LEU A 142 -15.98 -6.72 -6.52
C LEU A 142 -16.50 -7.26 -7.85
N GLU A 143 -15.74 -8.17 -8.45
CA GLU A 143 -16.12 -8.77 -9.72
C GLU A 143 -17.47 -9.48 -9.61
N GLN A 144 -17.72 -10.08 -8.45
CA GLN A 144 -18.97 -10.80 -8.22
C GLN A 144 -20.09 -9.84 -7.83
N ASN A 145 -19.71 -8.74 -7.17
CA ASN A 145 -20.68 -7.75 -6.74
C ASN A 145 -20.35 -6.38 -7.33
N LYS A 146 -20.75 -6.15 -8.58
CA LYS A 146 -20.50 -4.89 -9.25
C LYS A 146 -21.25 -3.75 -8.58
N VAL A 147 -20.74 -2.53 -8.73
CA VAL A 147 -21.36 -1.36 -8.13
C VAL A 147 -22.61 -0.95 -8.92
N ASP A 148 -23.73 -0.85 -8.22
CA ASP A 148 -24.99 -0.47 -8.85
C ASP A 148 -25.67 0.66 -8.07
N ARG A 149 -26.85 1.06 -8.52
CA ARG A 149 -27.60 2.13 -7.87
C ARG A 149 -28.67 1.56 -6.94
N ILE A 150 -28.36 0.43 -6.32
CA ILE A 150 -29.29 -0.23 -5.40
C ILE A 150 -28.99 0.14 -3.96
N ARG A 151 -29.89 0.91 -3.35
CA ARG A 151 -29.72 1.33 -1.97
C ARG A 151 -30.80 0.73 -1.07
N ASN B 1 8.60 29.36 7.71
CA ASN B 1 8.18 27.97 7.41
C ASN B 1 9.09 27.32 6.37
N ASP B 2 9.39 26.04 6.56
CA ASP B 2 10.25 25.32 5.64
C ASP B 2 10.31 23.83 6.01
N PRO B 3 10.19 22.94 5.01
CA PRO B 3 10.22 21.49 5.24
C PRO B 3 11.64 21.00 5.54
N ASP B 4 11.74 20.06 6.49
CA ASP B 4 13.03 19.50 6.88
C ASP B 4 13.22 18.10 6.30
N TPO B 5 13.26 18.03 4.97
CA TPO B 5 13.44 16.75 4.29
CB TPO B 5 12.34 16.52 3.23
CG2 TPO B 5 12.55 15.20 2.50
OG1 TPO B 5 11.07 16.53 3.84
P TPO B 5 10.81 15.53 5.01
O1P TPO B 5 10.95 16.39 6.30
O2P TPO B 5 9.33 15.12 4.84
O3P TPO B 5 11.75 14.37 5.00
C TPO B 5 14.81 16.68 3.63
O TPO B 5 15.36 17.70 3.21
H2 TPO B 5 13.17 18.84 4.44
HA TPO B 5 13.36 15.97 5.03
HB TPO B 5 12.39 17.33 2.51
HG21 TPO B 5 13.07 14.52 3.15
HG22 TPO B 5 13.13 15.37 1.61
HG23 TPO B 5 11.59 14.79 2.24
N LEU B 6 15.36 15.47 3.55
CA LEU B 6 16.67 15.26 2.95
C LEU B 6 16.55 14.98 1.45
N GLU B 7 17.59 15.35 0.70
CA GLU B 7 17.62 15.13 -0.74
C GLU B 7 19.04 14.86 -1.21
N ILE B 8 19.19 13.92 -2.14
CA ILE B 8 20.50 13.57 -2.68
C ILE B 8 21.27 14.80 -3.13
N TYR B 9 22.50 14.92 -2.65
CA TYR B 9 23.36 16.04 -3.01
C TYR B 9 23.72 16.01 -4.49
N SER B 10 24.53 16.97 -4.92
CA SER B 10 24.95 17.05 -6.32
C SER B 10 26.47 16.95 -6.44
N ALA A 1 16.67 -28.57 12.94
CA ALA A 1 15.60 -27.64 12.57
C ALA A 1 14.32 -28.39 12.24
N THR A 2 13.29 -28.19 13.06
CA THR A 2 12.01 -28.85 12.84
C THR A 2 10.85 -27.89 13.08
N GLN A 3 10.85 -27.26 14.25
CA GLN A 3 9.79 -26.31 14.61
C GLN A 3 9.81 -25.12 13.66
N ARG A 4 10.99 -24.74 13.22
CA ARG A 4 11.14 -23.60 12.31
C ARG A 4 10.41 -23.86 11.00
N PHE A 5 10.43 -25.11 10.56
CA PHE A 5 9.77 -25.49 9.32
C PHE A 5 8.26 -25.30 9.42
N LEU A 6 7.70 -25.62 10.57
CA LEU A 6 6.27 -25.48 10.81
C LEU A 6 5.83 -24.03 10.61
N ILE A 7 6.66 -23.10 11.08
CA ILE A 7 6.36 -21.68 10.95
C ILE A 7 6.48 -21.23 9.50
N GLU A 8 7.43 -21.80 8.78
CA GLU A 8 7.64 -21.45 7.38
C GLU A 8 6.36 -21.66 6.58
N LYS A 9 5.58 -22.67 6.96
CA LYS A 9 4.33 -22.98 6.28
C LYS A 9 3.30 -21.86 6.53
N PHE A 10 3.48 -21.12 7.61
CA PHE A 10 2.57 -20.03 7.95
C PHE A 10 2.49 -19.01 6.83
N SER A 11 3.65 -18.62 6.31
CA SER A 11 3.73 -17.64 5.23
C SER A 11 3.01 -18.15 3.98
N GLN A 12 3.06 -19.46 3.75
CA GLN A 12 2.43 -20.06 2.59
C GLN A 12 0.97 -19.62 2.47
N GLU A 13 0.24 -19.71 3.58
CA GLU A 13 -1.16 -19.32 3.60
C GLU A 13 -1.31 -17.84 3.98
N GLN A 14 -1.91 -17.07 3.09
CA GLN A 14 -2.12 -15.64 3.33
C GLN A 14 -3.53 -15.37 3.84
N ILE A 15 -3.62 -14.65 4.95
CA ILE A 15 -4.92 -14.31 5.53
C ILE A 15 -5.54 -13.11 4.86
N GLY A 16 -6.83 -13.22 4.63
CA GLY A 16 -7.57 -12.15 3.99
C GLY A 16 -8.93 -11.91 4.62
N GLU A 17 -8.97 -11.03 5.61
CA GLU A 17 -10.22 -10.71 6.29
C GLU A 17 -11.01 -9.67 5.51
N ASN A 18 -10.28 -8.72 4.92
CA ASN A 18 -10.89 -7.65 4.14
C ASN A 18 -9.78 -6.78 3.60
N ILE A 19 -8.70 -7.44 3.26
CA ILE A 19 -7.51 -6.81 2.79
C ILE A 19 -7.62 -6.33 1.36
N VAL A 20 -7.15 -5.11 1.14
CA VAL A 20 -7.18 -4.47 -0.13
C VAL A 20 -5.87 -4.73 -0.87
N CYS A 21 -4.77 -4.28 -0.27
CA CYS A 21 -3.45 -4.46 -0.84
C CYS A 21 -2.42 -4.66 0.28
N ARG A 22 -1.41 -5.48 0.01
CA ARG A 22 -0.38 -5.78 1.00
C ARG A 22 0.98 -5.23 0.56
N VAL A 23 1.72 -4.64 1.51
CA VAL A 23 3.04 -4.09 1.22
C VAL A 23 4.14 -4.97 1.81
N ILE A 24 5.04 -5.44 0.96
CA ILE A 24 6.12 -6.31 1.40
C ILE A 24 7.48 -5.73 1.00
N CYS A 25 8.33 -5.48 1.99
CA CYS A 25 9.66 -4.94 1.73
C CYS A 25 10.61 -6.05 1.29
N THR A 26 11.16 -5.94 0.09
CA THR A 26 12.07 -6.95 -0.44
C THR A 26 13.53 -6.64 -0.07
N THR A 27 13.81 -5.38 0.22
CA THR A 27 15.18 -4.98 0.58
C THR A 27 15.48 -5.31 2.04
N GLY A 28 14.49 -5.84 2.75
CA GLY A 28 14.68 -6.19 4.14
C GLY A 28 14.99 -5.00 5.01
N GLN A 29 13.97 -4.19 5.27
CA GLN A 29 14.13 -3.00 6.11
C GLN A 29 12.87 -2.73 6.92
N ILE A 30 11.71 -2.97 6.32
CA ILE A 30 10.44 -2.74 6.99
C ILE A 30 9.61 -4.02 7.04
N PRO A 31 8.91 -4.27 8.17
CA PRO A 31 8.09 -5.47 8.32
C PRO A 31 6.81 -5.40 7.49
N ILE A 32 6.43 -6.53 6.89
CA ILE A 32 5.24 -6.60 6.06
C ILE A 32 3.99 -6.15 6.82
N ARG A 33 3.19 -5.31 6.19
CA ARG A 33 1.95 -4.82 6.79
C ARG A 33 0.76 -5.16 5.90
N ASP A 34 -0.44 -5.09 6.46
CA ASP A 34 -1.65 -5.42 5.71
C ASP A 34 -2.61 -4.24 5.60
N LEU A 35 -2.89 -3.83 4.37
CA LEU A 35 -3.80 -2.74 4.10
C LEU A 35 -5.17 -3.32 3.79
N SER A 36 -6.24 -2.78 4.39
CA SER A 36 -7.56 -3.31 4.16
C SER A 36 -8.66 -2.27 4.17
N ALA A 37 -9.75 -2.66 3.54
CA ALA A 37 -10.94 -1.81 3.45
C ALA A 37 -12.21 -2.64 3.52
N ASP A 38 -13.23 -2.13 4.20
CA ASP A 38 -14.49 -2.84 4.34
C ASP A 38 -15.33 -2.71 3.06
N ILE A 39 -16.00 -3.79 2.70
CA ILE A 39 -16.84 -3.83 1.52
C ILE A 39 -18.01 -2.86 1.63
N SER A 40 -18.63 -2.83 2.80
CA SER A 40 -19.77 -1.96 3.05
C SER A 40 -19.41 -0.51 2.77
N GLN A 41 -18.19 -0.15 3.13
CA GLN A 41 -17.71 1.22 2.91
C GLN A 41 -17.53 1.48 1.42
N VAL A 42 -17.09 0.45 0.70
CA VAL A 42 -16.88 0.56 -0.74
C VAL A 42 -18.21 0.59 -1.48
N LEU A 43 -19.14 -0.25 -1.05
CA LEU A 43 -20.46 -0.32 -1.67
C LEU A 43 -21.28 0.93 -1.37
N LYS A 44 -21.06 1.49 -0.17
CA LYS A 44 -21.78 2.69 0.25
C LYS A 44 -21.37 3.89 -0.60
N GLU A 45 -20.08 4.02 -0.85
CA GLU A 45 -19.56 5.13 -1.65
C GLU A 45 -20.09 5.06 -3.08
N LYS A 46 -20.84 6.08 -3.47
CA LYS A 46 -21.41 6.14 -4.81
C LYS A 46 -20.40 6.68 -5.81
N ARG A 47 -19.49 5.80 -6.26
CA ARG A 47 -18.47 6.20 -7.21
C ARG A 47 -17.58 7.31 -6.65
N SER A 48 -16.60 6.93 -5.84
CA SER A 48 -15.70 7.89 -5.23
C SER A 48 -14.62 7.17 -4.41
N ILE A 49 -13.86 7.96 -3.65
CA ILE A 49 -12.80 7.40 -2.80
C ILE A 49 -13.39 6.58 -1.66
N LYS A 50 -12.66 5.55 -1.24
CA LYS A 50 -13.11 4.69 -0.16
C LYS A 50 -12.15 4.77 1.03
N LYS A 51 -10.90 4.38 0.80
CA LYS A 51 -9.89 4.40 1.85
C LYS A 51 -8.49 4.53 1.28
N VAL A 52 -7.69 5.42 1.85
CA VAL A 52 -6.33 5.63 1.38
C VAL A 52 -5.31 5.44 2.50
N TRP A 53 -4.22 4.77 2.16
CA TRP A 53 -3.13 4.51 3.12
C TRP A 53 -1.95 5.44 2.92
N THR A 54 -1.38 5.89 4.03
CA THR A 54 -0.19 6.74 3.98
C THR A 54 0.99 5.97 4.54
N PHE A 55 2.07 5.93 3.78
CA PHE A 55 3.26 5.19 4.17
C PHE A 55 4.46 6.12 4.33
N GLY A 56 5.32 5.81 5.29
CA GLY A 56 6.50 6.62 5.52
C GLY A 56 7.12 6.38 6.88
N ARG A 57 8.11 7.20 7.23
CA ARG A 57 8.80 7.08 8.51
C ARG A 57 7.99 7.69 9.65
N ASN A 58 6.79 8.17 9.35
CA ASN A 58 5.94 8.77 10.37
C ASN A 58 5.13 7.70 11.12
N PRO A 59 5.12 7.76 12.46
CA PRO A 59 4.38 6.80 13.29
C PRO A 59 2.87 6.92 13.09
N ALA A 60 2.46 8.01 12.44
CA ALA A 60 1.06 8.24 12.15
C ALA A 60 0.69 7.50 10.91
N CYS A 61 1.60 7.60 9.94
CA CYS A 61 1.44 6.95 8.67
C CYS A 61 0.91 5.56 8.84
N ASP A 62 -0.02 5.19 7.97
CA ASP A 62 -0.59 3.87 8.00
C ASP A 62 0.51 2.81 7.91
N TYR A 63 1.69 3.22 7.42
CA TYR A 63 2.82 2.32 7.28
C TYR A 63 4.09 2.91 7.90
N HIS A 64 4.67 2.18 8.84
CA HIS A 64 5.89 2.62 9.51
C HIS A 64 7.11 1.93 8.91
N LEU A 65 8.02 2.73 8.35
CA LEU A 65 9.23 2.19 7.73
C LEU A 65 10.48 2.84 8.32
N GLY A 66 10.80 2.48 9.56
CA GLY A 66 11.97 3.03 10.21
C GLY A 66 12.07 4.54 10.11
N ASN A 67 13.25 5.04 9.80
CA ASN A 67 13.47 6.47 9.67
C ASN A 67 14.72 6.77 8.82
N ILE A 68 14.55 6.71 7.51
CA ILE A 68 15.66 6.97 6.59
C ILE A 68 15.66 8.41 6.12
N SER A 69 16.84 9.00 6.03
CA SER A 69 16.98 10.39 5.59
C SER A 69 16.32 10.60 4.22
N ARG A 70 16.57 9.67 3.31
CA ARG A 70 16.01 9.77 1.96
C ARG A 70 14.48 9.77 1.98
N LEU A 71 13.90 8.81 2.70
CA LEU A 71 12.45 8.73 2.78
C LEU A 71 11.87 9.84 3.63
N SER A 72 10.63 10.19 3.33
CA SER A 72 9.93 11.27 4.05
C SER A 72 8.94 10.71 5.07
N ASN A 73 8.43 11.58 5.94
CA ASN A 73 7.45 11.19 6.96
C ASN A 73 6.41 10.27 6.33
N LYS A 74 5.73 10.80 5.33
CA LYS A 74 4.75 10.06 4.55
C LYS A 74 5.28 9.96 3.14
N HIS A 75 6.12 8.95 2.93
CA HIS A 75 6.77 8.77 1.64
C HIS A 75 5.78 8.52 0.51
N PHE A 76 4.80 7.67 0.76
CA PHE A 76 3.83 7.37 -0.29
C PHE A 76 2.43 7.11 0.27
N GLN A 77 1.42 7.18 -0.60
CA GLN A 77 0.03 6.98 -0.19
C GLN A 77 -0.69 6.08 -1.18
N ILE A 78 -1.51 5.15 -0.68
CA ILE A 78 -2.26 4.27 -1.56
C ILE A 78 -3.76 4.51 -1.42
N LEU A 79 -4.44 4.71 -2.55
CA LEU A 79 -5.88 4.98 -2.53
C LEU A 79 -6.66 3.77 -3.05
N LEU A 80 -7.87 3.59 -2.50
CA LEU A 80 -8.73 2.49 -2.90
C LEU A 80 -10.09 3.01 -3.34
N GLY A 81 -10.48 2.68 -4.56
CA GLY A 81 -11.76 3.12 -5.09
C GLY A 81 -11.79 3.19 -6.60
N GLU A 82 -12.59 4.10 -7.14
CA GLU A 82 -12.70 4.27 -8.58
C GLU A 82 -13.21 2.99 -9.24
N ASP A 83 -14.54 2.82 -9.24
CA ASP A 83 -15.17 1.64 -9.82
C ASP A 83 -14.64 0.37 -9.17
N GLY A 84 -14.28 0.47 -7.90
CA GLY A 84 -13.77 -0.69 -7.18
C GLY A 84 -12.37 -1.08 -7.62
N ASN A 85 -11.57 -0.09 -7.99
CA ASN A 85 -10.20 -0.34 -8.43
C ASN A 85 -9.20 0.14 -7.38
N LEU A 86 -7.91 -0.06 -7.67
CA LEU A 86 -6.86 0.35 -6.76
C LEU A 86 -5.97 1.41 -7.39
N LEU A 87 -5.60 2.41 -6.61
CA LEU A 87 -4.75 3.50 -7.09
C LEU A 87 -3.59 3.75 -6.13
N LEU A 88 -2.44 4.08 -6.69
CA LEU A 88 -1.25 4.35 -5.90
C LEU A 88 -0.87 5.82 -5.99
N ASN A 89 -0.76 6.48 -4.84
CA ASN A 89 -0.41 7.90 -4.82
C ASN A 89 0.93 8.15 -4.16
N ASP A 90 1.89 8.63 -4.92
CA ASP A 90 3.21 8.93 -4.39
C ASP A 90 3.19 10.25 -3.64
N ILE A 91 3.83 10.30 -2.47
CA ILE A 91 3.84 11.51 -1.66
C ILE A 91 5.18 11.68 -0.93
N SER A 92 6.28 11.37 -1.61
CA SER A 92 7.59 11.48 -1.00
C SER A 92 8.28 12.78 -1.37
N THR A 93 9.22 13.18 -0.53
CA THR A 93 9.99 14.39 -0.76
C THR A 93 10.92 14.20 -1.96
N ASN A 94 11.47 12.99 -2.10
CA ASN A 94 12.39 12.69 -3.19
C ASN A 94 11.72 11.98 -4.38
N GLY A 95 10.55 11.37 -4.17
CA GLY A 95 9.88 10.70 -5.24
C GLY A 95 9.62 9.23 -4.97
N THR A 96 8.60 8.69 -5.65
CA THR A 96 8.22 7.29 -5.52
C THR A 96 8.39 6.58 -6.86
N TRP A 97 8.93 5.36 -6.82
CA TRP A 97 9.17 4.61 -8.04
C TRP A 97 8.40 3.31 -8.11
N LEU A 98 8.03 2.92 -9.31
CA LEU A 98 7.36 1.65 -9.54
C LEU A 98 8.16 0.86 -10.57
N ASN A 99 8.73 -0.25 -10.13
CA ASN A 99 9.54 -1.10 -11.00
C ASN A 99 10.59 -0.31 -11.80
N GLY A 100 11.25 0.65 -11.13
CA GLY A 100 12.28 1.41 -11.78
C GLY A 100 11.76 2.60 -12.57
N GLN A 101 10.44 2.72 -12.68
CA GLN A 101 9.85 3.83 -13.41
C GLN A 101 9.28 4.87 -12.45
N LYS A 102 9.83 6.07 -12.52
CA LYS A 102 9.40 7.16 -11.67
C LYS A 102 8.05 7.72 -12.10
N VAL A 103 7.11 7.80 -11.17
CA VAL A 103 5.77 8.30 -11.44
C VAL A 103 5.62 9.73 -10.91
N GLU A 104 4.59 10.42 -11.38
CA GLU A 104 4.33 11.78 -10.95
C GLU A 104 3.87 11.80 -9.49
N LYS A 105 4.52 12.62 -8.67
CA LYS A 105 4.16 12.72 -7.25
C LYS A 105 2.68 13.03 -7.11
N ASN A 106 2.15 12.77 -5.92
CA ASN A 106 0.75 13.01 -5.61
C ASN A 106 -0.16 12.73 -6.79
N SER A 107 0.21 11.73 -7.58
CA SER A 107 -0.55 11.33 -8.75
C SER A 107 -1.19 9.96 -8.56
N ASN A 108 -2.38 9.77 -9.11
CA ASN A 108 -3.08 8.49 -9.01
C ASN A 108 -2.70 7.58 -10.16
N GLN A 109 -2.25 6.37 -9.84
CA GLN A 109 -1.84 5.40 -10.86
C GLN A 109 -2.50 4.05 -10.62
N LEU A 110 -2.76 3.34 -11.72
CA LEU A 110 -3.37 2.01 -11.62
C LEU A 110 -2.36 1.01 -11.09
N LEU A 111 -2.62 0.48 -9.91
CA LEU A 111 -1.72 -0.48 -9.28
C LEU A 111 -1.43 -1.67 -10.19
N SER A 112 -0.40 -2.41 -9.82
CA SER A 112 0.00 -3.60 -10.55
C SER A 112 0.05 -4.81 -9.63
N GLN A 113 -0.15 -5.99 -10.19
CA GLN A 113 -0.12 -7.22 -9.40
C GLN A 113 1.30 -7.55 -8.97
N GLY A 114 1.51 -7.69 -7.67
CA GLY A 114 2.83 -7.99 -7.15
C GLY A 114 3.84 -6.93 -7.53
N ASP A 115 3.35 -5.74 -7.86
CA ASP A 115 4.20 -4.63 -8.24
C ASP A 115 5.21 -4.31 -7.15
N GLU A 116 6.07 -3.34 -7.40
CA GLU A 116 7.07 -2.95 -6.42
C GLU A 116 7.33 -1.45 -6.47
N ILE A 117 7.41 -0.83 -5.28
CA ILE A 117 7.66 0.60 -5.21
C ILE A 117 9.07 0.87 -4.69
N THR A 118 9.83 1.63 -5.46
CA THR A 118 11.19 1.99 -5.07
C THR A 118 11.22 3.44 -4.60
N VAL A 119 12.02 3.71 -3.59
CA VAL A 119 12.09 5.07 -3.05
C VAL A 119 13.51 5.48 -2.70
N GLY A 120 13.72 6.80 -2.63
CA GLY A 120 15.02 7.34 -2.30
C GLY A 120 16.00 7.20 -3.44
N VAL A 121 15.54 7.55 -4.64
CA VAL A 121 16.36 7.46 -5.82
C VAL A 121 17.23 8.70 -6.02
N GLY A 122 18.45 8.46 -6.46
CA GLY A 122 19.40 9.50 -6.68
C GLY A 122 20.77 9.05 -6.22
N VAL A 123 20.78 8.32 -5.12
CA VAL A 123 21.97 7.76 -4.55
C VAL A 123 21.78 6.26 -4.36
N GLU A 124 22.60 5.46 -5.03
CA GLU A 124 22.50 4.00 -4.96
C GLU A 124 22.43 3.50 -3.52
N SER A 125 22.97 4.28 -2.59
CA SER A 125 22.97 3.90 -1.20
C SER A 125 21.77 4.44 -0.43
N ASP A 126 20.83 5.11 -1.12
CA ASP A 126 19.68 5.66 -0.43
C ASP A 126 18.35 5.27 -1.06
N ILE A 127 18.34 4.14 -1.72
CA ILE A 127 17.13 3.64 -2.34
C ILE A 127 16.56 2.45 -1.58
N LEU A 128 15.25 2.45 -1.44
CA LEU A 128 14.52 1.39 -0.74
C LEU A 128 13.44 0.83 -1.66
N SER A 129 13.32 -0.51 -1.71
CA SER A 129 12.30 -1.12 -2.56
C SER A 129 11.24 -1.83 -1.75
N LEU A 130 10.04 -1.81 -2.30
CA LEU A 130 8.89 -2.45 -1.69
C LEU A 130 8.07 -3.21 -2.71
N VAL A 131 7.29 -4.19 -2.26
CA VAL A 131 6.44 -4.98 -3.15
C VAL A 131 4.97 -4.85 -2.77
N ILE A 132 4.11 -4.74 -3.78
CA ILE A 132 2.70 -4.60 -3.56
C ILE A 132 1.96 -5.89 -3.91
N PHE A 133 1.26 -6.45 -2.93
CA PHE A 133 0.50 -7.68 -3.13
C PHE A 133 -1.00 -7.39 -3.06
N ILE A 134 -1.67 -7.48 -4.20
CA ILE A 134 -3.10 -7.22 -4.26
C ILE A 134 -3.90 -8.48 -3.89
N ASN A 135 -4.88 -8.31 -3.02
CA ASN A 135 -5.73 -9.42 -2.60
C ASN A 135 -6.79 -9.73 -3.66
N ASP A 136 -6.67 -10.89 -4.27
CA ASP A 136 -7.62 -11.31 -5.31
C ASP A 136 -9.02 -11.49 -4.72
N LYS A 137 -9.09 -11.87 -3.46
CA LYS A 137 -10.36 -12.07 -2.78
C LYS A 137 -11.18 -10.78 -2.77
N PHE A 138 -10.52 -9.68 -2.41
CA PHE A 138 -11.16 -8.38 -2.35
C PHE A 138 -11.70 -7.97 -3.71
N LYS A 139 -10.87 -8.16 -4.74
CA LYS A 139 -11.25 -7.80 -6.10
C LYS A 139 -12.43 -8.64 -6.58
N GLN A 140 -12.45 -9.91 -6.19
CA GLN A 140 -13.53 -10.81 -6.58
C GLN A 140 -14.88 -10.29 -6.10
N CYS A 141 -14.91 -9.75 -4.89
CA CYS A 141 -16.15 -9.23 -4.31
C CYS A 141 -16.61 -7.98 -5.06
N LEU A 142 -15.68 -7.08 -5.34
CA LEU A 142 -15.99 -5.85 -6.05
C LEU A 142 -16.37 -6.13 -7.50
N GLU A 143 -15.63 -7.04 -8.14
CA GLU A 143 -15.90 -7.39 -9.53
C GLU A 143 -17.31 -7.94 -9.70
N GLN A 144 -17.73 -8.79 -8.76
CA GLN A 144 -19.06 -9.39 -8.81
C GLN A 144 -20.09 -8.46 -8.18
N ASN A 145 -19.69 -7.77 -7.11
CA ASN A 145 -20.57 -6.84 -6.40
C ASN A 145 -21.97 -7.43 -6.19
N LYS A 146 -22.89 -6.61 -5.71
CA LYS A 146 -24.26 -7.05 -5.47
C LYS A 146 -25.07 -7.05 -6.77
N VAL A 147 -25.52 -8.23 -7.17
CA VAL A 147 -26.31 -8.37 -8.39
C VAL A 147 -27.81 -8.29 -8.09
N ASP A 148 -28.53 -7.51 -8.88
CA ASP A 148 -29.97 -7.36 -8.70
C ASP A 148 -30.72 -8.54 -9.30
N ARG A 149 -30.29 -8.98 -10.48
CA ARG A 149 -30.92 -10.09 -11.16
C ARG A 149 -29.98 -10.71 -12.19
N ILE A 150 -29.90 -12.03 -12.19
CA ILE A 150 -29.04 -12.74 -13.13
C ILE A 150 -29.84 -13.29 -14.31
N ARG A 151 -29.40 -12.95 -15.52
CA ARG A 151 -30.09 -13.42 -16.72
C ARG A 151 -29.12 -14.16 -17.65
N ASN B 1 10.42 30.57 4.80
CA ASN B 1 10.05 29.14 4.66
C ASN B 1 11.26 28.29 4.27
N ASP B 2 11.97 27.80 5.27
CA ASP B 2 13.15 26.98 5.03
C ASP B 2 12.76 25.55 4.68
N PRO B 3 13.57 24.85 3.87
CA PRO B 3 13.30 23.48 3.45
C PRO B 3 13.48 22.49 4.61
N ASP B 4 12.91 21.30 4.45
CA ASP B 4 13.00 20.27 5.48
C ASP B 4 13.16 18.89 4.85
N TPO B 5 13.50 17.90 5.68
CA TPO B 5 13.67 16.53 5.21
CB TPO B 5 12.38 16.00 4.54
CG2 TPO B 5 12.58 14.58 4.02
OG1 TPO B 5 11.33 16.02 5.48
P TPO B 5 9.89 15.75 4.97
O1P TPO B 5 9.80 14.20 4.86
O2P TPO B 5 8.96 16.23 6.10
O3P TPO B 5 9.59 16.42 3.66
C TPO B 5 14.83 16.44 4.22
O TPO B 5 14.93 17.21 3.27
H2 TPO B 5 13.64 18.10 6.63
HA TPO B 5 13.89 15.92 6.07
HB TPO B 5 12.13 16.64 3.71
HG21 TPO B 5 12.02 13.89 4.65
HG22 TPO B 5 13.62 14.32 4.05
HG23 TPO B 5 12.21 14.52 3.01
N LEU B 6 15.73 15.47 4.46
CA LEU B 6 16.89 15.26 3.61
C LEU B 6 16.47 15.09 2.14
N GLU B 7 17.35 15.52 1.24
CA GLU B 7 17.07 15.42 -0.19
C GLU B 7 18.31 15.01 -0.97
N ILE B 8 19.02 14.00 -0.45
CA ILE B 8 20.24 13.47 -1.07
C ILE B 8 21.23 14.59 -1.40
N TYR B 9 22.50 14.22 -1.50
CA TYR B 9 23.56 15.17 -1.81
C TYR B 9 23.28 15.90 -3.11
N SER B 10 24.25 16.67 -3.59
CA SER B 10 24.11 17.42 -4.83
C SER B 10 25.37 17.35 -5.67
N ALA A 1 -4.67 -40.91 -4.10
CA ALA A 1 -4.52 -39.53 -3.67
C ALA A 1 -4.66 -39.40 -2.16
N THR A 2 -3.57 -39.00 -1.51
CA THR A 2 -3.58 -38.83 -0.05
C THR A 2 -2.77 -37.60 0.35
N GLN A 3 -1.51 -37.55 -0.08
CA GLN A 3 -0.64 -36.42 0.24
C GLN A 3 -1.05 -35.18 -0.53
N ARG A 4 -1.56 -35.39 -1.75
CA ARG A 4 -1.99 -34.28 -2.60
C ARG A 4 -3.19 -33.56 -1.98
N PHE A 5 -4.08 -34.32 -1.37
CA PHE A 5 -5.27 -33.74 -0.74
C PHE A 5 -4.87 -32.70 0.30
N LEU A 6 -3.83 -33.00 1.07
CA LEU A 6 -3.35 -32.09 2.09
C LEU A 6 -2.88 -30.78 1.45
N ILE A 7 -2.39 -30.86 0.23
CA ILE A 7 -1.91 -29.69 -0.49
C ILE A 7 -3.08 -28.81 -0.91
N GLU A 8 -4.14 -29.43 -1.41
CA GLU A 8 -5.33 -28.72 -1.85
C GLU A 8 -5.91 -27.88 -0.71
N LYS A 9 -5.80 -28.41 0.50
CA LYS A 9 -6.33 -27.71 1.68
C LYS A 9 -5.62 -26.38 1.90
N PHE A 10 -4.33 -26.35 1.59
CA PHE A 10 -3.54 -25.14 1.76
C PHE A 10 -4.11 -23.99 0.94
N SER A 11 -4.43 -24.27 -0.31
CA SER A 11 -5.00 -23.27 -1.21
C SER A 11 -6.40 -22.86 -0.74
N GLN A 12 -7.11 -23.80 -0.13
CA GLN A 12 -8.46 -23.54 0.36
C GLN A 12 -8.46 -22.39 1.37
N GLU A 13 -7.36 -22.23 2.08
CA GLU A 13 -7.24 -21.17 3.08
C GLU A 13 -7.32 -19.80 2.43
N GLN A 14 -8.30 -19.01 2.85
CA GLN A 14 -8.49 -17.67 2.31
C GLN A 14 -7.96 -16.62 3.26
N ILE A 15 -6.77 -16.08 2.95
CA ILE A 15 -6.15 -15.06 3.78
C ILE A 15 -6.71 -13.68 3.48
N GLY A 16 -6.93 -12.95 4.55
CA GLY A 16 -7.46 -11.60 4.42
C GLY A 16 -8.91 -11.50 4.89
N GLU A 17 -9.14 -10.66 5.89
CA GLU A 17 -10.49 -10.47 6.42
C GLU A 17 -11.27 -9.44 5.61
N ASN A 18 -10.54 -8.51 4.99
CA ASN A 18 -11.14 -7.46 4.18
C ASN A 18 -10.02 -6.61 3.63
N ILE A 19 -8.95 -7.30 3.31
CA ILE A 19 -7.75 -6.69 2.82
C ILE A 19 -7.87 -6.21 1.38
N VAL A 20 -7.35 -5.01 1.15
CA VAL A 20 -7.36 -4.39 -0.13
C VAL A 20 -6.08 -4.74 -0.87
N CYS A 21 -4.96 -4.37 -0.26
CA CYS A 21 -3.63 -4.65 -0.82
C CYS A 21 -2.62 -4.87 0.31
N ARG A 22 -1.45 -5.41 -0.03
CA ARG A 22 -0.42 -5.68 0.97
C ARG A 22 0.95 -5.20 0.49
N VAL A 23 1.71 -4.58 1.39
CA VAL A 23 3.03 -4.07 1.05
C VAL A 23 4.12 -4.94 1.67
N ILE A 24 5.01 -5.47 0.83
CA ILE A 24 6.09 -6.34 1.29
C ILE A 24 7.45 -5.78 0.88
N CYS A 25 8.31 -5.54 1.87
CA CYS A 25 9.64 -5.02 1.60
C CYS A 25 10.58 -6.13 1.15
N THR A 26 11.08 -6.03 -0.07
CA THR A 26 11.97 -7.04 -0.62
C THR A 26 13.42 -6.76 -0.24
N THR A 27 13.73 -5.50 0.07
CA THR A 27 15.08 -5.11 0.45
C THR A 27 15.37 -5.47 1.91
N GLY A 28 14.37 -6.00 2.60
CA GLY A 28 14.54 -6.39 3.99
C GLY A 28 14.89 -5.22 4.89
N GLN A 29 13.91 -4.37 5.17
CA GLN A 29 14.12 -3.21 6.03
C GLN A 29 12.85 -2.89 6.83
N ILE A 30 11.70 -3.02 6.19
CA ILE A 30 10.43 -2.74 6.84
C ILE A 30 9.55 -3.98 6.88
N PRO A 31 8.81 -4.21 7.99
CA PRO A 31 7.94 -5.37 8.12
C PRO A 31 6.69 -5.27 7.26
N ILE A 32 6.25 -6.40 6.73
CA ILE A 32 5.07 -6.44 5.86
C ILE A 32 3.84 -5.85 6.57
N ARG A 33 3.00 -5.17 5.79
CA ARG A 33 1.78 -4.57 6.31
C ARG A 33 0.58 -5.00 5.48
N ASP A 34 -0.61 -4.84 6.03
CA ASP A 34 -1.82 -5.24 5.31
C ASP A 34 -2.79 -4.06 5.17
N LEU A 35 -3.08 -3.69 3.93
CA LEU A 35 -4.03 -2.61 3.66
C LEU A 35 -5.40 -3.20 3.49
N SER A 36 -6.40 -2.65 4.18
CA SER A 36 -7.75 -3.17 4.06
C SER A 36 -8.81 -2.10 4.07
N ALA A 37 -9.92 -2.47 3.48
CA ALA A 37 -11.08 -1.59 3.40
C ALA A 37 -12.37 -2.39 3.57
N ASP A 38 -13.33 -1.80 4.27
CA ASP A 38 -14.60 -2.46 4.52
C ASP A 38 -15.51 -2.39 3.29
N ILE A 39 -16.02 -3.55 2.89
CA ILE A 39 -16.90 -3.65 1.73
C ILE A 39 -18.21 -2.89 1.91
N SER A 40 -18.79 -2.99 3.10
CA SER A 40 -20.06 -2.33 3.39
C SER A 40 -19.96 -0.83 3.15
N GLN A 41 -18.84 -0.26 3.58
CA GLN A 41 -18.59 1.16 3.43
C GLN A 41 -18.39 1.53 1.95
N VAL A 42 -17.74 0.63 1.22
CA VAL A 42 -17.50 0.85 -0.20
C VAL A 42 -18.80 0.86 -0.99
N LEU A 43 -19.71 -0.05 -0.63
CA LEU A 43 -21.00 -0.15 -1.30
C LEU A 43 -21.90 1.04 -0.97
N LYS A 44 -21.90 1.43 0.30
CA LYS A 44 -22.73 2.55 0.76
C LYS A 44 -22.12 3.89 0.35
N GLU A 45 -20.79 3.93 0.28
CA GLU A 45 -20.10 5.16 -0.10
C GLU A 45 -20.06 5.33 -1.61
N LYS A 46 -20.49 6.49 -2.08
CA LYS A 46 -20.51 6.78 -3.51
C LYS A 46 -19.86 8.12 -3.82
N ARG A 47 -19.11 8.66 -2.85
CA ARG A 47 -18.44 9.94 -3.02
C ARG A 47 -17.07 9.92 -2.37
N SER A 48 -16.13 10.68 -2.93
CA SER A 48 -14.78 10.74 -2.39
C SER A 48 -14.12 9.36 -2.41
N ILE A 49 -12.81 9.34 -2.30
CA ILE A 49 -12.06 8.08 -2.31
C ILE A 49 -12.48 7.19 -1.15
N LYS A 50 -12.56 5.89 -1.41
CA LYS A 50 -12.95 4.92 -0.38
C LYS A 50 -12.01 4.99 0.82
N LYS A 51 -10.77 4.54 0.62
CA LYS A 51 -9.77 4.55 1.69
C LYS A 51 -8.37 4.65 1.12
N VAL A 52 -7.54 5.48 1.74
CA VAL A 52 -6.17 5.67 1.28
C VAL A 52 -5.16 5.46 2.40
N TRP A 53 -4.07 4.79 2.05
CA TRP A 53 -3.00 4.50 3.00
C TRP A 53 -1.78 5.39 2.80
N THR A 54 -1.19 5.85 3.90
CA THR A 54 0.01 6.67 3.83
C THR A 54 1.20 5.90 4.41
N PHE A 55 2.31 5.90 3.68
CA PHE A 55 3.50 5.17 4.10
C PHE A 55 4.69 6.11 4.32
N GLY A 56 5.51 5.78 5.31
CA GLY A 56 6.68 6.59 5.60
C GLY A 56 7.27 6.33 6.98
N ARG A 57 8.21 7.17 7.40
CA ARG A 57 8.85 7.02 8.70
C ARG A 57 7.99 7.58 9.84
N ASN A 58 6.80 8.07 9.50
CA ASN A 58 5.90 8.63 10.51
C ASN A 58 5.07 7.53 11.18
N PRO A 59 4.99 7.54 12.52
CA PRO A 59 4.21 6.55 13.27
C PRO A 59 2.71 6.68 13.00
N ALA A 60 2.33 7.80 12.37
CA ALA A 60 0.94 8.04 12.05
C ALA A 60 0.63 7.34 10.76
N CYS A 61 1.56 7.46 9.83
CA CYS A 61 1.46 6.86 8.54
C CYS A 61 0.91 5.46 8.66
N ASP A 62 0.06 5.11 7.73
CA ASP A 62 -0.52 3.78 7.72
C ASP A 62 0.58 2.72 7.68
N TYR A 63 1.79 3.14 7.28
CA TYR A 63 2.92 2.22 7.21
C TYR A 63 4.14 2.79 7.93
N HIS A 64 4.66 2.04 8.90
CA HIS A 64 5.83 2.49 9.65
C HIS A 64 7.10 1.91 9.05
N LEU A 65 7.88 2.76 8.40
CA LEU A 65 9.13 2.33 7.76
C LEU A 65 10.27 2.28 8.78
N GLY A 66 10.81 3.45 9.10
CA GLY A 66 11.91 3.53 10.06
C GLY A 66 12.27 4.96 10.39
N ASN A 67 13.17 5.54 9.60
CA ASN A 67 13.59 6.92 9.82
C ASN A 67 14.73 7.30 8.87
N ILE A 68 14.54 7.00 7.58
CA ILE A 68 15.55 7.32 6.57
C ILE A 68 15.51 8.79 6.20
N SER A 69 16.66 9.45 6.28
CA SER A 69 16.75 10.87 5.96
C SER A 69 16.22 11.14 4.55
N ARG A 70 16.55 10.25 3.62
CA ARG A 70 16.11 10.40 2.24
C ARG A 70 14.60 10.33 2.13
N LEU A 71 13.99 9.33 2.76
CA LEU A 71 12.55 9.16 2.72
C LEU A 71 11.84 10.21 3.58
N SER A 72 10.62 10.57 3.19
CA SER A 72 9.85 11.58 3.92
C SER A 72 8.91 10.93 4.94
N ASN A 73 8.36 11.75 5.84
CA ASN A 73 7.43 11.26 6.87
C ASN A 73 6.42 10.30 6.23
N LYS A 74 5.78 10.79 5.19
CA LYS A 74 4.83 10.01 4.41
C LYS A 74 5.36 9.96 2.99
N HIS A 75 6.27 9.03 2.77
CA HIS A 75 6.92 8.89 1.48
C HIS A 75 5.95 8.64 0.36
N PHE A 76 5.02 7.73 0.58
CA PHE A 76 4.04 7.41 -0.46
C PHE A 76 2.66 7.10 0.13
N GLN A 77 1.63 7.21 -0.69
CA GLN A 77 0.26 6.96 -0.25
C GLN A 77 -0.50 6.12 -1.28
N ILE A 78 -1.33 5.19 -0.81
CA ILE A 78 -2.12 4.35 -1.73
C ILE A 78 -3.60 4.61 -1.54
N LEU A 79 -4.32 4.86 -2.64
CA LEU A 79 -5.75 5.12 -2.57
C LEU A 79 -6.57 4.03 -3.26
N LEU A 80 -7.77 3.79 -2.74
CA LEU A 80 -8.67 2.79 -3.30
C LEU A 80 -10.01 3.42 -3.64
N GLY A 81 -10.42 3.31 -4.89
CA GLY A 81 -11.68 3.88 -5.32
C GLY A 81 -12.86 2.96 -5.06
N GLU A 82 -14.06 3.42 -5.39
CA GLU A 82 -15.27 2.62 -5.20
C GLU A 82 -15.18 1.29 -5.91
N ASP A 83 -15.03 1.34 -7.23
CA ASP A 83 -14.91 0.13 -8.03
C ASP A 83 -13.59 -0.59 -7.76
N GLY A 84 -13.42 -1.75 -8.37
CA GLY A 84 -12.19 -2.51 -8.17
C GLY A 84 -10.96 -1.74 -8.58
N ASN A 85 -9.82 -2.42 -8.64
CA ASN A 85 -8.56 -1.79 -9.02
C ASN A 85 -8.12 -0.76 -7.99
N LEU A 86 -6.84 -0.78 -7.66
CA LEU A 86 -6.29 0.15 -6.67
C LEU A 86 -5.43 1.21 -7.36
N LEU A 87 -5.21 2.32 -6.67
CA LEU A 87 -4.40 3.41 -7.21
C LEU A 87 -3.22 3.69 -6.28
N LEU A 88 -2.10 4.10 -6.88
CA LEU A 88 -0.90 4.40 -6.11
C LEU A 88 -0.58 5.88 -6.17
N ASN A 89 -0.49 6.53 -5.01
CA ASN A 89 -0.20 7.95 -4.96
C ASN A 89 1.14 8.21 -4.28
N ASP A 90 2.09 8.74 -5.05
CA ASP A 90 3.40 9.07 -4.52
C ASP A 90 3.34 10.39 -3.76
N ILE A 91 3.94 10.42 -2.57
CA ILE A 91 3.92 11.63 -1.75
C ILE A 91 5.25 11.85 -1.03
N SER A 92 6.36 11.59 -1.72
CA SER A 92 7.66 11.74 -1.13
C SER A 92 8.32 13.05 -1.55
N THR A 93 9.19 13.57 -0.71
CA THR A 93 9.90 14.79 -1.01
C THR A 93 10.89 14.56 -2.14
N ASN A 94 11.44 13.34 -2.21
CA ASN A 94 12.43 13.02 -3.24
C ASN A 94 11.82 12.26 -4.42
N GLY A 95 10.64 11.66 -4.24
CA GLY A 95 10.01 10.94 -5.32
C GLY A 95 9.76 9.48 -5.02
N THR A 96 8.78 8.92 -5.71
CA THR A 96 8.41 7.52 -5.57
C THR A 96 8.63 6.79 -6.90
N TRP A 97 9.17 5.59 -6.84
CA TRP A 97 9.46 4.85 -8.07
C TRP A 97 8.65 3.57 -8.22
N LEU A 98 8.37 3.25 -9.48
CA LEU A 98 7.65 2.03 -9.81
C LEU A 98 8.51 1.24 -10.79
N ASN A 99 8.98 0.08 -10.35
CA ASN A 99 9.82 -0.78 -11.17
C ASN A 99 10.92 -0.01 -11.89
N GLY A 100 11.57 0.92 -11.19
CA GLY A 100 12.64 1.68 -11.77
C GLY A 100 12.16 2.90 -12.54
N GLN A 101 10.86 3.05 -12.69
CA GLN A 101 10.31 4.19 -13.41
C GLN A 101 9.69 5.20 -12.44
N LYS A 102 10.25 6.41 -12.43
CA LYS A 102 9.78 7.46 -11.57
C LYS A 102 8.45 8.03 -12.06
N VAL A 103 7.46 8.06 -11.16
CA VAL A 103 6.14 8.57 -11.49
C VAL A 103 5.93 9.98 -10.95
N GLU A 104 4.90 10.66 -11.43
CA GLU A 104 4.59 12.00 -10.99
C GLU A 104 4.08 11.99 -9.55
N LYS A 105 4.67 12.82 -8.70
CA LYS A 105 4.25 12.89 -7.30
C LYS A 105 2.75 13.15 -7.22
N ASN A 106 2.18 12.91 -6.05
CA ASN A 106 0.74 13.08 -5.80
C ASN A 106 -0.08 12.74 -7.04
N SER A 107 0.35 11.73 -7.77
CA SER A 107 -0.34 11.30 -8.98
C SER A 107 -0.98 9.93 -8.78
N ASN A 108 -2.13 9.72 -9.40
CA ASN A 108 -2.84 8.45 -9.30
C ASN A 108 -2.44 7.51 -10.44
N GLN A 109 -2.02 6.31 -10.10
CA GLN A 109 -1.61 5.32 -11.10
C GLN A 109 -2.31 3.99 -10.86
N LEU A 110 -2.56 3.26 -11.94
CA LEU A 110 -3.23 1.96 -11.85
C LEU A 110 -2.27 0.92 -11.26
N LEU A 111 -2.74 0.22 -10.24
CA LEU A 111 -1.93 -0.80 -9.58
C LEU A 111 -1.49 -1.89 -10.54
N SER A 112 -0.46 -2.61 -10.12
CA SER A 112 0.09 -3.72 -10.89
C SER A 112 0.14 -4.98 -10.04
N GLN A 113 0.07 -6.14 -10.69
CA GLN A 113 0.09 -7.40 -9.96
C GLN A 113 1.48 -7.66 -9.38
N GLY A 114 1.55 -7.76 -8.05
CA GLY A 114 2.81 -7.99 -7.39
C GLY A 114 3.82 -6.90 -7.72
N ASP A 115 3.32 -5.72 -8.05
CA ASP A 115 4.16 -4.59 -8.39
C ASP A 115 5.14 -4.27 -7.26
N GLU A 116 6.02 -3.32 -7.51
CA GLU A 116 6.99 -2.91 -6.51
C GLU A 116 7.28 -1.42 -6.59
N ILE A 117 7.32 -0.74 -5.45
CA ILE A 117 7.60 0.68 -5.41
C ILE A 117 8.98 0.93 -4.80
N THR A 118 9.79 1.70 -5.52
CA THR A 118 11.13 2.02 -5.04
C THR A 118 11.17 3.46 -4.54
N VAL A 119 11.85 3.69 -3.43
CA VAL A 119 11.93 5.02 -2.85
C VAL A 119 13.31 5.35 -2.32
N GLY A 120 13.58 6.64 -2.19
CA GLY A 120 14.86 7.10 -1.69
C GLY A 120 15.89 7.21 -2.79
N VAL A 121 15.41 7.45 -4.00
CA VAL A 121 16.27 7.56 -5.15
C VAL A 121 17.07 8.85 -5.15
N GLY A 122 18.33 8.71 -5.56
CA GLY A 122 19.24 9.81 -5.60
C GLY A 122 20.64 9.31 -5.34
N VAL A 123 20.76 8.54 -4.26
CA VAL A 123 22.00 7.92 -3.88
C VAL A 123 21.90 6.42 -4.11
N GLU A 124 22.83 5.87 -4.86
CA GLU A 124 22.82 4.44 -5.19
C GLU A 124 22.63 3.57 -3.95
N SER A 125 23.22 3.99 -2.83
CA SER A 125 23.14 3.23 -1.60
C SER A 125 21.97 3.67 -0.71
N ASP A 126 21.12 4.56 -1.18
CA ASP A 126 20.02 5.05 -0.35
C ASP A 126 18.64 4.82 -0.96
N ILE A 127 18.52 3.76 -1.71
CA ILE A 127 17.25 3.39 -2.33
C ILE A 127 16.64 2.20 -1.62
N LEU A 128 15.33 2.27 -1.43
CA LEU A 128 14.57 1.21 -0.77
C LEU A 128 13.44 0.73 -1.67
N SER A 129 13.26 -0.58 -1.78
CA SER A 129 12.21 -1.14 -2.62
C SER A 129 11.11 -1.80 -1.81
N LEU A 130 9.92 -1.76 -2.36
CA LEU A 130 8.73 -2.35 -1.74
C LEU A 130 7.91 -3.11 -2.76
N VAL A 131 7.17 -4.12 -2.32
CA VAL A 131 6.33 -4.92 -3.21
C VAL A 131 4.85 -4.79 -2.83
N ILE A 132 4.00 -4.70 -3.83
CA ILE A 132 2.58 -4.57 -3.62
C ILE A 132 1.86 -5.88 -3.95
N PHE A 133 1.16 -6.42 -2.95
CA PHE A 133 0.42 -7.66 -3.11
C PHE A 133 -1.09 -7.40 -3.11
N ILE A 134 -1.72 -7.59 -4.25
CA ILE A 134 -3.15 -7.38 -4.39
C ILE A 134 -3.94 -8.62 -3.98
N ASN A 135 -4.92 -8.43 -3.11
CA ASN A 135 -5.76 -9.53 -2.63
C ASN A 135 -6.83 -9.87 -3.64
N ASP A 136 -6.93 -11.15 -4.00
CA ASP A 136 -7.94 -11.61 -4.95
C ASP A 136 -9.33 -11.63 -4.32
N LYS A 137 -9.38 -11.86 -3.02
CA LYS A 137 -10.64 -11.91 -2.29
C LYS A 137 -11.41 -10.59 -2.44
N PHE A 138 -10.68 -9.48 -2.32
CA PHE A 138 -11.28 -8.17 -2.43
C PHE A 138 -11.84 -7.95 -3.83
N LYS A 139 -11.08 -8.35 -4.84
CA LYS A 139 -11.49 -8.19 -6.23
C LYS A 139 -12.79 -8.94 -6.51
N GLN A 140 -12.83 -10.22 -6.12
CA GLN A 140 -14.02 -11.04 -6.34
C GLN A 140 -15.23 -10.45 -5.63
N CYS A 141 -15.02 -9.89 -4.44
CA CYS A 141 -16.10 -9.29 -3.67
C CYS A 141 -16.68 -8.08 -4.39
N LEU A 142 -15.81 -7.22 -4.90
CA LEU A 142 -16.24 -6.03 -5.61
C LEU A 142 -16.91 -6.39 -6.93
N GLU A 143 -16.40 -7.43 -7.58
CA GLU A 143 -16.95 -7.89 -8.85
C GLU A 143 -18.38 -8.40 -8.67
N GLN A 144 -18.65 -9.00 -7.52
CA GLN A 144 -19.98 -9.54 -7.24
C GLN A 144 -20.84 -8.49 -6.52
N ASN A 145 -20.21 -7.71 -5.65
CA ASN A 145 -20.90 -6.68 -4.88
C ASN A 145 -22.25 -7.17 -4.37
N LYS A 146 -22.23 -7.79 -3.19
CA LYS A 146 -23.45 -8.31 -2.57
C LYS A 146 -23.65 -7.72 -1.18
N VAL A 147 -24.89 -7.37 -0.86
CA VAL A 147 -25.22 -6.79 0.43
C VAL A 147 -25.28 -7.87 1.51
N ASP A 148 -24.54 -7.68 2.59
CA ASP A 148 -24.52 -8.63 3.69
C ASP A 148 -23.96 -7.99 4.96
N ARG A 149 -24.48 -8.42 6.10
CA ARG A 149 -24.03 -7.89 7.39
C ARG A 149 -22.92 -8.75 7.98
N ILE A 150 -22.03 -8.12 8.73
CA ILE A 150 -20.91 -8.82 9.36
C ILE A 150 -21.28 -9.29 10.76
N ARG A 151 -21.02 -10.56 11.04
CA ARG A 151 -21.32 -11.13 12.35
C ARG A 151 -20.04 -11.52 13.08
N ASN B 1 8.65 14.77 17.93
CA ASN B 1 9.38 14.15 16.80
C ASN B 1 10.04 15.22 15.91
N ASP B 2 11.15 14.86 15.30
CA ASP B 2 11.87 15.78 14.42
C ASP B 2 11.82 15.31 12.97
N PRO B 3 10.81 15.75 12.21
CA PRO B 3 10.64 15.35 10.80
C PRO B 3 11.92 15.59 9.99
N ASP B 4 12.51 14.51 9.50
CA ASP B 4 13.74 14.59 8.71
C ASP B 4 13.46 14.21 7.26
N TPO B 5 14.00 15.01 6.33
CA TPO B 5 13.81 14.75 4.91
CB TPO B 5 12.42 15.23 4.44
CG2 TPO B 5 12.24 14.99 2.95
OG1 TPO B 5 11.42 14.56 5.15
P TPO B 5 10.25 15.40 5.74
O1P TPO B 5 10.93 16.63 6.38
O2P TPO B 5 9.44 15.87 4.50
O3P TPO B 5 9.41 14.63 6.71
C TPO B 5 14.89 15.45 4.09
O TPO B 5 15.50 16.42 4.53
H2 TPO B 5 14.52 15.78 6.62
HA TPO B 5 13.87 13.69 4.76
HB TPO B 5 12.34 16.29 4.63
HG21 TPO B 5 12.64 14.02 2.69
HG22 TPO B 5 12.77 15.76 2.39
HG23 TPO B 5 11.20 15.03 2.70
N LEU B 6 15.13 14.93 2.88
CA LEU B 6 16.14 15.50 2.00
C LEU B 6 16.13 14.80 0.64
N GLU B 7 16.99 15.26 -0.26
CA GLU B 7 17.07 14.68 -1.60
C GLU B 7 18.52 14.63 -2.08
N ILE B 8 19.28 13.71 -1.49
CA ILE B 8 20.70 13.52 -1.82
C ILE B 8 21.49 14.84 -1.80
N TYR B 9 22.80 14.72 -1.68
CA TYR B 9 23.67 15.90 -1.63
C TYR B 9 23.62 16.65 -2.96
N SER B 10 22.55 17.40 -3.17
CA SER B 10 22.39 18.17 -4.40
C SER B 10 21.09 18.97 -4.38
N ALA A 1 8.48 -27.06 -4.05
CA ALA A 1 8.55 -27.19 -2.60
C ALA A 1 7.18 -26.95 -1.96
N THR A 2 6.32 -27.96 -2.03
CA THR A 2 4.99 -27.85 -1.45
C THR A 2 5.01 -28.14 0.05
N GLN A 3 5.93 -29.01 0.46
CA GLN A 3 6.06 -29.37 1.86
C GLN A 3 6.61 -28.19 2.68
N ARG A 4 7.66 -27.57 2.17
CA ARG A 4 8.28 -26.43 2.85
C ARG A 4 7.35 -25.22 2.82
N PHE A 5 6.65 -25.03 1.71
CA PHE A 5 5.73 -23.91 1.56
C PHE A 5 4.59 -24.02 2.56
N LEU A 6 4.14 -25.24 2.83
CA LEU A 6 3.05 -25.47 3.76
C LEU A 6 3.41 -24.98 5.15
N ILE A 7 4.66 -25.24 5.56
CA ILE A 7 5.13 -24.83 6.88
C ILE A 7 5.29 -23.31 6.95
N GLU A 8 5.69 -22.70 5.85
CA GLU A 8 5.86 -21.26 5.80
C GLU A 8 4.58 -20.54 6.18
N LYS A 9 3.46 -21.12 5.77
CA LYS A 9 2.15 -20.55 6.08
C LYS A 9 1.86 -20.64 7.58
N PHE A 10 2.51 -21.58 8.25
CA PHE A 10 2.34 -21.78 9.68
C PHE A 10 2.64 -20.49 10.45
N SER A 11 3.76 -19.87 10.12
CA SER A 11 4.17 -18.64 10.78
C SER A 11 3.40 -17.45 10.22
N GLN A 12 3.27 -17.39 8.90
CA GLN A 12 2.55 -16.31 8.25
C GLN A 12 1.13 -16.73 7.88
N GLU A 13 0.17 -16.25 8.66
CA GLU A 13 -1.23 -16.58 8.42
C GLU A 13 -1.76 -15.87 7.18
N GLN A 14 -2.56 -16.58 6.39
CA GLN A 14 -3.12 -16.02 5.17
C GLN A 14 -4.28 -15.09 5.49
N ILE A 15 -4.02 -13.78 5.43
CA ILE A 15 -5.05 -12.79 5.72
C ILE A 15 -5.89 -12.49 4.50
N GLY A 16 -7.18 -12.38 4.73
CA GLY A 16 -8.13 -12.09 3.67
C GLY A 16 -9.51 -11.76 4.20
N GLU A 17 -9.55 -11.01 5.30
CA GLU A 17 -10.82 -10.60 5.90
C GLU A 17 -11.47 -9.48 5.12
N ASN A 18 -10.66 -8.51 4.70
CA ASN A 18 -11.14 -7.37 3.95
C ASN A 18 -9.94 -6.59 3.46
N ILE A 19 -8.90 -7.35 3.15
CA ILE A 19 -7.65 -6.81 2.72
C ILE A 19 -7.68 -6.35 1.28
N VAL A 20 -7.18 -5.14 1.08
CA VAL A 20 -7.14 -4.52 -0.21
C VAL A 20 -5.82 -4.84 -0.91
N CYS A 21 -4.73 -4.41 -0.29
CA CYS A 21 -3.40 -4.65 -0.82
C CYS A 21 -2.39 -4.80 0.32
N ARG A 22 -1.43 -5.71 0.13
CA ARG A 22 -0.41 -5.95 1.15
C ARG A 22 0.97 -5.53 0.65
N VAL A 23 1.71 -4.83 1.50
CA VAL A 23 3.04 -4.36 1.14
C VAL A 23 4.11 -5.30 1.69
N ILE A 24 4.94 -5.83 0.80
CA ILE A 24 6.00 -6.76 1.19
C ILE A 24 7.38 -6.22 0.83
N CYS A 25 8.17 -5.87 1.84
CA CYS A 25 9.51 -5.35 1.63
C CYS A 25 10.49 -6.52 1.48
N THR A 26 11.03 -6.69 0.28
CA THR A 26 11.96 -7.79 0.02
C THR A 26 13.42 -7.33 0.03
N THR A 27 13.65 -6.02 0.07
CA THR A 27 15.02 -5.50 0.08
C THR A 27 15.55 -5.40 1.51
N GLY A 28 14.71 -5.73 2.48
CA GLY A 28 15.12 -5.67 3.87
C GLY A 28 15.09 -4.27 4.43
N GLN A 29 13.95 -3.88 4.99
CA GLN A 29 13.81 -2.54 5.56
C GLN A 29 12.57 -2.45 6.44
N ILE A 30 11.45 -2.94 5.93
CA ILE A 30 10.19 -2.89 6.67
C ILE A 30 9.50 -4.25 6.71
N PRO A 31 8.87 -4.61 7.84
CA PRO A 31 8.15 -5.88 7.97
C PRO A 31 6.81 -5.85 7.23
N ILE A 32 6.47 -6.96 6.61
CA ILE A 32 5.23 -7.07 5.85
C ILE A 32 4.01 -6.60 6.66
N ARG A 33 3.12 -5.88 5.99
CA ARG A 33 1.91 -5.38 6.62
C ARG A 33 0.70 -5.60 5.71
N ASP A 34 -0.50 -5.52 6.26
CA ASP A 34 -1.70 -5.74 5.47
C ASP A 34 -2.63 -4.52 5.46
N LEU A 35 -2.87 -3.98 4.27
CA LEU A 35 -3.76 -2.85 4.09
C LEU A 35 -5.16 -3.37 3.76
N SER A 36 -6.20 -2.78 4.35
CA SER A 36 -7.54 -3.27 4.09
C SER A 36 -8.61 -2.20 4.09
N ALA A 37 -9.70 -2.55 3.42
CA ALA A 37 -10.87 -1.70 3.31
C ALA A 37 -12.14 -2.54 3.30
N ASP A 38 -13.18 -2.05 3.96
CA ASP A 38 -14.45 -2.79 4.02
C ASP A 38 -15.26 -2.64 2.74
N ILE A 39 -15.91 -3.72 2.34
CA ILE A 39 -16.72 -3.75 1.14
C ILE A 39 -17.92 -2.81 1.23
N SER A 40 -18.58 -2.82 2.38
CA SER A 40 -19.75 -1.98 2.60
C SER A 40 -19.41 -0.53 2.35
N GLN A 41 -18.21 -0.14 2.78
CA GLN A 41 -17.73 1.22 2.60
C GLN A 41 -17.50 1.51 1.13
N VAL A 42 -17.01 0.50 0.41
CA VAL A 42 -16.74 0.63 -1.02
C VAL A 42 -18.02 0.73 -1.83
N LEU A 43 -19.02 -0.08 -1.46
CA LEU A 43 -20.30 -0.10 -2.15
C LEU A 43 -21.10 1.17 -1.86
N LYS A 44 -20.88 1.75 -0.67
CA LYS A 44 -21.57 2.96 -0.27
C LYS A 44 -20.90 4.20 -0.87
N GLU A 45 -19.58 4.25 -0.76
CA GLU A 45 -18.83 5.39 -1.28
C GLU A 45 -18.98 5.50 -2.79
N LYS A 46 -19.58 6.60 -3.24
CA LYS A 46 -19.80 6.84 -4.66
C LYS A 46 -18.81 7.87 -5.19
N ARG A 47 -18.30 8.72 -4.30
CA ARG A 47 -17.34 9.76 -4.68
C ARG A 47 -16.12 9.14 -5.36
N SER A 48 -15.10 9.95 -5.59
CA SER A 48 -13.88 9.48 -6.24
C SER A 48 -12.82 9.11 -5.20
N ILE A 49 -13.28 8.64 -4.04
CA ILE A 49 -12.37 8.25 -2.97
C ILE A 49 -13.11 7.49 -1.87
N LYS A 50 -12.40 6.58 -1.20
CA LYS A 50 -12.99 5.79 -0.13
C LYS A 50 -12.04 5.66 1.05
N LYS A 51 -10.94 4.96 0.83
CA LYS A 51 -9.93 4.76 1.88
C LYS A 51 -8.53 4.83 1.30
N VAL A 52 -7.67 5.64 1.92
CA VAL A 52 -6.30 5.80 1.44
C VAL A 52 -5.28 5.59 2.54
N TRP A 53 -4.21 4.92 2.19
CA TRP A 53 -3.10 4.66 3.13
C TRP A 53 -1.93 5.59 2.90
N THR A 54 -1.33 6.08 3.98
CA THR A 54 -0.15 6.93 3.87
C THR A 54 1.04 6.20 4.47
N PHE A 55 2.10 6.10 3.69
CA PHE A 55 3.31 5.40 4.12
C PHE A 55 4.45 6.36 4.38
N GLY A 56 5.27 6.03 5.37
CA GLY A 56 6.40 6.88 5.71
C GLY A 56 6.99 6.58 7.07
N ARG A 57 8.11 7.21 7.38
CA ARG A 57 8.79 7.01 8.66
C ARG A 57 7.98 7.52 9.84
N ASN A 58 6.85 8.17 9.57
CA ASN A 58 6.01 8.72 10.62
C ASN A 58 5.07 7.67 11.18
N PRO A 59 4.95 7.59 12.52
CA PRO A 59 4.07 6.62 13.19
C PRO A 59 2.59 6.94 12.97
N ALA A 60 2.33 8.09 12.34
CA ALA A 60 0.97 8.49 12.05
C ALA A 60 0.52 7.81 10.77
N CYS A 61 1.43 7.82 9.83
CA CYS A 61 1.21 7.21 8.55
C CYS A 61 0.53 5.86 8.69
N ASP A 62 -0.42 5.62 7.83
CA ASP A 62 -1.15 4.36 7.83
C ASP A 62 -0.17 3.18 7.71
N TYR A 63 1.05 3.47 7.23
CA TYR A 63 2.06 2.43 7.07
C TYR A 63 3.37 2.85 7.74
N HIS A 64 3.75 2.12 8.78
CA HIS A 64 4.98 2.43 9.51
C HIS A 64 6.18 1.71 8.89
N LEU A 65 7.24 2.46 8.64
CA LEU A 65 8.46 1.90 8.07
C LEU A 65 9.68 2.37 8.84
N GLY A 66 10.86 1.98 8.37
CA GLY A 66 12.09 2.38 9.03
C GLY A 66 12.24 3.88 9.13
N ASN A 67 13.42 4.34 9.49
CA ASN A 67 13.68 5.77 9.61
C ASN A 67 14.85 6.18 8.74
N ILE A 68 14.59 6.41 7.45
CA ILE A 68 15.64 6.80 6.52
C ILE A 68 15.46 8.25 6.09
N SER A 69 16.55 9.02 6.17
CA SER A 69 16.53 10.42 5.79
C SER A 69 16.06 10.60 4.35
N ARG A 70 16.35 9.61 3.50
CA ARG A 70 15.97 9.67 2.10
C ARG A 70 14.46 9.75 1.95
N LEU A 71 13.73 9.07 2.82
CA LEU A 71 12.27 9.07 2.76
C LEU A 71 11.67 10.15 3.64
N SER A 72 10.48 10.60 3.26
CA SER A 72 9.78 11.65 4.01
C SER A 72 8.79 11.07 5.02
N ASN A 73 8.26 11.92 5.90
CA ASN A 73 7.28 11.50 6.91
C ASN A 73 6.24 10.60 6.27
N LYS A 74 5.65 11.10 5.20
CA LYS A 74 4.67 10.38 4.41
C LYS A 74 5.24 10.25 3.01
N HIS A 75 6.08 9.24 2.83
CA HIS A 75 6.75 9.03 1.57
C HIS A 75 5.79 8.78 0.43
N PHE A 76 4.83 7.90 0.66
CA PHE A 76 3.86 7.59 -0.40
C PHE A 76 2.48 7.27 0.19
N GLN A 77 1.46 7.37 -0.65
CA GLN A 77 0.09 7.11 -0.21
C GLN A 77 -0.67 6.26 -1.22
N ILE A 78 -1.50 5.33 -0.74
CA ILE A 78 -2.30 4.48 -1.63
C ILE A 78 -3.79 4.73 -1.41
N LEU A 79 -4.52 5.02 -2.48
CA LEU A 79 -5.95 5.28 -2.37
C LEU A 79 -6.81 4.19 -3.01
N LEU A 80 -8.00 4.00 -2.47
CA LEU A 80 -8.93 3.01 -2.97
C LEU A 80 -10.24 3.68 -3.38
N GLY A 81 -10.64 3.51 -4.63
CA GLY A 81 -11.87 4.11 -5.12
C GLY A 81 -12.24 3.64 -6.51
N GLU A 82 -13.06 4.43 -7.19
CA GLU A 82 -13.49 4.09 -8.55
C GLU A 82 -14.22 2.74 -8.56
N ASP A 83 -14.61 2.30 -9.75
CA ASP A 83 -15.31 1.03 -9.90
C ASP A 83 -14.34 -0.14 -9.74
N GLY A 84 -13.78 -0.28 -8.54
CA GLY A 84 -12.84 -1.35 -8.27
C GLY A 84 -11.40 -0.94 -8.51
N ASN A 85 -10.49 -1.90 -8.44
CA ASN A 85 -9.06 -1.63 -8.64
C ASN A 85 -8.54 -0.66 -7.59
N LEU A 86 -7.22 -0.47 -7.58
CA LEU A 86 -6.59 0.43 -6.62
C LEU A 86 -5.63 1.39 -7.32
N LEU A 87 -5.32 2.50 -6.65
CA LEU A 87 -4.41 3.50 -7.20
C LEU A 87 -3.29 3.77 -6.21
N LEU A 88 -2.11 4.08 -6.74
CA LEU A 88 -0.96 4.36 -5.90
C LEU A 88 -0.58 5.83 -6.04
N ASN A 89 -0.57 6.55 -4.92
CA ASN A 89 -0.25 7.97 -4.93
C ASN A 89 1.06 8.25 -4.23
N ASP A 90 2.04 8.73 -4.98
CA ASP A 90 3.34 9.07 -4.42
C ASP A 90 3.26 10.40 -3.69
N ILE A 91 3.96 10.53 -2.57
CA ILE A 91 3.92 11.77 -1.79
C ILE A 91 5.23 12.00 -1.02
N SER A 92 6.35 11.64 -1.62
CA SER A 92 7.63 11.80 -0.99
C SER A 92 8.35 13.06 -1.46
N THR A 93 9.13 13.65 -0.58
CA THR A 93 9.91 14.82 -0.93
C THR A 93 11.02 14.44 -1.91
N ASN A 94 11.50 13.20 -1.78
CA ASN A 94 12.57 12.70 -2.63
C ASN A 94 12.04 11.99 -3.88
N GLY A 95 10.78 11.54 -3.85
CA GLY A 95 10.21 10.87 -4.99
C GLY A 95 9.90 9.41 -4.76
N THR A 96 8.91 8.92 -5.49
CA THR A 96 8.49 7.52 -5.43
C THR A 96 8.71 6.86 -6.78
N TRP A 97 9.21 5.63 -6.77
CA TRP A 97 9.50 4.93 -8.02
C TRP A 97 8.69 3.67 -8.21
N LEU A 98 8.39 3.39 -9.47
CA LEU A 98 7.67 2.19 -9.84
C LEU A 98 8.50 1.41 -10.86
N ASN A 99 8.96 0.24 -10.45
CA ASN A 99 9.79 -0.61 -11.31
C ASN A 99 10.89 0.19 -12.03
N GLY A 100 11.53 1.09 -11.31
CA GLY A 100 12.61 1.87 -11.88
C GLY A 100 12.12 3.11 -12.61
N GLN A 101 10.80 3.28 -12.70
CA GLN A 101 10.25 4.44 -13.38
C GLN A 101 9.72 5.45 -12.37
N LYS A 102 10.30 6.64 -12.37
CA LYS A 102 9.90 7.70 -11.47
C LYS A 102 8.57 8.32 -11.89
N VAL A 103 7.57 8.20 -11.03
CA VAL A 103 6.24 8.74 -11.31
C VAL A 103 6.06 10.11 -10.67
N GLU A 104 5.10 10.88 -11.18
CA GLU A 104 4.83 12.21 -10.66
C GLU A 104 4.22 12.13 -9.27
N LYS A 105 4.77 12.88 -8.32
CA LYS A 105 4.23 12.86 -6.96
C LYS A 105 2.74 13.19 -6.98
N ASN A 106 2.09 12.95 -5.85
CA ASN A 106 0.66 13.20 -5.70
C ASN A 106 -0.11 12.86 -6.97
N SER A 107 0.37 11.84 -7.67
CA SER A 107 -0.27 11.38 -8.90
C SER A 107 -0.87 10.00 -8.71
N ASN A 108 -2.04 9.77 -9.30
CA ASN A 108 -2.72 8.48 -9.19
C ASN A 108 -2.34 7.55 -10.35
N GLN A 109 -1.93 6.33 -10.01
CA GLN A 109 -1.55 5.36 -11.02
C GLN A 109 -2.28 4.04 -10.80
N LEU A 110 -2.52 3.31 -11.89
CA LEU A 110 -3.20 2.02 -11.79
C LEU A 110 -2.28 0.98 -11.18
N LEU A 111 -2.78 0.22 -10.22
CA LEU A 111 -1.98 -0.80 -9.55
C LEU A 111 -1.53 -1.90 -10.51
N SER A 112 -0.51 -2.60 -10.08
CA SER A 112 0.06 -3.70 -10.83
C SER A 112 0.09 -4.97 -9.98
N GLN A 113 0.05 -6.14 -10.62
CA GLN A 113 0.09 -7.39 -9.88
C GLN A 113 1.48 -7.61 -9.30
N GLY A 114 1.56 -7.64 -7.98
CA GLY A 114 2.83 -7.81 -7.31
C GLY A 114 3.80 -6.70 -7.66
N ASP A 115 3.24 -5.53 -7.95
CA ASP A 115 4.04 -4.36 -8.31
C ASP A 115 5.09 -4.07 -7.25
N GLU A 116 5.96 -3.11 -7.54
CA GLU A 116 7.02 -2.73 -6.61
C GLU A 116 7.28 -1.23 -6.68
N ILE A 117 7.41 -0.60 -5.52
CA ILE A 117 7.69 0.82 -5.44
C ILE A 117 9.05 1.06 -4.81
N THR A 118 9.90 1.82 -5.50
CA THR A 118 11.24 2.12 -5.00
C THR A 118 11.29 3.55 -4.47
N VAL A 119 12.01 3.74 -3.38
CA VAL A 119 12.12 5.07 -2.78
C VAL A 119 13.53 5.35 -2.28
N GLY A 120 13.84 6.63 -2.13
CA GLY A 120 15.14 7.03 -1.67
C GLY A 120 16.13 7.14 -2.80
N VAL A 121 15.63 7.49 -3.98
CA VAL A 121 16.46 7.60 -5.17
C VAL A 121 17.25 8.90 -5.17
N GLY A 122 18.49 8.78 -5.62
CA GLY A 122 19.39 9.90 -5.68
C GLY A 122 20.79 9.41 -5.37
N VAL A 123 20.87 8.51 -4.40
CA VAL A 123 22.10 7.91 -3.98
C VAL A 123 22.02 6.41 -4.23
N GLU A 124 22.90 5.89 -5.06
CA GLU A 124 22.90 4.47 -5.40
C GLU A 124 22.85 3.58 -4.17
N SER A 125 23.45 4.04 -3.07
CA SER A 125 23.49 3.27 -1.85
C SER A 125 22.36 3.63 -0.89
N ASP A 126 21.41 4.45 -1.32
CA ASP A 126 20.32 4.84 -0.43
C ASP A 126 18.94 4.66 -1.03
N ILE A 127 18.79 3.64 -1.84
CA ILE A 127 17.51 3.31 -2.45
C ILE A 127 16.91 2.08 -1.81
N LEU A 128 15.60 2.12 -1.60
CA LEU A 128 14.87 1.02 -0.99
C LEU A 128 13.73 0.57 -1.90
N SER A 129 13.58 -0.74 -2.07
CA SER A 129 12.53 -1.29 -2.93
C SER A 129 11.41 -1.92 -2.11
N LEU A 130 10.17 -1.63 -2.50
CA LEU A 130 8.99 -2.16 -1.83
C LEU A 130 8.11 -2.91 -2.82
N VAL A 131 7.52 -4.02 -2.38
CA VAL A 131 6.65 -4.81 -3.26
C VAL A 131 5.19 -4.73 -2.80
N ILE A 132 4.30 -4.48 -3.74
CA ILE A 132 2.89 -4.36 -3.45
C ILE A 132 2.14 -5.59 -3.93
N PHE A 133 1.45 -6.25 -3.01
CA PHE A 133 0.68 -7.45 -3.32
C PHE A 133 -0.82 -7.16 -3.25
N ILE A 134 -1.57 -7.69 -4.22
CA ILE A 134 -3.00 -7.49 -4.27
C ILE A 134 -3.76 -8.75 -3.87
N ASN A 135 -4.75 -8.57 -2.99
CA ASN A 135 -5.55 -9.70 -2.51
C ASN A 135 -6.68 -10.01 -3.49
N ASP A 136 -6.72 -11.25 -3.98
CA ASP A 136 -7.73 -11.68 -4.92
C ASP A 136 -9.08 -11.86 -4.22
N LYS A 137 -9.04 -12.17 -2.93
CA LYS A 137 -10.25 -12.37 -2.15
C LYS A 137 -11.13 -11.13 -2.21
N PHE A 138 -10.50 -9.97 -2.09
CA PHE A 138 -11.20 -8.70 -2.14
C PHE A 138 -11.96 -8.55 -3.45
N LYS A 139 -11.30 -8.91 -4.55
CA LYS A 139 -11.90 -8.82 -5.87
C LYS A 139 -13.11 -9.74 -5.98
N GLN A 140 -13.04 -10.90 -5.35
CA GLN A 140 -14.12 -11.87 -5.37
C GLN A 140 -15.39 -11.28 -4.75
N CYS A 141 -15.24 -10.66 -3.59
CA CYS A 141 -16.37 -10.06 -2.89
C CYS A 141 -16.91 -8.86 -3.66
N LEU A 142 -16.00 -8.05 -4.18
CA LEU A 142 -16.39 -6.86 -4.94
C LEU A 142 -17.11 -7.24 -6.22
N GLU A 143 -16.69 -8.34 -6.84
CA GLU A 143 -17.31 -8.81 -8.08
C GLU A 143 -18.77 -9.16 -7.85
N GLN A 144 -19.05 -9.85 -6.76
CA GLN A 144 -20.41 -10.25 -6.42
C GLN A 144 -21.15 -9.12 -5.70
N ASN A 145 -20.39 -8.32 -4.94
CA ASN A 145 -20.95 -7.20 -4.19
C ASN A 145 -22.26 -7.58 -3.48
N LYS A 146 -23.39 -7.39 -4.16
CA LYS A 146 -24.68 -7.72 -3.58
C LYS A 146 -25.00 -9.20 -3.78
N VAL A 147 -25.38 -9.87 -2.69
CA VAL A 147 -25.71 -11.29 -2.73
C VAL A 147 -27.21 -11.49 -2.89
N ASP A 148 -27.59 -12.36 -3.83
CA ASP A 148 -29.00 -12.64 -4.08
C ASP A 148 -29.41 -13.94 -3.40
N ARG A 149 -30.63 -13.96 -2.88
CA ARG A 149 -31.15 -15.15 -2.19
C ARG A 149 -31.73 -16.15 -3.20
N ILE A 150 -32.28 -15.63 -4.28
CA ILE A 150 -32.86 -16.48 -5.32
C ILE A 150 -31.84 -16.79 -6.41
N ARG A 151 -31.52 -18.08 -6.56
CA ARG A 151 -30.56 -18.52 -7.56
C ARG A 151 -29.20 -17.88 -7.33
N ASN B 1 18.60 23.66 15.98
CA ASN B 1 17.33 22.91 15.75
C ASN B 1 17.59 21.53 15.17
N ASP B 2 16.52 20.82 14.85
CA ASP B 2 16.62 19.48 14.28
C ASP B 2 15.83 19.36 12.98
N PRO B 3 16.51 19.47 11.83
CA PRO B 3 15.86 19.38 10.52
C PRO B 3 15.35 17.97 10.22
N ASP B 4 14.85 17.77 9.00
CA ASP B 4 14.33 16.47 8.60
C ASP B 4 14.10 16.43 7.09
N TPO B 5 14.10 15.23 6.53
CA TPO B 5 13.89 15.05 5.09
CB TPO B 5 12.52 15.61 4.67
CG2 TPO B 5 12.31 15.45 3.16
OG1 TPO B 5 11.49 14.96 5.35
P TPO B 5 10.24 15.79 5.77
O1P TPO B 5 9.05 15.04 5.13
O2P TPO B 5 10.17 15.63 7.31
O3P TPO B 5 10.33 17.23 5.34
C TPO B 5 14.99 15.73 4.29
O TPO B 5 15.50 16.77 4.68
H2 TPO B 5 14.27 14.44 7.08
HA TPO B 5 13.90 13.99 4.88
HB TPO B 5 12.49 16.67 4.90
HG21 TPO B 5 13.11 15.95 2.63
HG22 TPO B 5 11.37 15.89 2.88
HG23 TPO B 5 12.31 14.40 2.91
N LEU B 6 15.37 15.11 3.17
CA LEU B 6 16.41 15.66 2.31
C LEU B 6 16.33 15.07 0.90
N GLU B 7 17.25 15.52 0.04
CA GLU B 7 17.30 15.04 -1.33
C GLU B 7 18.74 14.88 -1.79
N ILE B 8 19.43 13.89 -1.21
CA ILE B 8 20.83 13.61 -1.52
C ILE B 8 21.70 14.86 -1.44
N TYR B 9 23.00 14.66 -1.23
CA TYR B 9 23.94 15.76 -1.12
C TYR B 9 24.69 15.97 -2.43
N SER B 10 23.95 16.16 -3.51
CA SER B 10 24.54 16.37 -4.83
C SER B 10 25.46 17.59 -4.82
N ALA A 1 7.49 -21.47 21.97
CA ALA A 1 8.25 -21.31 20.73
C ALA A 1 8.19 -22.57 19.88
N THR A 2 7.00 -23.17 19.82
CA THR A 2 6.80 -24.38 19.03
C THR A 2 5.32 -24.63 18.77
N GLN A 3 4.51 -24.49 19.82
CA GLN A 3 3.07 -24.70 19.70
C GLN A 3 2.43 -23.62 18.83
N ARG A 4 2.89 -22.38 19.00
CA ARG A 4 2.37 -21.27 18.23
C ARG A 4 2.57 -21.50 16.73
N PHE A 5 3.74 -21.99 16.37
CA PHE A 5 4.06 -22.26 14.97
C PHE A 5 3.06 -23.24 14.36
N LEU A 6 2.67 -24.23 15.15
CA LEU A 6 1.71 -25.23 14.70
C LEU A 6 0.38 -24.58 14.31
N ILE A 7 0.05 -23.48 14.99
CA ILE A 7 -1.19 -22.76 14.71
C ILE A 7 -1.10 -22.02 13.38
N GLU A 8 0.10 -21.51 13.07
CA GLU A 8 0.30 -20.78 11.84
C GLU A 8 -0.05 -21.66 10.64
N LYS A 9 0.34 -22.92 10.71
CA LYS A 9 0.06 -23.88 9.64
C LYS A 9 -1.44 -24.15 9.55
N PHE A 10 -2.15 -23.93 10.66
CA PHE A 10 -3.58 -24.16 10.71
C PHE A 10 -4.31 -23.36 9.65
N SER A 11 -3.96 -22.07 9.55
CA SER A 11 -4.57 -21.19 8.56
C SER A 11 -4.25 -21.64 7.14
N GLN A 12 -3.01 -22.08 6.93
CA GLN A 12 -2.57 -22.55 5.63
C GLN A 12 -2.62 -21.42 4.61
N GLU A 13 -3.80 -21.14 4.08
CA GLU A 13 -3.98 -20.08 3.10
C GLU A 13 -3.82 -18.71 3.73
N GLN A 14 -3.53 -17.72 2.90
CA GLN A 14 -3.33 -16.35 3.38
C GLN A 14 -4.64 -15.81 3.96
N ILE A 15 -4.52 -15.04 5.05
CA ILE A 15 -5.68 -14.46 5.69
C ILE A 15 -6.14 -13.18 4.99
N GLY A 16 -7.44 -13.07 4.86
CA GLY A 16 -8.04 -11.92 4.20
C GLY A 16 -9.37 -11.53 4.82
N GLU A 17 -9.31 -10.82 5.94
CA GLU A 17 -10.53 -10.37 6.62
C GLU A 17 -11.26 -9.33 5.80
N ASN A 18 -10.50 -8.47 5.13
CA ASN A 18 -11.07 -7.42 4.30
C ASN A 18 -9.93 -6.59 3.76
N ILE A 19 -8.88 -7.32 3.41
CA ILE A 19 -7.67 -6.74 2.93
C ILE A 19 -7.78 -6.26 1.49
N VAL A 20 -7.25 -5.07 1.27
CA VAL A 20 -7.25 -4.43 0.00
C VAL A 20 -5.97 -4.76 -0.76
N CYS A 21 -4.86 -4.34 -0.16
CA CYS A 21 -3.54 -4.58 -0.72
C CYS A 21 -2.56 -4.97 0.39
N ARG A 22 -1.47 -5.64 0.03
CA ARG A 22 -0.49 -6.07 1.02
C ARG A 22 0.92 -5.60 0.64
N VAL A 23 1.51 -4.79 1.52
CA VAL A 23 2.86 -4.27 1.28
C VAL A 23 3.91 -5.22 1.84
N ILE A 24 4.82 -5.67 0.97
CA ILE A 24 5.87 -6.59 1.37
C ILE A 24 7.23 -6.13 0.87
N CYS A 25 8.14 -5.85 1.78
CA CYS A 25 9.49 -5.42 1.41
C CYS A 25 10.37 -6.63 1.13
N THR A 26 10.82 -6.74 -0.12
CA THR A 26 11.66 -7.87 -0.53
C THR A 26 13.15 -7.56 -0.39
N THR A 27 13.50 -6.28 -0.43
CA THR A 27 14.89 -5.88 -0.32
C THR A 27 15.36 -5.87 1.13
N GLY A 28 14.45 -6.16 2.04
CA GLY A 28 14.78 -6.22 3.46
C GLY A 28 15.02 -4.85 4.07
N GLN A 29 13.94 -4.11 4.32
CA GLN A 29 14.04 -2.79 4.91
C GLN A 29 12.89 -2.54 5.88
N ILE A 30 11.69 -2.98 5.51
CA ILE A 30 10.51 -2.79 6.33
C ILE A 30 9.72 -4.09 6.46
N PRO A 31 9.13 -4.36 7.64
CA PRO A 31 8.34 -5.56 7.88
C PRO A 31 7.02 -5.54 7.13
N ILE A 32 6.56 -6.70 6.68
CA ILE A 32 5.31 -6.82 5.94
C ILE A 32 4.15 -6.16 6.67
N ARG A 33 3.17 -5.71 5.90
CA ARG A 33 1.98 -5.05 6.45
C ARG A 33 0.76 -5.37 5.59
N ASP A 34 -0.43 -5.13 6.12
CA ASP A 34 -1.66 -5.41 5.37
C ASP A 34 -2.60 -4.21 5.31
N LEU A 35 -2.89 -3.77 4.09
CA LEU A 35 -3.80 -2.65 3.87
C LEU A 35 -5.20 -3.20 3.65
N SER A 36 -6.18 -2.70 4.40
CA SER A 36 -7.54 -3.21 4.26
C SER A 36 -8.58 -2.13 4.29
N ALA A 37 -9.71 -2.47 3.70
CA ALA A 37 -10.86 -1.58 3.63
C ALA A 37 -12.16 -2.36 3.81
N ASP A 38 -13.12 -1.75 4.52
CA ASP A 38 -14.40 -2.39 4.76
C ASP A 38 -15.28 -2.37 3.52
N ILE A 39 -15.93 -3.49 3.23
CA ILE A 39 -16.80 -3.62 2.06
C ILE A 39 -18.00 -2.68 2.14
N SER A 40 -18.61 -2.61 3.32
CA SER A 40 -19.79 -1.77 3.51
C SER A 40 -19.47 -0.32 3.15
N GLN A 41 -18.26 0.09 3.49
CA GLN A 41 -17.80 1.44 3.20
C GLN A 41 -17.62 1.63 1.70
N VAL A 42 -17.16 0.59 1.03
CA VAL A 42 -16.94 0.62 -0.41
C VAL A 42 -18.27 0.73 -1.16
N LEU A 43 -19.27 -0.01 -0.68
CA LEU A 43 -20.58 0.00 -1.32
C LEU A 43 -21.30 1.32 -1.07
N LYS A 44 -21.13 1.87 0.13
CA LYS A 44 -21.76 3.14 0.49
C LYS A 44 -21.07 4.30 -0.20
N GLU A 45 -19.76 4.23 -0.30
CA GLU A 45 -18.97 5.29 -0.94
C GLU A 45 -19.23 5.32 -2.44
N LYS A 46 -19.98 6.32 -2.89
CA LYS A 46 -20.30 6.47 -4.31
C LYS A 46 -19.41 7.54 -4.95
N ARG A 47 -18.21 7.69 -4.44
CA ARG A 47 -17.26 8.67 -4.97
C ARG A 47 -16.07 7.97 -5.63
N SER A 48 -15.03 8.75 -5.90
CA SER A 48 -13.83 8.21 -6.54
C SER A 48 -12.76 7.91 -5.49
N ILE A 49 -13.19 7.49 -4.30
CA ILE A 49 -12.27 7.18 -3.22
C ILE A 49 -13.01 6.60 -2.02
N LYS A 50 -12.33 5.76 -1.26
CA LYS A 50 -12.93 5.13 -0.08
C LYS A 50 -11.96 5.18 1.10
N LYS A 51 -10.79 4.59 0.93
CA LYS A 51 -9.79 4.56 1.99
C LYS A 51 -8.38 4.64 1.41
N VAL A 52 -7.56 5.53 1.97
CA VAL A 52 -6.20 5.72 1.48
C VAL A 52 -5.18 5.55 2.60
N TRP A 53 -4.08 4.87 2.25
CA TRP A 53 -2.99 4.64 3.20
C TRP A 53 -1.82 5.57 2.98
N THR A 54 -1.23 6.06 4.05
CA THR A 54 -0.05 6.93 3.96
C THR A 54 1.15 6.21 4.56
N PHE A 55 2.23 6.13 3.78
CA PHE A 55 3.45 5.46 4.21
C PHE A 55 4.56 6.46 4.50
N GLY A 56 5.39 6.15 5.49
CA GLY A 56 6.49 7.03 5.83
C GLY A 56 7.09 6.74 7.19
N ARG A 57 8.14 7.49 7.55
CA ARG A 57 8.81 7.32 8.83
C ARG A 57 7.95 7.78 10.00
N ASN A 58 6.79 8.35 9.71
CA ASN A 58 5.90 8.83 10.75
C ASN A 58 5.02 7.71 11.30
N PRO A 59 4.90 7.61 12.64
CA PRO A 59 4.07 6.59 13.28
C PRO A 59 2.58 6.84 13.05
N ALA A 60 2.26 7.98 12.44
CA ALA A 60 0.90 8.34 12.15
C ALA A 60 0.50 7.67 10.87
N CYS A 61 1.42 7.74 9.92
CA CYS A 61 1.24 7.14 8.63
C CYS A 61 0.61 5.78 8.76
N ASP A 62 -0.33 5.50 7.88
CA ASP A 62 -1.00 4.21 7.90
C ASP A 62 0.02 3.08 7.79
N TYR A 63 1.23 3.41 7.32
CA TYR A 63 2.29 2.42 7.18
C TYR A 63 3.57 2.91 7.83
N HIS A 64 4.12 2.11 8.74
CA HIS A 64 5.35 2.48 9.43
C HIS A 64 6.56 1.80 8.79
N LEU A 65 7.61 2.58 8.53
CA LEU A 65 8.82 2.07 7.92
C LEU A 65 10.05 2.53 8.70
N GLY A 66 11.23 2.12 8.23
CA GLY A 66 12.45 2.51 8.90
C GLY A 66 12.66 4.01 8.91
N ASN A 67 13.74 4.45 9.54
CA ASN A 67 14.04 5.88 9.60
C ASN A 67 15.06 6.27 8.53
N ILE A 68 14.62 6.26 7.28
CA ILE A 68 15.47 6.61 6.16
C ILE A 68 15.33 8.09 5.80
N SER A 69 16.42 8.83 5.96
CA SER A 69 16.42 10.26 5.65
C SER A 69 15.96 10.52 4.22
N ARG A 70 16.29 9.62 3.31
CA ARG A 70 15.90 9.76 1.92
C ARG A 70 14.38 9.79 1.78
N LEU A 71 13.69 9.19 2.74
CA LEU A 71 12.23 9.14 2.70
C LEU A 71 11.63 10.26 3.54
N SER A 72 10.44 10.72 3.14
CA SER A 72 9.76 11.80 3.85
C SER A 72 8.78 11.25 4.89
N ASN A 73 8.26 12.15 5.74
CA ASN A 73 7.29 11.77 6.78
C ASN A 73 6.25 10.81 6.19
N LYS A 74 5.65 11.25 5.10
CA LYS A 74 4.67 10.46 4.37
C LYS A 74 5.20 10.32 2.96
N HIS A 75 6.06 9.33 2.78
CA HIS A 75 6.71 9.10 1.51
C HIS A 75 5.74 8.80 0.39
N PHE A 76 4.81 7.92 0.64
CA PHE A 76 3.83 7.57 -0.39
C PHE A 76 2.47 7.22 0.20
N GLN A 77 1.45 7.25 -0.64
CA GLN A 77 0.08 6.97 -0.21
C GLN A 77 -0.64 6.05 -1.19
N ILE A 78 -1.52 5.19 -0.69
CA ILE A 78 -2.28 4.29 -1.56
C ILE A 78 -3.77 4.48 -1.33
N LEU A 79 -4.54 4.61 -2.42
CA LEU A 79 -5.99 4.81 -2.30
C LEU A 79 -6.77 3.72 -3.01
N LEU A 80 -7.94 3.42 -2.48
CA LEU A 80 -8.84 2.42 -3.06
C LEU A 80 -10.22 3.03 -3.31
N GLY A 81 -10.67 2.98 -4.55
CA GLY A 81 -11.96 3.54 -4.89
C GLY A 81 -12.58 2.89 -6.11
N GLU A 82 -11.76 2.65 -7.14
CA GLU A 82 -12.23 2.03 -8.36
C GLU A 82 -13.00 0.75 -8.08
N ASP A 83 -13.65 0.21 -9.11
CA ASP A 83 -14.41 -1.02 -8.96
C ASP A 83 -13.51 -2.24 -8.97
N GLY A 84 -12.77 -2.45 -7.88
CA GLY A 84 -11.87 -3.58 -7.78
C GLY A 84 -10.42 -3.20 -7.98
N ASN A 85 -10.18 -2.19 -8.82
CA ASN A 85 -8.83 -1.73 -9.11
C ASN A 85 -8.31 -0.87 -7.96
N LEU A 86 -6.99 -0.78 -7.85
CA LEU A 86 -6.36 0.00 -6.79
C LEU A 86 -5.58 1.18 -7.38
N LEU A 87 -5.31 2.18 -6.55
CA LEU A 87 -4.57 3.36 -6.98
C LEU A 87 -3.42 3.65 -6.03
N LEU A 88 -2.27 3.98 -6.59
CA LEU A 88 -1.09 4.28 -5.81
C LEU A 88 -0.71 5.76 -5.96
N ASN A 89 -0.69 6.48 -4.85
CA ASN A 89 -0.36 7.90 -4.89
C ASN A 89 0.97 8.20 -4.21
N ASP A 90 1.92 8.72 -4.96
CA ASP A 90 3.22 9.07 -4.43
C ASP A 90 3.13 10.41 -3.69
N ILE A 91 3.79 10.52 -2.55
CA ILE A 91 3.75 11.76 -1.77
C ILE A 91 5.07 12.01 -1.04
N SER A 92 6.20 11.68 -1.67
CA SER A 92 7.49 11.86 -1.05
C SER A 92 8.16 13.13 -1.51
N THR A 93 8.98 13.69 -0.65
CA THR A 93 9.74 14.89 -0.97
C THR A 93 10.79 14.57 -2.02
N ASN A 94 11.30 13.33 -1.97
CA ASN A 94 12.33 12.90 -2.91
C ASN A 94 11.77 12.15 -4.12
N GLY A 95 10.54 11.63 -4.00
CA GLY A 95 9.94 10.93 -5.11
C GLY A 95 9.67 9.46 -4.83
N THR A 96 8.70 8.92 -5.57
CA THR A 96 8.30 7.52 -5.46
C THR A 96 8.56 6.82 -6.79
N TRP A 97 9.09 5.62 -6.75
CA TRP A 97 9.42 4.90 -7.97
C TRP A 97 8.61 3.62 -8.16
N LEU A 98 8.36 3.31 -9.43
CA LEU A 98 7.65 2.11 -9.80
C LEU A 98 8.53 1.32 -10.77
N ASN A 99 8.98 0.15 -10.33
CA ASN A 99 9.83 -0.71 -11.14
C ASN A 99 10.94 0.06 -11.86
N GLY A 100 11.57 0.99 -11.14
CA GLY A 100 12.66 1.76 -11.70
C GLY A 100 12.20 3.00 -12.43
N GLN A 101 10.90 3.12 -12.67
CA GLN A 101 10.37 4.29 -13.35
C GLN A 101 9.68 5.23 -12.37
N LYS A 102 10.19 6.44 -12.25
CA LYS A 102 9.65 7.43 -11.37
C LYS A 102 8.31 7.96 -11.87
N VAL A 103 7.30 7.88 -11.02
CA VAL A 103 5.97 8.36 -11.36
C VAL A 103 5.76 9.79 -10.88
N GLU A 104 4.71 10.43 -11.39
CA GLU A 104 4.40 11.80 -10.99
C GLU A 104 3.91 11.86 -9.56
N LYS A 105 4.55 12.69 -8.74
CA LYS A 105 4.16 12.82 -7.34
C LYS A 105 2.67 13.13 -7.23
N ASN A 106 2.12 12.90 -6.04
CA ASN A 106 0.71 13.14 -5.76
C ASN A 106 -0.18 12.80 -6.95
N SER A 107 0.23 11.79 -7.70
CA SER A 107 -0.52 11.34 -8.87
C SER A 107 -1.11 9.94 -8.63
N ASN A 108 -2.30 9.71 -9.18
CA ASN A 108 -2.95 8.42 -9.03
C ASN A 108 -2.58 7.49 -10.19
N GLN A 109 -2.12 6.29 -9.85
CA GLN A 109 -1.73 5.32 -10.88
C GLN A 109 -2.39 3.97 -10.61
N LEU A 110 -2.70 3.25 -11.68
CA LEU A 110 -3.32 1.94 -11.57
C LEU A 110 -2.30 0.92 -11.07
N LEU A 111 -2.49 0.44 -9.84
CA LEU A 111 -1.57 -0.53 -9.26
C LEU A 111 -1.40 -1.76 -10.12
N SER A 112 -0.40 -2.54 -9.77
CA SER A 112 -0.09 -3.79 -10.48
C SER A 112 -0.06 -4.97 -9.50
N GLN A 113 -0.33 -6.17 -10.01
CA GLN A 113 -0.31 -7.34 -9.16
C GLN A 113 1.12 -7.70 -8.79
N GLY A 114 1.42 -7.63 -7.49
CA GLY A 114 2.75 -7.92 -7.03
C GLY A 114 3.75 -6.88 -7.49
N ASP A 115 3.24 -5.68 -7.77
CA ASP A 115 4.08 -4.58 -8.23
C ASP A 115 5.14 -4.24 -7.19
N GLU A 116 5.97 -3.24 -7.51
CA GLU A 116 7.03 -2.84 -6.60
C GLU A 116 7.26 -1.32 -6.67
N ILE A 117 7.40 -0.69 -5.50
CA ILE A 117 7.65 0.74 -5.43
C ILE A 117 9.00 1.01 -4.80
N THR A 118 9.83 1.80 -5.47
CA THR A 118 11.14 2.12 -4.96
C THR A 118 11.15 3.54 -4.42
N VAL A 119 11.83 3.75 -3.30
CA VAL A 119 11.88 5.08 -2.69
C VAL A 119 13.27 5.40 -2.14
N GLY A 120 13.53 6.70 -1.99
CA GLY A 120 14.80 7.14 -1.48
C GLY A 120 15.83 7.26 -2.58
N VAL A 121 15.35 7.53 -3.78
CA VAL A 121 16.21 7.66 -4.94
C VAL A 121 17.00 8.96 -4.94
N GLY A 122 18.24 8.84 -5.35
CA GLY A 122 19.14 9.96 -5.39
C GLY A 122 20.54 9.49 -5.13
N VAL A 123 20.66 8.62 -4.13
CA VAL A 123 21.91 8.04 -3.74
C VAL A 123 21.88 6.55 -4.08
N GLU A 124 22.90 6.09 -4.79
CA GLU A 124 22.97 4.69 -5.21
C GLU A 124 22.73 3.72 -4.05
N SER A 125 23.33 3.99 -2.90
CA SER A 125 23.21 3.11 -1.75
C SER A 125 22.08 3.51 -0.80
N ASP A 126 21.27 4.51 -1.16
CA ASP A 126 20.20 4.95 -0.27
C ASP A 126 18.81 4.79 -0.86
N ILE A 127 18.63 3.75 -1.64
CA ILE A 127 17.35 3.45 -2.25
C ILE A 127 16.71 2.24 -1.58
N LEU A 128 15.40 2.32 -1.39
CA LEU A 128 14.63 1.25 -0.76
C LEU A 128 13.54 0.74 -1.69
N SER A 129 13.42 -0.58 -1.79
CA SER A 129 12.41 -1.19 -2.66
C SER A 129 11.29 -1.85 -1.86
N LEU A 130 10.06 -1.69 -2.34
CA LEU A 130 8.89 -2.26 -1.69
C LEU A 130 8.01 -2.98 -2.71
N VAL A 131 7.41 -4.10 -2.30
CA VAL A 131 6.53 -4.86 -3.18
C VAL A 131 5.08 -4.84 -2.68
N ILE A 132 4.16 -4.56 -3.58
CA ILE A 132 2.76 -4.49 -3.25
C ILE A 132 2.01 -5.72 -3.78
N PHE A 133 1.22 -6.35 -2.91
CA PHE A 133 0.46 -7.53 -3.29
C PHE A 133 -1.04 -7.26 -3.21
N ILE A 134 -1.69 -7.24 -4.36
CA ILE A 134 -3.14 -6.99 -4.41
C ILE A 134 -3.93 -8.28 -4.20
N ASN A 135 -4.88 -8.22 -3.28
CA ASN A 135 -5.71 -9.37 -2.97
C ASN A 135 -6.76 -9.60 -4.06
N ASP A 136 -6.78 -10.83 -4.59
CA ASP A 136 -7.73 -11.18 -5.64
C ASP A 136 -9.15 -11.33 -5.08
N LYS A 137 -9.23 -11.86 -3.86
CA LYS A 137 -10.51 -12.06 -3.21
C LYS A 137 -11.25 -10.73 -3.06
N PHE A 138 -10.53 -9.71 -2.62
CA PHE A 138 -11.10 -8.40 -2.43
C PHE A 138 -11.70 -7.86 -3.73
N LYS A 139 -10.97 -8.04 -4.83
CA LYS A 139 -11.42 -7.59 -6.13
C LYS A 139 -12.74 -8.26 -6.52
N GLN A 140 -12.85 -9.55 -6.22
CA GLN A 140 -14.05 -10.30 -6.54
C GLN A 140 -15.28 -9.69 -5.86
N CYS A 141 -15.10 -9.26 -4.61
CA CYS A 141 -16.19 -8.66 -3.85
C CYS A 141 -16.63 -7.34 -4.48
N LEU A 142 -15.66 -6.50 -4.83
CA LEU A 142 -15.94 -5.21 -5.44
C LEU A 142 -16.50 -5.38 -6.85
N GLU A 143 -15.88 -6.27 -7.62
CA GLU A 143 -16.31 -6.52 -8.99
C GLU A 143 -17.77 -6.97 -9.03
N GLN A 144 -18.17 -7.73 -8.02
CA GLN A 144 -19.54 -8.23 -7.94
C GLN A 144 -20.43 -7.26 -7.16
N ASN A 145 -19.84 -6.60 -6.17
CA ASN A 145 -20.57 -5.63 -5.33
C ASN A 145 -21.97 -6.14 -4.98
N LYS A 146 -22.09 -7.47 -4.84
CA LYS A 146 -23.37 -8.08 -4.50
C LYS A 146 -23.24 -8.95 -3.25
N VAL A 147 -24.27 -8.94 -2.42
CA VAL A 147 -24.27 -9.73 -1.20
C VAL A 147 -25.04 -11.03 -1.38
N ASP A 148 -24.38 -12.15 -1.09
CA ASP A 148 -25.00 -13.46 -1.23
C ASP A 148 -25.43 -14.00 0.14
N ARG A 149 -26.58 -13.54 0.61
CA ARG A 149 -27.11 -13.98 1.90
C ARG A 149 -28.48 -14.62 1.74
N ILE A 150 -28.71 -15.24 0.60
CA ILE A 150 -29.99 -15.89 0.32
C ILE A 150 -29.87 -17.41 0.45
N ARG A 151 -30.68 -17.99 1.33
CA ARG A 151 -30.67 -19.43 1.54
C ARG A 151 -29.29 -19.91 1.99
N ASN B 1 8.50 29.60 1.88
CA ASN B 1 8.69 28.13 1.91
C ASN B 1 10.17 27.78 2.12
N ASP B 2 10.46 27.19 3.28
CA ASP B 2 11.83 26.80 3.61
C ASP B 2 12.11 25.36 3.19
N PRO B 3 13.39 25.02 2.96
CA PRO B 3 13.79 23.67 2.56
C PRO B 3 13.55 22.64 3.65
N ASP B 4 12.54 21.80 3.46
CA ASP B 4 12.20 20.77 4.43
C ASP B 4 12.52 19.38 3.89
N TPO B 5 12.60 18.40 4.79
CA TPO B 5 12.90 17.03 4.40
CB TPO B 5 11.83 16.47 3.44
CG2 TPO B 5 12.17 15.05 3.00
OG1 TPO B 5 10.56 16.49 4.04
P TPO B 5 10.41 15.91 5.47
O1P TPO B 5 8.87 15.77 5.68
O2P TPO B 5 11.03 14.48 5.40
O3P TPO B 5 11.05 16.77 6.53
C TPO B 5 14.28 16.94 3.76
O TPO B 5 14.75 17.88 3.14
H2 TPO B 5 12.45 18.61 5.74
HA TPO B 5 12.89 16.42 5.29
HB TPO B 5 11.81 17.11 2.55
HG21 TPO B 5 12.66 14.54 3.81
HG22 TPO B 5 12.82 15.08 2.14
HG23 TPO B 5 11.26 14.53 2.74
N LEU B 6 14.91 15.77 3.90
CA LEU B 6 16.24 15.55 3.34
C LEU B 6 16.17 15.31 1.83
N GLU B 7 17.23 15.68 1.14
CA GLU B 7 17.31 15.52 -0.30
C GLU B 7 18.76 15.23 -0.73
N ILE B 8 18.93 14.20 -1.56
CA ILE B 8 20.26 13.82 -2.04
C ILE B 8 21.02 15.01 -2.61
N TYR B 9 22.31 15.07 -2.30
CA TYR B 9 23.17 16.15 -2.78
C TYR B 9 23.43 16.00 -4.29
N SER B 10 23.42 17.12 -4.99
CA SER B 10 23.65 17.11 -6.43
C SER B 10 25.11 17.45 -6.74
N ALA A 1 -24.26 -16.93 18.33
CA ALA A 1 -23.19 -16.12 18.87
C ALA A 1 -23.05 -14.81 18.09
N THR A 2 -22.63 -13.76 18.78
CA THR A 2 -22.45 -12.45 18.16
C THR A 2 -21.16 -11.79 18.65
N GLN A 3 -21.15 -11.41 19.92
CA GLN A 3 -19.99 -10.75 20.51
C GLN A 3 -18.85 -11.76 20.70
N ARG A 4 -19.21 -13.01 20.93
CA ARG A 4 -18.21 -14.07 21.13
C ARG A 4 -17.32 -14.20 19.90
N PHE A 5 -17.90 -14.02 18.72
CA PHE A 5 -17.15 -14.12 17.48
C PHE A 5 -16.03 -13.09 17.43
N LEU A 6 -16.34 -11.87 17.86
CA LEU A 6 -15.36 -10.79 17.87
C LEU A 6 -14.15 -11.15 18.75
N ILE A 7 -14.43 -11.73 19.91
CA ILE A 7 -13.38 -12.13 20.83
C ILE A 7 -12.60 -13.33 20.30
N GLU A 8 -13.30 -14.24 19.62
CA GLU A 8 -12.66 -15.42 19.06
C GLU A 8 -11.53 -15.03 18.13
N LYS A 9 -11.71 -13.92 17.41
CA LYS A 9 -10.70 -13.43 16.49
C LYS A 9 -9.46 -12.94 17.25
N PHE A 10 -9.67 -12.57 18.51
CA PHE A 10 -8.59 -12.07 19.36
C PHE A 10 -7.45 -13.08 19.44
N SER A 11 -7.80 -14.34 19.70
CA SER A 11 -6.82 -15.41 19.82
C SER A 11 -6.21 -15.72 18.46
N GLN A 12 -7.05 -15.79 17.43
CA GLN A 12 -6.60 -16.08 16.08
C GLN A 12 -7.16 -15.09 15.08
N GLU A 13 -6.31 -14.58 14.19
CA GLU A 13 -6.73 -13.62 13.18
C GLU A 13 -7.08 -14.33 11.87
N GLN A 14 -8.24 -14.01 11.33
CA GLN A 14 -8.69 -14.61 10.07
C GLN A 14 -7.98 -13.99 8.88
N ILE A 15 -7.58 -14.83 7.93
CA ILE A 15 -6.88 -14.36 6.74
C ILE A 15 -7.86 -13.84 5.70
N GLY A 16 -7.47 -12.73 5.09
CA GLY A 16 -8.30 -12.12 4.07
C GLY A 16 -9.61 -11.59 4.62
N GLU A 17 -9.53 -10.87 5.73
CA GLU A 17 -10.72 -10.32 6.37
C GLU A 17 -11.41 -9.32 5.46
N ASN A 18 -10.62 -8.50 4.76
CA ASN A 18 -11.15 -7.49 3.85
C ASN A 18 -9.99 -6.68 3.34
N ILE A 19 -8.92 -7.40 3.07
CA ILE A 19 -7.69 -6.83 2.62
C ILE A 19 -7.77 -6.34 1.18
N VAL A 20 -7.24 -5.14 0.97
CA VAL A 20 -7.22 -4.51 -0.31
C VAL A 20 -5.92 -4.83 -1.03
N CYS A 21 -4.82 -4.43 -0.40
CA CYS A 21 -3.48 -4.66 -0.95
C CYS A 21 -2.49 -4.96 0.17
N ARG A 22 -1.33 -5.50 -0.18
CA ARG A 22 -0.32 -5.85 0.81
C ARG A 22 1.04 -5.26 0.43
N VAL A 23 1.75 -4.74 1.41
CA VAL A 23 3.07 -4.16 1.18
C VAL A 23 4.17 -5.06 1.75
N ILE A 24 5.09 -5.48 0.89
CA ILE A 24 6.17 -6.36 1.31
C ILE A 24 7.54 -5.77 0.93
N CYS A 25 8.38 -5.52 1.92
CA CYS A 25 9.71 -4.98 1.67
C CYS A 25 10.66 -6.09 1.21
N THR A 26 11.07 -6.03 -0.05
CA THR A 26 11.97 -7.04 -0.61
C THR A 26 13.43 -6.76 -0.26
N THR A 27 13.75 -5.49 0.02
CA THR A 27 15.11 -5.11 0.35
C THR A 27 15.45 -5.44 1.81
N GLY A 28 14.46 -5.96 2.53
CA GLY A 28 14.67 -6.32 3.93
C GLY A 28 14.97 -5.13 4.80
N GLN A 29 13.94 -4.35 5.12
CA GLN A 29 14.08 -3.17 5.96
C GLN A 29 12.84 -2.95 6.82
N ILE A 30 11.67 -3.15 6.22
CA ILE A 30 10.40 -2.96 6.93
C ILE A 30 9.56 -4.23 6.88
N PRO A 31 8.86 -4.56 7.98
CA PRO A 31 8.02 -5.76 8.06
C PRO A 31 6.75 -5.62 7.23
N ILE A 32 6.30 -6.73 6.65
CA ILE A 32 5.10 -6.75 5.82
C ILE A 32 3.89 -6.20 6.57
N ARG A 33 2.98 -5.57 5.83
CA ARG A 33 1.77 -5.01 6.40
C ARG A 33 0.56 -5.33 5.53
N ASP A 34 -0.64 -5.17 6.07
CA ASP A 34 -1.85 -5.47 5.32
C ASP A 34 -2.78 -4.26 5.23
N LEU A 35 -3.04 -3.83 3.99
CA LEU A 35 -3.94 -2.72 3.74
C LEU A 35 -5.33 -3.26 3.45
N SER A 36 -6.34 -2.80 4.17
CA SER A 36 -7.68 -3.31 3.94
C SER A 36 -8.76 -2.24 3.91
N ALA A 37 -9.83 -2.59 3.25
CA ALA A 37 -10.99 -1.71 3.13
C ALA A 37 -12.29 -2.52 3.05
N ASP A 38 -13.37 -1.94 3.56
CA ASP A 38 -14.66 -2.61 3.56
C ASP A 38 -15.28 -2.60 2.17
N ILE A 39 -15.80 -3.76 1.76
CA ILE A 39 -16.42 -3.92 0.45
C ILE A 39 -17.67 -3.05 0.30
N SER A 40 -18.51 -3.04 1.33
CA SER A 40 -19.74 -2.28 1.30
C SER A 40 -19.45 -0.81 1.02
N GLN A 41 -18.37 -0.32 1.60
CA GLN A 41 -17.96 1.06 1.43
C GLN A 41 -17.49 1.31 -0.01
N VAL A 42 -16.83 0.30 -0.57
CA VAL A 42 -16.32 0.40 -1.93
C VAL A 42 -17.46 0.32 -2.94
N LEU A 43 -18.39 -0.59 -2.72
CA LEU A 43 -19.53 -0.78 -3.62
C LEU A 43 -20.50 0.40 -3.50
N LYS A 44 -20.59 0.96 -2.30
CA LYS A 44 -21.48 2.09 -2.05
C LYS A 44 -20.90 3.38 -2.60
N GLU A 45 -19.60 3.58 -2.38
CA GLU A 45 -18.91 4.78 -2.86
C GLU A 45 -18.50 4.63 -4.32
N LYS A 46 -19.00 5.53 -5.16
CA LYS A 46 -18.69 5.50 -6.59
C LYS A 46 -18.51 6.91 -7.13
N ARG A 47 -18.03 7.81 -6.29
CA ARG A 47 -17.81 9.20 -6.69
C ARG A 47 -16.34 9.57 -6.53
N SER A 48 -15.78 9.30 -5.36
CA SER A 48 -14.38 9.61 -5.09
C SER A 48 -13.74 8.53 -4.22
N ILE A 49 -12.54 8.81 -3.72
CA ILE A 49 -11.83 7.86 -2.87
C ILE A 49 -12.56 7.64 -1.55
N LYS A 50 -12.28 6.51 -0.90
CA LYS A 50 -12.92 6.20 0.37
C LYS A 50 -11.89 5.89 1.45
N LYS A 51 -10.84 5.16 1.08
CA LYS A 51 -9.80 4.80 2.04
C LYS A 51 -8.42 4.81 1.40
N VAL A 52 -7.51 5.60 1.98
CA VAL A 52 -6.15 5.70 1.48
C VAL A 52 -5.13 5.51 2.60
N TRP A 53 -4.07 4.79 2.29
CA TRP A 53 -3.00 4.53 3.26
C TRP A 53 -1.80 5.45 3.04
N THR A 54 -1.22 5.92 4.14
CA THR A 54 -0.02 6.76 4.06
C THR A 54 1.18 5.99 4.58
N PHE A 55 2.28 6.05 3.83
CA PHE A 55 3.51 5.36 4.19
C PHE A 55 4.66 6.34 4.36
N GLY A 56 5.56 6.03 5.29
CA GLY A 56 6.69 6.89 5.52
C GLY A 56 7.32 6.69 6.89
N ARG A 57 8.27 7.55 7.23
CA ARG A 57 8.95 7.48 8.52
C ARG A 57 8.12 8.09 9.64
N ASN A 58 6.91 8.54 9.31
CA ASN A 58 6.03 9.14 10.30
C ASN A 58 5.24 8.09 11.07
N PRO A 59 5.19 8.20 12.41
CA PRO A 59 4.45 7.25 13.25
C PRO A 59 2.95 7.34 13.05
N ALA A 60 2.52 8.38 12.33
CA ALA A 60 1.12 8.59 12.03
C ALA A 60 0.75 7.77 10.85
N CYS A 61 1.64 7.80 9.87
CA CYS A 61 1.47 7.08 8.64
C CYS A 61 0.95 5.68 8.90
N ASP A 62 -0.01 5.29 8.08
CA ASP A 62 -0.59 3.96 8.20
C ASP A 62 0.50 2.89 8.08
N TYR A 63 1.66 3.27 7.54
CA TYR A 63 2.77 2.34 7.39
C TYR A 63 4.06 2.91 7.97
N HIS A 64 4.53 2.32 9.05
CA HIS A 64 5.76 2.76 9.70
C HIS A 64 6.96 1.96 9.22
N LEU A 65 7.88 2.63 8.51
CA LEU A 65 9.07 1.97 8.00
C LEU A 65 10.26 2.18 8.93
N GLY A 66 10.89 3.34 8.83
CA GLY A 66 12.03 3.64 9.68
C GLY A 66 12.35 5.13 9.72
N ASN A 67 13.62 5.46 9.52
CA ASN A 67 14.06 6.85 9.55
C ASN A 67 15.12 7.10 8.47
N ILE A 68 14.74 6.88 7.21
CA ILE A 68 15.65 7.09 6.09
C ILE A 68 15.59 8.53 5.59
N SER A 69 16.72 9.22 5.64
CA SER A 69 16.79 10.61 5.19
C SER A 69 16.27 10.74 3.76
N ARG A 70 16.68 9.80 2.90
CA ARG A 70 16.25 9.82 1.52
C ARG A 70 14.73 9.71 1.39
N LEU A 71 14.08 9.25 2.46
CA LEU A 71 12.63 9.12 2.46
C LEU A 71 12.00 10.18 3.34
N SER A 72 10.76 10.56 3.02
CA SER A 72 10.05 11.59 3.79
C SER A 72 9.12 10.99 4.84
N ASN A 73 8.69 11.81 5.79
CA ASN A 73 7.79 11.37 6.86
C ASN A 73 6.72 10.46 6.29
N LYS A 74 6.07 10.97 5.25
CA LYS A 74 5.04 10.25 4.51
C LYS A 74 5.52 10.15 3.09
N HIS A 75 6.34 9.14 2.82
CA HIS A 75 6.95 8.95 1.52
C HIS A 75 5.93 8.67 0.44
N PHE A 76 5.00 7.78 0.71
CA PHE A 76 3.99 7.44 -0.31
C PHE A 76 2.68 6.99 0.30
N GLN A 77 1.61 7.02 -0.51
CA GLN A 77 0.29 6.61 -0.05
C GLN A 77 -0.41 5.71 -1.06
N ILE A 78 -1.33 4.88 -0.58
CA ILE A 78 -2.10 4.01 -1.45
C ILE A 78 -3.59 4.32 -1.30
N LEU A 79 -4.29 4.47 -2.42
CA LEU A 79 -5.70 4.81 -2.37
C LEU A 79 -6.57 3.74 -3.02
N LEU A 80 -7.72 3.47 -2.39
CA LEU A 80 -8.66 2.49 -2.89
C LEU A 80 -10.04 3.11 -3.05
N GLY A 81 -10.64 2.96 -4.23
CA GLY A 81 -11.95 3.53 -4.47
C GLY A 81 -12.26 3.65 -5.96
N GLU A 82 -12.87 4.78 -6.33
CA GLU A 82 -13.22 5.02 -7.73
C GLU A 82 -14.26 4.00 -8.20
N ASP A 83 -13.81 2.80 -8.52
CA ASP A 83 -14.70 1.75 -8.99
C ASP A 83 -14.47 0.45 -8.22
N GLY A 84 -13.21 0.13 -7.98
CA GLY A 84 -12.88 -1.09 -7.26
C GLY A 84 -11.41 -1.44 -7.35
N ASN A 85 -10.78 -1.04 -8.46
CA ASN A 85 -9.37 -1.32 -8.68
C ASN A 85 -8.51 -0.68 -7.59
N LEU A 86 -7.20 -0.76 -7.75
CA LEU A 86 -6.27 -0.20 -6.78
C LEU A 86 -5.50 0.98 -7.39
N LEU A 87 -5.20 1.98 -6.56
CA LEU A 87 -4.46 3.15 -7.02
C LEU A 87 -3.34 3.47 -6.04
N LEU A 88 -2.19 3.87 -6.58
CA LEU A 88 -1.04 4.21 -5.73
C LEU A 88 -0.74 5.69 -5.82
N ASN A 89 -0.67 6.35 -4.68
CA ASN A 89 -0.39 7.78 -4.64
C ASN A 89 0.95 8.08 -4.00
N ASP A 90 1.88 8.61 -4.78
CA ASP A 90 3.19 8.96 -4.27
C ASP A 90 3.13 10.29 -3.51
N ILE A 91 3.89 10.42 -2.42
CA ILE A 91 3.87 11.64 -1.63
C ILE A 91 5.21 11.89 -0.94
N SER A 92 6.31 11.55 -1.60
CA SER A 92 7.62 11.73 -1.04
C SER A 92 8.26 13.04 -1.48
N THR A 93 9.12 13.58 -0.62
CA THR A 93 9.85 14.80 -0.93
C THR A 93 10.85 14.53 -2.03
N ASN A 94 11.38 13.30 -2.06
CA ASN A 94 12.38 12.91 -3.05
C ASN A 94 11.77 12.17 -4.24
N GLY A 95 10.57 11.62 -4.09
CA GLY A 95 9.94 10.92 -5.18
C GLY A 95 9.68 9.45 -4.91
N THR A 96 8.69 8.91 -5.62
CA THR A 96 8.30 7.50 -5.51
C THR A 96 8.54 6.82 -6.85
N TRP A 97 9.08 5.60 -6.82
CA TRP A 97 9.39 4.88 -8.04
C TRP A 97 8.59 3.60 -8.22
N LEU A 98 8.31 3.29 -9.48
CA LEU A 98 7.61 2.08 -9.82
C LEU A 98 8.46 1.29 -10.81
N ASN A 99 8.94 0.13 -10.38
CA ASN A 99 9.78 -0.72 -11.22
C ASN A 99 10.86 0.07 -11.96
N GLY A 100 11.50 1.01 -11.28
CA GLY A 100 12.55 1.78 -11.90
C GLY A 100 12.03 3.03 -12.59
N GLN A 101 10.72 3.13 -12.76
CA GLN A 101 10.15 4.29 -13.41
C GLN A 101 9.51 5.22 -12.39
N LYS A 102 10.02 6.43 -12.31
CA LYS A 102 9.52 7.43 -11.38
C LYS A 102 8.17 7.96 -11.82
N VAL A 103 7.18 7.87 -10.93
CA VAL A 103 5.83 8.34 -11.22
C VAL A 103 5.63 9.77 -10.70
N GLU A 104 4.60 10.43 -11.21
CA GLU A 104 4.30 11.79 -10.80
C GLU A 104 3.78 11.81 -9.36
N LYS A 105 4.42 12.62 -8.52
CA LYS A 105 4.02 12.73 -7.11
C LYS A 105 2.53 12.99 -6.99
N ASN A 106 1.99 12.70 -5.81
CA ASN A 106 0.58 12.89 -5.49
C ASN A 106 -0.32 12.60 -6.69
N SER A 107 0.09 11.65 -7.51
CA SER A 107 -0.67 11.26 -8.68
C SER A 107 -1.21 9.84 -8.54
N ASN A 108 -2.41 9.60 -9.08
CA ASN A 108 -3.03 8.29 -9.01
C ASN A 108 -2.59 7.40 -10.16
N GLN A 109 -2.11 6.21 -9.83
CA GLN A 109 -1.67 5.25 -10.85
C GLN A 109 -2.31 3.90 -10.63
N LEU A 110 -2.57 3.19 -11.72
CA LEU A 110 -3.18 1.86 -11.64
C LEU A 110 -2.16 0.85 -11.14
N LEU A 111 -2.39 0.33 -9.93
CA LEU A 111 -1.47 -0.63 -9.33
C LEU A 111 -1.33 -1.88 -10.19
N SER A 112 -0.33 -2.66 -9.85
CA SER A 112 -0.04 -3.91 -10.53
C SER A 112 0.00 -5.07 -9.54
N GLN A 113 -0.28 -6.28 -10.01
CA GLN A 113 -0.26 -7.45 -9.14
C GLN A 113 1.17 -7.80 -8.77
N GLY A 114 1.46 -7.79 -7.47
CA GLY A 114 2.80 -8.09 -7.01
C GLY A 114 3.80 -7.03 -7.44
N ASP A 115 3.29 -5.85 -7.81
CA ASP A 115 4.12 -4.75 -8.25
C ASP A 115 5.13 -4.38 -7.17
N GLU A 116 5.99 -3.41 -7.49
CA GLU A 116 7.00 -2.97 -6.53
C GLU A 116 7.25 -1.47 -6.66
N ILE A 117 7.34 -0.78 -5.52
CA ILE A 117 7.59 0.65 -5.51
C ILE A 117 8.94 0.93 -4.87
N THR A 118 9.77 1.69 -5.57
CA THR A 118 11.09 2.03 -5.06
C THR A 118 11.11 3.46 -4.53
N VAL A 119 11.79 3.67 -3.43
CA VAL A 119 11.85 4.99 -2.82
C VAL A 119 13.23 5.33 -2.28
N GLY A 120 13.49 6.62 -2.13
CA GLY A 120 14.77 7.07 -1.63
C GLY A 120 15.79 7.22 -2.72
N VAL A 121 15.31 7.49 -3.92
CA VAL A 121 16.17 7.65 -5.08
C VAL A 121 16.93 8.96 -5.05
N GLY A 122 18.18 8.89 -5.45
CA GLY A 122 19.06 10.01 -5.47
C GLY A 122 20.48 9.57 -5.20
N VAL A 123 20.58 8.63 -4.26
CA VAL A 123 21.83 8.05 -3.89
C VAL A 123 21.79 6.56 -4.21
N GLU A 124 22.77 6.08 -4.95
CA GLU A 124 22.81 4.67 -5.35
C GLU A 124 22.61 3.72 -4.17
N SER A 125 23.22 4.05 -3.03
CA SER A 125 23.14 3.21 -1.85
C SER A 125 22.00 3.61 -0.90
N ASP A 126 21.16 4.57 -1.29
CA ASP A 126 20.08 5.00 -0.42
C ASP A 126 18.69 4.80 -0.99
N ILE A 127 18.54 3.75 -1.76
CA ILE A 127 17.25 3.41 -2.34
C ILE A 127 16.65 2.20 -1.65
N LEU A 128 15.35 2.27 -1.42
CA LEU A 128 14.60 1.20 -0.77
C LEU A 128 13.45 0.75 -1.64
N SER A 129 13.27 -0.56 -1.78
CA SER A 129 12.18 -1.09 -2.60
C SER A 129 11.09 -1.75 -1.77
N LEU A 130 9.90 -1.70 -2.30
CA LEU A 130 8.72 -2.29 -1.66
C LEU A 130 7.88 -3.04 -2.68
N VAL A 131 7.21 -4.11 -2.24
CA VAL A 131 6.38 -4.90 -3.14
C VAL A 131 4.91 -4.80 -2.75
N ILE A 132 4.05 -4.61 -3.74
CA ILE A 132 2.64 -4.49 -3.53
C ILE A 132 1.91 -5.76 -3.99
N PHE A 133 1.17 -6.37 -3.07
CA PHE A 133 0.44 -7.59 -3.38
C PHE A 133 -1.07 -7.35 -3.31
N ILE A 134 -1.72 -7.46 -4.46
CA ILE A 134 -3.17 -7.24 -4.54
C ILE A 134 -3.92 -8.52 -4.19
N ASN A 135 -4.88 -8.41 -3.28
CA ASN A 135 -5.67 -9.55 -2.85
C ASN A 135 -6.71 -9.91 -3.91
N ASP A 136 -6.48 -11.04 -4.60
CA ASP A 136 -7.39 -11.50 -5.63
C ASP A 136 -8.79 -11.73 -5.07
N LYS A 137 -8.85 -12.14 -3.80
CA LYS A 137 -10.10 -12.41 -3.14
C LYS A 137 -10.97 -11.16 -3.13
N PHE A 138 -10.36 -10.03 -2.78
CA PHE A 138 -11.07 -8.76 -2.72
C PHE A 138 -11.67 -8.41 -4.08
N LYS A 139 -10.89 -8.60 -5.13
CA LYS A 139 -11.34 -8.32 -6.49
C LYS A 139 -12.49 -9.25 -6.89
N GLN A 140 -12.38 -10.52 -6.49
CA GLN A 140 -13.41 -11.50 -6.81
C GLN A 140 -14.76 -11.08 -6.25
N CYS A 141 -14.77 -10.65 -5.00
CA CYS A 141 -16.00 -10.22 -4.34
C CYS A 141 -16.55 -8.95 -4.99
N LEU A 142 -15.67 -8.00 -5.26
CA LEU A 142 -16.06 -6.75 -5.89
C LEU A 142 -16.62 -6.99 -7.29
N GLU A 143 -16.05 -7.96 -7.99
CA GLU A 143 -16.49 -8.30 -9.34
C GLU A 143 -17.95 -8.74 -9.34
N GLN A 144 -18.29 -9.61 -8.40
CA GLN A 144 -19.66 -10.13 -8.29
C GLN A 144 -20.54 -9.14 -7.52
N ASN A 145 -19.97 -8.48 -6.53
CA ASN A 145 -20.69 -7.51 -5.70
C ASN A 145 -22.10 -8.01 -5.36
N LYS A 146 -22.18 -8.93 -4.41
CA LYS A 146 -23.45 -9.48 -3.99
C LYS A 146 -24.27 -8.45 -3.22
N VAL A 147 -25.48 -8.17 -3.72
CA VAL A 147 -26.37 -7.20 -3.08
C VAL A 147 -27.23 -7.86 -2.01
N ASP A 148 -27.35 -7.20 -0.87
CA ASP A 148 -28.15 -7.72 0.24
C ASP A 148 -29.64 -7.71 -0.11
N ARG A 149 -30.23 -6.52 -0.11
CA ARG A 149 -31.65 -6.37 -0.43
C ARG A 149 -31.92 -5.01 -1.07
N ILE A 150 -31.41 -3.97 -0.45
CA ILE A 150 -31.60 -2.62 -0.96
C ILE A 150 -30.37 -2.13 -1.72
N ARG A 151 -30.59 -1.49 -2.87
CA ARG A 151 -29.49 -0.98 -3.68
C ARG A 151 -29.96 0.16 -4.58
N ASN B 1 6.74 25.68 2.11
CA ASN B 1 8.20 25.89 2.24
C ASN B 1 8.95 24.56 2.23
N ASP B 2 10.23 24.60 2.56
CA ASP B 2 11.06 23.39 2.59
C ASP B 2 11.16 22.83 4.00
N PRO B 3 10.38 21.79 4.31
CA PRO B 3 10.39 21.16 5.64
C PRO B 3 11.71 20.46 5.94
N ASP B 4 11.84 19.93 7.15
CA ASP B 4 13.05 19.24 7.57
C ASP B 4 13.18 17.90 6.86
N TPO B 5 13.35 17.95 5.54
CA TPO B 5 13.48 16.73 4.73
CB TPO B 5 12.33 16.60 3.73
CG2 TPO B 5 12.49 15.35 2.86
OG1 TPO B 5 11.10 16.54 4.40
P TPO B 5 10.86 15.38 5.41
O1P TPO B 5 10.84 16.06 6.80
O2P TPO B 5 9.43 14.87 5.08
O3P TPO B 5 11.89 14.29 5.31
C TPO B 5 14.82 16.73 3.97
O TPO B 5 15.31 17.78 3.57
H2 TPO B 5 13.39 18.82 5.09
HA TPO B 5 13.46 15.89 5.41
HB TPO B 5 12.33 17.46 3.08
HG21 TPO B 5 12.95 15.62 1.92
HG22 TPO B 5 11.52 14.91 2.68
HG23 TPO B 5 13.11 14.65 3.38
N LEU B 6 15.39 15.55 3.80
CA LEU B 6 16.65 15.40 3.10
C LEU B 6 16.44 15.19 1.61
N GLU B 7 17.39 15.68 0.81
CA GLU B 7 17.31 15.56 -0.64
C GLU B 7 18.69 15.34 -1.25
N ILE B 8 19.42 14.37 -0.69
CA ILE B 8 20.77 14.02 -1.14
C ILE B 8 21.67 15.24 -1.25
N TYR B 9 22.97 15.01 -1.09
CA TYR B 9 23.96 16.09 -1.17
C TYR B 9 24.39 16.32 -2.61
N SER B 10 25.32 17.26 -2.80
CA SER B 10 25.81 17.58 -4.13
C SER B 10 27.15 16.88 -4.39
N ALA A 1 -11.97 -30.02 21.80
CA ALA A 1 -10.74 -29.71 21.09
C ALA A 1 -10.39 -28.23 21.23
N THR A 2 -9.32 -27.95 21.98
CA THR A 2 -8.87 -26.59 22.19
C THR A 2 -7.58 -26.31 21.43
N GLN A 3 -6.52 -27.01 21.80
CA GLN A 3 -5.22 -26.83 21.16
C GLN A 3 -5.25 -27.36 19.73
N ARG A 4 -5.91 -28.50 19.54
CA ARG A 4 -6.02 -29.11 18.22
C ARG A 4 -6.82 -28.22 17.27
N PHE A 5 -7.84 -27.57 17.80
CA PHE A 5 -8.68 -26.68 17.01
C PHE A 5 -7.86 -25.57 16.37
N LEU A 6 -6.90 -25.05 17.13
CA LEU A 6 -6.03 -23.99 16.63
C LEU A 6 -5.19 -24.48 15.46
N ILE A 7 -4.85 -25.76 15.48
CA ILE A 7 -4.05 -26.36 14.42
C ILE A 7 -4.87 -26.54 13.15
N GLU A 8 -6.17 -26.85 13.32
CA GLU A 8 -7.06 -27.04 12.19
C GLU A 8 -7.08 -25.79 11.32
N LYS A 9 -7.16 -24.63 11.97
CA LYS A 9 -7.17 -23.36 11.26
C LYS A 9 -5.84 -23.11 10.57
N PHE A 10 -4.78 -23.75 11.08
CA PHE A 10 -3.45 -23.60 10.53
C PHE A 10 -3.43 -23.97 9.04
N SER A 11 -4.02 -25.11 8.71
CA SER A 11 -4.08 -25.58 7.34
C SER A 11 -5.12 -24.81 6.53
N GLN A 12 -6.31 -24.66 7.11
CA GLN A 12 -7.39 -23.95 6.45
C GLN A 12 -7.60 -22.57 7.09
N GLU A 13 -6.51 -21.82 7.20
CA GLU A 13 -6.57 -20.49 7.78
C GLU A 13 -7.16 -19.48 6.81
N GLN A 14 -8.26 -18.85 7.22
CA GLN A 14 -8.92 -17.85 6.37
C GLN A 14 -8.01 -16.65 6.16
N ILE A 15 -7.38 -16.59 4.98
CA ILE A 15 -6.48 -15.50 4.66
C ILE A 15 -7.23 -14.27 4.18
N GLY A 16 -6.77 -13.13 4.66
CA GLY A 16 -7.37 -11.87 4.30
C GLY A 16 -8.82 -11.76 4.76
N GLU A 17 -9.07 -10.91 5.74
CA GLU A 17 -10.41 -10.71 6.27
C GLU A 17 -11.15 -9.65 5.46
N ASN A 18 -10.40 -8.70 4.91
CA ASN A 18 -10.99 -7.63 4.12
C ASN A 18 -9.86 -6.78 3.59
N ILE A 19 -8.79 -7.48 3.26
CA ILE A 19 -7.58 -6.87 2.79
C ILE A 19 -7.67 -6.40 1.35
N VAL A 20 -7.18 -5.19 1.13
CA VAL A 20 -7.17 -4.56 -0.15
C VAL A 20 -5.89 -4.90 -0.90
N CYS A 21 -4.78 -4.51 -0.30
CA CYS A 21 -3.46 -4.78 -0.86
C CYS A 21 -2.44 -4.97 0.26
N ARG A 22 -1.41 -5.78 0.00
CA ARG A 22 -0.38 -6.05 1.00
C ARG A 22 0.97 -5.48 0.58
N VAL A 23 1.69 -4.89 1.54
CA VAL A 23 3.00 -4.31 1.28
C VAL A 23 4.10 -5.21 1.83
N ILE A 24 5.01 -5.64 0.97
CA ILE A 24 6.10 -6.52 1.38
C ILE A 24 7.46 -5.97 0.94
N CYS A 25 8.36 -5.83 1.90
CA CYS A 25 9.71 -5.33 1.61
C CYS A 25 10.64 -6.49 1.27
N THR A 26 10.94 -6.64 -0.02
CA THR A 26 11.81 -7.73 -0.48
C THR A 26 13.29 -7.39 -0.30
N THR A 27 13.60 -6.10 -0.22
CA THR A 27 14.99 -5.67 -0.05
C THR A 27 15.44 -5.80 1.41
N GLY A 28 14.53 -6.21 2.27
CA GLY A 28 14.85 -6.37 3.68
C GLY A 28 15.17 -5.05 4.36
N GLN A 29 14.13 -4.27 4.63
CA GLN A 29 14.32 -2.98 5.29
C GLN A 29 13.12 -2.65 6.20
N ILE A 30 11.93 -3.05 5.77
CA ILE A 30 10.71 -2.80 6.53
C ILE A 30 9.87 -4.07 6.64
N PRO A 31 9.24 -4.30 7.81
CA PRO A 31 8.41 -5.49 8.02
C PRO A 31 7.11 -5.44 7.23
N ILE A 32 6.65 -6.61 6.78
CA ILE A 32 5.42 -6.71 6.01
C ILE A 32 4.20 -6.22 6.80
N ARG A 33 3.24 -5.67 6.08
CA ARG A 33 2.01 -5.17 6.69
C ARG A 33 0.82 -5.49 5.80
N ASP A 34 -0.39 -5.38 6.37
CA ASP A 34 -1.60 -5.68 5.60
C ASP A 34 -2.54 -4.48 5.54
N LEU A 35 -2.82 -4.02 4.32
CA LEU A 35 -3.72 -2.90 4.10
C LEU A 35 -5.11 -3.43 3.79
N SER A 36 -6.15 -2.85 4.37
CA SER A 36 -7.50 -3.35 4.13
C SER A 36 -8.56 -2.27 4.16
N ALA A 37 -9.66 -2.61 3.52
CA ALA A 37 -10.81 -1.71 3.45
C ALA A 37 -12.10 -2.51 3.61
N ASP A 38 -13.07 -1.93 4.31
CA ASP A 38 -14.35 -2.59 4.54
C ASP A 38 -15.26 -2.48 3.33
N ILE A 39 -15.98 -3.56 3.03
CA ILE A 39 -16.89 -3.61 1.90
C ILE A 39 -18.05 -2.63 2.05
N SER A 40 -18.65 -2.61 3.23
CA SER A 40 -19.80 -1.76 3.50
C SER A 40 -19.47 -0.28 3.30
N GLN A 41 -18.31 0.14 3.79
CA GLN A 41 -17.88 1.52 3.64
C GLN A 41 -17.59 1.85 2.19
N VAL A 42 -17.01 0.88 1.48
CA VAL A 42 -16.68 1.06 0.07
C VAL A 42 -17.95 1.08 -0.79
N LEU A 43 -18.91 0.26 -0.43
CA LEU A 43 -20.17 0.18 -1.17
C LEU A 43 -21.00 1.44 -0.95
N LYS A 44 -20.86 2.04 0.23
CA LYS A 44 -21.59 3.26 0.56
C LYS A 44 -20.93 4.48 -0.06
N GLU A 45 -19.61 4.58 0.11
CA GLU A 45 -18.85 5.71 -0.43
C GLU A 45 -18.94 5.74 -1.95
N LYS A 46 -19.53 6.81 -2.48
CA LYS A 46 -19.67 6.96 -3.93
C LYS A 46 -19.29 8.37 -4.36
N ARG A 47 -18.37 8.98 -3.62
CA ARG A 47 -17.92 10.34 -3.92
C ARG A 47 -16.76 10.32 -4.91
N SER A 48 -15.71 9.59 -4.56
CA SER A 48 -14.53 9.48 -5.42
C SER A 48 -13.50 8.54 -4.80
N ILE A 49 -13.34 8.62 -3.48
CA ILE A 49 -12.39 7.78 -2.78
C ILE A 49 -13.03 7.07 -1.60
N LYS A 50 -12.48 5.92 -1.23
CA LYS A 50 -13.00 5.14 -0.11
C LYS A 50 -12.02 5.14 1.07
N LYS A 51 -10.88 4.50 0.88
CA LYS A 51 -9.86 4.44 1.92
C LYS A 51 -8.47 4.58 1.33
N VAL A 52 -7.61 5.35 2.00
CA VAL A 52 -6.26 5.57 1.52
C VAL A 52 -5.21 5.38 2.62
N TRP A 53 -4.10 4.75 2.25
CA TRP A 53 -3.00 4.49 3.18
C TRP A 53 -1.82 5.43 2.93
N THR A 54 -1.21 5.91 4.00
CA THR A 54 -0.04 6.77 3.87
C THR A 54 1.19 6.08 4.44
N PHE A 55 2.23 5.98 3.64
CA PHE A 55 3.47 5.32 4.03
C PHE A 55 4.59 6.34 4.23
N GLY A 56 5.48 6.08 5.20
CA GLY A 56 6.59 6.99 5.44
C GLY A 56 7.17 6.87 6.84
N ARG A 57 8.07 7.79 7.18
CA ARG A 57 8.72 7.81 8.48
C ARG A 57 7.80 8.38 9.57
N ASN A 58 6.58 8.72 9.20
CA ASN A 58 5.62 9.28 10.15
C ASN A 58 4.91 8.18 10.92
N PRO A 59 4.86 8.27 12.27
CA PRO A 59 4.17 7.28 13.10
C PRO A 59 2.67 7.26 12.84
N ALA A 60 2.18 8.29 12.17
CA ALA A 60 0.79 8.40 11.82
C ALA A 60 0.54 7.61 10.57
N CYS A 61 1.47 7.76 9.65
CA CYS A 61 1.42 7.09 8.39
C CYS A 61 0.98 5.65 8.56
N ASP A 62 0.12 5.22 7.67
CA ASP A 62 -0.37 3.86 7.71
C ASP A 62 0.78 2.86 7.68
N TYR A 63 1.96 3.34 7.24
CA TYR A 63 3.15 2.47 7.18
C TYR A 63 4.35 3.13 7.86
N HIS A 64 4.86 2.46 8.90
CA HIS A 64 6.01 2.99 9.64
C HIS A 64 7.29 2.29 9.18
N LEU A 65 8.22 3.07 8.63
CA LEU A 65 9.49 2.52 8.16
C LEU A 65 10.53 2.51 9.28
N GLY A 66 10.98 3.71 9.68
CA GLY A 66 11.97 3.80 10.74
C GLY A 66 12.48 5.21 10.91
N ASN A 67 13.49 5.58 10.13
CA ASN A 67 14.07 6.92 10.21
C ASN A 67 15.12 7.13 9.11
N ILE A 68 14.75 6.79 7.88
CA ILE A 68 15.65 6.94 6.74
C ILE A 68 15.68 8.39 6.25
N SER A 69 16.87 8.97 6.21
CA SER A 69 17.04 10.35 5.77
C SER A 69 16.44 10.56 4.38
N ARG A 70 16.64 9.59 3.50
CA ARG A 70 16.14 9.67 2.13
C ARG A 70 14.61 9.71 2.08
N LEU A 71 13.97 8.79 2.79
CA LEU A 71 12.51 8.73 2.79
C LEU A 71 11.89 9.86 3.61
N SER A 72 10.71 10.31 3.19
CA SER A 72 10.01 11.40 3.88
C SER A 72 8.99 10.87 4.89
N ASN A 73 8.52 11.76 5.77
CA ASN A 73 7.52 11.40 6.79
C ASN A 73 6.45 10.50 6.19
N LYS A 74 5.88 10.98 5.10
CA LYS A 74 4.87 10.24 4.35
C LYS A 74 5.38 10.14 2.93
N HIS A 75 6.26 9.15 2.72
CA HIS A 75 6.89 8.95 1.44
C HIS A 75 5.91 8.69 0.32
N PHE A 76 4.96 7.82 0.57
CA PHE A 76 3.96 7.50 -0.46
C PHE A 76 2.61 7.16 0.15
N GLN A 77 1.56 7.24 -0.66
CA GLN A 77 0.21 6.97 -0.19
C GLN A 77 -0.58 6.11 -1.18
N ILE A 78 -1.35 5.15 -0.67
CA ILE A 78 -2.15 4.29 -1.54
C ILE A 78 -3.63 4.56 -1.35
N LEU A 79 -4.36 4.74 -2.45
CA LEU A 79 -5.79 5.01 -2.37
C LEU A 79 -6.61 3.94 -3.06
N LEU A 80 -7.79 3.67 -2.52
CA LEU A 80 -8.70 2.68 -3.08
C LEU A 80 -10.07 3.29 -3.38
N GLY A 81 -10.48 3.19 -4.63
CA GLY A 81 -11.77 3.75 -5.02
C GLY A 81 -12.22 3.27 -6.39
N GLU A 82 -13.08 4.06 -7.03
CA GLU A 82 -13.59 3.72 -8.35
C GLU A 82 -14.33 2.38 -8.33
N ASP A 83 -14.65 1.87 -9.50
CA ASP A 83 -15.35 0.60 -9.62
C ASP A 83 -14.38 -0.57 -9.51
N GLY A 84 -13.68 -0.65 -8.37
CA GLY A 84 -12.73 -1.71 -8.16
C GLY A 84 -11.30 -1.27 -8.40
N ASN A 85 -10.38 -2.23 -8.46
CA ASN A 85 -8.97 -1.93 -8.68
C ASN A 85 -8.42 -1.06 -7.56
N LEU A 86 -7.12 -0.75 -7.64
CA LEU A 86 -6.46 0.07 -6.64
C LEU A 86 -5.66 1.19 -7.31
N LEU A 87 -5.36 2.23 -6.54
CA LEU A 87 -4.58 3.36 -7.05
C LEU A 87 -3.39 3.64 -6.14
N LEU A 88 -2.28 4.04 -6.74
CA LEU A 88 -1.06 4.34 -5.99
C LEU A 88 -0.75 5.83 -6.08
N ASN A 89 -0.62 6.47 -4.92
CA ASN A 89 -0.33 7.90 -4.88
C ASN A 89 1.01 8.18 -4.22
N ASP A 90 1.94 8.71 -4.98
CA ASP A 90 3.26 9.04 -4.45
C ASP A 90 3.19 10.36 -3.70
N ILE A 91 3.93 10.47 -2.59
CA ILE A 91 3.92 11.69 -1.78
C ILE A 91 5.25 11.89 -1.04
N SER A 92 6.36 11.57 -1.70
CA SER A 92 7.65 11.71 -1.08
C SER A 92 8.30 13.04 -1.45
N THR A 93 9.20 13.50 -0.61
CA THR A 93 9.93 14.73 -0.87
C THR A 93 10.88 14.55 -2.04
N ASN A 94 11.45 13.34 -2.16
CA ASN A 94 12.40 13.06 -3.23
C ASN A 94 11.78 12.33 -4.42
N GLY A 95 10.61 11.70 -4.22
CA GLY A 95 9.96 11.01 -5.31
C GLY A 95 9.72 9.53 -5.03
N THR A 96 8.74 8.98 -5.73
CA THR A 96 8.36 7.58 -5.62
C THR A 96 8.59 6.87 -6.95
N TRP A 97 9.13 5.66 -6.91
CA TRP A 97 9.42 4.94 -8.13
C TRP A 97 8.63 3.66 -8.28
N LEU A 98 8.35 3.33 -9.53
CA LEU A 98 7.64 2.10 -9.87
C LEU A 98 8.50 1.32 -10.86
N ASN A 99 8.98 0.16 -10.42
CA ASN A 99 9.83 -0.69 -11.24
C ASN A 99 10.90 0.11 -12.00
N GLY A 100 11.54 1.06 -11.31
CA GLY A 100 12.58 1.84 -11.92
C GLY A 100 12.07 3.06 -12.64
N GLN A 101 10.75 3.19 -12.78
CA GLN A 101 10.17 4.34 -13.45
C GLN A 101 9.55 5.30 -12.45
N LYS A 102 10.09 6.52 -12.43
CA LYS A 102 9.60 7.54 -11.53
C LYS A 102 8.26 8.10 -11.99
N VAL A 103 7.25 7.93 -11.13
CA VAL A 103 5.91 8.41 -11.43
C VAL A 103 5.70 9.84 -10.92
N GLU A 104 4.65 10.49 -11.41
CA GLU A 104 4.35 11.85 -10.98
C GLU A 104 3.87 11.87 -9.55
N LYS A 105 4.50 12.70 -8.71
CA LYS A 105 4.11 12.81 -7.31
C LYS A 105 2.62 13.08 -7.17
N ASN A 106 2.09 12.80 -5.99
CA ASN A 106 0.68 13.00 -5.67
C ASN A 106 -0.22 12.73 -6.88
N SER A 107 0.18 11.76 -7.68
CA SER A 107 -0.59 11.38 -8.86
C SER A 107 -1.20 9.98 -8.71
N ASN A 108 -2.39 9.79 -9.26
CA ASN A 108 -3.07 8.50 -9.18
C ASN A 108 -2.58 7.56 -10.28
N GLN A 109 -2.19 6.35 -9.89
CA GLN A 109 -1.71 5.37 -10.84
C GLN A 109 -2.43 4.04 -10.65
N LEU A 110 -2.65 3.32 -11.75
CA LEU A 110 -3.33 2.04 -11.69
C LEU A 110 -2.41 0.99 -11.10
N LEU A 111 -2.81 0.43 -9.97
CA LEU A 111 -2.01 -0.60 -9.29
C LEU A 111 -1.71 -1.77 -10.21
N SER A 112 -0.64 -2.48 -9.89
CA SER A 112 -0.20 -3.64 -10.66
C SER A 112 -0.10 -4.87 -9.76
N GLN A 113 -0.26 -6.05 -10.34
CA GLN A 113 -0.19 -7.30 -9.58
C GLN A 113 1.25 -7.58 -9.16
N GLY A 114 1.45 -7.75 -7.86
CA GLY A 114 2.77 -8.02 -7.34
C GLY A 114 3.76 -6.92 -7.69
N ASP A 115 3.24 -5.74 -8.01
CA ASP A 115 4.08 -4.62 -8.37
C ASP A 115 5.04 -4.26 -7.24
N GLU A 116 5.94 -3.33 -7.51
CA GLU A 116 6.91 -2.91 -6.51
C GLU A 116 7.22 -1.42 -6.64
N ILE A 117 7.26 -0.73 -5.51
CA ILE A 117 7.56 0.69 -5.50
C ILE A 117 8.94 0.93 -4.91
N THR A 118 9.75 1.69 -5.64
CA THR A 118 11.09 2.01 -5.19
C THR A 118 11.12 3.44 -4.67
N VAL A 119 11.77 3.65 -3.55
CA VAL A 119 11.82 4.99 -2.96
C VAL A 119 13.19 5.34 -2.43
N GLY A 120 13.44 6.64 -2.30
CA GLY A 120 14.71 7.11 -1.81
C GLY A 120 15.75 7.17 -2.91
N VAL A 121 15.32 7.58 -4.08
CA VAL A 121 16.20 7.67 -5.22
C VAL A 121 17.05 8.93 -5.19
N GLY A 122 18.29 8.77 -5.59
CA GLY A 122 19.25 9.84 -5.61
C GLY A 122 20.63 9.28 -5.40
N VAL A 123 20.72 8.41 -4.41
CA VAL A 123 21.94 7.72 -4.06
C VAL A 123 21.67 6.22 -4.04
N GLU A 124 22.46 5.46 -4.78
CA GLU A 124 22.27 4.01 -4.87
C GLU A 124 22.17 3.36 -3.51
N SER A 125 22.73 4.00 -2.49
CA SER A 125 22.71 3.46 -1.16
C SER A 125 21.53 3.97 -0.32
N ASP A 126 20.68 4.84 -0.89
CA ASP A 126 19.55 5.38 -0.15
C ASP A 126 18.20 5.05 -0.76
N ILE A 127 18.15 3.97 -1.50
CA ILE A 127 16.92 3.52 -2.12
C ILE A 127 16.36 2.29 -1.43
N LEU A 128 15.05 2.29 -1.26
CA LEU A 128 14.33 1.19 -0.61
C LEU A 128 13.23 0.67 -1.53
N SER A 129 13.14 -0.66 -1.65
CA SER A 129 12.13 -1.27 -2.52
C SER A 129 11.01 -1.91 -1.72
N LEU A 130 9.80 -1.79 -2.24
CA LEU A 130 8.61 -2.36 -1.61
C LEU A 130 7.73 -3.04 -2.64
N VAL A 131 7.20 -4.22 -2.30
CA VAL A 131 6.35 -4.96 -3.22
C VAL A 131 4.91 -5.00 -2.73
N ILE A 132 3.97 -4.81 -3.66
CA ILE A 132 2.57 -4.79 -3.34
C ILE A 132 1.87 -6.06 -3.80
N PHE A 133 1.15 -6.69 -2.89
CA PHE A 133 0.42 -7.92 -3.19
C PHE A 133 -1.09 -7.67 -3.12
N ILE A 134 -1.74 -7.80 -4.26
CA ILE A 134 -3.19 -7.58 -4.34
C ILE A 134 -3.97 -8.83 -3.96
N ASN A 135 -4.94 -8.66 -3.06
CA ASN A 135 -5.76 -9.78 -2.61
C ASN A 135 -6.84 -10.10 -3.65
N ASP A 136 -6.71 -11.27 -4.27
CA ASP A 136 -7.68 -11.70 -5.29
C ASP A 136 -9.07 -11.83 -4.70
N LYS A 137 -9.15 -12.22 -3.43
CA LYS A 137 -10.43 -12.40 -2.76
C LYS A 137 -11.20 -11.09 -2.74
N PHE A 138 -10.51 -10.01 -2.38
CA PHE A 138 -11.12 -8.70 -2.30
C PHE A 138 -11.67 -8.27 -3.66
N LYS A 139 -10.89 -8.50 -4.71
CA LYS A 139 -11.29 -8.15 -6.07
C LYS A 139 -12.61 -8.82 -6.44
N GLN A 140 -12.79 -10.04 -5.94
CA GLN A 140 -14.01 -10.80 -6.24
C GLN A 140 -15.24 -10.08 -5.70
N CYS A 141 -15.16 -9.61 -4.46
CA CYS A 141 -16.26 -8.91 -3.82
C CYS A 141 -16.53 -7.58 -4.52
N LEU A 142 -15.45 -6.84 -4.80
CA LEU A 142 -15.57 -5.54 -5.45
C LEU A 142 -16.28 -5.68 -6.79
N GLU A 143 -15.90 -6.71 -7.55
CA GLU A 143 -16.50 -6.95 -8.87
C GLU A 143 -17.93 -7.43 -8.73
N GLN A 144 -18.20 -8.18 -7.66
CA GLN A 144 -19.54 -8.71 -7.41
C GLN A 144 -20.52 -7.64 -6.96
N ASN A 145 -19.98 -6.48 -6.55
CA ASN A 145 -20.79 -5.34 -6.08
C ASN A 145 -22.21 -5.37 -6.65
N LYS A 146 -22.32 -5.60 -7.97
CA LYS A 146 -23.61 -5.65 -8.64
C LYS A 146 -23.77 -6.95 -9.40
N VAL A 147 -24.93 -7.59 -9.24
CA VAL A 147 -25.21 -8.85 -9.92
C VAL A 147 -25.59 -8.62 -11.38
N ASP A 148 -25.01 -9.41 -12.27
CA ASP A 148 -25.29 -9.30 -13.70
C ASP A 148 -25.07 -10.63 -14.40
N ARG A 149 -26.16 -11.25 -14.83
CA ARG A 149 -26.10 -12.53 -15.53
C ARG A 149 -27.47 -12.94 -16.04
N ILE A 150 -27.73 -12.68 -17.32
CA ILE A 150 -29.00 -13.03 -17.93
C ILE A 150 -29.01 -14.48 -18.41
N ARG A 151 -30.12 -15.17 -18.17
CA ARG A 151 -30.26 -16.56 -18.59
C ARG A 151 -31.73 -16.95 -18.71
N ASN B 1 12.20 26.74 12.35
CA ASN B 1 10.97 26.13 11.78
C ASN B 1 11.19 25.68 10.34
N ASP B 2 11.72 24.47 10.18
CA ASP B 2 11.98 23.92 8.85
C ASP B 2 11.52 22.47 8.76
N PRO B 3 11.38 21.93 7.53
CA PRO B 3 10.95 20.55 7.32
C PRO B 3 12.00 19.54 7.78
N ASP B 4 11.54 18.41 8.30
CA ASP B 4 12.44 17.37 8.78
C ASP B 4 12.58 16.25 7.76
N TPO B 5 13.43 16.48 6.76
CA TPO B 5 13.65 15.49 5.72
CB TPO B 5 12.47 15.43 4.72
CG2 TPO B 5 12.73 14.42 3.61
OG1 TPO B 5 11.29 15.08 5.41
P TPO B 5 10.00 15.90 5.12
O1P TPO B 5 8.89 14.83 4.96
O2P TPO B 5 9.74 16.71 6.42
O3P TPO B 5 10.13 16.77 3.90
C TPO B 5 14.95 15.78 4.96
O TPO B 5 15.45 16.90 4.97
H2 TPO B 5 13.91 17.32 6.73
HA TPO B 5 13.75 14.52 6.19
HB TPO B 5 12.35 16.41 4.28
HG21 TPO B 5 11.81 14.23 3.08
HG22 TPO B 5 13.10 13.49 4.04
HG23 TPO B 5 13.47 14.82 2.93
N LEU B 6 15.49 14.75 4.30
CA LEU B 6 16.73 14.90 3.56
C LEU B 6 16.51 14.61 2.07
N GLU B 7 17.22 15.35 1.21
CA GLU B 7 17.09 15.19 -0.23
C GLU B 7 18.42 14.78 -0.87
N ILE B 8 19.07 13.78 -0.27
CA ILE B 8 20.35 13.27 -0.76
C ILE B 8 21.38 14.39 -0.98
N TYR B 9 22.65 14.02 -1.06
CA TYR B 9 23.71 14.99 -1.27
C TYR B 9 24.14 15.03 -2.74
N SER B 10 24.04 16.21 -3.34
CA SER B 10 24.42 16.37 -4.74
C SER B 10 25.38 17.54 -4.91
N ALA A 1 -20.98 -29.18 12.21
CA ALA A 1 -19.54 -29.01 12.43
C ALA A 1 -19.21 -27.57 12.78
N THR A 2 -18.42 -27.39 13.84
CA THR A 2 -18.03 -26.06 14.28
C THR A 2 -16.66 -26.09 14.95
N GLN A 3 -16.54 -26.89 16.01
CA GLN A 3 -15.28 -27.00 16.74
C GLN A 3 -14.17 -27.54 15.83
N ARG A 4 -14.52 -28.52 14.99
CA ARG A 4 -13.55 -29.11 14.08
C ARG A 4 -12.99 -28.06 13.11
N PHE A 5 -13.85 -27.15 12.68
CA PHE A 5 -13.45 -26.10 11.76
C PHE A 5 -12.44 -25.17 12.42
N LEU A 6 -12.61 -24.94 13.72
CA LEU A 6 -11.71 -24.06 14.47
C LEU A 6 -10.30 -24.64 14.50
N ILE A 7 -10.20 -25.95 14.70
CA ILE A 7 -8.90 -26.62 14.76
C ILE A 7 -8.23 -26.62 13.40
N GLU A 8 -9.02 -26.73 12.34
CA GLU A 8 -8.48 -26.75 10.99
C GLU A 8 -7.68 -25.48 10.72
N LYS A 9 -8.24 -24.34 11.11
CA LYS A 9 -7.58 -23.05 10.94
C LYS A 9 -6.34 -22.97 11.84
N PHE A 10 -6.35 -23.77 12.91
CA PHE A 10 -5.24 -23.80 13.85
C PHE A 10 -3.93 -24.13 13.15
N SER A 11 -3.96 -25.16 12.32
CA SER A 11 -2.76 -25.58 11.58
C SER A 11 -2.36 -24.52 10.56
N GLN A 12 -3.35 -23.82 10.03
CA GLN A 12 -3.09 -22.78 9.03
C GLN A 12 -4.22 -21.75 9.01
N GLU A 13 -3.91 -20.53 9.44
CA GLU A 13 -4.89 -19.46 9.47
C GLU A 13 -5.13 -18.89 8.08
N GLN A 14 -6.38 -18.72 7.71
CA GLN A 14 -6.74 -18.17 6.40
C GLN A 14 -6.82 -16.66 6.44
N ILE A 15 -5.82 -16.00 5.85
CA ILE A 15 -5.78 -14.55 5.81
C ILE A 15 -6.65 -13.98 4.71
N GLY A 16 -7.35 -12.92 5.05
CA GLY A 16 -8.23 -12.26 4.11
C GLY A 16 -9.55 -11.86 4.74
N GLU A 17 -9.50 -10.94 5.69
CA GLU A 17 -10.71 -10.48 6.36
C GLU A 17 -11.42 -9.42 5.54
N ASN A 18 -10.65 -8.56 4.90
CA ASN A 18 -11.20 -7.48 4.07
C ASN A 18 -10.04 -6.65 3.57
N ILE A 19 -8.99 -7.37 3.22
CA ILE A 19 -7.77 -6.79 2.77
C ILE A 19 -7.88 -6.26 1.35
N VAL A 20 -7.34 -5.06 1.16
CA VAL A 20 -7.34 -4.40 -0.11
C VAL A 20 -6.07 -4.73 -0.86
N CYS A 21 -4.95 -4.39 -0.25
CA CYS A 21 -3.63 -4.64 -0.84
C CYS A 21 -2.60 -4.90 0.26
N ARG A 22 -1.45 -5.44 -0.13
CA ARG A 22 -0.39 -5.74 0.83
C ARG A 22 0.95 -5.17 0.38
N VAL A 23 1.69 -4.61 1.34
CA VAL A 23 3.00 -4.04 1.04
C VAL A 23 4.12 -4.87 1.67
N ILE A 24 5.04 -5.34 0.85
CA ILE A 24 6.14 -6.17 1.32
C ILE A 24 7.49 -5.56 0.98
N CYS A 25 8.29 -5.28 2.01
CA CYS A 25 9.63 -4.71 1.81
C CYS A 25 10.63 -5.83 1.53
N THR A 26 11.01 -5.95 0.26
CA THR A 26 11.95 -7.00 -0.16
C THR A 26 13.40 -6.64 0.16
N THR A 27 13.69 -5.37 0.36
CA THR A 27 15.05 -4.94 0.67
C THR A 27 15.39 -5.16 2.14
N GLY A 28 14.42 -5.64 2.90
CA GLY A 28 14.63 -5.91 4.31
C GLY A 28 14.89 -4.65 5.11
N GLN A 29 13.84 -3.88 5.36
CA GLN A 29 13.95 -2.64 6.12
C GLN A 29 12.70 -2.41 6.97
N ILE A 30 11.54 -2.71 6.39
CA ILE A 30 10.27 -2.53 7.07
C ILE A 30 9.46 -3.82 7.08
N PRO A 31 8.75 -4.10 8.19
CA PRO A 31 7.93 -5.32 8.31
C PRO A 31 6.70 -5.27 7.41
N ILE A 32 6.32 -6.43 6.89
CA ILE A 32 5.16 -6.52 6.00
C ILE A 32 3.88 -6.12 6.72
N ARG A 33 3.03 -5.39 6.01
CA ARG A 33 1.75 -4.94 6.54
C ARG A 33 0.62 -5.25 5.56
N ASP A 34 -0.62 -5.21 6.03
CA ASP A 34 -1.76 -5.51 5.17
C ASP A 34 -2.77 -4.36 5.15
N LEU A 35 -3.00 -3.81 3.97
CA LEU A 35 -3.96 -2.73 3.79
C LEU A 35 -5.35 -3.31 3.59
N SER A 36 -6.34 -2.80 4.31
CA SER A 36 -7.69 -3.31 4.16
C SER A 36 -8.75 -2.24 4.20
N ALA A 37 -9.86 -2.57 3.59
CA ALA A 37 -11.01 -1.69 3.52
C ALA A 37 -12.32 -2.48 3.58
N ASP A 38 -13.31 -1.94 4.29
CA ASP A 38 -14.59 -2.61 4.42
C ASP A 38 -15.42 -2.48 3.14
N ILE A 39 -16.03 -3.59 2.73
CA ILE A 39 -16.85 -3.63 1.53
C ILE A 39 -18.09 -2.75 1.65
N SER A 40 -18.68 -2.75 2.84
CA SER A 40 -19.90 -2.00 3.09
C SER A 40 -19.69 -0.51 2.89
N GLN A 41 -18.57 -0.01 3.37
CA GLN A 41 -18.25 1.41 3.24
C GLN A 41 -17.98 1.76 1.78
N VAL A 42 -17.35 0.83 1.07
CA VAL A 42 -17.02 1.03 -0.34
C VAL A 42 -18.29 1.11 -1.18
N LEU A 43 -19.24 0.22 -0.90
CA LEU A 43 -20.49 0.19 -1.64
C LEU A 43 -21.36 1.39 -1.26
N LYS A 44 -21.23 1.85 -0.03
CA LYS A 44 -22.01 2.99 0.46
C LYS A 44 -21.44 4.29 -0.07
N GLU A 45 -20.13 4.46 0.04
CA GLU A 45 -19.47 5.67 -0.43
C GLU A 45 -19.56 5.79 -1.94
N LYS A 46 -19.85 6.99 -2.43
CA LYS A 46 -19.97 7.24 -3.86
C LYS A 46 -19.36 8.58 -4.24
N ARG A 47 -18.33 8.98 -3.49
CA ARG A 47 -17.66 10.26 -3.75
C ARG A 47 -16.50 10.06 -4.71
N SER A 48 -15.56 9.20 -4.35
CA SER A 48 -14.40 8.93 -5.18
C SER A 48 -13.51 7.85 -4.55
N ILE A 49 -12.97 8.16 -3.38
CA ILE A 49 -12.10 7.22 -2.68
C ILE A 49 -12.77 6.70 -1.41
N LYS A 50 -12.52 5.44 -1.09
CA LYS A 50 -13.10 4.82 0.10
C LYS A 50 -12.13 4.87 1.27
N LYS A 51 -10.88 4.50 1.02
CA LYS A 51 -9.86 4.50 2.06
C LYS A 51 -8.46 4.66 1.48
N VAL A 52 -7.62 5.44 2.15
CA VAL A 52 -6.26 5.66 1.68
C VAL A 52 -5.24 5.46 2.78
N TRP A 53 -4.13 4.82 2.41
CA TRP A 53 -3.03 4.56 3.33
C TRP A 53 -1.85 5.48 3.10
N THR A 54 -1.24 5.96 4.18
CA THR A 54 -0.06 6.80 4.07
C THR A 54 1.15 6.06 4.61
N PHE A 55 2.24 6.08 3.86
CA PHE A 55 3.45 5.36 4.25
C PHE A 55 4.61 6.33 4.46
N GLY A 56 5.47 6.00 5.42
CA GLY A 56 6.63 6.84 5.70
C GLY A 56 7.22 6.55 7.07
N ARG A 57 8.18 7.38 7.47
CA ARG A 57 8.84 7.21 8.77
C ARG A 57 8.03 7.83 9.90
N ASN A 58 6.85 8.36 9.59
CA ASN A 58 6.01 8.97 10.60
C ASN A 58 5.15 7.91 11.31
N PRO A 59 5.06 7.98 12.65
CA PRO A 59 4.26 7.04 13.43
C PRO A 59 2.77 7.19 13.14
N ALA A 60 2.41 8.27 12.45
CA ALA A 60 1.04 8.52 12.08
C ALA A 60 0.72 7.74 10.84
N CYS A 61 1.65 7.82 9.91
CA CYS A 61 1.53 7.14 8.65
C CYS A 61 1.08 5.71 8.86
N ASP A 62 0.18 5.29 8.02
CA ASP A 62 -0.34 3.92 8.10
C ASP A 62 0.82 2.93 7.99
N TYR A 63 1.97 3.38 7.49
CA TYR A 63 3.14 2.52 7.34
C TYR A 63 4.35 3.11 8.05
N HIS A 64 4.86 2.39 9.04
CA HIS A 64 6.04 2.85 9.79
C HIS A 64 7.30 2.16 9.29
N LEU A 65 8.23 2.95 8.74
CA LEU A 65 9.48 2.43 8.22
C LEU A 65 10.55 2.41 9.30
N GLY A 66 11.80 2.18 8.89
CA GLY A 66 12.90 2.15 9.83
C GLY A 66 13.57 3.51 10.00
N ASN A 67 12.86 4.57 9.62
CA ASN A 67 13.40 5.92 9.74
C ASN A 67 14.63 6.11 8.85
N ILE A 68 14.38 6.43 7.58
CA ILE A 68 15.46 6.66 6.64
C ILE A 68 15.58 8.14 6.29
N SER A 69 16.80 8.67 6.34
CA SER A 69 17.03 10.07 6.03
C SER A 69 16.50 10.43 4.65
N ARG A 70 16.68 9.52 3.70
CA ARG A 70 16.23 9.73 2.33
C ARG A 70 14.71 9.79 2.24
N LEU A 71 14.04 8.86 2.90
CA LEU A 71 12.57 8.81 2.87
C LEU A 71 11.95 9.95 3.69
N SER A 72 10.76 10.37 3.29
CA SER A 72 10.05 11.45 3.98
C SER A 72 9.05 10.91 5.00
N ASN A 73 8.55 11.80 5.87
CA ASN A 73 7.57 11.42 6.90
C ASN A 73 6.50 10.52 6.29
N LYS A 74 5.90 11.01 5.22
CA LYS A 74 4.91 10.28 4.46
C LYS A 74 5.44 10.14 3.05
N HIS A 75 6.29 9.14 2.86
CA HIS A 75 6.93 8.92 1.59
C HIS A 75 5.95 8.64 0.47
N PHE A 76 5.00 7.75 0.73
CA PHE A 76 4.01 7.41 -0.29
C PHE A 76 2.65 7.10 0.32
N GLN A 77 1.60 7.22 -0.48
CA GLN A 77 0.24 6.97 -0.01
C GLN A 77 -0.55 6.14 -1.01
N ILE A 78 -1.37 5.21 -0.51
CA ILE A 78 -2.18 4.37 -1.41
C ILE A 78 -3.66 4.64 -1.20
N LEU A 79 -4.40 4.84 -2.29
CA LEU A 79 -5.84 5.11 -2.19
C LEU A 79 -6.66 4.10 -2.98
N LEU A 80 -7.85 3.80 -2.47
CA LEU A 80 -8.75 2.86 -3.12
C LEU A 80 -10.12 3.51 -3.34
N GLY A 81 -10.55 3.54 -4.59
CA GLY A 81 -11.83 4.15 -4.92
C GLY A 81 -12.32 3.77 -6.31
N GLU A 82 -12.98 2.62 -6.41
CA GLU A 82 -13.49 2.14 -7.68
C GLU A 82 -14.14 0.76 -7.53
N ASP A 83 -14.42 0.13 -8.65
CA ASP A 83 -15.03 -1.21 -8.64
C ASP A 83 -13.98 -2.29 -8.46
N GLY A 84 -13.22 -2.21 -7.37
CA GLY A 84 -12.19 -3.18 -7.11
C GLY A 84 -10.80 -2.69 -7.48
N ASN A 85 -10.75 -1.67 -8.34
CA ASN A 85 -9.47 -1.10 -8.78
C ASN A 85 -8.80 -0.32 -7.65
N LEU A 86 -7.47 -0.35 -7.65
CA LEU A 86 -6.71 0.36 -6.63
C LEU A 86 -5.83 1.43 -7.27
N LEU A 87 -5.40 2.41 -6.46
CA LEU A 87 -4.56 3.48 -6.95
C LEU A 87 -3.38 3.72 -6.01
N LEU A 88 -2.25 4.10 -6.59
CA LEU A 88 -1.05 4.37 -5.81
C LEU A 88 -0.70 5.85 -5.87
N ASN A 89 -0.61 6.49 -4.71
CA ASN A 89 -0.31 7.91 -4.66
C ASN A 89 1.06 8.16 -4.05
N ASP A 90 1.97 8.68 -4.86
CA ASP A 90 3.31 8.99 -4.39
C ASP A 90 3.32 10.32 -3.65
N ILE A 91 3.95 10.37 -2.48
CA ILE A 91 3.98 11.59 -1.67
C ILE A 91 5.34 11.81 -1.02
N SER A 92 6.42 11.49 -1.71
CA SER A 92 7.75 11.66 -1.17
C SER A 92 8.43 12.92 -1.68
N THR A 93 9.36 13.45 -0.90
CA THR A 93 10.09 14.64 -1.29
C THR A 93 11.03 14.32 -2.46
N ASN A 94 11.52 13.09 -2.50
CA ASN A 94 12.45 12.67 -3.55
C ASN A 94 11.76 11.93 -4.69
N GLY A 95 10.56 11.39 -4.44
CA GLY A 95 9.84 10.69 -5.48
C GLY A 95 9.59 9.23 -5.17
N THR A 96 8.59 8.68 -5.84
CA THR A 96 8.20 7.27 -5.69
C THR A 96 8.37 6.55 -7.01
N TRP A 97 8.90 5.34 -6.97
CA TRP A 97 9.16 4.58 -8.19
C TRP A 97 8.38 3.29 -8.26
N LEU A 98 8.03 2.90 -9.48
CA LEU A 98 7.34 1.65 -9.72
C LEU A 98 8.15 0.85 -10.75
N ASN A 99 8.70 -0.27 -10.30
CA ASN A 99 9.52 -1.13 -11.16
C ASN A 99 10.58 -0.34 -11.93
N GLY A 100 11.23 0.61 -11.27
CA GLY A 100 12.27 1.38 -11.92
C GLY A 100 11.76 2.58 -12.67
N GLN A 101 10.44 2.71 -12.80
CA GLN A 101 9.87 3.85 -13.51
C GLN A 101 9.26 4.84 -12.52
N LYS A 102 9.78 6.06 -12.52
CA LYS A 102 9.31 7.10 -11.64
C LYS A 102 7.95 7.63 -12.09
N VAL A 103 7.04 7.80 -11.12
CA VAL A 103 5.71 8.30 -11.40
C VAL A 103 5.55 9.74 -10.89
N GLU A 104 4.52 10.42 -11.37
CA GLU A 104 4.27 11.79 -10.96
C GLU A 104 3.81 11.82 -9.50
N LYS A 105 4.48 12.64 -8.68
CA LYS A 105 4.12 12.75 -7.28
C LYS A 105 2.63 13.04 -7.11
N ASN A 106 2.13 12.79 -5.91
CA ASN A 106 0.73 13.01 -5.58
C ASN A 106 -0.20 12.71 -6.76
N SER A 107 0.18 11.73 -7.56
CA SER A 107 -0.61 11.33 -8.72
C SER A 107 -1.21 9.94 -8.54
N ASN A 108 -2.42 9.75 -9.07
CA ASN A 108 -3.10 8.47 -8.98
C ASN A 108 -2.69 7.55 -10.14
N GLN A 109 -2.19 6.36 -9.80
CA GLN A 109 -1.76 5.41 -10.81
C GLN A 109 -2.38 4.04 -10.57
N LEU A 110 -2.66 3.32 -11.65
CA LEU A 110 -3.24 1.99 -11.56
C LEU A 110 -2.17 0.99 -11.12
N LEU A 111 -2.38 0.37 -9.97
CA LEU A 111 -1.42 -0.59 -9.44
C LEU A 111 -1.17 -1.75 -10.40
N SER A 112 -0.15 -2.52 -10.08
CA SER A 112 0.24 -3.68 -10.89
C SER A 112 0.27 -4.93 -10.01
N GLN A 113 0.07 -6.10 -10.61
CA GLN A 113 0.06 -7.35 -9.85
C GLN A 113 1.47 -7.67 -9.36
N GLY A 114 1.61 -7.74 -8.04
CA GLY A 114 2.90 -8.02 -7.43
C GLY A 114 3.92 -6.97 -7.78
N ASP A 115 3.44 -5.78 -8.14
CA ASP A 115 4.30 -4.67 -8.51
C ASP A 115 5.26 -4.34 -7.37
N GLU A 116 6.12 -3.36 -7.59
CA GLU A 116 7.08 -2.95 -6.58
C GLU A 116 7.32 -1.45 -6.61
N ILE A 117 7.35 -0.83 -5.44
CA ILE A 117 7.58 0.60 -5.35
C ILE A 117 8.98 0.89 -4.80
N THR A 118 9.75 1.64 -5.56
CA THR A 118 11.11 2.00 -5.16
C THR A 118 11.14 3.44 -4.70
N VAL A 119 11.89 3.71 -3.64
CA VAL A 119 11.96 5.06 -3.10
C VAL A 119 13.37 5.45 -2.67
N GLY A 120 13.61 6.75 -2.59
CA GLY A 120 14.90 7.25 -2.19
C GLY A 120 15.87 7.29 -3.34
N VAL A 121 15.36 7.47 -4.54
CA VAL A 121 16.17 7.50 -5.73
C VAL A 121 16.91 8.82 -5.88
N GLY A 122 18.14 8.71 -6.32
CA GLY A 122 19.01 9.85 -6.49
C GLY A 122 20.39 9.50 -6.03
N VAL A 123 20.44 8.72 -4.95
CA VAL A 123 21.67 8.25 -4.38
C VAL A 123 21.64 6.72 -4.35
N GLU A 124 22.57 6.09 -5.05
CA GLU A 124 22.61 4.64 -5.11
C GLU A 124 22.56 4.00 -3.72
N SER A 125 23.03 4.72 -2.72
CA SER A 125 23.05 4.22 -1.36
C SER A 125 21.81 4.60 -0.56
N ASP A 126 20.81 5.21 -1.19
CA ASP A 126 19.63 5.61 -0.45
C ASP A 126 18.31 5.22 -1.11
N ILE A 127 18.31 4.09 -1.78
CA ILE A 127 17.11 3.59 -2.41
C ILE A 127 16.53 2.41 -1.65
N LEU A 128 15.21 2.41 -1.53
CA LEU A 128 14.48 1.36 -0.84
C LEU A 128 13.39 0.79 -1.75
N SER A 129 13.26 -0.53 -1.80
CA SER A 129 12.25 -1.14 -2.66
C SER A 129 11.15 -1.83 -1.85
N LEU A 130 9.97 -1.80 -2.42
CA LEU A 130 8.78 -2.39 -1.82
C LEU A 130 7.98 -3.16 -2.84
N VAL A 131 7.24 -4.17 -2.39
CA VAL A 131 6.40 -4.97 -3.29
C VAL A 131 4.93 -4.84 -2.90
N ILE A 132 4.06 -4.76 -3.91
CA ILE A 132 2.65 -4.62 -3.68
C ILE A 132 1.91 -5.92 -3.99
N PHE A 133 1.23 -6.45 -2.98
CA PHE A 133 0.47 -7.69 -3.13
C PHE A 133 -1.03 -7.41 -3.13
N ILE A 134 -1.66 -7.60 -4.27
CA ILE A 134 -3.10 -7.37 -4.40
C ILE A 134 -3.91 -8.62 -4.09
N ASN A 135 -4.96 -8.44 -3.29
CA ASN A 135 -5.83 -9.55 -2.91
C ASN A 135 -6.90 -9.78 -3.98
N ASP A 136 -6.76 -10.87 -4.72
CA ASP A 136 -7.71 -11.20 -5.77
C ASP A 136 -9.13 -11.35 -5.22
N LYS A 137 -9.23 -11.81 -3.98
CA LYS A 137 -10.52 -12.00 -3.33
C LYS A 137 -11.28 -10.68 -3.24
N PHE A 138 -10.57 -9.64 -2.82
CA PHE A 138 -11.17 -8.32 -2.68
C PHE A 138 -11.72 -7.83 -4.02
N LYS A 139 -10.93 -8.02 -5.07
CA LYS A 139 -11.33 -7.58 -6.41
C LYS A 139 -12.56 -8.36 -6.89
N GLN A 140 -12.65 -9.62 -6.50
CA GLN A 140 -13.78 -10.46 -6.89
C GLN A 140 -15.10 -9.90 -6.37
N CYS A 141 -15.09 -9.46 -5.12
CA CYS A 141 -16.30 -8.91 -4.49
C CYS A 141 -16.68 -7.58 -5.13
N LEU A 142 -15.69 -6.74 -5.38
CA LEU A 142 -15.93 -5.43 -5.99
C LEU A 142 -16.37 -5.57 -7.44
N GLU A 143 -15.66 -6.42 -8.19
CA GLU A 143 -15.97 -6.63 -9.59
C GLU A 143 -17.37 -7.23 -9.76
N GLN A 144 -17.66 -8.26 -8.98
CA GLN A 144 -18.96 -8.93 -9.05
C GLN A 144 -20.03 -8.11 -8.32
N ASN A 145 -19.64 -7.48 -7.21
CA ASN A 145 -20.56 -6.66 -6.42
C ASN A 145 -21.92 -7.33 -6.27
N LYS A 146 -21.91 -8.56 -5.76
CA LYS A 146 -23.15 -9.32 -5.56
C LYS A 146 -24.01 -8.67 -4.48
N VAL A 147 -25.23 -8.30 -4.84
CA VAL A 147 -26.15 -7.68 -3.91
C VAL A 147 -26.75 -8.71 -2.95
N ASP A 148 -26.84 -8.35 -1.69
CA ASP A 148 -27.39 -9.25 -0.67
C ASP A 148 -28.90 -9.36 -0.81
N ARG A 149 -29.36 -10.53 -1.26
CA ARG A 149 -30.79 -10.77 -1.44
C ARG A 149 -31.38 -9.78 -2.44
N ILE A 150 -31.47 -10.20 -3.70
CA ILE A 150 -32.02 -9.35 -4.75
C ILE A 150 -33.43 -9.80 -5.13
N ARG A 151 -34.37 -8.85 -5.17
CA ARG A 151 -35.75 -9.15 -5.51
C ARG A 151 -36.02 -8.85 -6.99
N ASN B 1 19.77 16.36 16.13
CA ASN B 1 19.78 16.11 14.66
C ASN B 1 18.69 15.12 14.27
N ASP B 2 17.58 15.64 13.77
CA ASP B 2 16.46 14.81 13.34
C ASP B 2 16.45 14.64 11.82
N PRO B 3 16.91 13.48 11.33
CA PRO B 3 16.96 13.20 9.88
C PRO B 3 15.56 13.05 9.28
N ASP B 4 15.02 14.16 8.77
CA ASP B 4 13.69 14.16 8.17
C ASP B 4 13.74 14.71 6.75
N TPO B 5 13.24 13.93 5.80
CA TPO B 5 13.23 14.34 4.40
CB TPO B 5 12.43 15.64 4.21
CG2 TPO B 5 12.44 16.09 2.75
OG1 TPO B 5 11.11 15.46 4.62
P TPO B 5 10.72 15.92 6.06
O1P TPO B 5 9.41 16.74 5.87
O2P TPO B 5 10.37 14.61 6.81
O3P TPO B 5 11.80 16.71 6.74
C TPO B 5 14.65 14.54 3.88
O TPO B 5 15.56 14.89 4.65
H2 TPO B 5 12.88 13.06 6.04
HA TPO B 5 12.76 13.56 3.82
HB TPO B 5 12.89 16.43 4.80
HG21 TPO B 5 11.88 17.01 2.64
HG22 TPO B 5 11.99 15.32 2.14
HG23 TPO B 5 13.47 16.25 2.44
N LEU B 6 14.86 14.33 2.59
CA LEU B 6 16.17 14.49 1.98
C LEU B 6 16.08 14.90 0.52
N GLU B 7 17.22 14.87 -0.17
CA GLU B 7 17.27 15.23 -1.58
C GLU B 7 18.71 15.10 -2.10
N ILE B 8 18.92 14.14 -2.99
CA ILE B 8 20.24 13.90 -3.56
C ILE B 8 20.91 15.19 -4.00
N TYR B 9 22.23 15.25 -3.83
CA TYR B 9 23.01 16.42 -4.20
C TYR B 9 23.51 16.31 -5.63
N SER B 10 23.12 17.27 -6.47
CA SER B 10 23.52 17.29 -7.87
C SER B 10 23.35 18.67 -8.47
N ALA A 1 -14.56 -32.62 19.43
CA ALA A 1 -14.05 -33.75 18.65
C ALA A 1 -12.53 -33.66 18.51
N THR A 2 -11.95 -34.68 17.88
CA THR A 2 -10.50 -34.71 17.68
C THR A 2 -10.17 -34.92 16.21
N GLN A 3 -10.74 -35.95 15.61
CA GLN A 3 -10.50 -36.25 14.20
C GLN A 3 -11.03 -35.13 13.30
N ARG A 4 -12.22 -34.64 13.63
CA ARG A 4 -12.85 -33.58 12.86
C ARG A 4 -11.97 -32.32 12.85
N PHE A 5 -11.31 -32.07 13.99
CA PHE A 5 -10.45 -30.90 14.11
C PHE A 5 -9.28 -30.99 13.14
N LEU A 6 -8.72 -32.19 12.98
CA LEU A 6 -7.60 -32.39 12.07
C LEU A 6 -8.00 -32.07 10.63
N ILE A 7 -9.16 -32.56 10.22
CA ILE A 7 -9.67 -32.32 8.87
C ILE A 7 -9.97 -30.84 8.65
N GLU A 8 -10.46 -30.18 9.69
CA GLU A 8 -10.79 -28.77 9.60
C GLU A 8 -9.57 -27.96 9.16
N LYS A 9 -8.40 -28.35 9.66
CA LYS A 9 -7.15 -27.69 9.31
C LYS A 9 -6.82 -27.90 7.83
N PHE A 10 -7.35 -28.99 7.26
CA PHE A 10 -7.12 -29.33 5.86
C PHE A 10 -7.53 -28.18 4.95
N SER A 11 -8.73 -27.65 5.18
CA SER A 11 -9.25 -26.56 4.38
C SER A 11 -8.66 -25.22 4.83
N GLN A 12 -8.27 -25.15 6.10
CA GLN A 12 -7.69 -23.93 6.66
C GLN A 12 -8.71 -22.81 6.67
N GLU A 13 -8.62 -21.95 7.69
CA GLU A 13 -9.54 -20.83 7.83
C GLU A 13 -9.39 -19.86 6.66
N GLN A 14 -10.47 -19.15 6.34
CA GLN A 14 -10.46 -18.19 5.24
C GLN A 14 -9.71 -16.93 5.62
N ILE A 15 -8.50 -16.76 5.08
CA ILE A 15 -7.68 -15.60 5.37
C ILE A 15 -8.09 -14.40 4.53
N GLY A 16 -8.11 -13.26 5.18
CA GLY A 16 -8.49 -12.03 4.52
C GLY A 16 -9.74 -11.40 5.10
N GLU A 17 -9.58 -10.69 6.20
CA GLU A 17 -10.71 -10.04 6.87
C GLU A 17 -11.41 -9.07 5.93
N ASN A 18 -10.63 -8.29 5.19
CA ASN A 18 -11.17 -7.31 4.25
C ASN A 18 -10.01 -6.53 3.68
N ILE A 19 -8.94 -7.28 3.43
CA ILE A 19 -7.72 -6.73 2.94
C ILE A 19 -7.82 -6.29 1.49
N VAL A 20 -7.27 -5.12 1.23
CA VAL A 20 -7.26 -4.53 -0.07
C VAL A 20 -5.99 -4.92 -0.80
N CYS A 21 -4.86 -4.56 -0.21
CA CYS A 21 -3.56 -4.87 -0.77
C CYS A 21 -2.51 -4.98 0.34
N ARG A 22 -1.44 -5.74 0.08
CA ARG A 22 -0.37 -5.93 1.06
C ARG A 22 0.96 -5.40 0.53
N VAL A 23 1.72 -4.72 1.38
CA VAL A 23 3.01 -4.18 0.98
C VAL A 23 4.15 -4.97 1.61
N ILE A 24 5.03 -5.51 0.78
CA ILE A 24 6.17 -6.30 1.25
C ILE A 24 7.50 -5.67 0.85
N CYS A 25 8.37 -5.48 1.84
CA CYS A 25 9.69 -4.90 1.58
C CYS A 25 10.65 -5.95 1.05
N THR A 26 10.85 -5.94 -0.27
CA THR A 26 11.73 -6.91 -0.92
C THR A 26 13.19 -6.69 -0.54
N THR A 27 13.53 -5.46 -0.14
CA THR A 27 14.90 -5.14 0.24
C THR A 27 15.20 -5.60 1.66
N GLY A 28 14.20 -6.16 2.32
CA GLY A 28 14.38 -6.65 3.68
C GLY A 28 14.80 -5.56 4.65
N GLN A 29 13.85 -4.73 5.05
CA GLN A 29 14.12 -3.65 5.99
C GLN A 29 12.92 -3.39 6.88
N ILE A 30 11.73 -3.38 6.28
CA ILE A 30 10.49 -3.14 7.01
C ILE A 30 9.55 -4.34 6.90
N PRO A 31 8.82 -4.66 7.98
CA PRO A 31 7.89 -5.79 7.98
C PRO A 31 6.64 -5.52 7.14
N ILE A 32 6.12 -6.57 6.51
CA ILE A 32 4.94 -6.43 5.66
C ILE A 32 3.77 -5.80 6.40
N ARG A 33 2.99 -5.00 5.67
CA ARG A 33 1.82 -4.34 6.23
C ARG A 33 0.60 -4.62 5.35
N ASP A 34 -0.51 -4.97 5.98
CA ASP A 34 -1.73 -5.28 5.24
C ASP A 34 -2.69 -4.11 5.20
N LEU A 35 -3.00 -3.65 3.99
CA LEU A 35 -3.93 -2.54 3.79
C LEU A 35 -5.32 -3.11 3.55
N SER A 36 -6.31 -2.66 4.29
CA SER A 36 -7.67 -3.17 4.11
C SER A 36 -8.71 -2.09 4.05
N ALA A 37 -9.81 -2.45 3.43
CA ALA A 37 -10.95 -1.56 3.27
C ALA A 37 -12.26 -2.34 3.14
N ASP A 38 -13.31 -1.81 3.75
CA ASP A 38 -14.62 -2.46 3.71
C ASP A 38 -15.31 -2.23 2.36
N ILE A 39 -15.65 -3.32 1.70
CA ILE A 39 -16.31 -3.27 0.39
C ILE A 39 -17.70 -2.64 0.48
N SER A 40 -18.46 -3.02 1.49
CA SER A 40 -19.82 -2.50 1.67
C SER A 40 -19.80 -0.99 1.81
N GLN A 41 -18.81 -0.51 2.55
CA GLN A 41 -18.66 0.92 2.79
C GLN A 41 -18.25 1.64 1.51
N VAL A 42 -17.43 0.97 0.71
CA VAL A 42 -16.96 1.54 -0.56
C VAL A 42 -18.11 1.69 -1.54
N LEU A 43 -19.01 0.71 -1.56
CA LEU A 43 -20.16 0.74 -2.45
C LEU A 43 -21.16 1.79 -2.01
N LYS A 44 -21.23 2.03 -0.70
CA LYS A 44 -22.15 3.01 -0.14
C LYS A 44 -21.72 4.43 -0.50
N GLU A 45 -20.45 4.74 -0.24
CA GLU A 45 -19.91 6.06 -0.54
C GLU A 45 -19.54 6.17 -2.01
N LYS A 46 -20.01 7.24 -2.65
CA LYS A 46 -19.73 7.48 -4.06
C LYS A 46 -19.34 8.94 -4.31
N ARG A 47 -18.65 9.53 -3.33
CA ARG A 47 -18.23 10.92 -3.44
C ARG A 47 -17.00 11.04 -4.34
N SER A 48 -15.89 10.47 -3.89
CA SER A 48 -14.64 10.51 -4.65
C SER A 48 -13.65 9.49 -4.13
N ILE A 49 -13.21 9.68 -2.88
CA ILE A 49 -12.25 8.76 -2.26
C ILE A 49 -12.88 8.01 -1.09
N LYS A 50 -12.38 6.81 -0.82
CA LYS A 50 -12.89 5.99 0.27
C LYS A 50 -11.85 5.86 1.38
N LYS A 51 -10.81 5.06 1.14
CA LYS A 51 -9.77 4.85 2.12
C LYS A 51 -8.39 4.89 1.48
N VAL A 52 -7.48 5.66 2.08
CA VAL A 52 -6.13 5.78 1.56
C VAL A 52 -5.08 5.58 2.64
N TRP A 53 -4.02 4.87 2.29
CA TRP A 53 -2.93 4.60 3.22
C TRP A 53 -1.74 5.51 2.99
N THR A 54 -1.12 5.98 4.07
CA THR A 54 0.05 6.83 3.96
C THR A 54 1.27 6.12 4.52
N PHE A 55 2.32 6.05 3.73
CA PHE A 55 3.55 5.36 4.11
C PHE A 55 4.69 6.35 4.31
N GLY A 56 5.57 6.04 5.26
CA GLY A 56 6.70 6.91 5.53
C GLY A 56 7.32 6.67 6.90
N ARG A 57 8.24 7.52 7.30
CA ARG A 57 8.91 7.40 8.58
C ARG A 57 8.07 8.00 9.71
N ASN A 58 6.88 8.50 9.37
CA ASN A 58 6.01 9.10 10.37
C ASN A 58 5.17 8.04 11.06
N PRO A 59 5.06 8.10 12.40
CA PRO A 59 4.27 7.15 13.18
C PRO A 59 2.77 7.32 12.93
N ALA A 60 2.42 8.39 12.22
CA ALA A 60 1.03 8.66 11.88
C ALA A 60 0.67 7.88 10.66
N CYS A 61 1.59 7.90 9.72
CA CYS A 61 1.44 7.20 8.47
C CYS A 61 0.88 5.82 8.70
N ASP A 62 -0.06 5.44 7.86
CA ASP A 62 -0.68 4.13 7.96
C ASP A 62 0.41 3.04 7.89
N TYR A 63 1.58 3.41 7.36
CA TYR A 63 2.69 2.47 7.25
C TYR A 63 3.96 3.08 7.82
N HIS A 64 4.52 2.44 8.85
CA HIS A 64 5.74 2.92 9.49
C HIS A 64 6.96 2.25 8.89
N LEU A 65 7.76 3.02 8.16
CA LEU A 65 8.97 2.50 7.53
C LEU A 65 10.09 2.31 8.55
N GLY A 66 10.74 3.40 8.92
CA GLY A 66 11.82 3.34 9.90
C GLY A 66 12.41 4.70 10.20
N ASN A 67 13.39 5.11 9.41
CA ASN A 67 14.03 6.41 9.60
C ASN A 67 15.08 6.67 8.52
N ILE A 68 14.68 6.45 7.27
CA ILE A 68 15.58 6.66 6.13
C ILE A 68 15.60 8.13 5.72
N SER A 69 16.77 8.76 5.83
CA SER A 69 16.92 10.16 5.46
C SER A 69 16.45 10.41 4.03
N ARG A 70 16.62 9.40 3.18
CA ARG A 70 16.22 9.51 1.78
C ARG A 70 14.69 9.51 1.65
N LEU A 71 14.00 9.06 2.69
CA LEU A 71 12.54 9.00 2.67
C LEU A 71 11.93 10.08 3.55
N SER A 72 10.72 10.51 3.20
CA SER A 72 10.03 11.55 3.96
C SER A 72 9.05 10.96 4.97
N ASN A 73 8.58 11.78 5.91
CA ASN A 73 7.63 11.36 6.94
C ASN A 73 6.55 10.48 6.31
N LYS A 74 5.96 11.03 5.26
CA LYS A 74 4.93 10.33 4.48
C LYS A 74 5.47 10.22 3.06
N HIS A 75 6.28 9.20 2.84
CA HIS A 75 6.92 9.00 1.56
C HIS A 75 5.94 8.77 0.44
N PHE A 76 4.97 7.91 0.68
CA PHE A 76 3.97 7.63 -0.35
C PHE A 76 2.61 7.27 0.25
N GLN A 77 1.57 7.36 -0.56
CA GLN A 77 0.21 7.09 -0.11
C GLN A 77 -0.55 6.23 -1.11
N ILE A 78 -1.38 5.30 -0.63
CA ILE A 78 -2.16 4.45 -1.52
C ILE A 78 -3.66 4.67 -1.30
N LEU A 79 -4.39 4.95 -2.38
CA LEU A 79 -5.83 5.18 -2.29
C LEU A 79 -6.63 4.04 -2.93
N LEU A 80 -7.77 3.73 -2.31
CA LEU A 80 -8.65 2.67 -2.81
C LEU A 80 -10.05 3.21 -3.01
N GLY A 81 -10.56 3.09 -4.23
CA GLY A 81 -11.90 3.58 -4.54
C GLY A 81 -12.45 3.02 -5.83
N GLU A 82 -13.46 3.67 -6.37
CA GLU A 82 -14.09 3.22 -7.61
C GLU A 82 -14.65 1.81 -7.47
N ASP A 83 -15.13 1.25 -8.58
CA ASP A 83 -15.69 -0.09 -8.56
C ASP A 83 -14.59 -1.15 -8.65
N GLY A 84 -13.67 -1.12 -7.68
CA GLY A 84 -12.58 -2.08 -7.68
C GLY A 84 -11.25 -1.43 -8.01
N ASN A 85 -10.22 -2.26 -8.19
CA ASN A 85 -8.89 -1.76 -8.51
C ASN A 85 -8.35 -0.87 -7.40
N LEU A 86 -7.07 -0.53 -7.50
CA LEU A 86 -6.43 0.34 -6.50
C LEU A 86 -5.58 1.40 -7.19
N LEU A 87 -5.28 2.47 -6.45
CA LEU A 87 -4.46 3.56 -6.99
C LEU A 87 -3.26 3.82 -6.08
N LEU A 88 -2.15 4.20 -6.69
CA LEU A 88 -0.94 4.49 -5.93
C LEU A 88 -0.59 5.97 -6.02
N ASN A 89 -0.48 6.62 -4.87
CA ASN A 89 -0.17 8.05 -4.84
C ASN A 89 1.15 8.33 -4.13
N ASP A 90 2.11 8.85 -4.88
CA ASP A 90 3.41 9.19 -4.31
C ASP A 90 3.32 10.51 -3.56
N ILE A 91 4.04 10.63 -2.44
CA ILE A 91 4.01 11.86 -1.66
C ILE A 91 5.35 12.15 -0.98
N SER A 92 6.43 11.65 -1.57
CA SER A 92 7.74 11.82 -1.01
C SER A 92 8.47 13.03 -1.58
N THR A 93 9.40 13.55 -0.79
CA THR A 93 10.22 14.68 -1.19
C THR A 93 11.21 14.26 -2.29
N ASN A 94 11.94 13.19 -2.01
CA ASN A 94 12.95 12.68 -2.95
C ASN A 94 12.32 11.95 -4.13
N GLY A 95 10.99 11.81 -4.12
CA GLY A 95 10.31 11.15 -5.20
C GLY A 95 10.03 9.68 -4.93
N THR A 96 9.02 9.17 -5.60
CA THR A 96 8.62 7.77 -5.48
C THR A 96 8.80 7.08 -6.83
N TRP A 97 9.32 5.85 -6.81
CA TRP A 97 9.57 5.14 -8.05
C TRP A 97 8.71 3.90 -8.22
N LEU A 98 8.41 3.61 -9.48
CA LEU A 98 7.65 2.42 -9.84
C LEU A 98 8.47 1.61 -10.84
N ASN A 99 8.88 0.42 -10.41
CA ASN A 99 9.68 -0.47 -11.25
C ASN A 99 10.80 0.27 -11.98
N GLY A 100 11.50 1.16 -11.27
CA GLY A 100 12.60 1.88 -11.86
C GLY A 100 12.19 3.15 -12.57
N GLN A 101 10.89 3.32 -12.79
CA GLN A 101 10.40 4.51 -13.46
C GLN A 101 9.75 5.46 -12.45
N LYS A 102 10.33 6.65 -12.33
CA LYS A 102 9.83 7.64 -11.41
C LYS A 102 8.48 8.21 -11.87
N VAL A 103 7.48 8.11 -11.01
CA VAL A 103 6.15 8.61 -11.31
C VAL A 103 5.96 10.03 -10.78
N GLU A 104 4.91 10.70 -11.25
CA GLU A 104 4.62 12.05 -10.82
C GLU A 104 4.13 12.05 -9.38
N LYS A 105 4.75 12.88 -8.53
CA LYS A 105 4.35 12.96 -7.14
C LYS A 105 2.86 13.24 -7.02
N ASN A 106 2.30 12.99 -5.85
CA ASN A 106 0.89 13.21 -5.58
C ASN A 106 0.02 12.93 -6.80
N SER A 107 0.42 11.91 -7.56
CA SER A 107 -0.30 11.52 -8.76
C SER A 107 -0.95 10.14 -8.56
N ASN A 108 -2.13 9.95 -9.16
CA ASN A 108 -2.84 8.69 -9.06
C ASN A 108 -2.48 7.77 -10.21
N GLN A 109 -2.13 6.53 -9.90
CA GLN A 109 -1.79 5.55 -10.92
C GLN A 109 -2.57 4.26 -10.71
N LEU A 110 -2.83 3.55 -11.81
CA LEU A 110 -3.57 2.29 -11.73
C LEU A 110 -2.69 1.20 -11.11
N LEU A 111 -3.23 0.51 -10.12
CA LEU A 111 -2.49 -0.55 -9.44
C LEU A 111 -2.04 -1.63 -10.41
N SER A 112 -0.95 -2.29 -10.03
CA SER A 112 -0.38 -3.37 -10.83
C SER A 112 -0.25 -4.64 -9.99
N GLN A 113 -0.28 -5.79 -10.64
CA GLN A 113 -0.16 -7.06 -9.94
C GLN A 113 1.27 -7.26 -9.46
N GLY A 114 1.43 -7.50 -8.16
CA GLY A 114 2.75 -7.68 -7.60
C GLY A 114 3.64 -6.48 -7.85
N ASP A 115 3.03 -5.33 -8.09
CA ASP A 115 3.76 -4.10 -8.35
C ASP A 115 4.82 -3.84 -7.29
N GLU A 116 5.73 -2.92 -7.59
CA GLU A 116 6.80 -2.59 -6.66
C GLU A 116 7.14 -1.10 -6.74
N ILE A 117 7.31 -0.48 -5.57
CA ILE A 117 7.65 0.94 -5.52
C ILE A 117 9.03 1.15 -4.92
N THR A 118 9.86 1.90 -5.63
CA THR A 118 11.22 2.18 -5.16
C THR A 118 11.29 3.59 -4.61
N VAL A 119 12.01 3.78 -3.51
CA VAL A 119 12.11 5.10 -2.89
C VAL A 119 13.51 5.39 -2.37
N GLY A 120 13.80 6.69 -2.21
CA GLY A 120 15.08 7.10 -1.72
C GLY A 120 16.12 7.21 -2.82
N VAL A 121 15.64 7.50 -4.02
CA VAL A 121 16.51 7.62 -5.18
C VAL A 121 17.35 8.89 -5.14
N GLY A 122 18.59 8.73 -5.56
CA GLY A 122 19.53 9.81 -5.57
C GLY A 122 20.90 9.29 -5.23
N VAL A 123 20.92 8.33 -4.32
CA VAL A 123 22.12 7.68 -3.88
C VAL A 123 21.95 6.17 -4.07
N GLU A 124 22.88 5.55 -4.79
CA GLU A 124 22.80 4.12 -5.06
C GLU A 124 22.57 3.31 -3.79
N SER A 125 23.16 3.74 -2.69
CA SER A 125 23.03 3.04 -1.43
C SER A 125 21.90 3.57 -0.55
N ASP A 126 21.08 4.49 -1.06
CA ASP A 126 20.00 5.04 -0.26
C ASP A 126 18.62 4.83 -0.86
N ILE A 127 18.48 3.76 -1.60
CA ILE A 127 17.21 3.41 -2.20
C ILE A 127 16.58 2.21 -1.49
N LEU A 128 15.28 2.32 -1.29
CA LEU A 128 14.49 1.27 -0.64
C LEU A 128 13.34 0.84 -1.54
N SER A 129 13.12 -0.46 -1.68
CA SER A 129 12.05 -0.96 -2.53
C SER A 129 10.94 -1.63 -1.75
N LEU A 130 9.74 -1.55 -2.29
CA LEU A 130 8.55 -2.14 -1.70
C LEU A 130 7.72 -2.84 -2.76
N VAL A 131 7.10 -3.97 -2.39
CA VAL A 131 6.28 -4.72 -3.33
C VAL A 131 4.82 -4.75 -2.86
N ILE A 132 3.90 -4.62 -3.81
CA ILE A 132 2.49 -4.61 -3.51
C ILE A 132 1.83 -5.93 -3.92
N PHE A 133 1.18 -6.57 -2.96
CA PHE A 133 0.50 -7.84 -3.20
C PHE A 133 -1.01 -7.66 -3.11
N ILE A 134 -1.70 -7.92 -4.21
CA ILE A 134 -3.15 -7.77 -4.27
C ILE A 134 -3.86 -9.04 -3.83
N ASN A 135 -4.86 -8.89 -2.97
CA ASN A 135 -5.63 -10.03 -2.48
C ASN A 135 -6.71 -10.43 -3.48
N ASP A 136 -6.56 -11.61 -4.06
CA ASP A 136 -7.53 -12.11 -5.04
C ASP A 136 -8.93 -12.18 -4.44
N LYS A 137 -9.00 -12.41 -3.13
CA LYS A 137 -10.27 -12.51 -2.44
C LYS A 137 -11.07 -11.21 -2.60
N PHE A 138 -10.40 -10.09 -2.40
CA PHE A 138 -11.03 -8.79 -2.53
C PHE A 138 -11.62 -8.60 -3.92
N LYS A 139 -10.86 -8.98 -4.94
CA LYS A 139 -11.30 -8.85 -6.32
C LYS A 139 -12.50 -9.75 -6.60
N GLN A 140 -12.47 -10.96 -6.05
CA GLN A 140 -13.55 -11.92 -6.24
C GLN A 140 -14.87 -11.36 -5.72
N CYS A 141 -14.81 -10.69 -4.58
CA CYS A 141 -16.00 -10.10 -3.97
C CYS A 141 -16.65 -9.08 -4.89
N LEU A 142 -15.82 -8.21 -5.47
CA LEU A 142 -16.31 -7.18 -6.38
C LEU A 142 -16.81 -7.80 -7.68
N GLU A 143 -16.10 -8.81 -8.16
CA GLU A 143 -16.47 -9.49 -9.40
C GLU A 143 -17.82 -10.17 -9.27
N GLN A 144 -18.02 -10.88 -8.16
CA GLN A 144 -19.27 -11.59 -7.93
C GLN A 144 -20.34 -10.63 -7.39
N ASN A 145 -19.92 -9.68 -6.55
CA ASN A 145 -20.82 -8.70 -5.97
C ASN A 145 -22.13 -9.35 -5.51
N LYS A 146 -22.12 -9.93 -4.32
CA LYS A 146 -23.31 -10.58 -3.78
C LYS A 146 -24.46 -9.59 -3.64
N VAL A 147 -25.67 -10.06 -3.94
CA VAL A 147 -26.86 -9.21 -3.86
C VAL A 147 -27.58 -9.42 -2.53
N ASP A 148 -28.00 -8.31 -1.91
CA ASP A 148 -28.71 -8.37 -0.64
C ASP A 148 -30.05 -9.06 -0.79
N ARG A 149 -30.16 -10.29 -0.28
CA ARG A 149 -31.39 -11.05 -0.37
C ARG A 149 -31.80 -11.28 -1.82
N ILE A 150 -32.81 -12.12 -2.02
CA ILE A 150 -33.29 -12.41 -3.36
C ILE A 150 -34.16 -11.27 -3.90
N ARG A 151 -33.96 -10.95 -5.18
CA ARG A 151 -34.72 -9.89 -5.82
C ARG A 151 -34.66 -10.01 -7.33
N ASN B 1 8.26 14.14 16.39
CA ASN B 1 9.69 14.41 16.09
C ASN B 1 9.83 15.40 14.94
N ASP B 2 10.99 16.04 14.85
CA ASP B 2 11.26 17.01 13.80
C ASP B 2 11.46 16.31 12.45
N PRO B 3 11.11 16.98 11.35
CA PRO B 3 11.26 16.42 10.00
C PRO B 3 12.71 16.29 9.58
N ASP B 4 13.07 15.12 9.07
CA ASP B 4 14.45 14.87 8.64
C ASP B 4 14.49 14.47 7.16
N TPO B 5 13.79 15.23 6.33
CA TPO B 5 13.74 14.97 4.90
CB TPO B 5 12.43 15.48 4.28
CG2 TPO B 5 12.39 15.23 2.78
OG1 TPO B 5 11.33 14.83 4.88
P TPO B 5 10.44 15.66 5.86
O1P TPO B 5 9.04 15.01 5.77
O2P TPO B 5 11.04 15.40 7.26
O3P TPO B 5 10.41 17.12 5.52
C TPO B 5 14.92 15.62 4.19
O TPO B 5 15.42 16.66 4.64
H2 TPO B 5 13.29 16.00 6.70
HA TPO B 5 13.79 13.90 4.76
HB TPO B 5 12.34 16.54 4.46
HG21 TPO B 5 12.80 16.08 2.26
HG22 TPO B 5 11.37 15.07 2.47
HG23 TPO B 5 12.98 14.34 2.55
N LEU B 6 15.37 15.02 3.09
CA LEU B 6 16.49 15.56 2.34
C LEU B 6 16.52 15.01 0.91
N GLU B 7 17.53 15.40 0.16
CA GLU B 7 17.68 14.95 -1.23
C GLU B 7 19.15 14.73 -1.57
N ILE B 8 19.72 13.64 -1.06
CA ILE B 8 21.13 13.29 -1.29
C ILE B 8 22.07 14.46 -0.98
N TYR B 9 23.32 14.14 -0.68
CA TYR B 9 24.32 15.15 -0.37
C TYR B 9 25.35 15.26 -1.49
N SER B 10 25.71 16.49 -1.82
CA SER B 10 26.69 16.75 -2.88
C SER B 10 27.37 18.10 -2.68
N ALA A 1 -16.83 -16.76 28.16
CA ALA A 1 -16.21 -18.07 28.19
C ALA A 1 -15.96 -18.60 26.78
N THR A 2 -14.98 -18.03 26.10
CA THR A 2 -14.64 -18.44 24.73
C THR A 2 -13.28 -19.13 24.70
N GLN A 3 -13.03 -19.97 25.69
CA GLN A 3 -11.76 -20.70 25.77
C GLN A 3 -11.56 -21.57 24.54
N ARG A 4 -12.60 -22.32 24.17
CA ARG A 4 -12.55 -23.20 23.01
C ARG A 4 -12.51 -22.38 21.72
N PHE A 5 -13.24 -21.27 21.70
CA PHE A 5 -13.28 -20.40 20.54
C PHE A 5 -11.89 -19.95 20.14
N LEU A 6 -11.09 -19.57 21.13
CA LEU A 6 -9.72 -19.15 20.88
C LEU A 6 -8.94 -20.25 20.19
N ILE A 7 -9.28 -21.48 20.50
CA ILE A 7 -8.62 -22.64 19.91
C ILE A 7 -8.98 -22.76 18.43
N GLU A 8 -10.27 -22.66 18.14
CA GLU A 8 -10.76 -22.76 16.78
C GLU A 8 -10.22 -21.61 15.91
N LYS A 9 -10.04 -20.45 16.51
CA LYS A 9 -9.55 -19.28 15.79
C LYS A 9 -8.18 -19.53 15.16
N PHE A 10 -7.25 -20.09 15.93
CA PHE A 10 -5.91 -20.36 15.41
C PHE A 10 -5.93 -21.52 14.42
N SER A 11 -6.60 -22.60 14.80
CA SER A 11 -6.70 -23.78 13.96
C SER A 11 -7.35 -23.44 12.62
N GLN A 12 -8.45 -22.70 12.66
CA GLN A 12 -9.16 -22.31 11.46
C GLN A 12 -9.13 -20.80 11.28
N GLU A 13 -8.06 -20.31 10.65
CA GLU A 13 -7.91 -18.88 10.40
C GLU A 13 -8.47 -18.49 9.05
N GLN A 14 -9.30 -17.45 9.02
CA GLN A 14 -9.90 -16.97 7.79
C GLN A 14 -8.92 -16.11 7.00
N ILE A 15 -8.68 -16.49 5.75
CA ILE A 15 -7.76 -15.75 4.88
C ILE A 15 -8.44 -14.55 4.24
N GLY A 16 -7.70 -13.47 4.21
CA GLY A 16 -8.19 -12.23 3.62
C GLY A 16 -9.49 -11.78 4.26
N GLU A 17 -9.39 -11.18 5.45
CA GLU A 17 -10.57 -10.69 6.15
C GLU A 17 -11.28 -9.61 5.34
N ASN A 18 -10.50 -8.71 4.76
CA ASN A 18 -11.04 -7.63 3.96
C ASN A 18 -9.88 -6.79 3.47
N ILE A 19 -8.82 -7.50 3.14
CA ILE A 19 -7.59 -6.90 2.72
C ILE A 19 -7.65 -6.40 1.29
N VAL A 20 -7.13 -5.20 1.10
CA VAL A 20 -7.11 -4.55 -0.17
C VAL A 20 -5.81 -4.85 -0.89
N CYS A 21 -4.71 -4.44 -0.27
CA CYS A 21 -3.38 -4.67 -0.83
C CYS A 21 -2.36 -4.80 0.30
N ARG A 22 -1.31 -5.60 0.06
CA ARG A 22 -0.28 -5.83 1.07
C ARG A 22 1.08 -5.31 0.60
N VAL A 23 1.81 -4.68 1.51
CA VAL A 23 3.13 -4.14 1.18
C VAL A 23 4.23 -5.01 1.76
N ILE A 24 5.12 -5.49 0.89
CA ILE A 24 6.21 -6.35 1.30
C ILE A 24 7.57 -5.77 0.91
N CYS A 25 8.40 -5.47 1.90
CA CYS A 25 9.73 -4.93 1.65
C CYS A 25 10.70 -6.05 1.27
N THR A 26 11.15 -6.04 0.03
CA THR A 26 12.07 -7.08 -0.45
C THR A 26 13.52 -6.75 -0.13
N THR A 27 13.81 -5.48 0.10
CA THR A 27 15.18 -5.06 0.41
C THR A 27 15.54 -5.33 1.87
N GLY A 28 14.56 -5.83 2.63
CA GLY A 28 14.80 -6.14 4.03
C GLY A 28 15.07 -4.90 4.87
N GLN A 29 14.03 -4.11 5.10
CA GLN A 29 14.17 -2.89 5.90
C GLN A 29 12.93 -2.68 6.77
N ILE A 30 11.76 -2.92 6.19
CA ILE A 30 10.50 -2.74 6.91
C ILE A 30 9.71 -4.05 6.95
N PRO A 31 9.04 -4.35 8.08
CA PRO A 31 8.25 -5.58 8.23
C PRO A 31 6.96 -5.53 7.42
N ILE A 32 6.61 -6.65 6.80
CA ILE A 32 5.41 -6.73 5.99
C ILE A 32 4.16 -6.33 6.78
N ARG A 33 3.21 -5.70 6.08
CA ARG A 33 1.97 -5.26 6.70
C ARG A 33 0.79 -5.53 5.76
N ASP A 34 -0.42 -5.50 6.29
CA ASP A 34 -1.61 -5.76 5.48
C ASP A 34 -2.57 -4.57 5.48
N LEU A 35 -2.83 -4.04 4.30
CA LEU A 35 -3.74 -2.91 4.13
C LEU A 35 -5.12 -3.46 3.79
N SER A 36 -6.18 -2.90 4.40
CA SER A 36 -7.52 -3.40 4.13
C SER A 36 -8.58 -2.33 4.14
N ALA A 37 -9.68 -2.66 3.49
CA ALA A 37 -10.83 -1.78 3.42
C ALA A 37 -12.13 -2.57 3.59
N ASP A 38 -13.10 -1.98 4.29
CA ASP A 38 -14.37 -2.65 4.54
C ASP A 38 -15.34 -2.45 3.37
N ILE A 39 -15.91 -3.57 2.92
CA ILE A 39 -16.84 -3.57 1.80
C ILE A 39 -18.14 -2.81 2.13
N SER A 40 -18.67 -3.07 3.31
CA SER A 40 -19.91 -2.43 3.73
C SER A 40 -19.78 -0.91 3.68
N GLN A 41 -18.62 -0.43 4.08
CA GLN A 41 -18.33 0.99 4.07
C GLN A 41 -18.26 1.52 2.65
N VAL A 42 -17.71 0.71 1.75
CA VAL A 42 -17.58 1.06 0.35
C VAL A 42 -18.95 1.36 -0.27
N LEU A 43 -19.90 0.44 -0.06
CA LEU A 43 -21.24 0.60 -0.60
C LEU A 43 -21.97 1.75 0.08
N LYS A 44 -21.65 1.98 1.34
CA LYS A 44 -22.29 3.04 2.12
C LYS A 44 -21.71 4.41 1.75
N GLU A 45 -20.38 4.49 1.69
CA GLU A 45 -19.70 5.73 1.33
C GLU A 45 -19.64 5.91 -0.17
N LYS A 46 -20.04 7.09 -0.64
CA LYS A 46 -20.02 7.39 -2.06
C LYS A 46 -19.41 8.77 -2.32
N ARG A 47 -18.46 9.15 -1.46
CA ARG A 47 -17.79 10.43 -1.60
C ARG A 47 -16.89 10.45 -2.83
N SER A 48 -15.81 9.69 -2.77
CA SER A 48 -14.86 9.61 -3.87
C SER A 48 -13.93 8.41 -3.72
N ILE A 49 -13.46 8.19 -2.50
CA ILE A 49 -12.56 7.07 -2.21
C ILE A 49 -12.96 6.35 -0.93
N LYS A 50 -12.74 5.04 -0.89
CA LYS A 50 -13.08 4.24 0.28
C LYS A 50 -12.13 4.54 1.43
N LYS A 51 -10.88 4.13 1.28
CA LYS A 51 -9.87 4.36 2.30
C LYS A 51 -8.49 4.48 1.68
N VAL A 52 -7.69 5.41 2.20
CA VAL A 52 -6.35 5.64 1.68
C VAL A 52 -5.29 5.44 2.75
N TRP A 53 -4.19 4.81 2.36
CA TRP A 53 -3.07 4.55 3.28
C TRP A 53 -1.91 5.50 3.01
N THR A 54 -1.30 5.99 4.08
CA THR A 54 -0.13 6.84 3.96
C THR A 54 1.08 6.12 4.55
N PHE A 55 2.14 6.05 3.77
CA PHE A 55 3.35 5.35 4.20
C PHE A 55 4.52 6.30 4.35
N GLY A 56 5.39 6.01 5.32
CA GLY A 56 6.55 6.85 5.56
C GLY A 56 7.16 6.63 6.94
N ARG A 57 8.13 7.48 7.28
CA ARG A 57 8.81 7.37 8.57
C ARG A 57 7.99 7.99 9.71
N ASN A 58 6.80 8.48 9.38
CA ASN A 58 5.94 9.10 10.38
C ASN A 58 5.11 8.05 11.13
N PRO A 59 5.04 8.14 12.46
CA PRO A 59 4.27 7.20 13.29
C PRO A 59 2.77 7.35 13.04
N ALA A 60 2.39 8.42 12.35
CA ALA A 60 1.00 8.66 12.02
C ALA A 60 0.64 7.87 10.80
N CYS A 61 1.57 7.92 9.84
CA CYS A 61 1.43 7.23 8.59
C CYS A 61 0.87 5.85 8.80
N ASP A 62 -0.04 5.47 7.94
CA ASP A 62 -0.65 4.14 8.01
C ASP A 62 0.45 3.08 7.92
N TYR A 63 1.63 3.46 7.44
CA TYR A 63 2.76 2.54 7.33
C TYR A 63 4.01 3.12 7.96
N HIS A 64 4.54 2.42 8.98
CA HIS A 64 5.73 2.88 9.68
C HIS A 64 6.98 2.15 9.16
N LEU A 65 7.83 2.89 8.45
CA LEU A 65 9.06 2.33 7.90
C LEU A 65 10.28 2.93 8.59
N GLY A 66 11.45 2.39 8.27
CA GLY A 66 12.68 2.89 8.87
C GLY A 66 12.90 4.37 8.59
N ASN A 67 13.32 5.10 9.61
CA ASN A 67 13.57 6.53 9.46
C ASN A 67 14.78 6.78 8.56
N ILE A 68 14.53 6.91 7.26
CA ILE A 68 15.60 7.14 6.30
C ILE A 68 15.56 8.57 5.75
N SER A 69 16.73 9.20 5.69
CA SER A 69 16.84 10.57 5.19
C SER A 69 16.22 10.69 3.80
N ARG A 70 16.51 9.74 2.93
CA ARG A 70 15.99 9.76 1.56
C ARG A 70 14.47 9.72 1.55
N LEU A 71 13.87 9.14 2.58
CA LEU A 71 12.41 9.03 2.66
C LEU A 71 11.82 10.16 3.50
N SER A 72 10.58 10.54 3.17
CA SER A 72 9.89 11.60 3.90
C SER A 72 8.93 11.04 4.94
N ASN A 73 8.42 11.91 5.82
CA ASN A 73 7.47 11.50 6.87
C ASN A 73 6.42 10.56 6.27
N LYS A 74 5.77 11.05 5.22
CA LYS A 74 4.78 10.28 4.49
C LYS A 74 5.30 10.16 3.06
N HIS A 75 6.14 9.17 2.86
CA HIS A 75 6.77 8.96 1.58
C HIS A 75 5.77 8.71 0.46
N PHE A 76 4.83 7.83 0.71
CA PHE A 76 3.83 7.52 -0.32
C PHE A 76 2.47 7.21 0.29
N GLN A 77 1.43 7.30 -0.53
CA GLN A 77 0.06 7.05 -0.08
C GLN A 77 -0.71 6.18 -1.08
N ILE A 78 -1.50 5.24 -0.59
CA ILE A 78 -2.29 4.38 -1.47
C ILE A 78 -3.79 4.61 -1.26
N LEU A 79 -4.54 4.78 -2.35
CA LEU A 79 -5.97 5.01 -2.25
C LEU A 79 -6.78 4.00 -3.06
N LEU A 80 -7.85 3.50 -2.45
CA LEU A 80 -8.72 2.54 -3.10
C LEU A 80 -10.17 3.04 -3.10
N GLY A 81 -10.76 3.13 -4.28
CA GLY A 81 -12.14 3.60 -4.39
C GLY A 81 -12.37 4.46 -5.62
N GLU A 82 -11.80 4.05 -6.74
CA GLU A 82 -11.95 4.79 -7.99
C GLU A 82 -12.60 3.91 -9.06
N ASP A 83 -13.90 3.71 -8.95
CA ASP A 83 -14.63 2.88 -9.91
C ASP A 83 -14.04 1.47 -9.97
N GLY A 84 -13.48 1.02 -8.85
CA GLY A 84 -12.90 -0.30 -8.80
C GLY A 84 -11.38 -0.26 -8.87
N ASN A 85 -10.75 -1.42 -8.73
CA ASN A 85 -9.30 -1.52 -8.79
C ASN A 85 -8.67 -0.72 -7.64
N LEU A 86 -7.35 -0.57 -7.69
CA LEU A 86 -6.62 0.17 -6.66
C LEU A 86 -5.80 1.28 -7.29
N LEU A 87 -5.43 2.27 -6.46
CA LEU A 87 -4.64 3.39 -6.95
C LEU A 87 -3.48 3.69 -5.99
N LEU A 88 -2.33 4.01 -6.55
CA LEU A 88 -1.15 4.32 -5.75
C LEU A 88 -0.79 5.79 -5.90
N ASN A 89 -0.70 6.49 -4.78
CA ASN A 89 -0.39 7.92 -4.80
C ASN A 89 0.96 8.21 -4.15
N ASP A 90 1.90 8.70 -4.94
CA ASP A 90 3.22 9.04 -4.44
C ASP A 90 3.17 10.39 -3.70
N ILE A 91 3.83 10.46 -2.55
CA ILE A 91 3.82 11.69 -1.76
C ILE A 91 5.14 11.89 -1.00
N SER A 92 6.25 11.56 -1.63
CA SER A 92 7.54 11.69 -0.98
C SER A 92 8.27 12.97 -1.39
N THR A 93 9.11 13.46 -0.50
CA THR A 93 9.90 14.64 -0.77
C THR A 93 10.95 14.32 -1.84
N ASN A 94 11.42 13.07 -1.84
CA ASN A 94 12.44 12.63 -2.78
C ASN A 94 11.85 11.92 -3.99
N GLY A 95 10.61 11.43 -3.89
CA GLY A 95 9.99 10.78 -5.01
C GLY A 95 9.68 9.32 -4.77
N THR A 96 8.71 8.81 -5.53
CA THR A 96 8.28 7.41 -5.45
C THR A 96 8.55 6.74 -6.79
N TRP A 97 9.07 5.52 -6.76
CA TRP A 97 9.39 4.81 -7.99
C TRP A 97 8.63 3.52 -8.18
N LEU A 98 8.38 3.21 -9.44
CA LEU A 98 7.70 1.99 -9.82
C LEU A 98 8.59 1.21 -10.78
N ASN A 99 9.07 0.06 -10.33
CA ASN A 99 9.93 -0.80 -11.14
C ASN A 99 11.03 0.00 -11.86
N GLY A 100 11.65 0.93 -11.15
CA GLY A 100 12.72 1.72 -11.74
C GLY A 100 12.23 2.96 -12.46
N GLN A 101 10.93 3.03 -12.72
CA GLN A 101 10.37 4.19 -13.41
C GLN A 101 9.64 5.08 -12.43
N LYS A 102 10.12 6.31 -12.30
CA LYS A 102 9.53 7.29 -11.40
C LYS A 102 8.18 7.78 -11.92
N VAL A 103 7.18 7.74 -11.04
CA VAL A 103 5.84 8.18 -11.39
C VAL A 103 5.60 9.62 -10.95
N GLU A 104 4.54 10.23 -11.46
CA GLU A 104 4.21 11.61 -11.11
C GLU A 104 3.75 11.70 -9.66
N LYS A 105 4.37 12.58 -8.89
CA LYS A 105 4.02 12.77 -7.49
C LYS A 105 2.53 13.05 -7.34
N ASN A 106 2.03 12.79 -6.14
CA ASN A 106 0.62 12.98 -5.81
C ASN A 106 -0.29 12.65 -6.98
N SER A 107 0.11 11.64 -7.74
CA SER A 107 -0.66 11.20 -8.89
C SER A 107 -1.25 9.81 -8.66
N ASN A 108 -2.45 9.58 -9.19
CA ASN A 108 -3.12 8.29 -9.05
C ASN A 108 -2.73 7.36 -10.19
N GLN A 109 -2.20 6.20 -9.84
CA GLN A 109 -1.80 5.21 -10.84
C GLN A 109 -2.43 3.86 -10.56
N LEU A 110 -2.75 3.13 -11.62
CA LEU A 110 -3.35 1.81 -11.49
C LEU A 110 -2.30 0.82 -11.01
N LEU A 111 -2.52 0.23 -9.84
CA LEU A 111 -1.58 -0.72 -9.27
C LEU A 111 -1.32 -1.90 -10.21
N SER A 112 -0.30 -2.65 -9.87
CA SER A 112 0.10 -3.83 -10.65
C SER A 112 0.15 -5.06 -9.75
N GLN A 113 -0.04 -6.23 -10.34
CA GLN A 113 -0.01 -7.46 -9.56
C GLN A 113 1.42 -7.76 -9.12
N GLY A 114 1.64 -7.80 -7.81
CA GLY A 114 2.96 -8.04 -7.28
C GLY A 114 3.90 -6.90 -7.63
N ASP A 115 3.32 -5.73 -7.92
CA ASP A 115 4.08 -4.55 -8.28
C ASP A 115 5.13 -4.24 -7.21
N GLU A 116 5.96 -3.25 -7.50
CA GLU A 116 7.01 -2.85 -6.56
C GLU A 116 7.25 -1.34 -6.62
N ILE A 117 7.36 -0.72 -5.45
CA ILE A 117 7.62 0.71 -5.38
C ILE A 117 8.97 0.98 -4.75
N THR A 118 9.80 1.74 -5.45
CA THR A 118 11.13 2.07 -4.96
C THR A 118 11.16 3.49 -4.43
N VAL A 119 11.86 3.70 -3.32
CA VAL A 119 11.92 5.02 -2.71
C VAL A 119 13.31 5.34 -2.18
N GLY A 120 13.59 6.63 -2.03
CA GLY A 120 14.87 7.06 -1.54
C GLY A 120 15.88 7.21 -2.65
N VAL A 121 15.39 7.48 -3.85
CA VAL A 121 16.23 7.64 -5.01
C VAL A 121 16.99 8.96 -5.00
N GLY A 122 18.24 8.88 -5.42
CA GLY A 122 19.11 10.01 -5.46
C GLY A 122 20.53 9.57 -5.24
N VAL A 123 20.69 8.62 -4.32
CA VAL A 123 21.95 8.04 -3.99
C VAL A 123 21.91 6.55 -4.31
N GLU A 124 22.90 6.07 -5.06
CA GLU A 124 22.94 4.67 -5.46
C GLU A 124 22.75 3.70 -4.29
N SER A 125 23.39 4.00 -3.16
CA SER A 125 23.31 3.13 -2.00
C SER A 125 22.21 3.53 -1.02
N ASP A 126 21.36 4.50 -1.37
CA ASP A 126 20.32 4.93 -0.45
C ASP A 126 18.91 4.76 -1.00
N ILE A 127 18.73 3.72 -1.78
CA ILE A 127 17.43 3.41 -2.35
C ILE A 127 16.81 2.19 -1.66
N LEU A 128 15.51 2.29 -1.44
CA LEU A 128 14.76 1.22 -0.78
C LEU A 128 13.59 0.78 -1.65
N SER A 129 13.40 -0.53 -1.79
CA SER A 129 12.32 -1.06 -2.62
C SER A 129 11.24 -1.75 -1.80
N LEU A 130 10.03 -1.69 -2.34
CA LEU A 130 8.86 -2.30 -1.72
C LEU A 130 8.03 -3.05 -2.75
N VAL A 131 7.35 -4.11 -2.32
CA VAL A 131 6.51 -4.90 -3.21
C VAL A 131 5.04 -4.84 -2.79
N ILE A 132 4.15 -4.72 -3.77
CA ILE A 132 2.74 -4.64 -3.50
C ILE A 132 2.04 -5.95 -3.88
N PHE A 133 1.33 -6.53 -2.92
CA PHE A 133 0.60 -7.76 -3.15
C PHE A 133 -0.91 -7.54 -3.09
N ILE A 134 -1.57 -7.71 -4.22
CA ILE A 134 -3.01 -7.51 -4.31
C ILE A 134 -3.78 -8.76 -3.88
N ASN A 135 -4.79 -8.56 -3.06
CA ASN A 135 -5.62 -9.67 -2.58
C ASN A 135 -6.74 -9.97 -3.56
N ASP A 136 -6.58 -11.06 -4.32
CA ASP A 136 -7.58 -11.46 -5.30
C ASP A 136 -8.94 -11.67 -4.64
N LYS A 137 -8.94 -12.03 -3.37
CA LYS A 137 -10.17 -12.25 -2.63
C LYS A 137 -11.04 -10.99 -2.64
N PHE A 138 -10.41 -9.86 -2.42
CA PHE A 138 -11.10 -8.58 -2.40
C PHE A 138 -11.79 -8.32 -3.74
N LYS A 139 -11.09 -8.59 -4.82
CA LYS A 139 -11.62 -8.39 -6.16
C LYS A 139 -12.84 -9.28 -6.40
N GLN A 140 -12.81 -10.48 -5.82
CA GLN A 140 -13.90 -11.43 -5.96
C GLN A 140 -15.19 -10.87 -5.37
N CYS A 141 -15.07 -10.15 -4.27
CA CYS A 141 -16.23 -9.56 -3.61
C CYS A 141 -16.85 -8.46 -4.46
N LEU A 142 -16.01 -7.65 -5.08
CA LEU A 142 -16.47 -6.55 -5.92
C LEU A 142 -17.15 -7.09 -7.19
N GLU A 143 -16.47 -8.00 -7.88
CA GLU A 143 -17.02 -8.58 -9.11
C GLU A 143 -18.36 -9.26 -8.84
N GLN A 144 -18.44 -9.98 -7.74
CA GLN A 144 -19.67 -10.69 -7.37
C GLN A 144 -20.67 -9.73 -6.73
N ASN A 145 -20.16 -8.78 -5.96
CA ASN A 145 -21.00 -7.79 -5.28
C ASN A 145 -22.24 -8.44 -4.66
N LYS A 146 -22.07 -9.07 -3.52
CA LYS A 146 -23.18 -9.74 -2.83
C LYS A 146 -23.40 -9.14 -1.45
N VAL A 147 -24.65 -8.92 -1.09
CA VAL A 147 -24.99 -8.36 0.21
C VAL A 147 -24.78 -9.38 1.32
N ASP A 148 -24.05 -8.98 2.35
CA ASP A 148 -23.77 -9.86 3.48
C ASP A 148 -24.56 -9.43 4.71
N ARG A 149 -24.56 -8.13 4.99
CA ARG A 149 -25.28 -7.59 6.14
C ARG A 149 -25.97 -6.28 5.77
N ILE A 150 -26.36 -6.15 4.50
CA ILE A 150 -27.03 -4.95 4.04
C ILE A 150 -28.52 -5.19 3.83
N ARG A 151 -29.33 -4.23 4.25
CA ARG A 151 -30.78 -4.35 4.11
C ARG A 151 -31.30 -5.56 4.88
N ASN B 1 11.52 10.34 16.52
CA ASN B 1 10.06 10.64 16.50
C ASN B 1 9.77 11.88 15.67
N ASP B 2 10.60 12.92 15.85
CA ASP B 2 10.43 14.17 15.14
C ASP B 2 10.66 13.96 13.63
N PRO B 3 10.26 14.95 12.81
CA PRO B 3 10.43 14.88 11.36
C PRO B 3 11.90 14.89 10.94
N ASP B 4 12.15 14.65 9.66
CA ASP B 4 13.51 14.63 9.14
C ASP B 4 13.53 14.29 7.65
N TPO B 5 13.37 15.31 6.82
CA TPO B 5 13.37 15.13 5.36
CB TPO B 5 12.33 16.05 4.69
CG2 TPO B 5 12.36 15.88 3.17
OG1 TPO B 5 11.05 15.76 5.17
P TPO B 5 10.51 16.58 6.39
O1P TPO B 5 9.20 17.22 5.87
O2P TPO B 5 10.17 15.51 7.46
O3P TPO B 5 11.50 17.60 6.87
C TPO B 5 14.75 15.39 4.79
O TPO B 5 15.58 16.06 5.41
H2 TPO B 5 13.25 16.22 7.18
HA TPO B 5 13.10 14.10 5.17
HB TPO B 5 12.58 17.07 4.92
HG21 TPO B 5 13.23 16.37 2.78
HG22 TPO B 5 11.47 16.31 2.75
HG23 TPO B 5 12.40 14.83 2.93
N LEU B 6 15.01 14.86 3.60
CA LEU B 6 16.31 15.03 2.95
C LEU B 6 16.22 14.69 1.46
N GLU B 7 17.09 15.30 0.66
CA GLU B 7 17.12 15.07 -0.78
C GLU B 7 18.55 14.96 -1.30
N ILE B 8 19.28 13.97 -0.79
CA ILE B 8 20.68 13.72 -1.18
C ILE B 8 21.53 14.99 -1.11
N TYR B 9 22.84 14.81 -1.00
CA TYR B 9 23.76 15.93 -0.92
C TYR B 9 23.52 16.93 -2.07
N SER B 10 22.72 17.95 -1.80
CA SER B 10 22.41 18.96 -2.81
C SER B 10 22.08 20.29 -2.15
N ALA A 1 -19.09 -27.93 23.30
CA ALA A 1 -17.80 -27.69 22.63
C ALA A 1 -17.32 -28.96 21.92
N THR A 2 -17.97 -29.29 20.81
CA THR A 2 -17.60 -30.48 20.04
C THR A 2 -18.13 -30.38 18.62
N GLN A 3 -19.39 -29.99 18.49
CA GLN A 3 -20.02 -29.86 17.18
C GLN A 3 -19.47 -28.66 16.43
N ARG A 4 -19.36 -27.54 17.14
CA ARG A 4 -18.84 -26.31 16.54
C ARG A 4 -17.43 -26.52 15.98
N PHE A 5 -16.59 -27.16 16.77
CA PHE A 5 -15.21 -27.42 16.35
C PHE A 5 -15.18 -28.25 15.07
N LEU A 6 -16.13 -29.18 14.95
CA LEU A 6 -16.20 -30.04 13.78
C LEU A 6 -16.52 -29.22 12.52
N ILE A 7 -17.44 -28.28 12.66
CA ILE A 7 -17.83 -27.43 11.54
C ILE A 7 -16.69 -26.50 11.13
N GLU A 8 -16.09 -25.84 12.12
CA GLU A 8 -14.99 -24.92 11.87
C GLU A 8 -13.81 -25.63 11.21
N LYS A 9 -13.62 -26.90 11.57
CA LYS A 9 -12.50 -27.68 11.01
C LYS A 9 -12.57 -27.77 9.49
N PHE A 10 -13.74 -28.08 8.94
CA PHE A 10 -13.89 -28.19 7.50
C PHE A 10 -13.84 -26.81 6.83
N SER A 11 -14.59 -25.88 7.40
CA SER A 11 -14.65 -24.52 6.88
C SER A 11 -13.28 -23.86 6.94
N GLN A 12 -12.54 -24.15 8.00
CA GLN A 12 -11.20 -23.58 8.18
C GLN A 12 -11.27 -22.06 8.27
N GLU A 13 -10.15 -21.44 8.65
CA GLU A 13 -10.08 -20.00 8.77
C GLU A 13 -9.85 -19.34 7.39
N GLN A 14 -10.65 -18.33 7.08
CA GLN A 14 -10.55 -17.63 5.81
C GLN A 14 -9.53 -16.50 5.90
N ILE A 15 -8.62 -16.43 4.94
CA ILE A 15 -7.61 -15.39 4.91
C ILE A 15 -8.14 -14.11 4.32
N GLY A 16 -7.77 -13.02 4.95
CA GLY A 16 -8.20 -11.70 4.51
C GLY A 16 -9.60 -11.37 5.00
N GLU A 17 -9.70 -10.49 5.99
CA GLU A 17 -10.98 -10.09 6.54
C GLU A 17 -11.66 -9.03 5.67
N ASN A 18 -10.85 -8.24 4.98
CA ASN A 18 -11.36 -7.19 4.12
C ASN A 18 -10.17 -6.44 3.58
N ILE A 19 -9.16 -7.21 3.24
CA ILE A 19 -7.92 -6.68 2.78
C ILE A 19 -8.02 -6.09 1.39
N VAL A 20 -7.29 -5.01 1.21
CA VAL A 20 -7.26 -4.27 -0.03
C VAL A 20 -5.95 -4.52 -0.77
N CYS A 21 -4.85 -4.40 -0.03
CA CYS A 21 -3.52 -4.63 -0.59
C CYS A 21 -2.50 -4.87 0.52
N ARG A 22 -1.50 -5.70 0.24
CA ARG A 22 -0.47 -6.02 1.23
C ARG A 22 0.89 -5.48 0.82
N VAL A 23 1.63 -4.92 1.78
CA VAL A 23 2.95 -4.37 1.50
C VAL A 23 4.04 -5.32 1.97
N ILE A 24 4.91 -5.72 1.04
CA ILE A 24 5.99 -6.63 1.34
C ILE A 24 7.33 -6.08 0.86
N CYS A 25 8.24 -5.81 1.80
CA CYS A 25 9.55 -5.29 1.46
C CYS A 25 10.46 -6.41 0.99
N THR A 26 11.01 -6.27 -0.22
CA THR A 26 11.89 -7.27 -0.79
C THR A 26 13.35 -6.99 -0.46
N THR A 27 13.68 -5.72 -0.25
CA THR A 27 15.05 -5.33 0.06
C THR A 27 15.38 -5.58 1.54
N GLY A 28 14.38 -6.04 2.29
CA GLY A 28 14.59 -6.31 3.70
C GLY A 28 14.88 -5.06 4.51
N GLN A 29 13.83 -4.29 4.80
CA GLN A 29 13.98 -3.06 5.57
C GLN A 29 12.76 -2.82 6.45
N ILE A 30 11.58 -3.01 5.86
CA ILE A 30 10.32 -2.81 6.58
C ILE A 30 9.55 -4.12 6.68
N PRO A 31 8.90 -4.38 7.84
CA PRO A 31 8.12 -5.61 8.04
C PRO A 31 6.82 -5.60 7.25
N ILE A 32 6.40 -6.78 6.78
CA ILE A 32 5.18 -6.92 6.01
C ILE A 32 3.97 -6.36 6.76
N ARG A 33 2.98 -5.90 6.01
CA ARG A 33 1.76 -5.35 6.58
C ARG A 33 0.58 -5.59 5.64
N ASP A 34 -0.64 -5.50 6.16
CA ASP A 34 -1.83 -5.72 5.35
C ASP A 34 -2.76 -4.50 5.35
N LEU A 35 -3.00 -3.96 4.16
CA LEU A 35 -3.88 -2.81 3.99
C LEU A 35 -5.29 -3.31 3.67
N SER A 36 -6.30 -2.70 4.27
CA SER A 36 -7.67 -3.13 4.02
C SER A 36 -8.65 -2.00 3.92
N ALA A 37 -9.74 -2.31 3.25
CA ALA A 37 -10.83 -1.36 3.07
C ALA A 37 -12.18 -2.06 3.16
N ASP A 38 -13.18 -1.36 3.70
CA ASP A 38 -14.52 -1.92 3.85
C ASP A 38 -15.24 -2.00 2.50
N ILE A 39 -15.71 -3.19 2.18
CA ILE A 39 -16.42 -3.44 0.92
C ILE A 39 -17.74 -2.66 0.84
N SER A 40 -18.50 -2.69 1.94
CA SER A 40 -19.78 -2.01 1.99
C SER A 40 -19.61 -0.53 1.67
N GLN A 41 -18.56 0.05 2.22
CA GLN A 41 -18.26 1.46 2.01
C GLN A 41 -17.86 1.73 0.57
N VAL A 42 -17.12 0.77 -0.02
CA VAL A 42 -16.66 0.90 -1.40
C VAL A 42 -17.83 0.82 -2.38
N LEU A 43 -18.66 -0.21 -2.22
CA LEU A 43 -19.80 -0.41 -3.10
C LEU A 43 -20.79 0.76 -2.98
N LYS A 44 -20.77 1.43 -1.83
CA LYS A 44 -21.66 2.55 -1.60
C LYS A 44 -21.13 3.82 -2.27
N GLU A 45 -19.89 4.18 -1.95
CA GLU A 45 -19.27 5.37 -2.51
C GLU A 45 -18.96 5.16 -4.00
N LYS A 46 -19.72 5.85 -4.85
CA LYS A 46 -19.52 5.75 -6.29
C LYS A 46 -18.50 6.77 -6.78
N ARG A 47 -18.44 7.91 -6.10
CA ARG A 47 -17.50 8.96 -6.46
C ARG A 47 -16.49 9.19 -5.34
N SER A 48 -15.58 10.15 -5.55
CA SER A 48 -14.57 10.46 -4.55
C SER A 48 -13.71 9.24 -4.25
N ILE A 49 -12.83 9.37 -3.26
CA ILE A 49 -11.96 8.27 -2.86
C ILE A 49 -12.60 7.42 -1.77
N LYS A 50 -12.16 6.16 -1.67
CA LYS A 50 -12.69 5.25 -0.68
C LYS A 50 -11.83 5.25 0.59
N LYS A 51 -10.60 4.75 0.46
CA LYS A 51 -9.69 4.69 1.61
C LYS A 51 -8.23 4.67 1.17
N VAL A 52 -7.50 5.72 1.52
CA VAL A 52 -6.11 5.84 1.16
C VAL A 52 -5.16 5.66 2.33
N TRP A 53 -4.07 4.96 2.06
CA TRP A 53 -3.04 4.69 3.07
C TRP A 53 -1.83 5.61 2.91
N THR A 54 -1.29 6.08 4.02
CA THR A 54 -0.10 6.93 4.00
C THR A 54 1.10 6.13 4.50
N PHE A 55 2.20 6.19 3.75
CA PHE A 55 3.42 5.47 4.09
C PHE A 55 4.56 6.43 4.35
N GLY A 56 5.45 6.06 5.28
CA GLY A 56 6.58 6.92 5.59
C GLY A 56 7.21 6.59 6.93
N ARG A 57 8.15 7.44 7.36
CA ARG A 57 8.85 7.25 8.62
C ARG A 57 8.02 7.77 9.81
N ASN A 58 6.82 8.26 9.53
CA ASN A 58 5.96 8.78 10.58
C ASN A 58 5.17 7.66 11.25
N PRO A 59 4.96 7.76 12.57
CA PRO A 59 4.21 6.75 13.32
C PRO A 59 2.72 6.87 13.06
N ALA A 60 2.33 7.98 12.43
CA ALA A 60 0.95 8.22 12.08
C ALA A 60 0.63 7.50 10.81
N CYS A 61 1.56 7.62 9.88
CA CYS A 61 1.44 7.00 8.60
C CYS A 61 0.99 5.57 8.74
N ASP A 62 0.10 5.18 7.86
CA ASP A 62 -0.42 3.82 7.87
C ASP A 62 0.73 2.83 7.73
N TYR A 63 1.89 3.31 7.27
CA TYR A 63 3.06 2.46 7.10
C TYR A 63 4.29 3.08 7.77
N HIS A 64 4.83 2.39 8.77
CA HIS A 64 6.00 2.87 9.49
C HIS A 64 7.27 2.31 8.86
N LEU A 65 8.02 3.18 8.18
CA LEU A 65 9.26 2.77 7.53
C LEU A 65 10.37 2.55 8.55
N GLY A 66 11.58 2.28 8.06
CA GLY A 66 12.71 2.04 8.96
C GLY A 66 13.45 3.31 9.31
N ASN A 67 12.81 4.47 9.11
CA ASN A 67 13.42 5.75 9.41
C ASN A 67 14.64 6.02 8.52
N ILE A 68 14.38 6.36 7.26
CA ILE A 68 15.44 6.65 6.31
C ILE A 68 15.43 8.13 5.93
N SER A 69 16.59 8.77 6.07
CA SER A 69 16.70 10.19 5.75
C SER A 69 16.25 10.48 4.32
N ARG A 70 16.62 9.61 3.40
CA ARG A 70 16.25 9.78 2.00
C ARG A 70 14.74 9.77 1.83
N LEU A 71 14.04 9.15 2.78
CA LEU A 71 12.58 9.08 2.73
C LEU A 71 11.96 10.15 3.62
N SER A 72 10.74 10.58 3.26
CA SER A 72 10.05 11.62 4.02
C SER A 72 9.07 11.02 5.03
N ASN A 73 8.63 11.85 5.99
CA ASN A 73 7.67 11.43 7.01
C ASN A 73 6.62 10.54 6.37
N LYS A 74 5.96 11.09 5.37
CA LYS A 74 4.95 10.39 4.60
C LYS A 74 5.48 10.30 3.17
N HIS A 75 6.28 9.28 2.93
CA HIS A 75 6.93 9.09 1.65
C HIS A 75 5.95 8.84 0.51
N PHE A 76 4.98 7.98 0.74
CA PHE A 76 4.01 7.66 -0.31
C PHE A 76 2.67 7.21 0.26
N GLN A 77 1.63 7.25 -0.56
CA GLN A 77 0.30 6.83 -0.14
C GLN A 77 -0.37 5.96 -1.19
N ILE A 78 -1.32 5.13 -0.75
CA ILE A 78 -2.05 4.28 -1.66
C ILE A 78 -3.55 4.55 -1.52
N LEU A 79 -4.22 4.80 -2.63
CA LEU A 79 -5.65 5.10 -2.58
C LEU A 79 -6.46 4.07 -3.37
N LEU A 80 -7.52 3.56 -2.74
CA LEU A 80 -8.39 2.58 -3.36
C LEU A 80 -9.74 3.22 -3.69
N GLY A 81 -10.28 2.87 -4.85
CA GLY A 81 -11.55 3.42 -5.27
C GLY A 81 -12.01 2.87 -6.61
N GLU A 82 -12.61 3.73 -7.43
CA GLU A 82 -13.08 3.32 -8.74
C GLU A 82 -14.10 2.19 -8.62
N ASP A 83 -14.55 1.68 -9.77
CA ASP A 83 -15.52 0.59 -9.79
C ASP A 83 -14.94 -0.67 -9.16
N GLY A 84 -13.63 -0.84 -9.29
CA GLY A 84 -12.96 -2.00 -8.72
C GLY A 84 -11.49 -2.07 -9.09
N ASN A 85 -10.72 -1.12 -8.58
CA ASN A 85 -9.28 -1.06 -8.85
C ASN A 85 -8.54 -0.33 -7.75
N LEU A 86 -7.21 -0.40 -7.78
CA LEU A 86 -6.38 0.26 -6.79
C LEU A 86 -5.50 1.33 -7.43
N LEU A 87 -5.20 2.38 -6.67
CA LEU A 87 -4.36 3.46 -7.17
C LEU A 87 -3.24 3.76 -6.19
N LEU A 88 -2.09 4.16 -6.71
CA LEU A 88 -0.93 4.47 -5.88
C LEU A 88 -0.62 5.96 -5.96
N ASN A 89 -0.53 6.60 -4.79
CA ASN A 89 -0.23 8.04 -4.76
C ASN A 89 1.09 8.33 -4.07
N ASP A 90 2.04 8.88 -4.81
CA ASP A 90 3.34 9.23 -4.26
C ASP A 90 3.24 10.57 -3.52
N ILE A 91 3.97 10.69 -2.41
CA ILE A 91 3.93 11.92 -1.62
C ILE A 91 5.29 12.24 -0.97
N SER A 92 6.37 11.70 -1.53
CA SER A 92 7.69 11.89 -0.98
C SER A 92 8.40 13.10 -1.58
N THR A 93 9.33 13.63 -0.80
CA THR A 93 10.15 14.76 -1.20
C THR A 93 11.14 14.34 -2.29
N ASN A 94 11.88 13.28 -2.01
CA ASN A 94 12.89 12.76 -2.93
C ASN A 94 12.26 12.02 -4.11
N GLY A 95 10.94 11.90 -4.12
CA GLY A 95 10.26 11.24 -5.21
C GLY A 95 9.99 9.77 -4.94
N THR A 96 8.98 9.24 -5.63
CA THR A 96 8.58 7.85 -5.50
C THR A 96 8.77 7.14 -6.84
N TRP A 97 9.29 5.92 -6.79
CA TRP A 97 9.55 5.19 -8.02
C TRP A 97 8.73 3.93 -8.17
N LEU A 98 8.42 3.60 -9.42
CA LEU A 98 7.69 2.40 -9.76
C LEU A 98 8.51 1.58 -10.74
N ASN A 99 8.96 0.42 -10.29
CA ASN A 99 9.77 -0.47 -11.12
C ASN A 99 10.87 0.28 -11.88
N GLY A 100 11.55 1.20 -11.19
CA GLY A 100 12.63 1.93 -11.81
C GLY A 100 12.16 3.18 -12.53
N GLN A 101 10.86 3.34 -12.71
CA GLN A 101 10.32 4.50 -13.38
C GLN A 101 9.68 5.45 -12.39
N LYS A 102 10.23 6.66 -12.31
CA LYS A 102 9.73 7.67 -11.40
C LYS A 102 8.38 8.21 -11.85
N VAL A 103 7.39 8.13 -10.96
CA VAL A 103 6.05 8.61 -11.25
C VAL A 103 5.85 10.03 -10.73
N GLU A 104 4.83 10.71 -11.22
CA GLU A 104 4.53 12.06 -10.79
C GLU A 104 4.03 12.07 -9.35
N LYS A 105 4.61 12.91 -8.51
CA LYS A 105 4.21 13.01 -7.12
C LYS A 105 2.71 13.26 -7.01
N ASN A 106 2.16 12.97 -5.84
CA ASN A 106 0.74 13.14 -5.55
C ASN A 106 -0.13 12.86 -6.78
N SER A 107 0.30 11.90 -7.59
CA SER A 107 -0.43 11.52 -8.79
C SER A 107 -1.00 10.11 -8.65
N ASN A 108 -2.17 9.90 -9.24
CA ASN A 108 -2.83 8.60 -9.19
C ASN A 108 -2.34 7.69 -10.31
N GLN A 109 -1.95 6.47 -9.95
CA GLN A 109 -1.47 5.50 -10.92
C GLN A 109 -2.20 4.18 -10.75
N LEU A 110 -2.41 3.48 -11.87
CA LEU A 110 -3.10 2.20 -11.83
C LEU A 110 -2.19 1.13 -11.23
N LEU A 111 -2.59 0.60 -10.08
CA LEU A 111 -1.81 -0.41 -9.40
C LEU A 111 -1.52 -1.60 -10.31
N SER A 112 -0.47 -2.33 -9.96
CA SER A 112 -0.05 -3.50 -10.72
C SER A 112 0.02 -4.72 -9.81
N GLN A 113 -0.15 -5.92 -10.38
CA GLN A 113 -0.10 -7.14 -9.59
C GLN A 113 1.32 -7.42 -9.14
N GLY A 114 1.50 -7.47 -7.82
CA GLY A 114 2.82 -7.72 -7.27
C GLY A 114 3.81 -6.62 -7.61
N ASP A 115 3.27 -5.45 -7.94
CA ASP A 115 4.10 -4.30 -8.29
C ASP A 115 5.08 -3.97 -7.18
N GLU A 116 5.99 -3.04 -7.46
CA GLU A 116 6.98 -2.63 -6.48
C GLU A 116 7.31 -1.15 -6.62
N ILE A 117 7.37 -0.46 -5.49
CA ILE A 117 7.69 0.96 -5.48
C ILE A 117 9.06 1.20 -4.87
N THR A 118 9.90 1.95 -5.58
CA THR A 118 11.24 2.24 -5.11
C THR A 118 11.30 3.67 -4.59
N VAL A 119 12.01 3.88 -3.49
CA VAL A 119 12.10 5.21 -2.90
C VAL A 119 13.49 5.53 -2.38
N GLY A 120 13.76 6.82 -2.24
CA GLY A 120 15.05 7.26 -1.75
C GLY A 120 16.06 7.42 -2.85
N VAL A 121 15.57 7.64 -4.07
CA VAL A 121 16.43 7.78 -5.22
C VAL A 121 17.22 9.08 -5.17
N GLY A 122 18.48 8.98 -5.59
CA GLY A 122 19.37 10.10 -5.60
C GLY A 122 20.75 9.63 -5.22
N VAL A 123 20.80 8.76 -4.23
CA VAL A 123 22.02 8.16 -3.75
C VAL A 123 21.93 6.65 -3.94
N GLU A 124 22.91 6.07 -4.63
CA GLU A 124 22.92 4.64 -4.90
C GLU A 124 22.67 3.81 -3.65
N SER A 125 23.19 4.26 -2.52
CA SER A 125 23.04 3.55 -1.25
C SER A 125 21.83 4.01 -0.44
N ASP A 126 21.00 4.88 -0.99
CA ASP A 126 19.85 5.39 -0.24
C ASP A 126 18.51 5.10 -0.90
N ILE A 127 18.47 4.02 -1.64
CA ILE A 127 17.24 3.59 -2.30
C ILE A 127 16.63 2.39 -1.60
N LEU A 128 15.32 2.41 -1.48
CA LEU A 128 14.57 1.34 -0.83
C LEU A 128 13.49 0.80 -1.75
N SER A 129 13.38 -0.52 -1.84
CA SER A 129 12.39 -1.15 -2.71
C SER A 129 11.27 -1.81 -1.89
N LEU A 130 10.03 -1.55 -2.30
CA LEU A 130 8.86 -2.11 -1.63
C LEU A 130 7.94 -2.79 -2.65
N VAL A 131 7.45 -3.97 -2.31
CA VAL A 131 6.55 -4.71 -3.20
C VAL A 131 5.14 -4.77 -2.63
N ILE A 132 4.15 -4.50 -3.49
CA ILE A 132 2.77 -4.51 -3.09
C ILE A 132 2.05 -5.75 -3.62
N PHE A 133 1.20 -6.34 -2.79
CA PHE A 133 0.45 -7.53 -3.18
C PHE A 133 -1.05 -7.26 -3.12
N ILE A 134 -1.73 -7.45 -4.24
CA ILE A 134 -3.17 -7.24 -4.31
C ILE A 134 -3.94 -8.46 -3.86
N ASN A 135 -4.95 -8.24 -3.02
CA ASN A 135 -5.77 -9.33 -2.51
C ASN A 135 -6.87 -9.70 -3.50
N ASP A 136 -6.67 -10.81 -4.20
CA ASP A 136 -7.64 -11.27 -5.19
C ASP A 136 -8.96 -11.64 -4.52
N LYS A 137 -8.89 -12.05 -3.26
CA LYS A 137 -10.08 -12.43 -2.52
C LYS A 137 -11.07 -11.27 -2.47
N PHE A 138 -10.56 -10.07 -2.22
CA PHE A 138 -11.39 -8.89 -2.15
C PHE A 138 -12.14 -8.66 -3.45
N LYS A 139 -11.43 -8.84 -4.57
CA LYS A 139 -12.03 -8.67 -5.89
C LYS A 139 -13.17 -9.65 -6.10
N GLN A 140 -12.98 -10.88 -5.65
CA GLN A 140 -14.00 -11.92 -5.80
C GLN A 140 -15.30 -11.52 -5.08
N CYS A 141 -15.15 -10.87 -3.93
CA CYS A 141 -16.30 -10.44 -3.15
C CYS A 141 -17.12 -9.41 -3.91
N LEU A 142 -16.44 -8.42 -4.50
CA LEU A 142 -17.10 -7.37 -5.25
C LEU A 142 -17.84 -7.94 -6.46
N GLU A 143 -17.26 -8.98 -7.07
CA GLU A 143 -17.88 -9.61 -8.22
C GLU A 143 -19.23 -10.22 -7.87
N GLN A 144 -19.34 -10.73 -6.64
CA GLN A 144 -20.58 -11.34 -6.18
C GLN A 144 -21.46 -10.32 -5.47
N ASN A 145 -20.82 -9.40 -4.73
CA ASN A 145 -21.54 -8.36 -3.98
C ASN A 145 -22.76 -8.92 -3.26
N LYS A 146 -23.58 -8.03 -2.71
CA LYS A 146 -24.78 -8.44 -1.98
C LYS A 146 -26.00 -8.39 -2.88
N VAL A 147 -26.81 -9.44 -2.82
CA VAL A 147 -28.02 -9.52 -3.64
C VAL A 147 -29.16 -8.71 -3.01
N ASP A 148 -29.74 -7.82 -3.80
CA ASP A 148 -30.84 -6.99 -3.31
C ASP A 148 -32.19 -7.55 -3.76
N ARG A 149 -33.26 -7.05 -3.16
CA ARG A 149 -34.61 -7.50 -3.49
C ARG A 149 -35.35 -6.45 -4.31
N ILE A 150 -35.66 -6.78 -5.55
CA ILE A 150 -36.36 -5.86 -6.44
C ILE A 150 -37.88 -5.97 -6.24
N ARG A 151 -38.54 -4.82 -6.15
CA ARG A 151 -39.98 -4.78 -5.96
C ARG A 151 -40.71 -4.96 -7.29
N ASN B 1 4.58 23.45 11.51
CA ASN B 1 5.94 22.82 11.50
C ASN B 1 6.31 22.37 10.09
N ASP B 2 6.90 23.28 9.32
CA ASP B 2 7.31 22.97 7.96
C ASP B 2 8.37 21.87 7.94
N PRO B 3 8.09 20.74 7.29
CA PRO B 3 9.04 19.61 7.21
C PRO B 3 10.21 19.91 6.28
N ASP B 4 11.42 19.74 6.79
CA ASP B 4 12.62 19.99 6.00
C ASP B 4 13.32 18.67 5.66
N TPO B 5 12.77 17.98 4.66
CA TPO B 5 13.33 16.70 4.23
CB TPO B 5 12.34 15.94 3.33
CG2 TPO B 5 12.92 14.63 2.86
OG1 TPO B 5 11.13 15.70 4.01
P TPO B 5 11.19 15.08 5.45
O1P TPO B 5 11.70 16.22 6.36
O2P TPO B 5 9.71 14.78 5.79
O3P TPO B 5 12.06 13.85 5.51
C TPO B 5 14.65 16.92 3.48
O TPO B 5 14.93 18.01 2.99
H2 TPO B 5 11.98 18.34 4.20
HA TPO B 5 13.52 16.11 5.11
HB TPO B 5 12.13 16.55 2.45
HG21 TPO B 5 13.66 14.81 2.08
HG22 TPO B 5 12.14 14.00 2.47
HG23 TPO B 5 13.40 14.13 3.69
N LEU B 6 15.45 15.86 3.40
CA LEU B 6 16.75 15.94 2.73
C LEU B 6 16.68 15.34 1.32
N GLU B 7 17.77 15.49 0.57
CA GLU B 7 17.85 14.98 -0.79
C GLU B 7 19.30 14.88 -1.25
N ILE B 8 19.90 13.70 -1.04
CA ILE B 8 21.30 13.44 -1.42
C ILE B 8 22.23 14.60 -1.02
N TYR B 9 23.13 14.31 -0.08
CA TYR B 9 24.07 15.31 0.39
C TYR B 9 25.25 15.46 -0.56
N SER B 10 24.96 15.84 -1.80
CA SER B 10 26.00 16.02 -2.81
C SER B 10 26.40 17.49 -2.91
N ALA A 1 -2.23 -15.04 28.09
CA ALA A 1 -2.33 -16.49 28.24
C ALA A 1 -1.06 -17.18 27.76
N THR A 2 -0.60 -16.79 26.58
CA THR A 2 0.60 -17.38 25.99
C THR A 2 0.36 -18.82 25.56
N GLN A 3 0.07 -19.69 26.53
CA GLN A 3 -0.18 -21.10 26.25
C GLN A 3 -1.47 -21.26 25.46
N ARG A 4 -2.49 -20.50 25.83
CA ARG A 4 -3.79 -20.57 25.15
C ARG A 4 -3.65 -20.17 23.70
N PHE A 5 -2.78 -19.19 23.43
CA PHE A 5 -2.55 -18.73 22.06
C PHE A 5 -2.14 -19.88 21.15
N LEU A 6 -1.31 -20.77 21.68
CA LEU A 6 -0.85 -21.92 20.91
C LEU A 6 -2.03 -22.79 20.51
N ILE A 7 -3.05 -22.82 21.35
CA ILE A 7 -4.25 -23.62 21.08
C ILE A 7 -5.03 -23.04 19.92
N GLU A 8 -5.19 -21.71 19.93
CA GLU A 8 -5.91 -21.00 18.88
C GLU A 8 -5.31 -21.27 17.51
N LYS A 9 -4.01 -21.45 17.47
CA LYS A 9 -3.28 -21.69 16.23
C LYS A 9 -3.88 -22.86 15.43
N PHE A 10 -4.61 -23.74 16.12
CA PHE A 10 -5.21 -24.90 15.46
C PHE A 10 -6.10 -24.48 14.29
N SER A 11 -6.91 -23.46 14.52
CA SER A 11 -7.80 -22.95 13.50
C SER A 11 -7.06 -22.04 12.52
N GLN A 12 -5.97 -21.44 12.98
CA GLN A 12 -5.18 -20.54 12.16
C GLN A 12 -5.97 -19.30 11.79
N GLU A 13 -5.29 -18.15 11.77
CA GLU A 13 -5.93 -16.89 11.44
C GLU A 13 -6.45 -16.90 10.00
N GLN A 14 -7.63 -16.32 9.79
CA GLN A 14 -8.22 -16.27 8.47
C GLN A 14 -7.66 -15.11 7.65
N ILE A 15 -6.85 -15.44 6.65
CA ILE A 15 -6.23 -14.43 5.79
C ILE A 15 -7.19 -13.97 4.71
N GLY A 16 -7.18 -12.67 4.50
CA GLY A 16 -8.04 -12.07 3.50
C GLY A 16 -9.41 -11.73 4.04
N GLU A 17 -9.43 -11.00 5.16
CA GLU A 17 -10.69 -10.61 5.79
C GLU A 17 -11.39 -9.51 4.99
N ASN A 18 -10.62 -8.51 4.57
CA ASN A 18 -11.14 -7.39 3.81
C ASN A 18 -9.97 -6.59 3.30
N ILE A 19 -8.91 -7.31 3.01
CA ILE A 19 -7.69 -6.74 2.56
C ILE A 19 -7.77 -6.24 1.13
N VAL A 20 -7.26 -5.04 0.93
CA VAL A 20 -7.25 -4.39 -0.35
C VAL A 20 -5.94 -4.69 -1.08
N CYS A 21 -4.85 -4.26 -0.46
CA CYS A 21 -3.51 -4.47 -1.01
C CYS A 21 -2.51 -4.75 0.10
N ARG A 22 -1.35 -5.30 -0.25
CA ARG A 22 -0.33 -5.62 0.74
C ARG A 22 1.02 -5.01 0.38
N VAL A 23 1.71 -4.47 1.39
CA VAL A 23 3.02 -3.87 1.19
C VAL A 23 4.12 -4.74 1.79
N ILE A 24 5.08 -5.14 0.96
CA ILE A 24 6.16 -6.00 1.40
C ILE A 24 7.53 -5.43 1.03
N CYS A 25 8.38 -5.21 2.03
CA CYS A 25 9.73 -4.69 1.79
C CYS A 25 10.66 -5.82 1.38
N THR A 26 10.94 -5.91 0.07
CA THR A 26 11.80 -6.97 -0.46
C THR A 26 13.27 -6.74 -0.13
N THR A 27 13.66 -5.50 0.11
CA THR A 27 15.06 -5.18 0.42
C THR A 27 15.39 -5.49 1.88
N GLY A 28 14.39 -5.93 2.64
CA GLY A 28 14.61 -6.27 4.04
C GLY A 28 14.92 -5.06 4.89
N GLN A 29 13.88 -4.30 5.21
CA GLN A 29 14.02 -3.11 6.05
C GLN A 29 12.79 -2.91 6.92
N ILE A 30 11.62 -3.15 6.35
CA ILE A 30 10.36 -3.00 7.07
C ILE A 30 9.53 -4.28 6.99
N PRO A 31 8.85 -4.65 8.10
CA PRO A 31 8.02 -5.86 8.12
C PRO A 31 6.76 -5.71 7.29
N ILE A 32 6.32 -6.81 6.69
CA ILE A 32 5.12 -6.81 5.85
C ILE A 32 3.93 -6.20 6.57
N ARG A 33 3.05 -5.57 5.80
CA ARG A 33 1.85 -4.95 6.35
C ARG A 33 0.65 -5.28 5.47
N ASP A 34 -0.53 -5.33 6.07
CA ASP A 34 -1.75 -5.65 5.32
C ASP A 34 -2.69 -4.44 5.27
N LEU A 35 -2.97 -3.98 4.06
CA LEU A 35 -3.87 -2.86 3.85
C LEU A 35 -5.26 -3.39 3.55
N SER A 36 -6.29 -2.80 4.16
CA SER A 36 -7.65 -3.27 3.93
C SER A 36 -8.68 -2.18 3.97
N ALA A 37 -9.80 -2.50 3.33
CA ALA A 37 -10.93 -1.59 3.27
C ALA A 37 -12.25 -2.36 3.40
N ASP A 38 -13.21 -1.76 4.08
CA ASP A 38 -14.51 -2.40 4.28
C ASP A 38 -15.34 -2.35 2.99
N ILE A 39 -15.73 -3.53 2.53
CA ILE A 39 -16.53 -3.67 1.31
C ILE A 39 -17.91 -3.03 1.44
N SER A 40 -18.55 -3.20 2.59
CA SER A 40 -19.88 -2.67 2.82
C SER A 40 -19.90 -1.16 2.61
N GLN A 41 -18.87 -0.51 3.12
CA GLN A 41 -18.73 0.93 2.99
C GLN A 41 -18.49 1.34 1.54
N VAL A 42 -17.71 0.52 0.84
CA VAL A 42 -17.40 0.80 -0.56
C VAL A 42 -18.63 0.72 -1.44
N LEU A 43 -19.43 -0.32 -1.23
CA LEU A 43 -20.65 -0.52 -2.00
C LEU A 43 -21.72 0.50 -1.62
N LYS A 44 -21.67 0.96 -0.37
CA LYS A 44 -22.63 1.94 0.12
C LYS A 44 -22.25 3.35 -0.30
N GLU A 45 -20.97 3.69 -0.12
CA GLU A 45 -20.48 5.01 -0.49
C GLU A 45 -20.27 5.12 -1.99
N LYS A 46 -20.72 6.23 -2.56
CA LYS A 46 -20.60 6.47 -4.00
C LYS A 46 -20.07 7.87 -4.28
N ARG A 47 -19.27 8.39 -3.35
CA ARG A 47 -18.70 9.72 -3.49
C ARG A 47 -17.36 9.82 -2.78
N SER A 48 -16.49 10.69 -3.27
CA SER A 48 -15.17 10.87 -2.67
C SER A 48 -14.38 9.57 -2.70
N ILE A 49 -13.20 9.59 -2.08
CA ILE A 49 -12.35 8.39 -2.03
C ILE A 49 -12.79 7.46 -0.91
N LYS A 50 -12.67 6.16 -1.16
CA LYS A 50 -13.06 5.15 -0.18
C LYS A 50 -12.10 5.16 1.01
N LYS A 51 -10.90 4.66 0.79
CA LYS A 51 -9.89 4.60 1.85
C LYS A 51 -8.49 4.72 1.27
N VAL A 52 -7.64 5.52 1.92
CA VAL A 52 -6.28 5.71 1.46
C VAL A 52 -5.24 5.47 2.55
N TRP A 53 -4.16 4.83 2.17
CA TRP A 53 -3.06 4.53 3.09
C TRP A 53 -1.88 5.46 2.88
N THR A 54 -1.27 5.90 3.97
CA THR A 54 -0.10 6.75 3.89
C THR A 54 1.10 6.00 4.45
N PHE A 55 2.18 5.97 3.69
CA PHE A 55 3.39 5.26 4.09
C PHE A 55 4.58 6.20 4.23
N GLY A 56 5.45 5.90 5.18
CA GLY A 56 6.62 6.72 5.41
C GLY A 56 7.21 6.51 6.80
N ARG A 57 8.11 7.41 7.20
CA ARG A 57 8.75 7.32 8.50
C ARG A 57 7.92 8.00 9.58
N ASN A 58 6.71 8.43 9.24
CA ASN A 58 5.83 9.09 10.18
C ASN A 58 5.04 8.08 11.00
N PRO A 59 4.97 8.27 12.34
CA PRO A 59 4.23 7.37 13.22
C PRO A 59 2.73 7.41 12.94
N ALA A 60 2.32 8.44 12.21
CA ALA A 60 0.93 8.60 11.84
C ALA A 60 0.64 7.77 10.63
N CYS A 61 1.58 7.83 9.69
CA CYS A 61 1.50 7.10 8.47
C CYS A 61 1.03 5.69 8.71
N ASP A 62 0.13 5.23 7.87
CA ASP A 62 -0.37 3.88 7.97
C ASP A 62 0.79 2.88 7.89
N TYR A 63 1.93 3.34 7.37
CA TYR A 63 3.10 2.48 7.25
C TYR A 63 4.33 3.17 7.84
N HIS A 64 4.84 2.61 8.94
CA HIS A 64 6.01 3.18 9.61
C HIS A 64 7.30 2.56 9.06
N LEU A 65 8.08 3.38 8.36
CA LEU A 65 9.35 2.92 7.78
C LEU A 65 10.44 2.86 8.85
N GLY A 66 11.67 2.60 8.42
CA GLY A 66 12.78 2.52 9.35
C GLY A 66 13.48 3.85 9.56
N ASN A 67 12.77 4.94 9.26
CA ASN A 67 13.33 6.28 9.41
C ASN A 67 14.57 6.48 8.54
N ILE A 68 14.36 6.64 7.24
CA ILE A 68 15.45 6.85 6.30
C ILE A 68 15.48 8.30 5.83
N SER A 69 16.66 8.91 5.92
CA SER A 69 16.82 10.31 5.51
C SER A 69 16.37 10.52 4.07
N ARG A 70 16.62 9.53 3.22
CA ARG A 70 16.24 9.62 1.81
C ARG A 70 14.72 9.54 1.64
N LEU A 71 14.03 9.10 2.69
CA LEU A 71 12.57 8.99 2.64
C LEU A 71 11.92 10.08 3.48
N SER A 72 10.69 10.47 3.11
CA SER A 72 9.98 11.51 3.84
C SER A 72 9.02 10.93 4.87
N ASN A 73 8.52 11.77 5.77
CA ASN A 73 7.57 11.34 6.81
C ASN A 73 6.54 10.40 6.20
N LYS A 74 5.86 10.92 5.19
CA LYS A 74 4.88 10.16 4.42
C LYS A 74 5.40 10.07 3.01
N HIS A 75 6.25 9.10 2.78
CA HIS A 75 6.88 8.92 1.49
C HIS A 75 5.89 8.67 0.37
N PHE A 76 4.95 7.77 0.62
CA PHE A 76 3.95 7.47 -0.40
C PHE A 76 2.59 7.16 0.21
N GLN A 77 1.55 7.32 -0.61
CA GLN A 77 0.18 7.07 -0.16
C GLN A 77 -0.61 6.28 -1.20
N ILE A 78 -1.43 5.33 -0.74
CA ILE A 78 -2.24 4.52 -1.65
C ILE A 78 -3.74 4.77 -1.42
N LEU A 79 -4.47 5.04 -2.50
CA LEU A 79 -5.91 5.30 -2.39
C LEU A 79 -6.74 4.23 -3.10
N LEU A 80 -7.94 4.00 -2.59
CA LEU A 80 -8.85 3.02 -3.16
C LEU A 80 -10.19 3.67 -3.48
N GLY A 81 -10.59 3.58 -4.75
CA GLY A 81 -11.86 4.18 -5.17
C GLY A 81 -13.06 3.30 -4.87
N GLU A 82 -14.23 3.76 -5.27
CA GLU A 82 -15.46 3.01 -5.04
C GLU A 82 -15.84 2.21 -6.29
N ASP A 83 -15.72 0.89 -6.19
CA ASP A 83 -16.05 0.01 -7.31
C ASP A 83 -15.22 0.36 -8.54
N GLY A 84 -14.14 -0.39 -8.75
CA GLY A 84 -13.29 -0.15 -9.90
C GLY A 84 -11.92 -0.80 -9.75
N ASN A 85 -10.96 -0.04 -9.25
CA ASN A 85 -9.60 -0.55 -9.06
C ASN A 85 -8.89 0.22 -7.96
N LEU A 86 -7.59 -0.04 -7.81
CA LEU A 86 -6.78 0.63 -6.79
C LEU A 86 -5.86 1.67 -7.43
N LEU A 87 -5.44 2.65 -6.63
CA LEU A 87 -4.55 3.70 -7.12
C LEU A 87 -3.39 3.93 -6.15
N LEU A 88 -2.23 4.23 -6.70
CA LEU A 88 -1.05 4.49 -5.89
C LEU A 88 -0.65 5.96 -6.01
N ASN A 89 -0.57 6.64 -4.88
CA ASN A 89 -0.22 8.06 -4.89
C ASN A 89 1.12 8.30 -4.20
N ASP A 90 2.09 8.76 -4.97
CA ASP A 90 3.40 9.07 -4.43
C ASP A 90 3.36 10.41 -3.69
N ILE A 91 3.95 10.47 -2.51
CA ILE A 91 3.94 11.69 -1.71
C ILE A 91 5.27 11.91 -0.98
N SER A 92 6.39 11.62 -1.64
CA SER A 92 7.68 11.78 -1.03
C SER A 92 8.39 13.04 -1.50
N THR A 93 9.24 13.58 -0.65
CA THR A 93 10.02 14.76 -0.99
C THR A 93 11.04 14.41 -2.07
N ASN A 94 11.53 13.16 -2.03
CA ASN A 94 12.52 12.68 -2.98
C ASN A 94 11.89 11.97 -4.18
N GLY A 95 10.65 11.52 -4.03
CA GLY A 95 9.99 10.84 -5.12
C GLY A 95 9.73 9.37 -4.86
N THR A 96 8.77 8.83 -5.61
CA THR A 96 8.39 7.41 -5.50
C THR A 96 8.67 6.73 -6.83
N TRP A 97 9.22 5.52 -6.78
CA TRP A 97 9.56 4.80 -8.00
C TRP A 97 8.77 3.52 -8.20
N LEU A 98 8.54 3.20 -9.46
CA LEU A 98 7.85 1.99 -9.84
C LEU A 98 8.74 1.21 -10.81
N ASN A 99 9.21 0.05 -10.36
CA ASN A 99 10.08 -0.80 -11.17
C ASN A 99 11.17 0.01 -11.89
N GLY A 100 11.79 0.94 -11.18
CA GLY A 100 12.86 1.73 -11.76
C GLY A 100 12.37 2.97 -12.49
N GLN A 101 11.06 3.07 -12.69
CA GLN A 101 10.50 4.23 -13.36
C GLN A 101 9.84 5.16 -12.36
N LYS A 102 10.36 6.38 -12.28
CA LYS A 102 9.85 7.39 -11.38
C LYS A 102 8.52 7.95 -11.87
N VAL A 103 7.50 7.83 -11.02
CA VAL A 103 6.17 8.33 -11.36
C VAL A 103 5.99 9.77 -10.88
N GLU A 104 4.96 10.44 -11.40
CA GLU A 104 4.69 11.82 -10.99
C GLU A 104 4.18 11.87 -9.56
N LYS A 105 4.82 12.69 -8.73
CA LYS A 105 4.42 12.81 -7.34
C LYS A 105 2.93 13.14 -7.24
N ASN A 106 2.37 12.93 -6.05
CA ASN A 106 0.96 13.18 -5.79
C ASN A 106 0.08 12.86 -6.99
N SER A 107 0.47 11.85 -7.74
CA SER A 107 -0.27 11.42 -8.92
C SER A 107 -0.90 10.06 -8.71
N ASN A 108 -2.09 9.87 -9.29
CA ASN A 108 -2.81 8.59 -9.18
C ASN A 108 -2.40 7.65 -10.30
N GLN A 109 -1.96 6.45 -9.93
CA GLN A 109 -1.54 5.45 -10.91
C GLN A 109 -2.22 4.11 -10.65
N LEU A 110 -2.49 3.37 -11.72
CA LEU A 110 -3.11 2.06 -11.61
C LEU A 110 -2.10 1.04 -11.13
N LEU A 111 -2.34 0.49 -9.95
CA LEU A 111 -1.43 -0.50 -9.36
C LEU A 111 -1.23 -1.70 -10.27
N SER A 112 -0.21 -2.48 -9.95
CA SER A 112 0.13 -3.68 -10.71
C SER A 112 0.17 -4.88 -9.77
N GLN A 113 -0.07 -6.07 -10.32
CA GLN A 113 -0.06 -7.28 -9.51
C GLN A 113 1.37 -7.62 -9.08
N GLY A 114 1.58 -7.72 -7.77
CA GLY A 114 2.89 -8.03 -7.25
C GLY A 114 3.91 -6.98 -7.64
N ASP A 115 3.43 -5.80 -8.00
CA ASP A 115 4.30 -4.70 -8.41
C ASP A 115 5.26 -4.34 -7.29
N GLU A 116 6.12 -3.37 -7.54
CA GLU A 116 7.10 -2.94 -6.54
C GLU A 116 7.35 -1.44 -6.62
N ILE A 117 7.39 -0.80 -5.46
CA ILE A 117 7.65 0.63 -5.40
C ILE A 117 9.00 0.89 -4.75
N THR A 118 9.83 1.66 -5.43
CA THR A 118 11.16 1.98 -4.92
C THR A 118 11.17 3.42 -4.41
N VAL A 119 11.81 3.63 -3.26
CA VAL A 119 11.86 4.96 -2.67
C VAL A 119 13.23 5.28 -2.08
N GLY A 120 13.50 6.57 -1.94
CA GLY A 120 14.76 7.02 -1.40
C GLY A 120 15.80 7.21 -2.47
N VAL A 121 15.34 7.44 -3.70
CA VAL A 121 16.22 7.62 -4.82
C VAL A 121 16.95 8.96 -4.76
N GLY A 122 18.21 8.91 -5.14
CA GLY A 122 19.07 10.06 -5.12
C GLY A 122 20.49 9.62 -4.87
N VAL A 123 20.65 8.74 -3.90
CA VAL A 123 21.92 8.18 -3.55
C VAL A 123 21.93 6.71 -3.96
N GLU A 124 22.97 6.28 -4.65
CA GLU A 124 23.06 4.90 -5.12
C GLU A 124 22.80 3.89 -4.01
N SER A 125 23.38 4.10 -2.84
CA SER A 125 23.24 3.18 -1.72
C SER A 125 22.09 3.54 -0.78
N ASP A 126 21.27 4.55 -1.13
CA ASP A 126 20.19 4.95 -0.25
C ASP A 126 18.81 4.75 -0.86
N ILE A 127 18.67 3.71 -1.65
CA ILE A 127 17.41 3.37 -2.26
C ILE A 127 16.78 2.16 -1.60
N LEU A 128 15.48 2.23 -1.41
CA LEU A 128 14.72 1.15 -0.79
C LEU A 128 13.58 0.69 -1.70
N SER A 129 13.42 -0.62 -1.84
CA SER A 129 12.35 -1.17 -2.69
C SER A 129 11.27 -1.85 -1.88
N LEU A 130 10.07 -1.79 -2.44
CA LEU A 130 8.90 -2.39 -1.82
C LEU A 130 8.06 -3.16 -2.84
N VAL A 131 7.25 -4.10 -2.37
CA VAL A 131 6.41 -4.90 -3.24
C VAL A 131 4.93 -4.76 -2.86
N ILE A 132 4.07 -4.68 -3.86
CA ILE A 132 2.66 -4.54 -3.66
C ILE A 132 1.93 -5.84 -3.97
N PHE A 133 1.23 -6.37 -2.97
CA PHE A 133 0.48 -7.61 -3.13
C PHE A 133 -1.01 -7.35 -3.11
N ILE A 134 -1.65 -7.48 -4.28
CA ILE A 134 -3.09 -7.26 -4.38
C ILE A 134 -3.87 -8.51 -4.02
N ASN A 135 -4.84 -8.36 -3.11
CA ASN A 135 -5.66 -9.48 -2.68
C ASN A 135 -6.72 -9.82 -3.72
N ASP A 136 -6.61 -11.00 -4.31
CA ASP A 136 -7.55 -11.45 -5.32
C ASP A 136 -8.92 -11.72 -4.71
N LYS A 137 -8.92 -12.16 -3.45
CA LYS A 137 -10.16 -12.46 -2.74
C LYS A 137 -11.06 -11.22 -2.72
N PHE A 138 -10.46 -10.08 -2.44
CA PHE A 138 -11.19 -8.82 -2.38
C PHE A 138 -11.90 -8.55 -3.72
N LYS A 139 -11.17 -8.77 -4.81
CA LYS A 139 -11.73 -8.56 -6.14
C LYS A 139 -12.86 -9.53 -6.43
N GLN A 140 -12.75 -10.74 -5.89
CA GLN A 140 -13.77 -11.76 -6.08
C GLN A 140 -15.10 -11.35 -5.46
N CYS A 141 -15.03 -10.80 -4.24
CA CYS A 141 -16.22 -10.35 -3.54
C CYS A 141 -16.98 -9.30 -4.34
N LEU A 142 -16.24 -8.32 -4.87
CA LEU A 142 -16.84 -7.25 -5.66
C LEU A 142 -17.35 -7.79 -6.99
N GLU A 143 -16.62 -8.75 -7.56
CA GLU A 143 -17.00 -9.35 -8.84
C GLU A 143 -18.37 -10.00 -8.75
N GLN A 144 -18.65 -10.62 -7.60
CA GLN A 144 -19.93 -11.29 -7.38
C GLN A 144 -20.96 -10.33 -6.82
N ASN A 145 -20.51 -9.43 -5.94
CA ASN A 145 -21.38 -8.43 -5.31
C ASN A 145 -22.70 -9.05 -4.85
N LYS A 146 -23.63 -8.20 -4.43
CA LYS A 146 -24.93 -8.67 -3.95
C LYS A 146 -25.88 -8.93 -5.12
N VAL A 147 -26.34 -10.17 -5.23
CA VAL A 147 -27.26 -10.55 -6.30
C VAL A 147 -28.69 -10.66 -5.78
N ASP A 148 -29.62 -10.01 -6.47
CA ASP A 148 -31.02 -10.03 -6.09
C ASP A 148 -31.88 -10.62 -7.19
N ARG A 149 -32.00 -9.89 -8.30
CA ARG A 149 -32.79 -10.35 -9.43
C ARG A 149 -34.26 -10.52 -9.04
N ILE A 150 -34.71 -9.70 -8.10
CA ILE A 150 -36.09 -9.76 -7.63
C ILE A 150 -36.92 -8.63 -8.22
N ARG A 151 -37.93 -9.00 -9.01
CA ARG A 151 -38.80 -8.02 -9.63
C ARG A 151 -40.04 -7.76 -8.77
N ASN B 1 3.77 27.43 3.73
CA ASN B 1 5.17 27.00 3.97
C ASN B 1 5.34 25.52 3.64
N ASP B 2 6.45 25.19 2.98
CA ASP B 2 6.73 23.81 2.60
C ASP B 2 7.80 23.21 3.51
N PRO B 3 7.72 21.90 3.79
CA PRO B 3 8.68 21.21 4.65
C PRO B 3 10.03 21.03 3.97
N ASP B 4 11.08 20.90 4.78
CA ASP B 4 12.43 20.73 4.26
C ASP B 4 12.96 19.34 4.59
N TPO B 5 12.85 18.42 3.63
CA TPO B 5 13.32 17.05 3.82
CB TPO B 5 12.24 16.03 3.38
CG2 TPO B 5 12.74 14.60 3.51
OG1 TPO B 5 11.06 16.21 4.14
P TPO B 5 10.96 15.58 5.57
O1P TPO B 5 10.46 14.13 5.33
O2P TPO B 5 12.41 15.54 6.10
O3P TPO B 5 10.05 16.37 6.47
C TPO B 5 14.61 16.80 3.03
O TPO B 5 14.86 17.44 2.01
H2 TPO B 5 12.45 18.67 2.77
HA TPO B 5 13.52 16.90 4.86
HB TPO B 5 12.01 16.22 2.34
HG21 TPO B 5 11.90 13.93 3.62
HG22 TPO B 5 13.38 14.52 4.37
HG23 TPO B 5 13.30 14.33 2.62
N LEU B 6 15.42 15.88 3.52
CA LEU B 6 16.69 15.53 2.88
C LEU B 6 16.49 15.19 1.40
N GLU B 7 17.53 15.42 0.61
CA GLU B 7 17.48 15.15 -0.83
C GLU B 7 18.89 14.88 -1.38
N ILE B 8 19.38 13.66 -1.16
CA ILE B 8 20.71 13.25 -1.62
C ILE B 8 21.80 14.22 -1.15
N TYR B 9 22.90 13.67 -0.64
CA TYR B 9 24.01 14.49 -0.15
C TYR B 9 24.50 15.45 -1.24
N SER B 10 24.16 16.73 -1.09
CA SER B 10 24.57 17.73 -2.06
C SER B 10 26.05 18.08 -1.89
N ALA A 1 4.26 -39.55 10.82
CA ALA A 1 4.34 -38.37 9.98
C ALA A 1 3.00 -38.06 9.34
N THR A 2 2.98 -37.05 8.46
CA THR A 2 1.75 -36.65 7.77
C THR A 2 0.81 -35.87 8.69
N GLN A 3 0.50 -36.46 9.85
CA GLN A 3 -0.39 -35.81 10.80
C GLN A 3 0.17 -34.47 11.25
N ARG A 4 1.49 -34.37 11.34
CA ARG A 4 2.15 -33.14 11.76
C ARG A 4 1.89 -32.03 10.76
N PHE A 5 1.89 -32.39 9.47
CA PHE A 5 1.65 -31.43 8.41
C PHE A 5 0.26 -30.81 8.54
N LEU A 6 -0.72 -31.63 8.88
CA LEU A 6 -2.09 -31.17 9.05
C LEU A 6 -2.16 -30.09 10.12
N ILE A 7 -1.29 -30.19 11.12
CA ILE A 7 -1.25 -29.21 12.20
C ILE A 7 -0.69 -27.88 11.72
N GLU A 8 0.29 -27.95 10.82
CA GLU A 8 0.92 -26.75 10.28
C GLU A 8 -0.12 -25.84 9.65
N LYS A 9 -1.04 -26.43 8.90
CA LYS A 9 -2.11 -25.68 8.26
C LYS A 9 -3.07 -25.08 9.30
N PHE A 10 -3.11 -25.72 10.47
CA PHE A 10 -3.95 -25.26 11.56
C PHE A 10 -3.66 -23.82 11.93
N SER A 11 -2.38 -23.51 12.09
CA SER A 11 -1.95 -22.16 12.44
C SER A 11 -2.15 -21.20 11.28
N GLN A 12 -2.03 -21.73 10.06
CA GLN A 12 -2.20 -20.91 8.86
C GLN A 12 -3.62 -20.35 8.78
N GLU A 13 -3.86 -19.26 9.49
CA GLU A 13 -5.18 -18.62 9.48
C GLU A 13 -5.52 -18.08 8.10
N GLN A 14 -6.81 -17.95 7.82
CA GLN A 14 -7.27 -17.45 6.53
C GLN A 14 -7.32 -15.93 6.53
N ILE A 15 -6.31 -15.31 5.92
CA ILE A 15 -6.24 -13.85 5.85
C ILE A 15 -7.05 -13.31 4.69
N GLY A 16 -7.73 -12.23 4.96
CA GLY A 16 -8.56 -11.59 3.96
C GLY A 16 -9.89 -11.12 4.52
N GLU A 17 -9.86 -10.51 5.70
CA GLU A 17 -11.07 -10.01 6.34
C GLU A 17 -11.76 -8.98 5.46
N ASN A 18 -10.96 -8.10 4.86
CA ASN A 18 -11.48 -7.05 3.98
C ASN A 18 -10.29 -6.26 3.48
N ILE A 19 -9.23 -6.99 3.23
CA ILE A 19 -7.98 -6.44 2.80
C ILE A 19 -8.03 -5.98 1.35
N VAL A 20 -7.47 -4.80 1.13
CA VAL A 20 -7.42 -4.18 -0.16
C VAL A 20 -6.12 -4.57 -0.86
N CYS A 21 -5.02 -4.20 -0.22
CA CYS A 21 -3.69 -4.50 -0.74
C CYS A 21 -2.69 -4.65 0.41
N ARG A 22 -1.65 -5.44 0.19
CA ARG A 22 -0.64 -5.68 1.22
C ARG A 22 0.72 -5.10 0.81
N VAL A 23 1.39 -4.48 1.76
CA VAL A 23 2.71 -3.90 1.50
C VAL A 23 3.82 -4.81 2.01
N ILE A 24 4.72 -5.19 1.10
CA ILE A 24 5.83 -6.07 1.46
C ILE A 24 7.15 -5.56 0.90
N CYS A 25 8.11 -5.32 1.80
CA CYS A 25 9.43 -4.84 1.40
C CYS A 25 10.28 -6.00 0.88
N THR A 26 10.99 -5.78 -0.22
CA THR A 26 11.83 -6.81 -0.81
C THR A 26 13.29 -6.65 -0.39
N THR A 27 13.70 -5.42 -0.12
CA THR A 27 15.07 -5.14 0.28
C THR A 27 15.29 -5.45 1.76
N GLY A 28 14.23 -5.86 2.44
CA GLY A 28 14.33 -6.19 3.86
C GLY A 28 14.64 -4.99 4.72
N GLN A 29 13.63 -4.18 4.99
CA GLN A 29 13.80 -2.98 5.82
C GLN A 29 12.53 -2.69 6.64
N ILE A 30 11.37 -2.87 6.01
CA ILE A 30 10.11 -2.62 6.68
C ILE A 30 9.30 -3.91 6.82
N PRO A 31 8.62 -4.11 7.96
CA PRO A 31 7.82 -5.31 8.20
C PRO A 31 6.51 -5.29 7.41
N ILE A 32 6.08 -6.46 6.98
CA ILE A 32 4.84 -6.59 6.21
C ILE A 32 3.62 -6.13 6.99
N ARG A 33 2.75 -5.37 6.32
CA ARG A 33 1.54 -4.86 6.94
C ARG A 33 0.34 -5.15 6.04
N ASP A 34 -0.87 -5.04 6.59
CA ASP A 34 -2.08 -5.31 5.82
C ASP A 34 -2.98 -4.07 5.71
N LEU A 35 -3.26 -3.68 4.47
CA LEU A 35 -4.13 -2.54 4.20
C LEU A 35 -5.52 -3.05 3.82
N SER A 36 -6.57 -2.45 4.37
CA SER A 36 -7.92 -2.91 4.07
C SER A 36 -8.95 -1.81 4.00
N ALA A 37 -10.03 -2.13 3.33
CA ALA A 37 -11.14 -1.20 3.17
C ALA A 37 -12.47 -1.94 3.13
N ASP A 38 -13.53 -1.29 3.59
CA ASP A 38 -14.86 -1.89 3.62
C ASP A 38 -15.51 -1.82 2.23
N ILE A 39 -15.91 -2.99 1.72
CA ILE A 39 -16.54 -3.09 0.41
C ILE A 39 -17.89 -2.38 0.36
N SER A 40 -18.68 -2.54 1.41
CA SER A 40 -19.99 -1.93 1.48
C SER A 40 -19.90 -0.42 1.32
N GLN A 41 -18.88 0.15 1.93
CA GLN A 41 -18.64 1.58 1.87
C GLN A 41 -18.22 2.01 0.47
N VAL A 42 -17.44 1.14 -0.19
CA VAL A 42 -16.97 1.42 -1.54
C VAL A 42 -18.09 1.26 -2.56
N LEU A 43 -18.81 0.15 -2.47
CA LEU A 43 -19.92 -0.12 -3.39
C LEU A 43 -20.99 0.97 -3.27
N LYS A 44 -21.11 1.55 -2.09
CA LYS A 44 -22.10 2.59 -1.85
C LYS A 44 -21.64 3.92 -2.44
N GLU A 45 -20.49 4.40 -1.97
CA GLU A 45 -19.92 5.65 -2.45
C GLU A 45 -19.29 5.48 -3.83
N LYS A 46 -19.59 6.40 -4.74
CA LYS A 46 -19.05 6.34 -6.09
C LYS A 46 -18.49 7.70 -6.52
N ARG A 47 -17.67 8.29 -5.66
CA ARG A 47 -17.07 9.59 -5.96
C ARG A 47 -15.79 9.43 -6.77
N SER A 48 -14.78 8.81 -6.17
CA SER A 48 -13.50 8.59 -6.84
C SER A 48 -12.54 7.85 -5.93
N ILE A 49 -12.57 8.19 -4.64
CA ILE A 49 -11.69 7.55 -3.66
C ILE A 49 -12.47 7.13 -2.43
N LYS A 50 -12.01 6.08 -1.76
CA LYS A 50 -12.66 5.57 -0.56
C LYS A 50 -11.75 5.68 0.66
N LYS A 51 -10.65 4.94 0.63
CA LYS A 51 -9.69 4.95 1.73
C LYS A 51 -8.26 4.99 1.21
N VAL A 52 -7.46 5.91 1.75
CA VAL A 52 -6.08 6.04 1.34
C VAL A 52 -5.10 5.79 2.49
N TRP A 53 -4.06 5.03 2.18
CA TRP A 53 -3.03 4.70 3.17
C TRP A 53 -1.78 5.56 3.01
N THR A 54 -1.21 5.94 4.15
CA THR A 54 0.03 6.73 4.15
C THR A 54 1.19 5.91 4.69
N PHE A 55 2.28 5.88 3.95
CA PHE A 55 3.46 5.11 4.34
C PHE A 55 4.68 6.02 4.49
N GLY A 56 5.55 5.69 5.44
CA GLY A 56 6.75 6.46 5.65
C GLY A 56 7.38 6.23 7.02
N ARG A 57 8.34 7.09 7.38
CA ARG A 57 9.03 6.97 8.67
C ARG A 57 8.19 7.53 9.82
N ASN A 58 6.97 7.98 9.52
CA ASN A 58 6.10 8.55 10.54
C ASN A 58 5.33 7.45 11.28
N PRO A 59 5.32 7.49 12.62
CA PRO A 59 4.61 6.50 13.44
C PRO A 59 3.10 6.60 13.24
N ALA A 60 2.66 7.70 12.63
CA ALA A 60 1.25 7.91 12.36
C ALA A 60 0.90 7.20 11.10
N CYS A 61 1.78 7.35 10.12
CA CYS A 61 1.63 6.74 8.83
C CYS A 61 1.10 5.33 8.96
N ASP A 62 0.19 5.00 8.08
CA ASP A 62 -0.40 3.67 8.08
C ASP A 62 0.70 2.60 7.96
N TYR A 63 1.88 3.01 7.48
CA TYR A 63 2.99 2.07 7.33
C TYR A 63 4.26 2.64 7.96
N HIS A 64 4.73 1.99 9.02
CA HIS A 64 5.94 2.43 9.71
C HIS A 64 7.18 1.84 9.05
N LEU A 65 7.93 2.69 8.35
CA LEU A 65 9.14 2.24 7.66
C LEU A 65 10.33 2.18 8.62
N GLY A 66 10.90 3.34 8.93
CA GLY A 66 12.03 3.40 9.82
C GLY A 66 12.43 4.82 10.15
N ASN A 67 13.38 5.36 9.40
CA ASN A 67 13.84 6.72 9.61
C ASN A 67 14.95 7.09 8.62
N ILE A 68 14.70 6.84 7.33
CA ILE A 68 15.68 7.14 6.29
C ILE A 68 15.65 8.63 5.95
N SER A 69 16.81 9.27 6.02
CA SER A 69 16.92 10.70 5.73
C SER A 69 16.38 11.01 4.34
N ARG A 70 16.61 10.09 3.40
CA ARG A 70 16.14 10.27 2.04
C ARG A 70 14.62 10.16 1.95
N LEU A 71 14.06 9.26 2.75
CA LEU A 71 12.62 9.05 2.76
C LEU A 71 11.94 10.07 3.67
N SER A 72 10.68 10.41 3.36
CA SER A 72 9.94 11.37 4.15
C SER A 72 9.01 10.69 5.16
N ASN A 73 8.52 11.47 6.14
CA ASN A 73 7.61 10.95 7.17
C ASN A 73 6.57 10.05 6.51
N LYS A 74 5.94 10.59 5.50
CA LYS A 74 4.95 9.87 4.70
C LYS A 74 5.48 9.84 3.27
N HIS A 75 6.32 8.85 3.02
CA HIS A 75 6.98 8.72 1.73
C HIS A 75 6.00 8.47 0.59
N PHE A 76 5.05 7.59 0.81
CA PHE A 76 4.08 7.28 -0.24
C PHE A 76 2.71 6.90 0.33
N GLN A 77 1.68 6.98 -0.52
CA GLN A 77 0.31 6.67 -0.11
C GLN A 77 -0.39 5.80 -1.14
N ILE A 78 -1.40 5.06 -0.70
CA ILE A 78 -2.18 4.22 -1.61
C ILE A 78 -3.67 4.46 -1.40
N LEU A 79 -4.41 4.65 -2.48
CA LEU A 79 -5.84 4.90 -2.38
C LEU A 79 -6.66 3.88 -3.16
N LEU A 80 -7.83 3.55 -2.63
CA LEU A 80 -8.73 2.60 -3.27
C LEU A 80 -10.11 3.22 -3.46
N GLY A 81 -10.76 2.88 -4.57
CA GLY A 81 -12.07 3.41 -4.86
C GLY A 81 -12.89 2.51 -5.76
N GLU A 82 -14.19 2.77 -5.83
CA GLU A 82 -15.09 1.96 -6.64
C GLU A 82 -14.73 2.09 -8.13
N ASP A 83 -14.36 0.96 -8.74
CA ASP A 83 -14.00 0.95 -10.15
C ASP A 83 -13.55 -0.44 -10.59
N GLY A 84 -12.86 -1.14 -9.70
CA GLY A 84 -12.39 -2.48 -9.99
C GLY A 84 -10.87 -2.57 -10.02
N ASN A 85 -10.22 -1.62 -9.35
CA ASN A 85 -8.76 -1.59 -9.30
C ASN A 85 -8.27 -0.77 -8.11
N LEU A 86 -6.95 -0.63 -7.99
CA LEU A 86 -6.37 0.14 -6.90
C LEU A 86 -5.57 1.32 -7.44
N LEU A 87 -5.36 2.32 -6.60
CA LEU A 87 -4.60 3.50 -6.99
C LEU A 87 -3.43 3.73 -6.04
N LEU A 88 -2.28 4.10 -6.60
CA LEU A 88 -1.09 4.36 -5.80
C LEU A 88 -0.74 5.83 -5.86
N ASN A 89 -0.62 6.46 -4.68
CA ASN A 89 -0.30 7.88 -4.62
C ASN A 89 1.05 8.13 -3.96
N ASP A 90 1.99 8.67 -4.73
CA ASP A 90 3.31 8.99 -4.19
C ASP A 90 3.24 10.28 -3.38
N ILE A 91 3.99 10.35 -2.29
CA ILE A 91 3.98 11.54 -1.44
C ILE A 91 5.32 11.73 -0.73
N SER A 92 6.43 11.45 -1.40
CA SER A 92 7.73 11.59 -0.82
C SER A 92 8.40 12.89 -1.24
N THR A 93 9.21 13.43 -0.35
CA THR A 93 9.96 14.65 -0.65
C THR A 93 11.01 14.35 -1.70
N ASN A 94 11.52 13.12 -1.69
CA ASN A 94 12.57 12.72 -2.63
C ASN A 94 12.00 12.03 -3.88
N GLY A 95 10.76 11.52 -3.82
CA GLY A 95 10.18 10.89 -4.96
C GLY A 95 9.88 9.41 -4.76
N THR A 96 8.87 8.93 -5.49
CA THR A 96 8.44 7.54 -5.44
C THR A 96 8.63 6.90 -6.79
N TRP A 97 9.13 5.66 -6.82
CA TRP A 97 9.39 4.98 -8.08
C TRP A 97 8.57 3.71 -8.25
N LEU A 98 8.24 3.43 -9.51
CA LEU A 98 7.52 2.23 -9.86
C LEU A 98 8.34 1.47 -10.91
N ASN A 99 8.82 0.29 -10.52
CA ASN A 99 9.62 -0.55 -11.41
C ASN A 99 10.69 0.26 -12.16
N GLY A 100 11.36 1.15 -11.45
CA GLY A 100 12.41 1.95 -12.05
C GLY A 100 11.90 3.19 -12.74
N GLN A 101 10.59 3.33 -12.85
CA GLN A 101 10.01 4.50 -13.50
C GLN A 101 9.44 5.46 -12.46
N LYS A 102 9.98 6.67 -12.43
CA LYS A 102 9.56 7.68 -11.49
C LYS A 102 8.20 8.27 -11.91
N VAL A 103 7.23 8.16 -11.01
CA VAL A 103 5.89 8.67 -11.27
C VAL A 103 5.72 10.07 -10.67
N GLU A 104 4.68 10.76 -11.12
CA GLU A 104 4.40 12.10 -10.62
C GLU A 104 3.92 12.05 -9.18
N LYS A 105 4.54 12.84 -8.31
CA LYS A 105 4.15 12.86 -6.89
C LYS A 105 2.65 13.13 -6.76
N ASN A 106 2.12 12.83 -5.59
CA ASN A 106 0.70 13.01 -5.29
C ASN A 106 -0.17 12.76 -6.53
N SER A 107 0.23 11.79 -7.32
CA SER A 107 -0.50 11.44 -8.54
C SER A 107 -1.14 10.06 -8.41
N ASN A 108 -2.32 9.89 -9.01
CA ASN A 108 -3.02 8.61 -8.96
C ASN A 108 -2.60 7.72 -10.12
N GLN A 109 -2.15 6.52 -9.78
CA GLN A 109 -1.70 5.56 -10.79
C GLN A 109 -2.37 4.21 -10.58
N LEU A 110 -2.59 3.48 -11.66
CA LEU A 110 -3.23 2.16 -11.58
C LEU A 110 -2.26 1.15 -10.98
N LEU A 111 -2.74 0.38 -10.02
CA LEU A 111 -1.92 -0.63 -9.37
C LEU A 111 -1.58 -1.78 -10.30
N SER A 112 -0.50 -2.47 -9.97
CA SER A 112 -0.05 -3.61 -10.76
C SER A 112 0.07 -4.84 -9.86
N GLN A 113 -0.06 -6.03 -10.45
CA GLN A 113 0.01 -7.26 -9.68
C GLN A 113 1.44 -7.53 -9.23
N GLY A 114 1.62 -7.66 -7.92
CA GLY A 114 2.93 -7.89 -7.35
C GLY A 114 3.92 -6.81 -7.73
N ASP A 115 3.40 -5.63 -8.08
CA ASP A 115 4.23 -4.51 -8.47
C ASP A 115 5.24 -4.19 -7.38
N GLU A 116 6.12 -3.24 -7.67
CA GLU A 116 7.14 -2.83 -6.70
C GLU A 116 7.40 -1.33 -6.78
N ILE A 117 7.49 -0.69 -5.63
CA ILE A 117 7.75 0.74 -5.58
C ILE A 117 9.12 1.01 -4.98
N THR A 118 9.93 1.79 -5.68
CA THR A 118 11.28 2.12 -5.21
C THR A 118 11.31 3.54 -4.67
N VAL A 119 12.12 3.77 -3.64
CA VAL A 119 12.22 5.08 -3.02
C VAL A 119 13.65 5.43 -2.64
N GLY A 120 13.92 6.72 -2.51
CA GLY A 120 15.25 7.18 -2.14
C GLY A 120 16.19 7.19 -3.30
N VAL A 121 15.70 7.64 -4.46
CA VAL A 121 16.50 7.69 -5.66
C VAL A 121 17.29 8.98 -5.76
N GLY A 122 18.52 8.82 -6.24
CA GLY A 122 19.44 9.92 -6.37
C GLY A 122 20.83 9.48 -5.96
N VAL A 123 20.85 8.60 -4.97
CA VAL A 123 22.07 8.03 -4.46
C VAL A 123 21.96 6.51 -4.54
N GLU A 124 22.85 5.89 -5.31
CA GLU A 124 22.84 4.44 -5.50
C GLU A 124 22.79 3.69 -4.17
N SER A 125 23.35 4.29 -3.13
CA SER A 125 23.39 3.67 -1.82
C SER A 125 22.22 4.08 -0.93
N ASP A 126 21.25 4.82 -1.47
CA ASP A 126 20.13 5.27 -0.65
C ASP A 126 18.77 4.99 -1.26
N ILE A 127 18.68 3.92 -2.02
CA ILE A 127 17.44 3.52 -2.64
C ILE A 127 16.86 2.28 -1.94
N LEU A 128 15.57 2.30 -1.75
CA LEU A 128 14.85 1.20 -1.10
C LEU A 128 13.71 0.71 -1.99
N SER A 129 13.58 -0.61 -2.12
CA SER A 129 12.53 -1.18 -2.95
C SER A 129 11.42 -1.80 -2.11
N LEU A 130 10.23 -1.76 -2.66
CA LEU A 130 9.04 -2.31 -2.01
C LEU A 130 8.19 -3.11 -2.99
N VAL A 131 7.37 -4.00 -2.46
CA VAL A 131 6.49 -4.83 -3.29
C VAL A 131 5.05 -4.76 -2.77
N ILE A 132 4.09 -4.70 -3.70
CA ILE A 132 2.70 -4.63 -3.34
C ILE A 132 2.00 -5.95 -3.62
N PHE A 133 1.28 -6.45 -2.62
CA PHE A 133 0.55 -7.72 -2.75
C PHE A 133 -0.95 -7.48 -2.76
N ILE A 134 -1.57 -7.71 -3.90
CA ILE A 134 -3.01 -7.51 -4.05
C ILE A 134 -3.78 -8.75 -3.62
N ASN A 135 -4.83 -8.55 -2.84
CA ASN A 135 -5.67 -9.65 -2.36
C ASN A 135 -6.73 -10.02 -3.38
N ASP A 136 -6.74 -11.28 -3.80
CA ASP A 136 -7.71 -11.76 -4.78
C ASP A 136 -9.10 -11.85 -4.17
N LYS A 137 -9.17 -12.07 -2.86
CA LYS A 137 -10.43 -12.18 -2.16
C LYS A 137 -11.26 -10.91 -2.34
N PHE A 138 -10.60 -9.77 -2.20
CA PHE A 138 -11.25 -8.47 -2.34
C PHE A 138 -11.87 -8.33 -3.73
N LYS A 139 -11.11 -8.73 -4.75
CA LYS A 139 -11.58 -8.65 -6.13
C LYS A 139 -12.77 -9.57 -6.36
N GLN A 140 -12.70 -10.77 -5.78
CA GLN A 140 -13.76 -11.75 -5.93
C GLN A 140 -15.09 -11.21 -5.41
N CYS A 141 -15.06 -10.60 -4.22
CA CYS A 141 -16.26 -10.05 -3.62
C CYS A 141 -16.84 -8.95 -4.49
N LEU A 142 -15.98 -8.05 -4.97
CA LEU A 142 -16.42 -6.95 -5.82
C LEU A 142 -17.05 -7.47 -7.11
N GLU A 143 -16.42 -8.47 -7.71
CA GLU A 143 -16.91 -9.06 -8.94
C GLU A 143 -18.29 -9.67 -8.74
N GLN A 144 -18.48 -10.30 -7.59
CA GLN A 144 -19.76 -10.94 -7.27
C GLN A 144 -20.85 -9.88 -7.05
N ASN A 145 -20.43 -8.68 -6.66
CA ASN A 145 -21.37 -7.58 -6.42
C ASN A 145 -21.02 -6.37 -7.27
N LYS A 146 -21.69 -6.24 -8.41
CA LYS A 146 -21.45 -5.12 -9.31
C LYS A 146 -22.62 -4.13 -9.27
N VAL A 147 -22.30 -2.85 -9.22
CA VAL A 147 -23.31 -1.81 -9.19
C VAL A 147 -24.13 -1.78 -10.48
N ASP A 148 -25.45 -1.86 -10.34
CA ASP A 148 -26.35 -1.85 -11.50
C ASP A 148 -27.71 -1.28 -11.13
N ARG A 149 -28.26 -1.73 -10.00
CA ARG A 149 -29.55 -1.26 -9.53
C ARG A 149 -30.66 -1.64 -10.51
N ILE A 150 -30.78 -0.87 -11.59
CA ILE A 150 -31.80 -1.13 -12.60
C ILE A 150 -31.27 -2.07 -13.68
N ARG A 151 -32.09 -3.05 -14.05
CA ARG A 151 -31.71 -4.02 -15.06
C ARG A 151 -31.82 -3.42 -16.46
N ASN B 1 8.53 19.10 17.01
CA ASN B 1 9.81 18.49 16.53
C ASN B 1 10.02 18.79 15.05
N ASP B 2 11.24 18.55 14.58
CA ASP B 2 11.59 18.79 13.19
C ASP B 2 11.92 17.48 12.47
N PRO B 3 10.96 16.93 11.70
CA PRO B 3 11.16 15.68 10.97
C PRO B 3 12.46 15.66 10.18
N ASP B 4 12.85 14.48 9.70
CA ASP B 4 14.08 14.34 8.92
C ASP B 4 13.78 14.08 7.45
N TPO B 5 14.20 14.99 6.59
CA TPO B 5 13.97 14.86 5.15
CB TPO B 5 12.57 15.38 4.77
CG2 TPO B 5 12.35 15.28 3.26
OG1 TPO B 5 11.59 14.66 5.44
P TPO B 5 10.64 15.43 6.41
O1P TPO B 5 9.45 15.89 5.52
O2P TPO B 5 10.14 14.35 7.40
O3P TPO B 5 11.32 16.58 7.09
C TPO B 5 15.03 15.62 4.37
O TPO B 5 15.48 16.69 4.77
H2 TPO B 5 14.68 15.78 6.93
HA TPO B 5 14.02 13.81 4.91
HB TPO B 5 12.50 16.42 5.04
HG21 TPO B 5 12.37 16.25 2.82
HG22 TPO B 5 11.40 14.81 3.06
HG23 TPO B 5 13.13 14.68 2.82
N LEU B 6 15.45 15.04 3.24
CA LEU B 6 16.46 15.66 2.40
C LEU B 6 16.37 15.16 0.96
N GLU B 7 17.29 15.60 0.11
CA GLU B 7 17.30 15.20 -1.28
C GLU B 7 18.74 15.07 -1.81
N ILE B 8 19.44 14.07 -1.30
CA ILE B 8 20.84 13.79 -1.68
C ILE B 8 21.70 15.06 -1.61
N TYR B 9 23.01 14.85 -1.49
CA TYR B 9 23.97 15.95 -1.42
C TYR B 9 23.80 16.90 -2.60
N SER B 10 22.97 17.93 -2.41
CA SER B 10 22.73 18.91 -3.47
C SER B 10 23.87 19.93 -3.55
N ALA A 1 -20.41 -17.72 18.72
CA ALA A 1 -19.07 -18.31 18.79
C ALA A 1 -18.00 -17.23 18.88
N THR A 2 -17.54 -16.96 20.10
CA THR A 2 -16.52 -15.95 20.32
C THR A 2 -15.33 -16.53 21.08
N GLN A 3 -15.62 -17.31 22.11
CA GLN A 3 -14.57 -17.93 22.92
C GLN A 3 -13.85 -19.02 22.12
N ARG A 4 -14.62 -19.88 21.46
CA ARG A 4 -14.05 -20.96 20.67
C ARG A 4 -13.37 -20.42 19.42
N PHE A 5 -14.02 -19.46 18.76
CA PHE A 5 -13.46 -18.87 17.55
C PHE A 5 -12.12 -18.21 17.83
N LEU A 6 -11.98 -17.64 19.02
CA LEU A 6 -10.75 -16.98 19.41
C LEU A 6 -9.58 -17.95 19.43
N ILE A 7 -9.83 -19.16 19.92
CA ILE A 7 -8.80 -20.20 19.99
C ILE A 7 -8.49 -20.74 18.60
N GLU A 8 -9.50 -20.84 17.75
CA GLU A 8 -9.31 -21.35 16.40
C GLU A 8 -8.27 -20.52 15.66
N LYS A 9 -8.32 -19.20 15.86
CA LYS A 9 -7.39 -18.29 15.23
C LYS A 9 -5.97 -18.50 15.78
N PHE A 10 -5.89 -19.05 16.99
CA PHE A 10 -4.62 -19.30 17.64
C PHE A 10 -3.72 -20.18 16.79
N SER A 11 -4.29 -21.27 16.29
CA SER A 11 -3.55 -22.21 15.45
C SER A 11 -3.46 -21.71 14.01
N GLN A 12 -4.58 -21.27 13.46
CA GLN A 12 -4.62 -20.76 12.09
C GLN A 12 -5.31 -19.41 12.03
N GLU A 13 -4.54 -18.37 11.68
CA GLU A 13 -5.07 -17.03 11.57
C GLU A 13 -5.99 -16.90 10.36
N GLN A 14 -6.87 -15.90 10.39
CA GLN A 14 -7.80 -15.66 9.30
C GLN A 14 -7.18 -14.77 8.23
N ILE A 15 -6.74 -15.40 7.13
CA ILE A 15 -6.12 -14.66 6.04
C ILE A 15 -7.15 -14.15 5.05
N GLY A 16 -6.92 -12.93 4.62
CA GLY A 16 -7.81 -12.29 3.67
C GLY A 16 -9.19 -12.02 4.25
N GLU A 17 -9.23 -11.17 5.28
CA GLU A 17 -10.49 -10.82 5.92
C GLU A 17 -11.20 -9.69 5.18
N ASN A 18 -10.43 -8.69 4.77
CA ASN A 18 -10.96 -7.55 4.05
C ASN A 18 -9.80 -6.75 3.53
N ILE A 19 -8.76 -7.48 3.18
CA ILE A 19 -7.54 -6.91 2.72
C ILE A 19 -7.62 -6.45 1.27
N VAL A 20 -7.11 -5.24 1.05
CA VAL A 20 -7.10 -4.62 -0.24
C VAL A 20 -5.81 -4.98 -0.96
N CYS A 21 -4.70 -4.58 -0.35
CA CYS A 21 -3.36 -4.86 -0.89
C CYS A 21 -2.37 -5.08 0.24
N ARG A 22 -1.34 -5.89 -0.02
CA ARG A 22 -0.33 -6.19 1.00
C ARG A 22 1.03 -5.62 0.60
N VAL A 23 1.74 -5.05 1.57
CA VAL A 23 3.05 -4.48 1.31
C VAL A 23 4.16 -5.42 1.80
N ILE A 24 5.04 -5.80 0.89
CA ILE A 24 6.13 -6.71 1.21
C ILE A 24 7.47 -6.15 0.74
N CYS A 25 8.42 -6.05 1.66
CA CYS A 25 9.76 -5.55 1.32
C CYS A 25 10.71 -6.70 1.02
N THR A 26 11.04 -6.87 -0.25
CA THR A 26 11.93 -7.95 -0.67
C THR A 26 13.40 -7.57 -0.46
N THR A 27 13.68 -6.26 -0.36
CA THR A 27 15.05 -5.80 -0.17
C THR A 27 15.47 -5.91 1.29
N GLY A 28 14.55 -6.36 2.14
CA GLY A 28 14.84 -6.53 3.56
C GLY A 28 15.16 -5.23 4.28
N GLN A 29 14.14 -4.40 4.47
CA GLN A 29 14.31 -3.12 5.17
C GLN A 29 13.09 -2.77 6.01
N ILE A 30 11.90 -3.09 5.50
CA ILE A 30 10.66 -2.80 6.19
C ILE A 30 9.83 -4.07 6.40
N PRO A 31 9.15 -4.20 7.55
CA PRO A 31 8.32 -5.38 7.84
C PRO A 31 7.05 -5.41 7.02
N ILE A 32 6.62 -6.62 6.67
CA ILE A 32 5.42 -6.80 5.85
C ILE A 32 4.18 -6.22 6.54
N ARG A 33 3.28 -5.66 5.74
CA ARG A 33 2.04 -5.07 6.24
C ARG A 33 0.89 -5.38 5.29
N ASP A 34 -0.33 -5.20 5.75
CA ASP A 34 -1.51 -5.47 4.92
C ASP A 34 -2.52 -4.34 4.95
N LEU A 35 -2.78 -3.77 3.78
CA LEU A 35 -3.76 -2.69 3.64
C LEU A 35 -5.14 -3.30 3.43
N SER A 36 -6.14 -2.80 4.14
CA SER A 36 -7.48 -3.35 3.99
C SER A 36 -8.57 -2.30 3.98
N ALA A 37 -9.67 -2.70 3.36
CA ALA A 37 -10.85 -1.86 3.25
C ALA A 37 -12.12 -2.70 3.35
N ASP A 38 -13.13 -2.16 4.03
CA ASP A 38 -14.39 -2.87 4.20
C ASP A 38 -15.36 -2.57 3.06
N ILE A 39 -15.88 -3.63 2.45
CA ILE A 39 -16.80 -3.54 1.33
C ILE A 39 -18.11 -2.86 1.71
N SER A 40 -18.68 -3.27 2.84
CA SER A 40 -19.95 -2.72 3.30
C SER A 40 -19.88 -1.21 3.42
N GLN A 41 -18.76 -0.74 3.93
CA GLN A 41 -18.52 0.68 4.11
C GLN A 41 -18.37 1.37 2.75
N VAL A 42 -17.74 0.67 1.82
CA VAL A 42 -17.53 1.21 0.48
C VAL A 42 -18.86 1.57 -0.19
N LEU A 43 -19.80 0.62 -0.15
CA LEU A 43 -21.12 0.83 -0.75
C LEU A 43 -21.83 2.02 -0.10
N LYS A 44 -21.66 2.16 1.21
CA LYS A 44 -22.28 3.25 1.95
C LYS A 44 -21.70 4.59 1.54
N GLU A 45 -20.40 4.60 1.26
CA GLU A 45 -19.71 5.83 0.85
C GLU A 45 -19.82 6.04 -0.65
N LYS A 46 -20.51 7.10 -1.06
CA LYS A 46 -20.69 7.40 -2.47
C LYS A 46 -19.68 8.46 -2.92
N ARG A 47 -18.51 8.00 -3.35
CA ARG A 47 -17.46 8.90 -3.81
C ARG A 47 -16.35 8.12 -4.52
N SER A 48 -15.61 8.82 -5.38
CA SER A 48 -14.52 8.20 -6.12
C SER A 48 -13.49 7.59 -5.17
N ILE A 49 -13.39 8.15 -3.97
CA ILE A 49 -12.45 7.65 -2.98
C ILE A 49 -13.18 7.07 -1.77
N LYS A 50 -12.58 6.05 -1.16
CA LYS A 50 -13.18 5.41 0.00
C LYS A 50 -12.16 5.23 1.12
N LYS A 51 -10.95 4.80 0.78
CA LYS A 51 -9.90 4.60 1.77
C LYS A 51 -8.51 4.70 1.15
N VAL A 52 -7.63 5.45 1.82
CA VAL A 52 -6.28 5.65 1.33
C VAL A 52 -5.25 5.49 2.45
N TRP A 53 -4.15 4.84 2.13
CA TRP A 53 -3.06 4.63 3.08
C TRP A 53 -1.91 5.58 2.86
N THR A 54 -1.34 6.11 3.94
CA THR A 54 -0.18 6.99 3.84
C THR A 54 1.02 6.33 4.50
N PHE A 55 2.10 6.21 3.75
CA PHE A 55 3.32 5.57 4.23
C PHE A 55 4.41 6.61 4.48
N GLY A 56 5.23 6.35 5.50
CA GLY A 56 6.31 7.26 5.81
C GLY A 56 6.93 6.99 7.18
N ARG A 57 7.95 7.77 7.52
CA ARG A 57 8.64 7.61 8.81
C ARG A 57 7.79 8.13 9.96
N ASN A 58 6.65 8.73 9.66
CA ASN A 58 5.77 9.27 10.69
C ASN A 58 4.84 8.18 11.24
N PRO A 59 4.69 8.12 12.57
CA PRO A 59 3.82 7.12 13.23
C PRO A 59 2.34 7.41 12.97
N ALA A 60 2.07 8.54 12.31
CA ALA A 60 0.72 8.92 11.97
C ALA A 60 0.32 8.19 10.73
N CYS A 61 1.25 8.19 9.80
CA CYS A 61 1.07 7.54 8.53
C CYS A 61 0.43 6.18 8.73
N ASP A 62 -0.49 5.85 7.85
CA ASP A 62 -1.17 4.57 7.92
C ASP A 62 -0.14 3.44 7.88
N TYR A 63 1.07 3.73 7.43
CA TYR A 63 2.13 2.73 7.36
C TYR A 63 3.41 3.24 8.02
N HIS A 64 4.01 2.41 8.86
CA HIS A 64 5.25 2.78 9.54
C HIS A 64 6.42 1.96 9.00
N LEU A 65 7.42 2.65 8.46
CA LEU A 65 8.59 1.99 7.91
C LEU A 65 9.77 2.05 8.87
N GLY A 66 10.48 3.18 8.88
CA GLY A 66 11.62 3.34 9.76
C GLY A 66 12.03 4.79 9.92
N ASN A 67 13.34 5.05 9.80
CA ASN A 67 13.85 6.41 9.93
C ASN A 67 14.93 6.69 8.89
N ILE A 68 14.53 6.73 7.63
CA ILE A 68 15.46 7.01 6.54
C ILE A 68 15.43 8.48 6.14
N SER A 69 16.56 9.16 6.30
CA SER A 69 16.67 10.57 5.96
C SER A 69 16.25 10.82 4.51
N ARG A 70 16.47 9.83 3.65
CA ARG A 70 16.11 9.94 2.25
C ARG A 70 14.60 9.89 2.05
N LEU A 71 13.89 9.29 3.00
CA LEU A 71 12.45 9.19 2.93
C LEU A 71 11.78 10.34 3.68
N SER A 72 10.59 10.72 3.26
CA SER A 72 9.87 11.82 3.91
C SER A 72 8.87 11.32 4.95
N ASN A 73 8.38 12.25 5.78
CA ASN A 73 7.38 11.91 6.81
C ASN A 73 6.34 10.97 6.24
N LYS A 74 5.76 11.40 5.12
CA LYS A 74 4.78 10.63 4.38
C LYS A 74 5.34 10.41 3.00
N HIS A 75 6.16 9.37 2.88
CA HIS A 75 6.85 9.07 1.64
C HIS A 75 5.90 8.80 0.49
N PHE A 76 4.90 7.98 0.74
CA PHE A 76 3.95 7.65 -0.31
C PHE A 76 2.57 7.31 0.25
N GLN A 77 1.55 7.41 -0.60
CA GLN A 77 0.18 7.14 -0.18
C GLN A 77 -0.56 6.29 -1.21
N ILE A 78 -1.36 5.33 -0.76
CA ILE A 78 -2.13 4.48 -1.67
C ILE A 78 -3.63 4.68 -1.47
N LEU A 79 -4.36 4.92 -2.55
CA LEU A 79 -5.80 5.14 -2.45
C LEU A 79 -6.59 4.04 -3.16
N LEU A 80 -7.78 3.77 -2.63
CA LEU A 80 -8.66 2.76 -3.18
C LEU A 80 -10.03 3.37 -3.50
N GLY A 81 -10.47 3.22 -4.74
CA GLY A 81 -11.76 3.77 -5.13
C GLY A 81 -12.70 2.71 -5.69
N GLU A 82 -14.00 2.93 -5.49
CA GLU A 82 -15.01 1.99 -5.97
C GLU A 82 -14.94 1.85 -7.49
N ASP A 83 -14.45 0.70 -7.94
CA ASP A 83 -14.32 0.43 -9.37
C ASP A 83 -13.77 -0.96 -9.62
N GLY A 84 -12.81 -1.37 -8.80
CA GLY A 84 -12.22 -2.69 -8.96
C GLY A 84 -10.70 -2.64 -8.96
N ASN A 85 -10.14 -1.49 -9.27
CA ASN A 85 -8.69 -1.32 -9.32
C ASN A 85 -8.20 -0.46 -8.16
N LEU A 86 -6.89 -0.38 -8.00
CA LEU A 86 -6.28 0.41 -6.94
C LEU A 86 -5.47 1.56 -7.51
N LEU A 87 -5.21 2.58 -6.69
CA LEU A 87 -4.44 3.73 -7.12
C LEU A 87 -3.26 3.97 -6.18
N LEU A 88 -2.11 4.31 -6.76
CA LEU A 88 -0.91 4.57 -5.98
C LEU A 88 -0.54 6.04 -6.07
N ASN A 89 -0.43 6.70 -4.93
CA ASN A 89 -0.09 8.12 -4.92
C ASN A 89 1.22 8.39 -4.19
N ASP A 90 2.21 8.87 -4.92
CA ASP A 90 3.50 9.20 -4.34
C ASP A 90 3.43 10.53 -3.61
N ILE A 91 4.13 10.65 -2.49
CA ILE A 91 4.10 11.89 -1.71
C ILE A 91 5.44 12.13 -1.00
N SER A 92 6.52 11.61 -1.57
CA SER A 92 7.82 11.75 -0.98
C SER A 92 8.59 12.96 -1.53
N THR A 93 9.52 13.43 -0.72
CA THR A 93 10.36 14.56 -1.08
C THR A 93 11.35 14.16 -2.17
N ASN A 94 12.07 13.08 -1.92
CA ASN A 94 13.08 12.58 -2.85
C ASN A 94 12.46 11.82 -4.02
N GLY A 95 11.14 11.71 -4.05
CA GLY A 95 10.48 11.03 -5.13
C GLY A 95 10.16 9.57 -4.84
N THR A 96 9.14 9.07 -5.52
CA THR A 96 8.69 7.69 -5.38
C THR A 96 8.84 6.98 -6.72
N TRP A 97 9.33 5.75 -6.70
CA TRP A 97 9.55 5.01 -7.94
C TRP A 97 8.69 3.77 -8.09
N LEU A 98 8.36 3.47 -9.34
CA LEU A 98 7.59 2.29 -9.66
C LEU A 98 8.36 1.46 -10.68
N ASN A 99 8.79 0.29 -10.26
CA ASN A 99 9.56 -0.61 -11.11
C ASN A 99 10.70 0.10 -11.81
N GLY A 100 11.32 1.06 -11.13
CA GLY A 100 12.43 1.78 -11.68
C GLY A 100 12.03 3.02 -12.45
N GLN A 101 10.73 3.24 -12.59
CA GLN A 101 10.24 4.42 -13.31
C GLN A 101 9.72 5.45 -12.32
N LYS A 102 10.35 6.63 -12.33
CA LYS A 102 9.97 7.70 -11.45
C LYS A 102 8.62 8.31 -11.86
N VAL A 103 7.61 8.10 -11.03
CA VAL A 103 6.28 8.62 -11.31
C VAL A 103 6.11 10.03 -10.76
N GLU A 104 5.10 10.74 -11.26
CA GLU A 104 4.84 12.10 -10.81
C GLU A 104 4.33 12.11 -9.38
N LYS A 105 4.97 12.90 -8.53
CA LYS A 105 4.57 13.00 -7.12
C LYS A 105 3.09 13.33 -7.01
N ASN A 106 2.53 13.08 -5.84
CA ASN A 106 1.12 13.33 -5.55
C ASN A 106 0.23 13.08 -6.76
N SER A 107 0.61 12.10 -7.56
CA SER A 107 -0.14 11.72 -8.75
C SER A 107 -0.77 10.34 -8.59
N ASN A 108 -1.96 10.17 -9.15
CA ASN A 108 -2.65 8.89 -9.07
C ASN A 108 -2.29 7.98 -10.24
N GLN A 109 -1.94 6.73 -9.93
CA GLN A 109 -1.57 5.77 -10.96
C GLN A 109 -2.36 4.47 -10.78
N LEU A 110 -2.64 3.80 -11.89
CA LEU A 110 -3.38 2.55 -11.83
C LEU A 110 -2.50 1.43 -11.25
N LEU A 111 -2.99 0.79 -10.19
CA LEU A 111 -2.24 -0.28 -9.54
C LEU A 111 -1.87 -1.38 -10.52
N SER A 112 -0.80 -2.06 -10.19
CA SER A 112 -0.29 -3.17 -11.01
C SER A 112 -0.18 -4.44 -10.18
N GLN A 113 -0.27 -5.59 -10.83
CA GLN A 113 -0.18 -6.86 -10.13
C GLN A 113 1.25 -7.12 -9.67
N GLY A 114 1.42 -7.37 -8.38
CA GLY A 114 2.74 -7.61 -7.83
C GLY A 114 3.66 -6.43 -8.03
N ASP A 115 3.06 -5.25 -8.27
CA ASP A 115 3.82 -4.03 -8.48
C ASP A 115 4.81 -3.79 -7.34
N GLU A 116 5.77 -2.90 -7.56
CA GLU A 116 6.76 -2.58 -6.55
C GLU A 116 7.13 -1.11 -6.61
N ILE A 117 7.22 -0.48 -5.45
CA ILE A 117 7.58 0.93 -5.36
C ILE A 117 8.97 1.09 -4.77
N THR A 118 9.83 1.82 -5.48
CA THR A 118 11.19 2.05 -5.04
C THR A 118 11.31 3.47 -4.49
N VAL A 119 12.05 3.64 -3.41
CA VAL A 119 12.18 4.97 -2.81
C VAL A 119 13.61 5.24 -2.32
N GLY A 120 13.92 6.52 -2.18
CA GLY A 120 15.23 6.94 -1.72
C GLY A 120 16.23 7.06 -2.86
N VAL A 121 15.72 7.25 -4.06
CA VAL A 121 16.54 7.37 -5.24
C VAL A 121 17.37 8.65 -5.22
N GLY A 122 18.62 8.51 -5.66
CA GLY A 122 19.54 9.61 -5.68
C GLY A 122 20.92 9.12 -5.32
N VAL A 123 20.95 8.24 -4.32
CA VAL A 123 22.16 7.64 -3.86
C VAL A 123 22.04 6.13 -4.01
N GLU A 124 22.96 5.52 -4.73
CA GLU A 124 22.92 4.08 -4.98
C GLU A 124 22.73 3.28 -3.69
N SER A 125 23.23 3.80 -2.58
CA SER A 125 23.13 3.12 -1.31
C SER A 125 21.91 3.57 -0.49
N ASP A 126 21.03 4.39 -1.06
CA ASP A 126 19.89 4.86 -0.32
C ASP A 126 18.55 4.60 -0.99
N ILE A 127 18.49 3.52 -1.73
CA ILE A 127 17.26 3.13 -2.39
C ILE A 127 16.62 1.93 -1.69
N LEU A 128 15.31 2.00 -1.57
CA LEU A 128 14.53 0.94 -0.94
C LEU A 128 13.44 0.44 -1.89
N SER A 129 13.29 -0.88 -1.98
CA SER A 129 12.28 -1.46 -2.86
C SER A 129 11.16 -2.13 -2.07
N LEU A 130 9.93 -1.82 -2.44
CA LEU A 130 8.75 -2.38 -1.78
C LEU A 130 7.80 -2.98 -2.80
N VAL A 131 7.29 -4.19 -2.52
CA VAL A 131 6.38 -4.86 -3.43
C VAL A 131 4.97 -4.93 -2.84
N ILE A 132 3.98 -4.60 -3.65
CA ILE A 132 2.60 -4.61 -3.22
C ILE A 132 1.85 -5.80 -3.81
N PHE A 133 1.30 -6.64 -2.93
CA PHE A 133 0.55 -7.82 -3.36
C PHE A 133 -0.95 -7.55 -3.29
N ILE A 134 -1.65 -7.84 -4.38
CA ILE A 134 -3.09 -7.62 -4.44
C ILE A 134 -3.85 -8.89 -4.02
N ASN A 135 -4.79 -8.72 -3.10
CA ASN A 135 -5.59 -9.84 -2.62
C ASN A 135 -6.75 -10.13 -3.56
N ASP A 136 -6.71 -11.28 -4.21
CA ASP A 136 -7.77 -11.67 -5.15
C ASP A 136 -9.11 -11.78 -4.43
N LYS A 137 -9.07 -12.07 -3.13
CA LYS A 137 -10.29 -12.19 -2.34
C LYS A 137 -11.11 -10.91 -2.41
N PHE A 138 -10.42 -9.78 -2.30
CA PHE A 138 -11.08 -8.48 -2.36
C PHE A 138 -11.83 -8.31 -3.68
N LYS A 139 -11.18 -8.70 -4.77
CA LYS A 139 -11.78 -8.59 -6.10
C LYS A 139 -13.02 -9.48 -6.21
N GLN A 140 -12.98 -10.63 -5.53
CA GLN A 140 -14.10 -11.57 -5.57
C GLN A 140 -15.30 -11.00 -4.83
N CYS A 141 -15.04 -10.28 -3.73
CA CYS A 141 -16.10 -9.68 -2.94
C CYS A 141 -16.83 -8.60 -3.73
N LEU A 142 -16.08 -7.79 -4.45
CA LEU A 142 -16.65 -6.71 -5.25
C LEU A 142 -17.59 -7.27 -6.30
N GLU A 143 -17.23 -8.41 -6.89
CA GLU A 143 -18.05 -9.03 -7.90
C GLU A 143 -19.44 -9.39 -7.36
N GLN A 144 -19.47 -9.97 -6.17
CA GLN A 144 -20.73 -10.36 -5.55
C GLN A 144 -21.38 -9.16 -4.86
N ASN A 145 -20.55 -8.26 -4.33
CA ASN A 145 -21.04 -7.06 -3.66
C ASN A 145 -22.23 -7.37 -2.75
N LYS A 146 -21.95 -7.80 -1.53
CA LYS A 146 -22.99 -8.13 -0.57
C LYS A 146 -23.63 -6.87 0.00
N VAL A 147 -24.96 -6.81 -0.06
CA VAL A 147 -25.70 -5.65 0.45
C VAL A 147 -26.14 -5.88 1.88
N ASP A 148 -25.80 -4.93 2.76
CA ASP A 148 -26.16 -5.02 4.17
C ASP A 148 -25.54 -6.26 4.81
N ARG A 149 -25.84 -6.47 6.09
CA ARG A 149 -25.31 -7.62 6.82
C ARG A 149 -26.40 -8.66 7.05
N ILE A 150 -25.99 -9.82 7.57
CA ILE A 150 -26.93 -10.90 7.83
C ILE A 150 -27.29 -10.96 9.31
N ARG A 151 -28.58 -10.74 9.61
CA ARG A 151 -29.05 -10.77 10.99
C ARG A 151 -29.17 -12.21 11.49
N ASN B 1 5.67 26.37 -2.99
CA ASN B 1 5.93 25.78 -1.65
C ASN B 1 7.29 25.09 -1.62
N ASP B 2 8.08 25.37 -0.58
CA ASP B 2 9.39 24.77 -0.43
C ASP B 2 9.44 23.84 0.78
N PRO B 3 9.59 22.52 0.56
CA PRO B 3 9.64 21.55 1.64
C PRO B 3 10.89 21.72 2.51
N ASP B 4 11.05 20.84 3.49
CA ASP B 4 12.19 20.89 4.39
C ASP B 4 12.67 19.49 4.77
N TPO B 5 12.83 18.64 3.76
CA TPO B 5 13.28 17.27 3.99
CB TPO B 5 12.24 16.25 3.50
CG2 TPO B 5 12.74 14.82 3.70
OG1 TPO B 5 11.03 16.44 4.19
P TPO B 5 10.88 15.91 5.66
O1P TPO B 5 9.57 16.55 6.18
O2P TPO B 5 10.67 14.39 5.51
O3P TPO B 5 12.08 16.24 6.51
C TPO B 5 14.62 17.02 3.29
O TPO B 5 14.95 17.67 2.30
H2 TPO B 5 12.65 18.93 2.85
HA TPO B 5 13.43 17.14 5.06
HB TPO B 5 12.08 16.41 2.45
HG21 TPO B 5 13.17 14.72 4.69
HG22 TPO B 5 13.48 14.59 2.95
HG23 TPO B 5 11.91 14.14 3.60
N LEU B 6 15.39 16.07 3.82
CA LEU B 6 16.69 15.73 3.26
C LEU B 6 16.58 15.31 1.80
N GLU B 7 17.66 15.52 1.05
CA GLU B 7 17.70 15.16 -0.37
C GLU B 7 19.13 14.83 -0.79
N ILE B 8 19.27 13.85 -1.69
CA ILE B 8 20.59 13.45 -2.19
C ILE B 8 21.37 14.65 -2.71
N TYR B 9 22.68 14.65 -2.43
CA TYR B 9 23.57 15.73 -2.87
C TYR B 9 23.27 16.14 -4.31
N SER B 10 23.75 17.32 -4.70
CA SER B 10 23.54 17.82 -6.04
C SER B 10 24.85 17.82 -6.84
#